data_2IA5
#
_entry.id   2IA5
#
_cell.length_a   124.630
_cell.length_b   128.050
_cell.length_c   357.120
_cell.angle_alpha   90.00
_cell.angle_beta   90.00
_cell.angle_gamma   90.00
#
_symmetry.space_group_name_H-M   'P 21 21 2'
#
loop_
_entity.id
_entity.type
_entity.pdbx_description
1 polymer 'Polynucleotide kinase'
2 non-polymer 'MAGNESIUM ION'
3 non-polymer 'SULFATE ION'
4 non-polymer ARSENIC
5 water water
#
_entity_poly.entity_id   1
_entity_poly.type   'polypeptide(L)'
_entity_poly.pdbx_seq_one_letter_code
;MKKIILTIGCPGSGKSTWAREFIAKNPGFYNINRDDYRQSIMAHEERDEYKYTKKKEGIVTGMQFDTAKSILYGGDSVKG
VIISDTNLNPERRLAWETFAKEYGWKVEHKVFDVPWTELVKRNSKRGTKAVPIDVLRSMYKSMREYLGLPVYNGTPGKPK
AVIFDVDGTLAKMNGRGPYDLEKCDTDVINPMVVELSKMYALMGYQIVVVSGRESGTKEDPTKYYRMTRKWVEDIAGVPL
VMQCQREQGDTRKDDVVKEEIFWKHIAPHFDVKLAIDDRTQVVEMWRRIGVECWQVASGDF
;
_entity_poly.pdbx_strand_id   A,B,C,D,E,F,G,H,I,J,K,L
#
# COMPACT_ATOMS: atom_id res chain seq x y z
N MET A 1 56.13 37.88 -34.08
CA MET A 1 55.26 36.68 -34.27
C MET A 1 53.77 37.08 -34.31
N LYS A 2 53.46 38.30 -33.87
CA LYS A 2 52.08 38.82 -33.84
C LYS A 2 51.87 39.99 -34.80
N LYS A 3 50.99 39.79 -35.77
CA LYS A 3 50.68 40.82 -36.78
C LYS A 3 49.36 41.55 -36.57
N ILE A 4 49.31 42.76 -37.09
CA ILE A 4 48.11 43.61 -37.09
C ILE A 4 47.99 43.94 -38.57
N ILE A 5 47.20 43.15 -39.30
CA ILE A 5 47.00 43.36 -40.74
C ILE A 5 45.87 44.38 -41.02
N LEU A 6 46.22 45.47 -41.71
CA LEU A 6 45.24 46.50 -42.08
C LEU A 6 44.92 46.33 -43.57
N THR A 7 43.64 46.20 -43.89
CA THR A 7 43.21 46.08 -45.30
C THR A 7 42.99 47.49 -45.83
N ILE A 8 43.59 47.80 -46.97
CA ILE A 8 43.45 49.12 -47.59
C ILE A 8 42.70 48.93 -48.91
N GLY A 9 41.54 49.57 -49.00
CA GLY A 9 40.72 49.48 -50.20
C GLY A 9 39.33 50.06 -50.06
N CYS A 10 38.80 50.59 -51.16
CA CYS A 10 37.45 51.20 -51.26
C CYS A 10 36.36 50.16 -51.01
N PRO A 11 35.14 50.56 -50.60
CA PRO A 11 34.08 49.55 -50.39
C PRO A 11 33.73 48.83 -51.69
N GLY A 12 33.90 47.51 -51.68
CA GLY A 12 33.62 46.69 -52.85
C GLY A 12 34.90 46.16 -53.48
N SER A 13 36.04 46.43 -52.84
CA SER A 13 37.35 45.98 -53.36
C SER A 13 37.74 44.55 -53.00
N GLY A 14 36.91 43.89 -52.18
CA GLY A 14 37.16 42.50 -51.81
C GLY A 14 37.80 42.21 -50.46
N LYS A 15 37.79 43.21 -49.57
CA LYS A 15 38.38 43.12 -48.22
C LYS A 15 37.76 42.06 -47.33
N SER A 16 36.42 42.05 -47.22
CA SER A 16 35.71 41.07 -46.36
C SER A 16 35.80 39.65 -46.86
N THR A 17 35.75 39.49 -48.19
CA THR A 17 35.82 38.15 -48.82
C THR A 17 37.19 37.53 -48.56
N TRP A 18 38.23 38.36 -48.53
CA TRP A 18 39.61 37.88 -48.28
C TRP A 18 39.77 37.52 -46.81
N ALA A 19 39.39 38.45 -45.92
CA ALA A 19 39.47 38.28 -44.44
C ALA A 19 38.82 37.00 -43.94
N ARG A 20 37.70 36.63 -44.55
CA ARG A 20 36.95 35.41 -44.21
C ARG A 20 37.74 34.19 -44.64
N GLU A 21 38.26 34.23 -45.87
CA GLU A 21 39.05 33.12 -46.45
C GLU A 21 40.43 32.96 -45.83
N PHE A 22 40.97 34.04 -45.26
CA PHE A 22 42.30 34.01 -44.62
C PHE A 22 42.20 33.39 -43.25
N ILE A 23 41.17 33.74 -42.49
CA ILE A 23 40.94 33.20 -41.13
C ILE A 23 40.60 31.70 -41.16
N ALA A 24 39.99 31.26 -42.26
CA ALA A 24 39.62 29.85 -42.45
C ALA A 24 40.85 28.99 -42.74
N LYS A 25 41.77 29.49 -43.56
CA LYS A 25 42.99 28.73 -43.91
C LYS A 25 44.19 28.99 -42.99
N ASN A 26 44.14 30.06 -42.20
CA ASN A 26 45.22 30.39 -41.24
C ASN A 26 44.63 30.55 -39.83
N PRO A 27 44.63 29.46 -39.02
CA PRO A 27 44.09 29.53 -37.65
C PRO A 27 44.91 30.43 -36.74
N GLY A 28 44.23 31.06 -35.78
CA GLY A 28 44.89 31.96 -34.86
C GLY A 28 44.67 33.43 -35.21
N PHE A 29 44.07 33.68 -36.36
CA PHE A 29 43.78 35.07 -36.80
C PHE A 29 42.33 35.45 -36.50
N TYR A 30 42.13 36.67 -36.04
CA TYR A 30 40.80 37.19 -35.67
C TYR A 30 40.49 38.49 -36.40
N ASN A 31 39.20 38.74 -36.64
CA ASN A 31 38.74 39.94 -37.37
C ASN A 31 38.15 41.01 -36.46
N ILE A 32 38.45 42.26 -36.78
CA ILE A 32 37.95 43.44 -36.05
C ILE A 32 37.47 44.37 -37.16
N ASN A 33 36.16 44.60 -37.21
CA ASN A 33 35.56 45.42 -38.26
C ASN A 33 34.69 46.56 -37.72
N ARG A 34 34.78 47.72 -38.37
CA ARG A 34 34.03 48.90 -37.95
C ARG A 34 32.53 48.82 -38.25
N ASP A 35 32.20 48.44 -39.49
CA ASP A 35 30.80 48.31 -39.95
C ASP A 35 30.01 47.32 -39.09
N ASP A 36 30.67 46.25 -38.65
CA ASP A 36 30.05 45.20 -37.81
C ASP A 36 29.68 45.74 -36.42
N TYR A 37 30.51 46.62 -35.88
CA TYR A 37 30.29 47.21 -34.55
C TYR A 37 29.27 48.33 -34.62
N ARG A 38 29.28 49.08 -35.72
CA ARG A 38 28.34 50.19 -35.98
C ARG A 38 26.92 49.65 -36.04
N GLN A 39 26.76 48.51 -36.74
CA GLN A 39 25.47 47.84 -36.90
C GLN A 39 25.02 47.14 -35.62
N SER A 40 26.00 46.71 -34.83
CA SER A 40 25.73 46.00 -33.57
C SER A 40 25.29 46.89 -32.42
N ILE A 41 25.92 48.05 -32.24
CA ILE A 41 25.56 48.95 -31.13
C ILE A 41 24.20 49.62 -31.29
N MET A 42 23.69 49.61 -32.52
CA MET A 42 22.39 50.22 -32.82
C MET A 42 21.33 49.15 -33.06
N ALA A 43 21.77 47.90 -33.14
CA ALA A 43 20.90 46.72 -33.39
C ALA A 43 20.16 46.73 -34.74
N HIS A 44 20.74 47.42 -35.72
CA HIS A 44 20.19 47.53 -37.10
C HIS A 44 20.16 46.20 -37.85
N GLU A 45 19.19 46.06 -38.75
CA GLU A 45 19.00 44.84 -39.56
C GLU A 45 19.86 44.91 -40.84
N GLU A 46 20.18 46.12 -41.28
CA GLU A 46 21.02 46.38 -42.49
C GLU A 46 21.96 47.59 -42.28
N ARG A 47 23.00 47.72 -43.12
CA ARG A 47 24.02 48.82 -43.03
C ARG A 47 23.50 50.24 -43.23
N ASP A 48 22.54 50.37 -44.13
CA ASP A 48 21.92 51.65 -44.52
C ASP A 48 21.23 52.48 -43.47
N GLU A 49 20.77 51.81 -42.41
CA GLU A 49 20.07 52.44 -41.32
C GLU A 49 20.98 53.29 -40.41
N TYR A 50 22.27 52.94 -40.36
CA TYR A 50 23.28 53.65 -39.51
C TYR A 50 23.54 55.13 -39.82
N LYS A 51 23.25 55.96 -38.82
CA LYS A 51 23.42 57.43 -38.87
C LYS A 51 24.70 57.80 -38.13
N TYR A 52 25.66 58.38 -38.85
CA TYR A 52 26.97 58.78 -38.29
C TYR A 52 26.93 59.97 -37.33
N THR A 53 27.54 59.80 -36.16
CA THR A 53 27.68 60.88 -35.11
C THR A 53 29.03 60.66 -34.45
N LYS A 54 29.69 61.75 -34.02
CA LYS A 54 31.04 61.65 -33.39
C LYS A 54 31.07 60.85 -32.08
N LYS A 55 29.92 60.75 -31.41
CA LYS A 55 29.78 60.00 -30.14
C LYS A 55 29.72 58.50 -30.40
N LYS A 56 29.04 58.10 -31.46
CA LYS A 56 28.93 56.68 -31.82
C LYS A 56 30.24 56.20 -32.43
N GLU A 57 30.88 57.05 -33.23
CA GLU A 57 32.17 56.74 -33.88
C GLU A 57 33.30 56.63 -32.87
N GLY A 58 33.15 57.30 -31.73
CA GLY A 58 34.14 57.27 -30.67
C GLY A 58 34.08 55.95 -29.93
N ILE A 59 32.86 55.45 -29.73
CA ILE A 59 32.61 54.17 -29.04
C ILE A 59 33.12 53.03 -29.92
N VAL A 60 32.93 53.16 -31.23
CA VAL A 60 33.35 52.14 -32.21
C VAL A 60 34.87 52.06 -32.28
N THR A 61 35.56 53.20 -32.17
CA THR A 61 37.05 53.25 -32.19
C THR A 61 37.54 52.57 -30.92
N GLY A 62 36.82 52.81 -29.81
CA GLY A 62 37.14 52.22 -28.52
C GLY A 62 37.03 50.71 -28.56
N MET A 63 35.97 50.20 -29.17
CA MET A 63 35.72 48.77 -29.30
C MET A 63 36.80 48.10 -30.15
N GLN A 64 37.30 48.82 -31.16
CA GLN A 64 38.34 48.31 -32.05
C GLN A 64 39.66 48.05 -31.35
N PHE A 65 40.15 49.06 -30.67
CA PHE A 65 41.42 48.99 -29.94
C PHE A 65 41.39 48.13 -28.70
N ASP A 66 40.30 48.16 -27.95
CA ASP A 66 40.17 47.35 -26.72
C ASP A 66 40.11 45.86 -27.05
N THR A 67 39.50 45.52 -28.19
CA THR A 67 39.37 44.12 -28.65
C THR A 67 40.72 43.66 -29.19
N ALA A 68 41.45 44.56 -29.83
CA ALA A 68 42.77 44.26 -30.40
C ALA A 68 43.79 43.96 -29.29
N LYS A 69 43.75 44.76 -28.22
CA LYS A 69 44.62 44.57 -27.07
C LYS A 69 44.32 43.24 -26.39
N SER A 70 43.04 42.97 -26.16
CA SER A 70 42.57 41.73 -25.50
C SER A 70 42.93 40.45 -26.25
N ILE A 71 42.75 40.43 -27.57
CA ILE A 71 43.03 39.25 -28.40
C ILE A 71 44.53 38.99 -28.48
N LEU A 72 45.29 40.04 -28.76
CA LEU A 72 46.75 39.92 -28.91
C LEU A 72 47.54 39.64 -27.61
N TYR A 73 46.89 39.72 -26.46
CA TYR A 73 47.53 39.43 -25.15
C TYR A 73 47.09 38.01 -24.78
N GLY A 74 47.31 37.03 -25.65
CA GLY A 74 46.84 35.69 -25.33
C GLY A 74 47.62 34.44 -25.69
N GLY A 75 48.94 34.48 -25.47
CA GLY A 75 49.77 33.32 -25.75
C GLY A 75 50.11 33.03 -27.20
N ASP A 76 50.64 31.83 -27.42
CA ASP A 76 51.08 31.36 -28.74
C ASP A 76 49.97 30.82 -29.65
N SER A 77 48.73 30.86 -29.16
CA SER A 77 47.55 30.40 -29.92
C SER A 77 47.13 31.44 -30.98
N VAL A 78 47.25 32.71 -30.60
CA VAL A 78 46.90 33.86 -31.47
C VAL A 78 48.07 34.27 -32.35
N LYS A 79 47.85 34.28 -33.66
CA LYS A 79 48.88 34.65 -34.64
C LYS A 79 48.73 36.12 -35.05
N GLY A 80 47.59 36.72 -34.72
CA GLY A 80 47.35 38.11 -35.06
C GLY A 80 45.91 38.53 -35.32
N VAL A 81 45.74 39.79 -35.70
CA VAL A 81 44.41 40.33 -35.99
C VAL A 81 44.32 41.07 -37.32
N ILE A 82 43.15 41.00 -37.96
CA ILE A 82 42.89 41.69 -39.24
C ILE A 82 41.87 42.80 -39.00
N ILE A 83 42.21 44.02 -39.43
CA ILE A 83 41.31 45.18 -39.31
C ILE A 83 40.74 45.37 -40.73
N SER A 84 39.61 44.73 -40.97
CA SER A 84 38.91 44.75 -42.28
C SER A 84 38.12 46.03 -42.62
N ASP A 85 38.70 47.18 -42.29
CA ASP A 85 38.08 48.49 -42.57
C ASP A 85 38.66 48.99 -43.90
N THR A 86 38.25 50.18 -44.33
CA THR A 86 38.76 50.74 -45.58
C THR A 86 40.16 51.28 -45.35
N ASN A 87 40.40 51.78 -44.13
CA ASN A 87 41.68 52.35 -43.67
C ASN A 87 42.26 53.36 -44.66
N LEU A 88 41.37 54.16 -45.25
CA LEU A 88 41.77 55.16 -46.22
C LEU A 88 42.16 56.51 -45.65
N ASN A 89 41.83 56.73 -44.37
CA ASN A 89 42.18 57.97 -43.64
C ASN A 89 43.60 57.78 -43.04
N PRO A 90 44.55 58.67 -43.35
CA PRO A 90 45.93 58.57 -42.85
C PRO A 90 46.08 58.61 -41.33
N GLU A 91 45.15 59.31 -40.66
CA GLU A 91 45.15 59.45 -39.18
C GLU A 91 44.81 58.14 -38.49
N ARG A 92 43.96 57.33 -39.13
CA ARG A 92 43.56 56.02 -38.59
C ARG A 92 44.65 54.99 -38.79
N ARG A 93 45.37 55.08 -39.92
CA ARG A 93 46.49 54.15 -40.22
C ARG A 93 47.66 54.41 -39.28
N LEU A 94 47.85 55.69 -38.93
CA LEU A 94 48.92 56.13 -38.02
C LEU A 94 48.61 55.66 -36.60
N ALA A 95 47.33 55.73 -36.22
CA ALA A 95 46.87 55.32 -34.87
C ALA A 95 47.15 53.83 -34.61
N TRP A 96 47.13 53.02 -35.67
CA TRP A 96 47.40 51.58 -35.57
C TRP A 96 48.89 51.27 -35.54
N GLU A 97 49.70 52.20 -36.04
CA GLU A 97 51.17 52.06 -36.04
C GLU A 97 51.72 52.54 -34.69
N THR A 98 51.02 53.48 -34.08
CA THR A 98 51.35 54.05 -32.75
C THR A 98 51.03 53.00 -31.69
N PHE A 99 49.91 52.32 -31.90
CA PHE A 99 49.40 51.25 -31.04
C PHE A 99 50.35 50.05 -31.10
N ALA A 100 50.89 49.82 -32.29
CA ALA A 100 51.84 48.75 -32.53
C ALA A 100 53.23 49.09 -31.97
N LYS A 101 53.60 50.38 -32.04
CA LYS A 101 54.91 50.88 -31.53
C LYS A 101 54.94 50.79 -29.99
N GLU A 102 53.78 51.05 -29.38
CA GLU A 102 53.61 51.04 -27.93
C GLU A 102 53.54 49.66 -27.29
N TYR A 103 53.21 48.63 -28.08
CA TYR A 103 53.10 47.25 -27.53
C TYR A 103 53.90 46.20 -28.30
N GLY A 104 54.69 46.66 -29.27
CA GLY A 104 55.55 45.77 -30.04
C GLY A 104 54.92 44.81 -31.03
N TRP A 105 53.95 45.30 -31.80
CA TRP A 105 53.26 44.48 -32.81
C TRP A 105 53.60 44.94 -34.21
N LYS A 106 53.66 43.98 -35.13
CA LYS A 106 54.03 44.27 -36.51
C LYS A 106 52.80 44.67 -37.36
N VAL A 107 52.84 45.86 -37.95
CA VAL A 107 51.73 46.31 -38.82
C VAL A 107 52.05 45.93 -40.26
N GLU A 108 51.21 45.07 -40.83
CA GLU A 108 51.33 44.61 -42.21
C GLU A 108 50.17 45.28 -42.97
N HIS A 109 50.36 45.54 -44.27
CA HIS A 109 49.32 46.18 -45.10
C HIS A 109 48.88 45.29 -46.27
N LYS A 110 47.57 45.08 -46.40
CA LYS A 110 47.03 44.26 -47.50
C LYS A 110 46.23 45.20 -48.40
N VAL A 111 46.84 45.59 -49.52
CA VAL A 111 46.27 46.53 -50.51
C VAL A 111 45.35 45.84 -51.52
N PHE A 112 44.19 46.45 -51.78
CA PHE A 112 43.20 45.94 -52.74
C PHE A 112 42.95 46.99 -53.81
N ASP A 113 43.82 47.04 -54.80
CA ASP A 113 43.72 48.03 -55.89
C ASP A 113 42.83 47.49 -57.01
N VAL A 114 41.57 47.93 -56.99
CA VAL A 114 40.56 47.53 -57.98
C VAL A 114 40.23 48.79 -58.80
N PRO A 115 40.17 48.69 -60.16
CA PRO A 115 39.88 49.85 -61.03
C PRO A 115 38.53 50.53 -60.75
N TRP A 116 38.45 51.83 -61.05
CA TRP A 116 37.22 52.62 -60.83
C TRP A 116 35.95 52.05 -61.44
N THR A 117 35.98 51.76 -62.74
CA THR A 117 34.83 51.20 -63.48
C THR A 117 34.24 49.95 -62.84
N GLU A 118 35.12 49.12 -62.29
CA GLU A 118 34.74 47.87 -61.62
C GLU A 118 34.15 48.15 -60.24
N LEU A 119 34.65 49.17 -59.56
CA LEU A 119 34.15 49.55 -58.22
C LEU A 119 32.75 50.08 -58.30
N VAL A 120 32.46 50.85 -59.35
CA VAL A 120 31.10 51.45 -59.57
C VAL A 120 30.11 50.36 -59.95
N LYS A 121 30.55 49.42 -60.79
CA LYS A 121 29.74 48.28 -61.24
C LYS A 121 29.36 47.42 -60.04
N ARG A 122 30.28 47.25 -59.10
CA ARG A 122 30.03 46.43 -57.90
C ARG A 122 29.16 47.16 -56.89
N ASN A 123 29.31 48.49 -56.82
CA ASN A 123 28.54 49.31 -55.87
C ASN A 123 27.08 49.48 -56.24
N SER A 124 26.77 49.37 -57.54
CA SER A 124 25.41 49.51 -58.03
C SER A 124 24.59 48.28 -57.69
N LYS A 125 25.27 47.13 -57.57
CA LYS A 125 24.64 45.82 -57.27
C LYS A 125 24.81 45.44 -55.79
N ARG A 126 25.42 46.32 -55.01
CA ARG A 126 25.69 46.04 -53.59
C ARG A 126 24.48 46.06 -52.64
N GLY A 127 23.37 46.59 -53.12
CA GLY A 127 22.16 46.65 -52.32
C GLY A 127 22.14 47.59 -51.16
N THR A 128 21.92 47.02 -49.98
CA THR A 128 21.86 47.79 -48.75
C THR A 128 23.24 48.19 -48.22
N LYS A 129 24.28 47.50 -48.71
CA LYS A 129 25.68 47.78 -48.33
C LYS A 129 26.32 48.77 -49.33
N ALA A 130 25.48 49.37 -50.17
CA ALA A 130 25.93 50.34 -51.18
C ALA A 130 26.19 51.70 -50.56
N VAL A 131 27.24 52.34 -51.05
CA VAL A 131 27.64 53.67 -50.56
C VAL A 131 27.29 54.72 -51.61
N PRO A 132 26.99 56.00 -51.20
CA PRO A 132 26.66 57.02 -52.20
C PRO A 132 27.84 57.24 -53.16
N ILE A 133 27.58 57.42 -54.44
CA ILE A 133 28.63 57.61 -55.44
C ILE A 133 29.65 58.71 -55.11
N ASP A 134 29.23 59.73 -54.37
CA ASP A 134 30.13 60.84 -53.98
C ASP A 134 31.13 60.40 -52.90
N VAL A 135 30.75 59.42 -52.08
CA VAL A 135 31.65 58.92 -51.04
C VAL A 135 32.57 57.85 -51.62
N LEU A 136 32.14 57.18 -52.69
CA LEU A 136 32.96 56.16 -53.36
C LEU A 136 34.05 56.92 -54.15
N ARG A 137 33.72 58.12 -54.60
CA ARG A 137 34.65 58.99 -55.36
C ARG A 137 35.69 59.54 -54.41
N SER A 138 35.22 59.99 -53.25
CA SER A 138 36.04 60.56 -52.18
C SER A 138 37.04 59.52 -51.65
N MET A 139 36.62 58.26 -51.70
CA MET A 139 37.46 57.15 -51.24
C MET A 139 38.48 56.68 -52.26
N TYR A 140 38.15 56.76 -53.54
CA TYR A 140 39.08 56.37 -54.60
C TYR A 140 40.17 57.44 -54.70
N LYS A 141 39.85 58.65 -54.25
CA LYS A 141 40.80 59.78 -54.25
C LYS A 141 41.83 59.49 -53.15
N SER A 142 41.35 58.93 -52.02
CA SER A 142 42.21 58.57 -50.86
C SER A 142 43.04 57.33 -51.17
N MET A 143 42.57 56.53 -52.11
CA MET A 143 43.26 55.31 -52.54
C MET A 143 44.42 55.69 -53.44
N ARG A 144 44.21 56.73 -54.25
CA ARG A 144 45.24 57.23 -55.16
C ARG A 144 46.35 57.93 -54.39
N GLU A 145 45.98 58.58 -53.28
CA GLU A 145 46.93 59.29 -52.40
C GLU A 145 47.82 58.26 -51.73
N TYR A 146 47.22 57.16 -51.28
CA TYR A 146 47.96 56.05 -50.63
C TYR A 146 48.89 55.37 -51.64
N LEU A 147 48.35 55.05 -52.82
CA LEU A 147 49.12 54.40 -53.91
C LEU A 147 50.21 55.30 -54.49
N GLY A 148 50.12 56.61 -54.19
CA GLY A 148 51.09 57.58 -54.66
C GLY A 148 50.92 58.01 -56.10
N LEU A 149 49.74 57.74 -56.65
CA LEU A 149 49.37 58.09 -58.04
C LEU A 149 49.30 59.61 -58.24
N PRO A 150 49.79 60.13 -59.40
CA PRO A 150 49.79 61.57 -59.71
C PRO A 150 48.49 62.37 -59.86
N VAL A 151 48.57 63.63 -59.46
CA VAL A 151 47.47 64.62 -59.56
C VAL A 151 48.06 65.85 -60.26
N TYR A 152 47.43 66.30 -61.34
CA TYR A 152 47.86 67.46 -62.16
C TYR A 152 47.56 68.77 -61.43
N ASN A 153 48.49 69.71 -61.54
CA ASN A 153 48.36 71.03 -60.89
C ASN A 153 48.79 72.12 -61.85
N GLY A 154 48.95 71.76 -63.12
CA GLY A 154 49.38 72.73 -64.13
C GLY A 154 50.76 72.43 -64.67
N THR A 155 51.12 73.13 -65.74
CA THR A 155 52.43 73.01 -66.40
C THR A 155 52.79 74.45 -66.82
N PRO A 156 53.36 75.25 -65.89
CA PRO A 156 53.75 76.64 -66.20
C PRO A 156 54.82 76.80 -67.28
N GLY A 157 54.72 77.88 -68.06
CA GLY A 157 55.68 78.16 -69.12
C GLY A 157 55.19 77.66 -70.45
N LYS A 158 54.46 76.58 -70.38
CA LYS A 158 53.89 75.99 -71.57
C LYS A 158 52.55 76.69 -71.89
N PRO A 159 52.13 76.75 -73.18
CA PRO A 159 50.87 77.41 -73.57
C PRO A 159 49.60 76.81 -72.97
N LYS A 160 48.63 77.69 -72.64
CA LYS A 160 47.34 77.22 -72.06
C LYS A 160 46.51 76.46 -73.09
N ALA A 161 45.89 75.36 -72.67
CA ALA A 161 45.10 74.53 -73.58
C ALA A 161 43.82 73.95 -73.01
N VAL A 162 42.96 73.47 -73.92
CA VAL A 162 41.68 72.82 -73.58
C VAL A 162 41.62 71.52 -74.38
N ILE A 163 41.35 70.40 -73.69
CA ILE A 163 41.27 69.09 -74.35
C ILE A 163 39.83 68.80 -74.78
N PHE A 164 39.67 68.32 -76.00
CA PHE A 164 38.35 67.98 -76.56
C PHE A 164 38.37 66.56 -77.01
N ASP A 165 37.32 65.80 -76.71
CA ASP A 165 37.23 64.42 -77.17
C ASP A 165 36.45 64.47 -78.49
N VAL A 166 36.41 63.37 -79.24
CA VAL A 166 35.66 63.35 -80.52
C VAL A 166 34.30 62.70 -80.31
N ASP A 167 34.30 61.37 -80.10
CA ASP A 167 33.07 60.58 -79.91
C ASP A 167 32.21 60.92 -78.70
N GLY A 168 31.06 61.50 -79.01
CA GLY A 168 30.08 61.92 -78.01
C GLY A 168 30.19 63.40 -77.67
N THR A 169 31.36 63.95 -77.93
CA THR A 169 31.67 65.35 -77.63
C THR A 169 31.52 66.26 -78.85
N LEU A 170 32.54 66.29 -79.72
CA LEU A 170 32.51 67.11 -80.95
C LEU A 170 31.60 66.46 -82.00
N ALA A 171 31.46 65.14 -81.90
CA ALA A 171 30.63 64.33 -82.82
C ALA A 171 29.43 63.73 -82.10
N LYS A 172 28.23 63.99 -82.61
CA LYS A 172 26.96 63.49 -82.03
C LYS A 172 26.87 61.96 -81.95
N MET A 173 26.11 61.45 -80.99
CA MET A 173 25.92 59.99 -80.79
C MET A 173 24.76 59.44 -81.61
N ASN A 174 25.08 58.48 -82.47
CA ASN A 174 24.08 57.81 -83.35
C ASN A 174 23.65 56.46 -82.75
N GLY A 175 22.62 56.51 -81.91
CA GLY A 175 22.11 55.31 -81.27
C GLY A 175 22.55 55.18 -79.83
N PRO A 178 27.69 55.82 -81.80
CA PRO A 178 29.10 55.62 -82.17
C PRO A 178 29.28 55.07 -83.58
N TYR A 179 28.25 55.23 -84.41
CA TYR A 179 28.21 54.71 -85.81
C TYR A 179 29.31 55.03 -86.82
N ASP A 180 29.32 54.21 -87.88
CA ASP A 180 30.26 54.20 -89.05
C ASP A 180 31.00 55.46 -89.49
N LEU A 181 32.21 55.23 -90.01
CA LEU A 181 33.11 56.29 -90.49
C LEU A 181 33.23 56.25 -92.01
N CYS A 184 30.84 59.00 -91.64
CA CYS A 184 30.44 60.29 -91.08
C CYS A 184 30.11 61.33 -92.16
N ASP A 185 29.41 62.38 -91.75
CA ASP A 185 28.99 63.47 -92.64
C ASP A 185 29.08 64.82 -91.93
N THR A 186 28.35 65.82 -92.42
CA THR A 186 28.31 67.17 -91.82
C THR A 186 27.14 67.29 -90.82
N ASP A 187 26.28 66.27 -90.82
CA ASP A 187 25.09 66.21 -89.94
C ASP A 187 25.39 65.51 -88.60
N VAL A 188 26.61 65.01 -88.44
CA VAL A 188 27.02 64.30 -87.19
C VAL A 188 27.76 65.26 -86.23
N ILE A 189 27.83 66.54 -86.61
CA ILE A 189 28.48 67.63 -85.83
C ILE A 189 27.61 68.04 -84.63
N ASN A 190 28.22 68.20 -83.44
CA ASN A 190 27.51 68.67 -82.22
C ASN A 190 27.75 70.19 -82.27
N PRO A 191 26.74 70.97 -82.74
CA PRO A 191 26.83 72.44 -82.86
C PRO A 191 27.46 73.25 -81.73
N MET A 192 26.87 73.19 -80.53
CA MET A 192 27.35 73.96 -79.37
C MET A 192 28.76 73.63 -78.89
N VAL A 193 29.16 72.37 -79.02
CA VAL A 193 30.51 71.94 -78.61
C VAL A 193 31.56 72.35 -79.63
N VAL A 194 31.26 72.21 -80.93
CA VAL A 194 32.20 72.61 -82.00
C VAL A 194 32.38 74.13 -82.00
N GLU A 195 31.32 74.85 -81.66
CA GLU A 195 31.34 76.33 -81.59
C GLU A 195 32.25 76.76 -80.45
N LEU A 196 32.30 75.93 -79.41
CA LEU A 196 33.14 76.18 -78.22
C LEU A 196 34.63 76.06 -78.54
N SER A 197 35.00 75.11 -79.40
CA SER A 197 36.42 74.90 -79.79
C SER A 197 36.96 76.06 -80.60
N LYS A 198 36.11 76.61 -81.46
CA LYS A 198 36.51 77.73 -82.31
C LYS A 198 36.65 79.00 -81.48
N MET A 199 35.93 79.05 -80.36
CA MET A 199 35.95 80.21 -79.48
C MET A 199 37.17 80.21 -78.57
N TYR A 200 37.56 79.02 -78.12
CA TYR A 200 38.72 78.90 -77.24
C TYR A 200 40.00 79.13 -78.02
N ALA A 201 40.06 78.60 -79.24
CA ALA A 201 41.22 78.76 -80.11
C ALA A 201 41.51 80.23 -80.40
N LEU A 202 40.43 80.97 -80.65
CA LEU A 202 40.46 82.40 -80.96
C LEU A 202 40.89 83.24 -79.75
N MET A 203 40.78 82.64 -78.56
CA MET A 203 41.15 83.29 -77.33
C MET A 203 42.59 83.03 -76.90
N GLY A 204 43.34 82.29 -77.71
CA GLY A 204 44.72 82.01 -77.37
C GLY A 204 44.90 80.69 -76.66
N TYR A 205 43.96 79.76 -76.85
CA TYR A 205 44.03 78.43 -76.25
C TYR A 205 44.43 77.46 -77.34
N GLN A 206 45.13 76.40 -76.96
CA GLN A 206 45.55 75.40 -77.91
C GLN A 206 44.51 74.31 -77.82
N ILE A 207 43.88 73.99 -78.95
CA ILE A 207 42.88 72.94 -78.93
C ILE A 207 43.57 71.61 -79.18
N VAL A 208 43.52 70.74 -78.18
CA VAL A 208 44.13 69.41 -78.27
C VAL A 208 42.96 68.44 -78.37
N VAL A 209 42.90 67.71 -79.48
CA VAL A 209 41.83 66.74 -79.70
C VAL A 209 42.31 65.32 -79.35
N VAL A 210 41.53 64.60 -78.56
CA VAL A 210 41.86 63.23 -78.13
C VAL A 210 40.73 62.30 -78.60
N SER A 211 41.01 61.02 -78.81
CA SER A 211 39.96 60.06 -79.26
C SER A 211 40.16 58.64 -78.78
N GLY A 212 39.04 57.93 -78.60
CA GLY A 212 39.06 56.55 -78.12
C GLY A 212 38.99 55.49 -79.19
N ARG A 213 38.93 55.91 -80.46
CA ARG A 213 38.87 54.99 -81.60
C ARG A 213 40.26 54.50 -81.97
N GLU A 214 40.35 53.25 -82.44
CA GLU A 214 41.64 52.63 -82.85
C GLU A 214 42.22 53.36 -84.06
N SER A 215 43.52 53.66 -84.03
CA SER A 215 44.20 54.39 -85.14
C SER A 215 44.15 53.72 -86.51
N GLY A 216 44.23 52.39 -86.55
CA GLY A 216 44.19 51.67 -87.82
C GLY A 216 43.96 50.18 -87.69
N THR A 217 44.46 49.45 -88.68
CA THR A 217 44.36 47.97 -88.75
C THR A 217 45.80 47.44 -88.95
N LYS A 218 45.99 46.12 -89.01
CA LYS A 218 47.32 45.47 -89.17
C LYS A 218 48.13 45.85 -90.41
N GLU A 219 47.44 46.10 -91.52
CA GLU A 219 48.06 46.48 -92.81
C GLU A 219 48.33 47.99 -92.89
N ASP A 220 47.42 48.78 -92.33
CA ASP A 220 47.53 50.26 -92.31
C ASP A 220 47.33 50.70 -90.85
N PRO A 221 48.44 50.99 -90.11
CA PRO A 221 48.39 51.42 -88.70
C PRO A 221 47.89 52.84 -88.41
N THR A 222 47.60 53.61 -89.45
CA THR A 222 47.15 55.01 -89.30
C THR A 222 45.99 55.35 -90.26
N LYS A 223 45.13 54.37 -90.53
CA LYS A 223 43.96 54.53 -91.46
C LYS A 223 42.80 55.34 -90.87
N TYR A 224 42.28 54.88 -89.73
CA TYR A 224 41.15 55.53 -89.03
C TYR A 224 41.52 56.86 -88.38
N TYR A 225 42.81 57.06 -88.11
CA TYR A 225 43.33 58.32 -87.52
C TYR A 225 43.18 59.47 -88.53
N ARG A 226 43.57 59.19 -89.76
CA ARG A 226 43.51 60.17 -90.88
C ARG A 226 42.09 60.51 -91.28
N MET A 227 41.19 59.53 -91.16
CA MET A 227 39.76 59.70 -91.49
C MET A 227 39.04 60.45 -90.36
N THR A 228 39.62 60.41 -89.16
CA THR A 228 39.08 61.13 -88.00
C THR A 228 39.60 62.58 -88.05
N ARG A 229 40.88 62.76 -88.39
CA ARG A 229 41.48 64.11 -88.47
C ARG A 229 40.92 64.93 -89.64
N LYS A 230 40.57 64.25 -90.74
CA LYS A 230 40.00 64.92 -91.93
C LYS A 230 38.56 65.39 -91.65
N TRP A 231 37.97 64.85 -90.58
CA TRP A 231 36.62 65.23 -90.16
C TRP A 231 36.74 66.43 -89.20
N VAL A 232 37.59 66.28 -88.19
CA VAL A 232 37.82 67.31 -87.14
C VAL A 232 38.35 68.63 -87.71
N GLU A 233 39.31 68.54 -88.63
CA GLU A 233 39.92 69.71 -89.25
C GLU A 233 39.14 70.34 -90.40
N ASP A 234 38.70 69.53 -91.35
CA ASP A 234 37.95 70.02 -92.54
C ASP A 234 36.43 70.14 -92.44
N ILE A 235 35.75 69.05 -92.09
CA ILE A 235 34.27 69.01 -92.00
C ILE A 235 33.69 69.72 -90.75
N ALA A 236 34.36 69.59 -89.60
CA ALA A 236 33.92 70.23 -88.33
C ALA A 236 34.42 71.67 -88.20
N GLY A 237 35.67 71.90 -88.61
CA GLY A 237 36.26 73.23 -88.55
C GLY A 237 36.94 73.59 -87.24
N VAL A 238 37.35 72.56 -86.49
CA VAL A 238 38.04 72.72 -85.19
C VAL A 238 39.51 73.11 -85.44
N PRO A 239 39.98 74.25 -84.90
CA PRO A 239 41.37 74.69 -85.09
C PRO A 239 42.35 73.98 -84.14
N LEU A 240 42.57 72.69 -84.40
CA LEU A 240 43.46 71.88 -83.56
C LEU A 240 44.94 72.11 -83.82
N VAL A 241 45.74 71.90 -82.78
CA VAL A 241 47.20 72.03 -82.86
C VAL A 241 47.82 70.64 -82.76
N MET A 242 47.05 69.70 -82.22
CA MET A 242 47.51 68.32 -82.02
C MET A 242 46.34 67.36 -81.84
N GLN A 243 46.51 66.13 -82.36
CA GLN A 243 45.51 65.07 -82.23
C GLN A 243 46.19 63.73 -81.96
N CYS A 244 46.10 63.26 -80.72
CA CYS A 244 46.68 61.97 -80.36
C CYS A 244 45.55 61.04 -79.96
N GLN A 245 45.54 59.83 -80.51
CA GLN A 245 44.51 58.83 -80.18
C GLN A 245 45.05 57.43 -79.94
N ARG A 246 44.13 56.50 -79.67
CA ARG A 246 44.43 55.08 -79.39
C ARG A 246 45.22 54.41 -80.53
N GLU A 247 46.37 53.84 -80.19
CA GLU A 247 47.27 53.19 -81.15
C GLU A 247 46.79 51.86 -81.75
N GLN A 248 47.72 51.01 -82.19
CA GLN A 248 47.37 49.72 -82.82
C GLN A 248 46.75 48.64 -81.90
N GLY A 249 47.56 47.76 -81.33
CA GLY A 249 47.06 46.67 -80.48
C GLY A 249 46.64 47.03 -79.07
N ASP A 250 46.12 48.25 -78.90
CA ASP A 250 45.66 48.77 -77.61
C ASP A 250 44.19 48.38 -77.40
N THR A 251 43.99 47.32 -76.62
CA THR A 251 42.64 46.79 -76.31
C THR A 251 42.22 47.09 -74.86
N ARG A 252 42.86 48.09 -74.26
CA ARG A 252 42.58 48.52 -72.87
C ARG A 252 41.35 49.42 -72.78
N LYS A 253 40.87 49.68 -71.55
CA LYS A 253 39.67 50.53 -71.30
C LYS A 253 39.95 52.00 -71.62
N ASP A 254 38.94 52.69 -72.14
CA ASP A 254 38.99 54.15 -72.54
C ASP A 254 39.58 55.03 -71.44
N ASP A 255 39.38 54.51 -70.23
CA ASP A 255 39.79 55.06 -68.94
C ASP A 255 41.31 55.26 -68.85
N VAL A 256 42.07 54.17 -68.96
CA VAL A 256 43.55 54.18 -68.85
C VAL A 256 44.32 54.67 -70.08
N VAL A 257 43.74 54.48 -71.28
CA VAL A 257 44.39 54.91 -72.53
C VAL A 257 44.49 56.43 -72.56
N LYS A 258 43.40 57.11 -72.25
CA LYS A 258 43.38 58.60 -72.25
C LYS A 258 44.19 59.23 -71.14
N GLU A 259 44.43 58.51 -70.04
CA GLU A 259 45.26 59.03 -68.93
C GLU A 259 46.73 58.94 -69.37
N GLU A 260 47.08 57.86 -70.08
CA GLU A 260 48.45 57.65 -70.58
C GLU A 260 48.77 58.68 -71.68
N ILE A 261 47.78 58.97 -72.53
CA ILE A 261 47.90 59.96 -73.63
C ILE A 261 48.11 61.34 -73.01
N PHE A 262 47.54 61.55 -71.84
CA PHE A 262 47.66 62.82 -71.13
C PHE A 262 49.06 63.03 -70.59
N TRP A 263 49.53 62.09 -69.79
CA TRP A 263 50.86 62.20 -69.16
C TRP A 263 52.07 62.14 -70.10
N LYS A 264 51.94 61.41 -71.20
CA LYS A 264 53.04 61.26 -72.17
C LYS A 264 53.11 62.33 -73.25
N HIS A 265 51.99 62.64 -73.90
CA HIS A 265 51.97 63.61 -75.00
C HIS A 265 51.40 64.99 -74.71
N ILE A 266 50.40 65.09 -73.83
CA ILE A 266 49.76 66.39 -73.55
C ILE A 266 50.34 67.19 -72.39
N ALA A 267 50.39 66.61 -71.20
CA ALA A 267 50.88 67.30 -69.98
C ALA A 267 52.26 67.95 -70.03
N PRO A 268 53.29 67.30 -70.63
CA PRO A 268 54.60 67.99 -70.66
C PRO A 268 54.74 69.12 -71.69
N HIS A 269 53.83 69.18 -72.67
CA HIS A 269 53.86 70.22 -73.73
C HIS A 269 52.86 71.36 -73.56
N PHE A 270 51.76 71.12 -72.83
CA PHE A 270 50.70 72.16 -72.63
C PHE A 270 50.25 72.34 -71.18
N ASP A 271 49.69 73.50 -70.88
CA ASP A 271 49.15 73.83 -69.54
C ASP A 271 47.61 73.66 -69.64
N VAL A 272 47.16 72.41 -69.46
CA VAL A 272 45.73 72.07 -69.55
C VAL A 272 44.86 72.67 -68.43
N LYS A 273 43.97 73.56 -68.85
CA LYS A 273 43.03 74.25 -67.94
C LYS A 273 41.65 73.59 -67.91
N LEU A 274 41.31 72.85 -68.97
CA LEU A 274 40.00 72.21 -69.08
C LEU A 274 39.95 71.03 -70.06
N ALA A 275 38.98 70.14 -69.81
CA ALA A 275 38.75 68.97 -70.67
C ALA A 275 37.25 68.86 -70.94
N ILE A 276 36.86 68.81 -72.22
CA ILE A 276 35.46 68.69 -72.62
C ILE A 276 35.28 67.24 -73.07
N ASP A 277 34.53 66.46 -72.30
CA ASP A 277 34.29 65.04 -72.61
C ASP A 277 32.84 64.62 -72.45
N ASP A 278 32.54 63.38 -72.82
CA ASP A 278 31.19 62.83 -72.76
C ASP A 278 31.07 61.60 -71.87
N ARG A 279 31.83 60.55 -72.17
CA ARG A 279 31.79 59.28 -71.42
C ARG A 279 32.11 59.41 -69.92
N THR A 280 31.16 59.02 -69.07
CA THR A 280 31.26 59.10 -67.59
C THR A 280 32.57 58.62 -67.00
N GLN A 281 33.03 57.44 -67.39
CA GLN A 281 34.31 56.92 -66.85
C GLN A 281 35.53 57.80 -67.16
N VAL A 282 35.52 58.45 -68.33
CA VAL A 282 36.62 59.33 -68.75
C VAL A 282 36.50 60.67 -68.04
N VAL A 283 35.26 61.13 -67.84
CA VAL A 283 34.96 62.40 -67.13
C VAL A 283 35.43 62.28 -65.69
N GLU A 284 35.17 61.11 -65.09
CA GLU A 284 35.57 60.79 -63.72
C GLU A 284 37.08 60.77 -63.59
N MET A 285 37.74 60.32 -64.67
CA MET A 285 39.20 60.22 -64.71
C MET A 285 39.88 61.58 -64.73
N TRP A 286 39.43 62.49 -65.60
CA TRP A 286 40.05 63.83 -65.67
C TRP A 286 39.90 64.57 -64.35
N ARG A 287 38.71 64.48 -63.77
CA ARG A 287 38.39 65.16 -62.51
C ARG A 287 39.20 64.72 -61.31
N ARG A 288 39.49 63.42 -61.19
CA ARG A 288 40.26 62.90 -60.04
C ARG A 288 41.77 63.17 -60.16
N ILE A 289 42.26 63.33 -61.40
CA ILE A 289 43.68 63.62 -61.60
C ILE A 289 43.98 65.12 -61.65
N GLY A 290 42.99 65.96 -61.35
CA GLY A 290 43.22 67.40 -61.31
C GLY A 290 42.72 68.26 -62.44
N VAL A 291 42.41 67.66 -63.60
CA VAL A 291 41.90 68.41 -64.77
C VAL A 291 40.38 68.63 -64.63
N GLU A 292 39.92 69.84 -64.90
CA GLU A 292 38.49 70.18 -64.80
C GLU A 292 37.68 69.69 -66.03
N CYS A 293 36.54 69.05 -65.76
CA CYS A 293 35.60 68.60 -66.81
C CYS A 293 34.24 69.13 -66.88
N TRP A 294 33.81 69.26 -68.12
CA TRP A 294 32.48 69.70 -68.48
C TRP A 294 31.94 68.50 -69.28
N GLN A 295 31.04 67.75 -68.67
CA GLN A 295 30.42 66.59 -69.34
C GLN A 295 29.24 67.11 -70.19
N VAL A 296 29.41 67.04 -71.51
CA VAL A 296 28.43 67.54 -72.46
C VAL A 296 27.11 66.79 -72.70
N ALA A 297 27.07 65.53 -72.27
CA ALA A 297 25.85 64.70 -72.46
C ALA A 297 25.85 63.53 -71.50
N SER A 298 24.76 62.76 -71.50
CA SER A 298 24.66 61.57 -70.65
C SER A 298 25.57 60.53 -71.31
N GLY A 299 26.68 60.24 -70.65
CA GLY A 299 27.63 59.30 -71.21
C GLY A 299 27.85 58.04 -70.39
N ASP A 300 26.78 57.31 -70.11
CA ASP A 300 26.88 56.08 -69.29
C ASP A 300 26.99 54.80 -70.14
N PHE A 301 28.22 54.54 -70.59
CA PHE A 301 28.58 53.36 -71.43
N MET B 1 22.44 54.88 -11.44
CA MET B 1 21.33 55.52 -12.20
C MET B 1 21.17 54.85 -13.56
N LYS B 2 22.29 54.54 -14.22
CA LYS B 2 22.30 53.91 -15.55
C LYS B 2 21.89 52.43 -15.52
N LYS B 3 21.14 51.99 -16.52
CA LYS B 3 20.62 50.61 -16.59
C LYS B 3 21.36 49.60 -17.47
N ILE B 4 21.40 48.34 -17.01
CA ILE B 4 22.01 47.20 -17.73
C ILE B 4 20.84 46.22 -17.89
N ILE B 5 20.15 46.29 -19.03
CA ILE B 5 19.00 45.41 -19.31
C ILE B 5 19.44 44.08 -19.93
N LEU B 6 19.09 42.98 -19.26
CA LEU B 6 19.41 41.64 -19.75
C LEU B 6 18.13 41.03 -20.31
N THR B 7 18.19 40.58 -21.57
CA THR B 7 17.03 39.93 -22.19
C THR B 7 17.11 38.46 -21.87
N ILE B 8 16.03 37.88 -21.33
CA ILE B 8 16.00 36.44 -21.00
C ILE B 8 14.97 35.76 -21.93
N GLY B 9 15.46 34.81 -22.72
CA GLY B 9 14.60 34.10 -23.65
C GLY B 9 15.36 33.23 -24.65
N CYS B 10 14.71 32.14 -25.06
CA CYS B 10 15.25 31.16 -26.03
C CYS B 10 15.41 31.78 -27.41
N PRO B 11 16.28 31.22 -28.28
CA PRO B 11 16.40 31.82 -29.61
C PRO B 11 15.08 31.73 -30.41
N GLY B 12 14.58 32.90 -30.82
CA GLY B 12 13.33 32.98 -31.56
C GLY B 12 12.21 33.57 -30.71
N SER B 13 12.53 33.97 -29.49
CA SER B 13 11.54 34.54 -28.59
C SER B 13 11.24 36.04 -28.79
N GLY B 14 11.97 36.67 -29.70
CA GLY B 14 11.76 38.09 -30.01
C GLY B 14 12.68 39.12 -29.37
N LYS B 15 13.82 38.67 -28.83
CA LYS B 15 14.81 39.54 -28.16
C LYS B 15 15.42 40.64 -29.04
N SER B 16 15.90 40.26 -30.22
CA SER B 16 16.52 41.22 -31.16
C SER B 16 15.55 42.21 -31.73
N THR B 17 14.33 41.76 -32.02
CA THR B 17 13.26 42.62 -32.60
C THR B 17 12.87 43.70 -31.59
N TRP B 18 12.86 43.35 -30.30
CA TRP B 18 12.54 44.30 -29.23
C TRP B 18 13.67 45.31 -29.04
N ALA B 19 14.90 44.79 -28.89
CA ALA B 19 16.12 45.61 -28.68
C ALA B 19 16.31 46.70 -29.74
N ARG B 20 15.97 46.38 -30.98
CA ARG B 20 16.06 47.31 -32.11
C ARG B 20 15.01 48.41 -31.97
N GLU B 21 13.77 48.00 -31.65
CA GLU B 21 12.65 48.93 -31.48
C GLU B 21 12.73 49.77 -30.22
N PHE B 22 13.46 49.29 -29.22
CA PHE B 22 13.63 50.02 -27.95
C PHE B 22 14.67 51.13 -28.11
N ILE B 23 15.77 50.83 -28.80
CA ILE B 23 16.86 51.81 -29.03
C ILE B 23 16.39 52.94 -29.96
N ALA B 24 15.45 52.63 -30.85
CA ALA B 24 14.88 53.61 -31.80
C ALA B 24 13.94 54.58 -31.10
N LYS B 25 13.15 54.06 -30.17
CA LYS B 25 12.17 54.85 -29.39
C LYS B 25 12.70 55.46 -28.09
N ASN B 26 13.85 54.98 -27.62
CA ASN B 26 14.50 55.49 -26.39
C ASN B 26 15.98 55.80 -26.65
N PRO B 27 16.32 57.06 -26.99
CA PRO B 27 17.71 57.44 -27.27
C PRO B 27 18.61 57.33 -26.04
N GLY B 28 19.88 57.02 -26.25
CA GLY B 28 20.82 56.89 -25.15
C GLY B 28 21.08 55.44 -24.79
N PHE B 29 20.35 54.52 -25.40
CA PHE B 29 20.54 53.07 -25.15
C PHE B 29 21.35 52.42 -26.26
N TYR B 30 22.26 51.53 -25.87
CA TYR B 30 23.16 50.83 -26.81
C TYR B 30 23.06 49.32 -26.64
N ASN B 31 23.28 48.59 -27.73
CA ASN B 31 23.20 47.11 -27.75
C ASN B 31 24.57 46.41 -27.70
N ILE B 32 24.65 45.32 -26.94
CA ILE B 32 25.84 44.50 -26.81
C ILE B 32 25.32 43.07 -27.00
N ASN B 33 25.75 42.43 -28.07
CA ASN B 33 25.27 41.07 -28.42
C ASN B 33 26.42 40.09 -28.65
N ARG B 34 26.23 38.86 -28.18
CA ARG B 34 27.24 37.79 -28.32
C ARG B 34 27.38 37.27 -29.73
N ASP B 35 26.25 36.94 -30.36
CA ASP B 35 26.20 36.39 -31.72
C ASP B 35 26.84 37.34 -32.73
N ASP B 36 26.67 38.64 -32.50
CA ASP B 36 27.23 39.69 -33.38
C ASP B 36 28.75 39.72 -33.32
N TYR B 37 29.30 39.52 -32.13
CA TYR B 37 30.76 39.51 -31.90
C TYR B 37 31.39 38.21 -32.37
N ARG B 38 30.67 37.10 -32.18
CA ARG B 38 31.12 35.75 -32.61
C ARG B 38 31.31 35.70 -34.11
N GLN B 39 30.33 36.24 -34.83
CA GLN B 39 30.32 36.29 -36.28
C GLN B 39 31.34 37.33 -36.78
N SER B 40 31.57 38.40 -36.01
CA SER B 40 32.52 39.47 -36.39
C SER B 40 34.00 39.08 -36.27
N ILE B 41 34.38 38.38 -35.20
CA ILE B 41 35.79 38.00 -34.99
C ILE B 41 36.26 36.92 -35.96
N MET B 42 35.31 36.24 -36.59
CA MET B 42 35.63 35.18 -37.54
C MET B 42 35.35 35.60 -38.99
N ALA B 43 34.75 36.78 -39.13
CA ALA B 43 34.36 37.40 -40.42
C ALA B 43 33.37 36.56 -41.25
N HIS B 44 32.58 35.73 -40.56
CA HIS B 44 31.57 34.85 -41.20
C HIS B 44 30.42 35.62 -41.82
N GLU B 45 29.74 34.98 -42.78
CA GLU B 45 28.57 35.59 -43.45
C GLU B 45 27.27 35.03 -42.86
N GLU B 46 27.29 33.72 -42.56
CA GLU B 46 26.14 33.00 -41.98
C GLU B 46 26.45 32.70 -40.51
N ARG B 47 25.46 32.86 -39.61
CA ARG B 47 25.65 32.63 -38.15
C ARG B 47 25.88 31.16 -37.73
N ASP B 48 25.42 30.23 -38.56
CA ASP B 48 25.56 28.79 -38.28
C ASP B 48 26.97 28.25 -38.56
N GLU B 49 27.76 29.03 -39.29
CA GLU B 49 29.15 28.65 -39.62
C GLU B 49 30.08 28.60 -38.40
N TYR B 50 29.65 29.23 -37.31
CA TYR B 50 30.40 29.31 -36.04
C TYR B 50 30.57 27.99 -35.27
N LYS B 51 31.77 27.78 -34.74
CA LYS B 51 32.13 26.59 -33.95
C LYS B 51 32.75 27.02 -32.62
N TYR B 52 32.07 26.69 -31.52
CA TYR B 52 32.47 27.04 -30.13
C TYR B 52 33.84 26.55 -29.64
N THR B 53 34.53 27.42 -28.90
CA THR B 53 35.87 27.13 -28.29
C THR B 53 35.96 28.01 -27.04
N LYS B 54 36.60 27.49 -26.00
CA LYS B 54 36.80 28.21 -24.71
C LYS B 54 37.67 29.45 -24.88
N LYS B 55 38.51 29.45 -25.91
CA LYS B 55 39.40 30.57 -26.24
C LYS B 55 38.61 31.67 -26.93
N LYS B 56 37.81 31.29 -27.95
CA LYS B 56 36.97 32.25 -28.73
C LYS B 56 35.88 32.86 -27.86
N GLU B 57 35.24 31.99 -27.07
CA GLU B 57 34.17 32.42 -26.15
C GLU B 57 34.68 33.32 -25.05
N GLY B 58 35.98 33.22 -24.76
CA GLY B 58 36.62 34.05 -23.74
C GLY B 58 36.84 35.45 -24.25
N ILE B 59 37.19 35.57 -25.54
CA ILE B 59 37.43 36.85 -26.22
C ILE B 59 36.10 37.60 -26.34
N VAL B 60 35.03 36.84 -26.65
CA VAL B 60 33.67 37.39 -26.81
C VAL B 60 33.13 37.94 -25.48
N THR B 61 33.42 37.24 -24.37
CA THR B 61 33.00 37.68 -23.03
C THR B 61 33.76 38.97 -22.69
N GLY B 62 35.03 39.03 -23.11
CA GLY B 62 35.88 40.18 -22.90
C GLY B 62 35.35 41.39 -23.61
N MET B 63 34.93 41.19 -24.87
CA MET B 63 34.37 42.26 -25.72
C MET B 63 33.08 42.79 -25.12
N GLN B 64 32.28 41.92 -24.52
CA GLN B 64 30.99 42.30 -23.91
C GLN B 64 31.14 43.25 -22.73
N PHE B 65 31.97 42.85 -21.77
CA PHE B 65 32.21 43.65 -20.56
C PHE B 65 33.03 44.91 -20.78
N ASP B 66 34.02 44.85 -21.68
CA ASP B 66 34.86 46.04 -21.98
C ASP B 66 34.07 47.13 -22.68
N THR B 67 33.13 46.72 -23.52
CA THR B 67 32.28 47.65 -24.27
C THR B 67 31.22 48.23 -23.33
N ALA B 68 30.76 47.42 -22.38
CA ALA B 68 29.75 47.86 -21.40
C ALA B 68 30.34 48.92 -20.47
N LYS B 69 31.58 48.73 -20.04
CA LYS B 69 32.27 49.67 -19.16
C LYS B 69 32.49 50.99 -19.89
N SER B 70 32.97 50.89 -21.13
CA SER B 70 33.26 52.06 -21.98
C SER B 70 32.05 52.92 -22.28
N ILE B 71 30.93 52.30 -22.66
CA ILE B 71 29.69 53.03 -22.99
C ILE B 71 29.06 53.69 -21.75
N LEU B 72 28.96 52.92 -20.67
CA LEU B 72 28.36 53.43 -19.43
C LEU B 72 29.20 54.46 -18.68
N TYR B 73 30.43 54.67 -19.14
CA TYR B 73 31.34 55.67 -18.54
C TYR B 73 31.26 56.99 -19.29
N GLY B 74 30.34 57.09 -20.26
CA GLY B 74 30.16 58.31 -21.04
C GLY B 74 29.39 59.38 -20.29
N GLY B 75 28.90 60.39 -21.02
CA GLY B 75 28.13 61.46 -20.41
C GLY B 75 26.75 61.05 -19.93
N ASP B 76 25.93 62.04 -19.56
CA ASP B 76 24.54 61.79 -19.11
C ASP B 76 23.60 61.51 -20.28
N SER B 77 24.16 61.47 -21.50
CA SER B 77 23.42 61.18 -22.76
C SER B 77 23.15 59.68 -22.81
N VAL B 78 24.10 58.92 -22.26
CA VAL B 78 24.07 57.46 -22.17
C VAL B 78 23.15 57.03 -21.03
N LYS B 79 21.96 56.55 -21.40
CA LYS B 79 20.97 56.11 -20.43
C LYS B 79 21.20 54.67 -19.96
N GLY B 80 21.78 53.85 -20.83
CA GLY B 80 22.03 52.47 -20.47
C GLY B 80 22.37 51.53 -21.60
N VAL B 81 22.58 50.25 -21.27
CA VAL B 81 22.90 49.23 -22.30
C VAL B 81 22.00 47.98 -22.25
N ILE B 82 21.76 47.39 -23.41
CA ILE B 82 20.95 46.16 -23.52
C ILE B 82 21.86 45.00 -23.93
N ILE B 83 21.80 43.90 -23.18
CA ILE B 83 22.58 42.70 -23.49
C ILE B 83 21.55 41.72 -24.10
N SER B 84 21.46 41.77 -25.44
CA SER B 84 20.51 40.97 -26.21
C SER B 84 20.87 39.50 -26.42
N ASP B 85 21.40 38.87 -25.39
CA ASP B 85 21.79 37.44 -25.44
C ASP B 85 20.65 36.62 -24.87
N THR B 86 20.79 35.31 -24.84
CA THR B 86 19.74 34.45 -24.29
C THR B 86 19.71 34.54 -22.78
N ASN B 87 20.90 34.74 -22.19
CA ASN B 87 21.13 34.87 -20.72
C ASN B 87 20.44 33.79 -19.92
N LEU B 88 20.47 32.57 -20.46
CA LEU B 88 19.83 31.42 -19.81
C LEU B 88 20.72 30.68 -18.83
N ASN B 89 22.02 30.97 -18.86
CA ASN B 89 23.00 30.37 -17.96
C ASN B 89 23.04 31.25 -16.69
N PRO B 90 22.79 30.68 -15.48
CA PRO B 90 22.81 31.42 -14.21
C PRO B 90 24.12 32.09 -13.87
N GLU B 91 25.25 31.50 -14.30
CA GLU B 91 26.61 32.03 -14.06
C GLU B 91 26.86 33.33 -14.83
N ARG B 92 26.26 33.45 -16.02
CA ARG B 92 26.42 34.67 -16.85
C ARG B 92 25.54 35.79 -16.32
N ARG B 93 24.36 35.46 -15.79
CA ARG B 93 23.43 36.46 -15.22
C ARG B 93 24.02 37.04 -13.93
N LEU B 94 24.71 36.18 -13.18
CA LEU B 94 25.37 36.56 -11.91
C LEU B 94 26.55 37.47 -12.19
N ALA B 95 27.29 37.16 -13.25
CA ALA B 95 28.47 37.95 -13.67
C ALA B 95 28.11 39.40 -14.01
N TRP B 96 26.88 39.61 -14.48
CA TRP B 96 26.39 40.96 -14.84
C TRP B 96 25.88 41.70 -13.62
N GLU B 97 25.52 40.95 -12.58
CA GLU B 97 25.03 41.57 -11.33
C GLU B 97 26.22 41.93 -10.45
N THR B 98 27.31 41.18 -10.61
CA THR B 98 28.59 41.39 -9.88
C THR B 98 29.23 42.66 -10.46
N PHE B 99 29.14 42.78 -11.79
CA PHE B 99 29.68 43.90 -12.58
C PHE B 99 28.96 45.21 -12.29
N ALA B 100 27.62 45.17 -12.18
CA ALA B 100 26.84 46.39 -11.91
C ALA B 100 27.06 46.90 -10.49
N LYS B 101 27.16 45.97 -9.54
CA LYS B 101 27.37 46.26 -8.10
C LYS B 101 28.71 46.96 -7.87
N GLU B 102 29.73 46.55 -8.62
CA GLU B 102 31.07 47.13 -8.52
C GLU B 102 31.19 48.56 -9.05
N TYR B 103 30.23 49.00 -9.87
CA TYR B 103 30.25 50.36 -10.47
C TYR B 103 28.99 51.21 -10.28
N GLY B 104 27.99 50.65 -9.59
CA GLY B 104 26.76 51.38 -9.30
C GLY B 104 25.68 51.54 -10.36
N TRP B 105 25.48 50.49 -11.15
CA TRP B 105 24.48 50.50 -12.21
C TRP B 105 23.34 49.54 -11.85
N LYS B 106 22.15 49.82 -12.35
CA LYS B 106 20.93 49.03 -12.07
C LYS B 106 20.71 47.92 -13.11
N VAL B 107 20.58 46.67 -12.66
CA VAL B 107 20.32 45.54 -13.59
C VAL B 107 18.82 45.29 -13.64
N GLU B 108 18.28 45.33 -14.84
CA GLU B 108 16.86 45.11 -15.11
C GLU B 108 16.76 43.85 -15.96
N HIS B 109 15.66 43.12 -15.85
CA HIS B 109 15.44 41.89 -16.64
C HIS B 109 14.23 41.99 -17.55
N LYS B 110 14.42 41.69 -18.83
CA LYS B 110 13.32 41.70 -19.80
C LYS B 110 13.08 40.24 -20.25
N VAL B 111 12.07 39.62 -19.66
CA VAL B 111 11.69 38.21 -19.93
C VAL B 111 10.80 38.06 -21.18
N PHE B 112 11.12 37.06 -22.00
CA PHE B 112 10.39 36.75 -23.24
C PHE B 112 9.88 35.31 -23.17
N ASP B 113 8.75 35.11 -22.49
CA ASP B 113 8.16 33.77 -22.32
C ASP B 113 7.25 33.45 -23.49
N VAL B 114 7.78 32.69 -24.43
CA VAL B 114 7.06 32.25 -25.64
C VAL B 114 6.87 30.74 -25.51
N PRO B 115 5.64 30.20 -25.78
CA PRO B 115 5.36 28.76 -25.70
C PRO B 115 6.25 27.88 -26.59
N TRP B 116 6.46 26.64 -26.16
CA TRP B 116 7.29 25.66 -26.90
C TRP B 116 6.91 25.48 -28.37
N THR B 117 5.65 25.16 -28.62
CA THR B 117 5.13 24.93 -30.00
C THR B 117 5.43 26.07 -30.97
N GLU B 118 5.37 27.29 -30.44
CA GLU B 118 5.63 28.51 -31.20
C GLU B 118 7.14 28.69 -31.44
N LEU B 119 7.96 28.31 -30.46
CA LEU B 119 9.43 28.41 -30.58
C LEU B 119 9.97 27.47 -31.64
N VAL B 120 9.40 26.26 -31.72
CA VAL B 120 9.81 25.23 -32.73
C VAL B 120 9.37 25.67 -34.12
N LYS B 121 8.16 26.23 -34.22
CA LYS B 121 7.58 26.73 -35.48
C LYS B 121 8.45 27.85 -36.03
N ARG B 122 8.95 28.72 -35.15
CA ARG B 122 9.82 29.83 -35.56
C ARG B 122 11.22 29.36 -35.90
N ASN B 123 11.72 28.35 -35.20
CA ASN B 123 13.08 27.81 -35.42
C ASN B 123 13.24 27.03 -36.71
N SER B 124 12.13 26.46 -37.21
CA SER B 124 12.13 25.68 -38.47
C SER B 124 12.22 26.61 -39.67
N LYS B 125 11.74 27.85 -39.51
CA LYS B 125 11.73 28.88 -40.57
C LYS B 125 12.86 29.90 -40.39
N ARG B 126 13.69 29.73 -39.36
CA ARG B 126 14.80 30.66 -39.04
C ARG B 126 16.00 30.66 -39.99
N GLY B 127 16.09 29.63 -40.84
CA GLY B 127 17.17 29.55 -41.81
C GLY B 127 18.54 29.27 -41.27
N THR B 128 19.45 30.17 -41.57
CA THR B 128 20.84 30.06 -41.13
C THR B 128 21.02 30.41 -39.66
N LYS B 129 20.04 31.10 -39.08
CA LYS B 129 20.07 31.49 -37.65
C LYS B 129 19.34 30.44 -36.80
N ALA B 130 19.05 29.28 -37.41
CA ALA B 130 18.37 28.18 -36.73
C ALA B 130 19.33 27.40 -35.86
N VAL B 131 18.82 26.97 -34.72
CA VAL B 131 19.60 26.21 -33.74
C VAL B 131 19.14 24.75 -33.77
N PRO B 132 20.04 23.76 -33.46
CA PRO B 132 19.60 22.35 -33.48
C PRO B 132 18.49 22.13 -32.42
N ILE B 133 17.49 21.33 -32.76
CA ILE B 133 16.36 21.07 -31.85
C ILE B 133 16.73 20.62 -30.44
N ASP B 134 17.88 19.96 -30.29
CA ASP B 134 18.35 19.50 -28.95
C ASP B 134 18.88 20.67 -28.10
N VAL B 135 19.36 21.73 -28.74
CA VAL B 135 19.86 22.89 -28.00
C VAL B 135 18.70 23.83 -27.69
N LEU B 136 17.64 23.79 -28.51
CA LEU B 136 16.43 24.61 -28.27
C LEU B 136 15.69 24.00 -27.08
N ARG B 137 15.76 22.67 -26.98
CA ARG B 137 15.14 21.90 -25.86
C ARG B 137 15.88 22.19 -24.57
N SER B 138 17.22 22.18 -24.64
CA SER B 138 18.12 22.44 -23.53
C SER B 138 17.94 23.86 -23.02
N MET B 139 17.59 24.76 -23.93
CA MET B 139 17.35 26.16 -23.57
C MET B 139 15.98 26.43 -22.99
N TYR B 140 14.96 25.67 -23.42
CA TYR B 140 13.61 25.85 -22.87
C TYR B 140 13.56 25.27 -21.45
N LYS B 141 14.48 24.34 -21.17
CA LYS B 141 14.63 23.72 -19.84
C LYS B 141 15.20 24.78 -18.88
N SER B 142 16.15 25.59 -19.38
CA SER B 142 16.80 26.67 -18.62
C SER B 142 15.85 27.84 -18.43
N MET B 143 14.86 27.95 -19.32
CA MET B 143 13.84 29.01 -19.27
C MET B 143 12.84 28.66 -18.19
N ARG B 144 12.54 27.36 -18.06
CA ARG B 144 11.61 26.88 -17.04
C ARG B 144 12.22 26.98 -15.64
N GLU B 145 13.55 26.82 -15.56
CA GLU B 145 14.30 26.92 -14.30
C GLU B 145 14.26 28.38 -13.82
N TYR B 146 14.47 29.31 -14.75
CA TYR B 146 14.44 30.75 -14.45
C TYR B 146 13.02 31.15 -14.03
N LEU B 147 12.02 30.74 -14.81
CA LEU B 147 10.59 31.06 -14.54
C LEU B 147 10.07 30.39 -13.25
N GLY B 148 10.82 29.42 -12.75
CA GLY B 148 10.46 28.71 -11.53
C GLY B 148 9.40 27.64 -11.70
N LEU B 149 9.14 27.26 -12.95
CA LEU B 149 8.13 26.24 -13.31
C LEU B 149 8.51 24.84 -12.77
N PRO B 150 7.54 24.05 -12.27
CA PRO B 150 7.76 22.72 -11.71
C PRO B 150 8.28 21.57 -12.57
N VAL B 151 9.06 20.70 -11.91
CA VAL B 151 9.65 19.47 -12.50
C VAL B 151 9.29 18.31 -11.55
N TYR B 152 8.68 17.27 -12.10
CA TYR B 152 8.25 16.08 -11.34
C TYR B 152 9.43 15.19 -10.98
N ASN B 153 9.39 14.66 -9.76
CA ASN B 153 10.47 13.80 -9.25
C ASN B 153 9.88 12.59 -8.52
N GLY B 154 8.57 12.39 -8.70
CA GLY B 154 7.90 11.27 -8.06
C GLY B 154 6.91 11.72 -7.01
N THR B 155 6.09 10.78 -6.55
CA THR B 155 5.07 11.02 -5.50
C THR B 155 5.11 9.75 -4.62
N PRO B 156 6.04 9.68 -3.64
CA PRO B 156 6.14 8.50 -2.76
C PRO B 156 4.91 8.25 -1.89
N GLY B 157 4.62 6.96 -1.66
CA GLY B 157 3.46 6.58 -0.87
C GLY B 157 2.22 6.21 -1.67
N LYS B 158 2.07 6.74 -2.90
CA LYS B 158 0.90 6.49 -3.81
C LYS B 158 1.18 5.33 -4.80
N PRO B 159 0.12 4.67 -5.37
CA PRO B 159 0.33 3.54 -6.31
C PRO B 159 1.04 3.89 -7.62
N LYS B 160 1.89 2.99 -8.11
CA LYS B 160 2.63 3.19 -9.38
C LYS B 160 1.68 3.15 -10.58
N ALA B 161 1.86 4.08 -11.51
CA ALA B 161 0.99 4.17 -12.69
C ALA B 161 1.68 4.52 -14.00
N VAL B 162 0.95 4.26 -15.09
CA VAL B 162 1.41 4.55 -16.47
C VAL B 162 0.27 5.33 -17.14
N ILE B 163 0.60 6.46 -17.77
CA ILE B 163 -0.40 7.29 -18.45
C ILE B 163 -0.48 6.92 -19.93
N PHE B 164 -1.69 6.72 -20.42
CA PHE B 164 -1.93 6.38 -21.83
C PHE B 164 -2.79 7.44 -22.46
N ASP B 165 -2.49 7.80 -23.70
CA ASP B 165 -3.26 8.81 -24.42
C ASP B 165 -4.15 8.05 -25.40
N VAL B 166 -5.26 8.65 -25.83
CA VAL B 166 -6.15 7.99 -26.81
C VAL B 166 -5.80 8.50 -28.21
N ASP B 167 -5.60 9.82 -28.31
CA ASP B 167 -5.27 10.55 -29.59
C ASP B 167 -4.04 9.99 -30.27
N GLY B 168 -4.27 9.08 -31.22
CA GLY B 168 -3.20 8.46 -32.00
C GLY B 168 -2.32 7.46 -31.28
N THR B 169 -2.63 7.19 -30.02
CA THR B 169 -1.85 6.26 -29.20
C THR B 169 -2.57 4.93 -29.01
N LEU B 170 -3.75 4.95 -28.39
CA LEU B 170 -4.55 3.71 -28.19
C LEU B 170 -5.43 3.53 -29.42
N ALA B 171 -5.72 4.65 -30.08
CA ALA B 171 -6.58 4.67 -31.28
C ALA B 171 -5.85 5.12 -32.53
N LYS B 172 -5.63 4.16 -33.45
CA LYS B 172 -4.95 4.39 -34.75
C LYS B 172 -5.61 5.56 -35.49
N MET B 173 -4.80 6.56 -35.84
CA MET B 173 -5.26 7.76 -36.55
C MET B 173 -5.48 7.61 -38.06
N ASN B 174 -6.48 8.32 -38.57
CA ASN B 174 -6.82 8.29 -40.02
C ASN B 174 -6.77 9.71 -40.57
N GLY B 175 -5.83 9.96 -41.48
CA GLY B 175 -5.67 11.27 -42.08
C GLY B 175 -4.73 12.18 -41.33
N GLY B 177 -5.35 16.10 -36.83
CA GLY B 177 -6.59 15.62 -37.44
C GLY B 177 -6.90 14.16 -37.13
N PRO B 178 -7.48 13.85 -35.94
CA PRO B 178 -7.83 12.48 -35.52
C PRO B 178 -8.97 11.76 -36.29
N TYR B 179 -9.38 10.59 -35.79
CA TYR B 179 -10.47 9.78 -36.41
C TYR B 179 -11.86 10.23 -35.94
N ASP B 180 -12.88 9.94 -36.74
CA ASP B 180 -14.30 10.32 -36.45
C ASP B 180 -14.90 9.47 -35.32
N LEU B 181 -15.94 10.01 -34.67
CA LEU B 181 -16.66 9.31 -33.56
C LEU B 181 -17.75 8.36 -34.08
N GLU B 182 -17.85 8.28 -35.41
CA GLU B 182 -18.79 7.40 -36.12
C GLU B 182 -18.03 6.13 -36.51
N LYS B 183 -16.70 6.26 -36.63
CA LYS B 183 -15.79 5.16 -37.00
C LYS B 183 -15.18 4.42 -35.80
N CYS B 184 -15.77 4.61 -34.61
CA CYS B 184 -15.29 3.96 -33.35
C CYS B 184 -15.63 2.48 -33.21
N ASP B 185 -14.91 1.62 -33.94
CA ASP B 185 -15.09 0.15 -33.87
C ASP B 185 -13.76 -0.54 -33.56
N THR B 186 -13.69 -1.87 -33.75
CA THR B 186 -12.44 -2.64 -33.49
C THR B 186 -11.31 -2.42 -34.49
N ASP B 187 -11.63 -1.78 -35.61
CA ASP B 187 -10.64 -1.51 -36.69
C ASP B 187 -9.87 -0.20 -36.46
N VAL B 188 -10.18 0.49 -35.37
CA VAL B 188 -9.51 1.75 -35.03
C VAL B 188 -8.58 1.53 -33.81
N ILE B 189 -8.46 0.28 -33.38
CA ILE B 189 -7.59 -0.10 -32.24
C ILE B 189 -6.14 -0.22 -32.70
N ASN B 190 -5.19 0.26 -31.88
CA ASN B 190 -3.75 0.13 -32.16
C ASN B 190 -3.35 -1.13 -31.35
N PRO B 191 -3.22 -2.30 -32.02
CA PRO B 191 -2.88 -3.58 -31.37
C PRO B 191 -1.77 -3.63 -30.32
N MET B 192 -0.54 -3.27 -30.71
CA MET B 192 0.62 -3.31 -29.79
C MET B 192 0.54 -2.40 -28.58
N VAL B 193 -0.11 -1.24 -28.73
CA VAL B 193 -0.25 -0.26 -27.63
C VAL B 193 -1.34 -0.69 -26.67
N VAL B 194 -2.46 -1.21 -27.18
CA VAL B 194 -3.57 -1.68 -26.33
C VAL B 194 -3.13 -2.94 -25.57
N GLU B 195 -2.28 -3.75 -26.20
CA GLU B 195 -1.72 -4.97 -25.58
C GLU B 195 -0.82 -4.58 -24.42
N LEU B 196 -0.17 -3.42 -24.56
CA LEU B 196 0.73 -2.88 -23.53
C LEU B 196 -0.01 -2.45 -22.26
N SER B 197 -1.20 -1.85 -22.42
CA SER B 197 -2.02 -1.39 -21.27
C SER B 197 -2.52 -2.54 -20.42
N LYS B 198 -2.87 -3.64 -21.08
CA LYS B 198 -3.33 -4.85 -20.40
C LYS B 198 -2.12 -5.45 -19.69
N MET B 199 -0.99 -5.54 -20.41
CA MET B 199 0.28 -6.10 -19.87
C MET B 199 0.79 -5.38 -18.63
N TYR B 200 0.52 -4.07 -18.54
CA TYR B 200 0.95 -3.27 -17.38
C TYR B 200 -0.05 -3.37 -16.22
N ALA B 201 -1.33 -3.48 -16.56
CA ALA B 201 -2.43 -3.60 -15.58
C ALA B 201 -2.33 -4.92 -14.83
N LEU B 202 -1.84 -5.94 -15.52
CA LEU B 202 -1.65 -7.28 -14.94
C LEU B 202 -0.20 -7.36 -14.46
N MET B 203 0.21 -6.33 -13.72
CA MET B 203 1.57 -6.22 -13.14
C MET B 203 1.63 -5.16 -12.05
N GLY B 204 0.46 -4.78 -11.54
CA GLY B 204 0.35 -3.82 -10.45
C GLY B 204 0.27 -2.36 -10.82
N TYR B 205 0.39 -2.04 -12.10
CA TYR B 205 0.31 -0.65 -12.56
C TYR B 205 -1.14 -0.21 -12.75
N GLN B 206 -1.40 1.04 -12.39
CA GLN B 206 -2.73 1.65 -12.53
C GLN B 206 -2.71 2.36 -13.88
N ILE B 207 -3.65 2.01 -14.76
CA ILE B 207 -3.70 2.63 -16.09
C ILE B 207 -4.56 3.88 -16.03
N VAL B 208 -3.93 5.02 -16.27
CA VAL B 208 -4.61 6.32 -16.27
C VAL B 208 -4.68 6.73 -17.74
N VAL B 209 -5.90 6.91 -18.24
CA VAL B 209 -6.13 7.30 -19.63
C VAL B 209 -6.42 8.80 -19.69
N VAL B 210 -5.74 9.50 -20.61
CA VAL B 210 -5.90 10.97 -20.81
C VAL B 210 -6.30 11.24 -22.27
N SER B 211 -7.01 12.34 -22.52
CA SER B 211 -7.41 12.72 -23.89
C SER B 211 -7.52 14.22 -24.09
N GLY B 212 -7.30 14.66 -25.32
CA GLY B 212 -7.38 16.08 -25.64
C GLY B 212 -8.72 16.49 -26.20
N ARG B 213 -9.55 15.50 -26.56
CA ARG B 213 -10.91 15.70 -27.13
C ARG B 213 -11.80 16.40 -26.10
N GLU B 214 -12.51 17.45 -26.53
CA GLU B 214 -13.43 18.22 -25.66
C GLU B 214 -14.47 17.25 -25.12
N SER B 215 -14.73 17.32 -23.82
CA SER B 215 -15.68 16.40 -23.16
C SER B 215 -17.11 16.37 -23.63
N GLY B 216 -17.65 17.52 -24.05
CA GLY B 216 -19.03 17.54 -24.52
C GLY B 216 -19.45 18.87 -25.12
N THR B 217 -20.78 19.08 -25.13
CA THR B 217 -21.40 20.32 -25.64
C THR B 217 -21.82 21.15 -24.42
N LYS B 218 -22.38 22.35 -24.65
CA LYS B 218 -22.84 23.24 -23.55
C LYS B 218 -24.05 22.61 -22.85
N GLU B 219 -24.95 22.03 -23.66
CA GLU B 219 -26.17 21.36 -23.17
C GLU B 219 -25.89 20.02 -22.46
N ASP B 220 -24.87 19.30 -22.91
CA ASP B 220 -24.45 18.00 -22.30
C ASP B 220 -22.91 18.03 -22.15
N PRO B 221 -22.40 18.49 -20.98
CA PRO B 221 -20.97 18.58 -20.70
C PRO B 221 -20.09 17.33 -20.80
N THR B 222 -20.68 16.14 -20.71
CA THR B 222 -19.90 14.88 -20.76
C THR B 222 -20.23 13.96 -21.94
N LYS B 223 -20.81 14.53 -22.99
CA LYS B 223 -21.22 13.80 -24.23
C LYS B 223 -20.13 12.94 -24.86
N TYR B 224 -19.02 13.55 -25.23
CA TYR B 224 -17.88 12.84 -25.88
C TYR B 224 -17.05 12.06 -24.87
N TYR B 225 -17.07 12.47 -23.60
CA TYR B 225 -16.34 11.78 -22.53
C TYR B 225 -16.87 10.34 -22.37
N ARG B 226 -18.20 10.18 -22.36
CA ARG B 226 -18.85 8.85 -22.23
C ARG B 226 -18.64 8.02 -23.50
N MET B 227 -18.66 8.68 -24.65
CA MET B 227 -18.48 8.01 -25.97
C MET B 227 -17.03 7.59 -26.18
N THR B 228 -16.12 8.18 -25.41
CA THR B 228 -14.69 7.85 -25.46
C THR B 228 -14.41 6.76 -24.44
N ARG B 229 -15.02 6.86 -23.26
CA ARG B 229 -14.83 5.85 -22.19
C ARG B 229 -15.45 4.50 -22.54
N LYS B 230 -16.56 4.51 -23.27
CA LYS B 230 -17.24 3.26 -23.69
C LYS B 230 -16.43 2.53 -24.76
N TRP B 231 -15.49 3.25 -25.36
CA TRP B 231 -14.60 2.66 -26.38
C TRP B 231 -13.37 2.08 -25.67
N VAL B 232 -12.74 2.89 -24.81
CA VAL B 232 -11.53 2.51 -24.06
C VAL B 232 -11.76 1.31 -23.13
N GLU B 233 -12.88 1.31 -22.43
CA GLU B 233 -13.22 0.24 -21.47
C GLU B 233 -13.82 -1.01 -22.11
N ASP B 234 -14.84 -0.83 -22.96
CA ASP B 234 -15.54 -1.97 -23.60
C ASP B 234 -14.99 -2.51 -24.92
N ILE B 235 -14.83 -1.65 -25.93
CA ILE B 235 -14.34 -2.07 -27.27
C ILE B 235 -12.83 -2.35 -27.34
N ALA B 236 -12.02 -1.55 -26.61
CA ALA B 236 -10.55 -1.73 -26.60
C ALA B 236 -10.11 -2.75 -25.55
N GLY B 237 -10.75 -2.71 -24.38
CA GLY B 237 -10.43 -3.64 -23.30
C GLY B 237 -9.33 -3.18 -22.36
N VAL B 238 -9.11 -1.86 -22.28
CA VAL B 238 -8.07 -1.26 -21.42
C VAL B 238 -8.58 -1.24 -19.96
N PRO B 239 -7.84 -1.84 -19.01
CA PRO B 239 -8.25 -1.86 -17.60
C PRO B 239 -7.91 -0.56 -16.89
N LEU B 240 -8.63 0.50 -17.22
CA LEU B 240 -8.40 1.82 -16.61
C LEU B 240 -8.97 1.99 -15.22
N VAL B 241 -8.34 2.85 -14.44
CA VAL B 241 -8.77 3.16 -13.08
C VAL B 241 -9.30 4.58 -13.05
N MET B 242 -8.91 5.37 -14.05
CA MET B 242 -9.31 6.78 -14.16
C MET B 242 -9.15 7.31 -15.58
N GLN B 243 -10.06 8.20 -15.97
CA GLN B 243 -10.01 8.86 -17.29
C GLN B 243 -10.40 10.32 -17.17
N CYS B 244 -9.42 11.21 -17.27
CA CYS B 244 -9.68 12.66 -17.22
C CYS B 244 -9.28 13.25 -18.56
N GLN B 245 -10.17 14.07 -19.13
CA GLN B 245 -9.92 14.71 -20.41
C GLN B 245 -10.28 16.19 -20.42
N ARG B 246 -9.98 16.86 -21.54
CA ARG B 246 -10.23 18.30 -21.70
C ARG B 246 -11.63 18.74 -21.24
N GLU B 247 -11.67 19.64 -20.27
CA GLU B 247 -12.93 20.17 -19.70
C GLU B 247 -13.73 20.85 -20.81
N GLN B 248 -15.05 20.73 -20.76
CA GLN B 248 -15.93 21.33 -21.79
C GLN B 248 -15.75 22.86 -21.90
N GLY B 249 -15.49 23.32 -23.12
CA GLY B 249 -15.30 24.75 -23.37
C GLY B 249 -13.88 25.29 -23.31
N ASP B 250 -12.93 24.44 -22.91
CA ASP B 250 -11.50 24.81 -22.80
C ASP B 250 -10.85 24.87 -24.18
N THR B 251 -10.57 26.08 -24.64
CA THR B 251 -9.97 26.33 -25.96
C THR B 251 -8.44 26.28 -26.02
N ARG B 252 -7.78 26.16 -24.85
CA ARG B 252 -6.29 26.12 -24.76
C ARG B 252 -5.61 24.97 -25.53
N LYS B 253 -4.29 25.06 -25.69
CA LYS B 253 -3.52 24.05 -26.46
C LYS B 253 -3.37 22.71 -25.73
N ASP B 254 -3.30 21.62 -26.52
CA ASP B 254 -3.15 20.20 -26.04
C ASP B 254 -1.97 20.09 -25.07
N ASP B 255 -0.95 20.90 -25.37
CA ASP B 255 0.30 21.07 -24.64
C ASP B 255 0.04 21.42 -23.15
N VAL B 256 -0.64 22.54 -22.92
CA VAL B 256 -0.97 23.04 -21.56
C VAL B 256 -2.12 22.37 -20.83
N VAL B 257 -3.09 21.86 -21.60
CA VAL B 257 -4.28 21.17 -21.01
C VAL B 257 -3.83 19.89 -20.32
N LYS B 258 -3.03 19.07 -21.00
CA LYS B 258 -2.53 17.83 -20.43
C LYS B 258 -1.55 17.99 -19.27
N GLU B 259 -0.86 19.13 -19.21
CA GLU B 259 0.08 19.40 -18.08
C GLU B 259 -0.76 19.76 -16.86
N GLU B 260 -1.85 20.50 -17.07
CA GLU B 260 -2.77 20.90 -15.98
C GLU B 260 -3.51 19.68 -15.44
N ILE B 261 -3.90 18.77 -16.34
CA ILE B 261 -4.60 17.51 -15.97
C ILE B 261 -3.64 16.64 -15.16
N PHE B 262 -2.35 16.74 -15.44
CA PHE B 262 -1.34 15.99 -14.71
C PHE B 262 -1.16 16.49 -13.28
N TRP B 263 -0.90 17.78 -13.12
CA TRP B 263 -0.68 18.37 -11.79
C TRP B 263 -1.87 18.41 -10.85
N LYS B 264 -3.08 18.54 -11.40
CA LYS B 264 -4.31 18.60 -10.58
C LYS B 264 -4.96 17.26 -10.23
N HIS B 265 -5.12 16.39 -11.23
CA HIS B 265 -5.78 15.09 -11.02
C HIS B 265 -4.90 13.85 -10.93
N ILE B 266 -3.81 13.81 -11.70
CA ILE B 266 -2.95 12.60 -11.72
C ILE B 266 -1.81 12.58 -10.71
N ALA B 267 -0.93 13.59 -10.74
CA ALA B 267 0.25 13.66 -9.85
C ALA B 267 0.03 13.51 -8.33
N PRO B 268 -1.02 14.14 -7.73
CA PRO B 268 -1.18 13.95 -6.28
C PRO B 268 -1.78 12.60 -5.85
N HIS B 269 -2.38 11.86 -6.79
CA HIS B 269 -3.00 10.55 -6.49
C HIS B 269 -2.20 9.32 -6.94
N PHE B 270 -1.31 9.47 -7.93
CA PHE B 270 -0.48 8.34 -8.45
C PHE B 270 1.01 8.65 -8.56
N ASP B 271 1.82 7.60 -8.58
CA ASP B 271 3.29 7.71 -8.73
C ASP B 271 3.56 7.33 -10.20
N VAL B 272 3.47 8.33 -11.08
CA VAL B 272 3.68 8.13 -12.53
C VAL B 272 5.12 7.80 -12.92
N LYS B 273 5.29 6.60 -13.46
CA LYS B 273 6.59 6.09 -13.89
C LYS B 273 6.79 6.23 -15.39
N LEU B 274 5.69 6.31 -16.14
CA LEU B 274 5.74 6.39 -17.61
C LEU B 274 4.50 7.01 -18.26
N ALA B 275 4.68 7.53 -19.47
CA ALA B 275 3.60 8.12 -20.26
C ALA B 275 3.75 7.64 -21.70
N ILE B 276 2.69 7.06 -22.25
CA ILE B 276 2.68 6.55 -23.63
C ILE B 276 1.86 7.54 -24.43
N ASP B 277 2.52 8.30 -25.32
CA ASP B 277 1.84 9.31 -26.13
C ASP B 277 2.24 9.27 -27.59
N ASP B 278 1.60 10.10 -28.41
CA ASP B 278 1.83 10.17 -29.85
C ASP B 278 2.26 11.54 -30.35
N ARG B 279 1.44 12.56 -30.10
CA ARG B 279 1.71 13.93 -30.56
C ARG B 279 3.02 14.52 -30.00
N THR B 280 3.92 14.91 -30.91
CA THR B 280 5.25 15.48 -30.58
C THR B 280 5.25 16.54 -29.49
N GLN B 281 4.39 17.55 -29.58
CA GLN B 281 4.34 18.63 -28.57
C GLN B 281 4.00 18.12 -27.17
N VAL B 282 3.18 17.07 -27.09
CA VAL B 282 2.76 16.48 -25.80
C VAL B 282 3.89 15.60 -25.28
N VAL B 283 4.56 14.89 -26.19
CA VAL B 283 5.70 14.00 -25.84
C VAL B 283 6.83 14.86 -25.26
N GLU B 284 7.05 16.03 -25.87
CA GLU B 284 8.08 16.98 -25.44
C GLU B 284 7.77 17.53 -24.07
N MET B 285 6.48 17.69 -23.80
CA MET B 285 5.98 18.22 -22.51
C MET B 285 6.21 17.25 -21.36
N TRP B 286 5.85 15.98 -21.52
CA TRP B 286 6.04 15.00 -20.43
C TRP B 286 7.53 14.86 -20.09
N ARG B 287 8.35 14.79 -21.13
CA ARG B 287 9.80 14.63 -20.99
C ARG B 287 10.52 15.76 -20.26
N ARG B 288 10.11 17.00 -20.50
CA ARG B 288 10.76 18.15 -19.84
C ARG B 288 10.32 18.36 -18.40
N ILE B 289 9.14 17.83 -18.05
CA ILE B 289 8.64 17.98 -16.68
C ILE B 289 9.01 16.78 -15.81
N GLY B 290 9.82 15.87 -16.33
CA GLY B 290 10.26 14.71 -15.56
C GLY B 290 9.66 13.34 -15.82
N VAL B 291 8.52 13.29 -16.50
CA VAL B 291 7.86 12.00 -16.82
C VAL B 291 8.49 11.41 -18.07
N GLU B 292 8.77 10.12 -18.06
CA GLU B 292 9.37 9.42 -19.20
C GLU B 292 8.34 9.08 -20.31
N CYS B 293 8.68 9.40 -21.56
CA CYS B 293 7.83 9.06 -22.74
C CYS B 293 8.33 8.15 -23.79
N TRP B 294 7.37 7.38 -24.28
CA TRP B 294 7.58 6.45 -25.35
C TRP B 294 6.63 6.96 -26.41
N GLN B 295 7.19 7.53 -27.48
CA GLN B 295 6.39 8.06 -28.58
C GLN B 295 6.13 6.90 -29.54
N VAL B 296 4.87 6.50 -29.62
CA VAL B 296 4.43 5.36 -30.45
C VAL B 296 4.35 5.51 -31.96
N ALA B 297 4.31 6.74 -32.45
CA ALA B 297 4.21 6.98 -33.90
C ALA B 297 4.72 8.39 -34.23
N SER B 298 4.77 8.72 -35.51
CA SER B 298 5.19 10.05 -35.98
C SER B 298 3.99 10.96 -35.66
N GLY B 299 4.16 11.84 -34.68
CA GLY B 299 3.09 12.72 -34.28
C GLY B 299 3.34 14.19 -34.47
N ASP B 300 3.68 14.59 -35.69
CA ASP B 300 3.97 16.00 -35.98
C ASP B 300 2.76 16.79 -36.49
N PHE B 301 1.92 17.21 -35.54
CA PHE B 301 0.68 17.98 -35.80
N MET C 1 16.14 13.76 -81.80
CA MET C 1 14.88 14.36 -81.23
C MET C 1 15.12 15.13 -79.94
N LYS C 2 14.10 15.90 -79.53
CA LYS C 2 14.16 16.73 -78.32
C LYS C 2 13.81 16.02 -77.02
N LYS C 3 14.50 16.39 -75.95
CA LYS C 3 14.32 15.78 -74.62
C LYS C 3 13.41 16.54 -73.66
N ILE C 4 12.88 15.80 -72.68
CA ILE C 4 12.02 16.33 -71.61
C ILE C 4 12.64 15.68 -70.36
N ILE C 5 13.52 16.41 -69.69
CA ILE C 5 14.19 15.88 -68.48
C ILE C 5 13.37 16.16 -67.21
N LEU C 6 13.01 15.10 -66.50
CA LEU C 6 12.26 15.22 -65.24
C LEU C 6 13.22 14.96 -64.08
N THR C 7 13.30 15.90 -63.15
CA THR C 7 14.16 15.75 -61.97
C THR C 7 13.34 15.04 -60.91
N ILE C 8 13.87 13.96 -60.35
CA ILE C 8 13.17 13.21 -59.30
C ILE C 8 13.98 13.37 -58.00
N GLY C 9 13.35 13.96 -57.00
CA GLY C 9 13.99 14.16 -55.71
C GLY C 9 13.21 15.03 -54.74
N CYS C 10 13.37 14.74 -53.45
CA CYS C 10 12.72 15.47 -52.35
C CYS C 10 13.21 16.92 -52.27
N PRO C 11 12.43 17.84 -51.66
CA PRO C 11 12.92 19.23 -51.57
C PRO C 11 14.20 19.33 -50.75
N GLY C 12 15.25 19.84 -51.38
CA GLY C 12 16.55 19.98 -50.74
C GLY C 12 17.56 18.97 -51.28
N SER C 13 17.15 18.20 -52.28
CA SER C 13 18.06 17.18 -52.89
C SER C 13 19.05 17.71 -53.95
N GLY C 14 18.95 19.00 -54.29
CA GLY C 14 19.83 19.62 -55.27
C GLY C 14 19.34 19.79 -56.70
N LYS C 15 18.02 19.69 -56.90
CA LYS C 15 17.39 19.80 -58.23
C LYS C 15 17.59 21.15 -58.92
N SER C 16 17.30 22.23 -58.20
CA SER C 16 17.43 23.59 -58.76
C SER C 16 18.85 23.99 -59.04
N THR C 17 19.76 23.60 -58.16
CA THR C 17 21.20 23.91 -58.29
C THR C 17 21.77 23.24 -59.54
N TRP C 18 21.31 22.03 -59.83
CA TRP C 18 21.76 21.28 -61.03
C TRP C 18 21.17 21.92 -62.29
N ALA C 19 19.85 22.13 -62.30
CA ALA C 19 19.11 22.72 -63.45
C ALA C 19 19.71 24.03 -63.94
N ARG C 20 20.14 24.86 -62.99
CA ARG C 20 20.77 26.17 -63.28
C ARG C 20 22.14 25.94 -63.95
N GLU C 21 22.95 25.05 -63.37
CA GLU C 21 24.28 24.72 -63.89
C GLU C 21 24.28 23.95 -65.20
N PHE C 22 23.18 23.24 -65.49
CA PHE C 22 23.04 22.46 -66.73
C PHE C 22 22.70 23.38 -67.89
N ILE C 23 21.78 24.32 -67.66
CA ILE C 23 21.35 25.30 -68.70
C ILE C 23 22.48 26.26 -69.06
N ALA C 24 23.37 26.51 -68.12
CA ALA C 24 24.54 27.40 -68.33
C ALA C 24 25.60 26.71 -69.18
N LYS C 25 25.81 25.41 -68.94
CA LYS C 25 26.80 24.57 -69.67
C LYS C 25 26.29 23.94 -70.96
N ASN C 26 24.98 23.79 -71.07
CA ASN C 26 24.35 23.22 -72.28
C ASN C 26 23.30 24.18 -72.86
N PRO C 27 23.65 25.01 -73.87
CA PRO C 27 22.70 25.94 -74.47
C PRO C 27 21.58 25.23 -75.21
N GLY C 28 20.39 25.85 -75.24
CA GLY C 28 19.25 25.27 -75.92
C GLY C 28 18.27 24.61 -74.97
N PHE C 29 18.64 24.52 -73.68
CA PHE C 29 17.77 23.92 -72.64
C PHE C 29 17.06 24.98 -71.85
N TYR C 30 15.78 24.73 -71.56
CA TYR C 30 14.93 25.68 -70.81
C TYR C 30 14.31 25.03 -69.60
N ASN C 31 14.05 25.82 -68.55
CA ASN C 31 13.46 25.33 -67.29
C ASN C 31 11.96 25.66 -67.14
N ILE C 32 11.22 24.70 -66.60
CA ILE C 32 9.79 24.82 -66.32
C ILE C 32 9.65 24.30 -64.88
N ASN C 33 9.26 25.19 -63.98
CA ASN C 33 9.15 24.84 -62.56
C ASN C 33 7.79 25.21 -61.98
N ARG C 34 7.28 24.35 -61.12
CA ARG C 34 5.97 24.55 -60.46
C ARG C 34 5.97 25.63 -59.42
N ASP C 35 6.95 25.59 -58.51
CA ASP C 35 7.09 26.56 -57.40
C ASP C 35 7.23 27.99 -57.91
N ASP C 36 7.89 28.14 -59.06
CA ASP C 36 8.10 29.46 -59.70
C ASP C 36 6.80 30.05 -60.21
N TYR C 37 5.93 29.18 -60.76
CA TYR C 37 4.61 29.60 -61.29
C TYR C 37 3.60 29.86 -60.17
N ARG C 38 3.67 29.04 -59.13
CA ARG C 38 2.79 29.16 -57.94
C ARG C 38 3.02 30.52 -57.28
N GLN C 39 4.29 30.89 -57.17
CA GLN C 39 4.70 32.14 -56.55
C GLN C 39 4.39 33.32 -57.45
N SER C 40 4.47 33.11 -58.76
CA SER C 40 4.22 34.15 -59.76
C SER C 40 2.75 34.55 -59.94
N ILE C 41 1.85 33.57 -59.98
CA ILE C 41 0.40 33.87 -60.16
C ILE C 41 -0.24 34.55 -58.95
N MET C 42 0.41 34.45 -57.80
CA MET C 42 -0.09 35.07 -56.57
C MET C 42 0.72 36.30 -56.18
N ALA C 43 1.79 36.56 -56.93
CA ALA C 43 2.73 37.69 -56.73
C ALA C 43 3.43 37.71 -55.35
N HIS C 44 3.55 36.53 -54.73
CA HIS C 44 4.20 36.37 -53.39
C HIS C 44 5.70 36.66 -53.41
N GLU C 45 6.26 36.99 -52.25
CA GLU C 45 7.71 37.26 -52.13
C GLU C 45 8.40 36.02 -51.55
N GLU C 46 7.62 35.21 -50.84
CA GLU C 46 8.09 33.96 -50.19
C GLU C 46 7.23 32.75 -50.57
N ARG C 47 7.88 31.57 -50.60
CA ARG C 47 7.23 30.27 -50.96
C ARG C 47 6.24 29.77 -49.90
N ASP C 48 6.54 30.02 -48.63
CA ASP C 48 5.71 29.59 -47.47
C ASP C 48 4.37 30.33 -47.34
N GLU C 49 4.17 31.33 -48.20
CA GLU C 49 2.94 32.15 -48.20
C GLU C 49 1.83 31.50 -49.04
N TYR C 50 2.21 30.66 -50.01
CA TYR C 50 1.27 29.96 -50.92
C TYR C 50 0.32 28.96 -50.28
N LYS C 51 -0.96 29.08 -50.63
CA LYS C 51 -2.02 28.18 -50.12
C LYS C 51 -2.51 27.32 -51.28
N TYR C 52 -2.59 26.01 -51.08
CA TYR C 52 -3.00 25.05 -52.13
C TYR C 52 -4.49 24.95 -52.48
N THR C 53 -4.85 25.44 -53.67
CA THR C 53 -6.25 25.39 -54.18
C THR C 53 -6.25 24.56 -55.45
N LYS C 54 -7.36 23.89 -55.73
CA LYS C 54 -7.47 23.04 -56.93
C LYS C 54 -7.74 23.79 -58.23
N LYS C 55 -8.14 25.06 -58.13
CA LYS C 55 -8.35 25.91 -59.32
C LYS C 55 -6.96 26.44 -59.68
N LYS C 56 -6.16 26.73 -58.64
CA LYS C 56 -4.77 27.23 -58.76
C LYS C 56 -3.81 26.18 -59.25
N GLU C 57 -3.81 24.99 -58.63
CA GLU C 57 -2.92 23.90 -59.06
C GLU C 57 -3.24 23.45 -60.48
N GLY C 58 -4.48 23.70 -60.91
CA GLY C 58 -4.93 23.37 -62.26
C GLY C 58 -4.36 24.34 -63.27
N ILE C 59 -4.28 25.61 -62.88
CA ILE C 59 -3.73 26.70 -63.73
C ILE C 59 -2.22 26.49 -63.88
N VAL C 60 -1.55 26.08 -62.80
CA VAL C 60 -0.10 25.83 -62.78
C VAL C 60 0.26 24.65 -63.67
N THR C 61 -0.59 23.61 -63.69
CA THR C 61 -0.36 22.41 -64.55
C THR C 61 -0.51 22.86 -65.99
N GLY C 62 -1.47 23.75 -66.22
CA GLY C 62 -1.75 24.28 -67.55
C GLY C 62 -0.56 25.07 -68.08
N MET C 63 0.02 25.89 -67.21
CA MET C 63 1.19 26.72 -67.56
C MET C 63 2.40 25.85 -67.88
N GLN C 64 2.54 24.72 -67.17
CA GLN C 64 3.65 23.78 -67.39
C GLN C 64 3.66 23.15 -68.76
N PHE C 65 2.53 22.55 -69.13
CA PHE C 65 2.38 21.87 -70.43
C PHE C 65 2.30 22.80 -71.63
N ASP C 66 1.66 23.96 -71.47
CA ASP C 66 1.53 24.93 -72.57
C ASP C 66 2.89 25.54 -72.91
N THR C 67 3.71 25.75 -71.89
CA THR C 67 5.06 26.33 -72.07
C THR C 67 5.99 25.28 -72.66
N ALA C 68 5.77 24.02 -72.29
CA ALA C 68 6.58 22.90 -72.80
C ALA C 68 6.32 22.69 -74.28
N LYS C 69 5.06 22.78 -74.69
CA LYS C 69 4.67 22.60 -76.10
C LYS C 69 5.25 23.75 -76.93
N SER C 70 5.11 24.98 -76.44
CA SER C 70 5.61 26.20 -77.11
C SER C 70 7.12 26.22 -77.32
N ILE C 71 7.89 25.86 -76.29
CA ILE C 71 9.36 25.86 -76.36
C ILE C 71 9.87 24.77 -77.29
N LEU C 72 9.34 23.56 -77.15
CA LEU C 72 9.77 22.42 -77.95
C LEU C 72 9.31 22.41 -79.42
N TYR C 73 8.34 23.27 -79.74
CA TYR C 73 7.82 23.38 -81.11
C TYR C 73 8.62 24.42 -81.90
N GLY C 74 9.75 24.84 -81.35
CA GLY C 74 10.63 25.81 -81.98
C GLY C 74 11.55 25.17 -83.00
N GLY C 75 12.65 25.85 -83.33
CA GLY C 75 13.60 25.34 -84.31
C GLY C 75 14.52 24.23 -83.80
N ASP C 76 15.57 23.94 -84.57
CA ASP C 76 16.58 22.91 -84.22
C ASP C 76 17.55 23.41 -83.14
N SER C 77 17.35 24.66 -82.72
CA SER C 77 18.14 25.35 -81.67
C SER C 77 17.70 24.89 -80.28
N VAL C 78 16.42 24.51 -80.17
CA VAL C 78 15.84 24.02 -78.92
C VAL C 78 16.22 22.54 -78.82
N LYS C 79 16.98 22.20 -77.78
CA LYS C 79 17.42 20.82 -77.57
C LYS C 79 16.54 20.07 -76.58
N GLY C 80 15.83 20.81 -75.72
CA GLY C 80 14.97 20.18 -74.74
C GLY C 80 14.63 21.04 -73.54
N VAL C 81 13.74 20.52 -72.69
CA VAL C 81 13.31 21.24 -71.47
C VAL C 81 13.51 20.44 -70.19
N ILE C 82 13.72 21.14 -69.07
CA ILE C 82 13.90 20.50 -67.74
C ILE C 82 12.72 20.85 -66.86
N ILE C 83 12.10 19.84 -66.26
CA ILE C 83 10.96 20.06 -65.34
C ILE C 83 11.55 19.85 -63.95
N SER C 84 12.01 20.95 -63.37
CA SER C 84 12.64 20.95 -62.04
C SER C 84 11.71 20.84 -60.83
N ASP C 85 10.71 19.98 -60.94
CA ASP C 85 9.77 19.73 -59.84
C ASP C 85 10.25 18.51 -59.06
N THR C 86 9.51 18.11 -58.02
CA THR C 86 9.89 16.93 -57.24
C THR C 86 9.57 15.66 -58.02
N ASN C 87 8.50 15.72 -58.81
CA ASN C 87 8.00 14.61 -59.67
C ASN C 87 7.91 13.28 -58.92
N LEU C 88 7.46 13.37 -57.66
CA LEU C 88 7.32 12.20 -56.81
C LEU C 88 5.98 11.48 -56.89
N ASN C 89 5.00 12.14 -57.52
CA ASN C 89 3.66 11.57 -57.74
C ASN C 89 3.70 10.80 -59.07
N PRO C 90 3.35 9.49 -59.06
CA PRO C 90 3.36 8.65 -60.26
C PRO C 90 2.44 9.12 -61.40
N GLU C 91 1.33 9.78 -61.03
CA GLU C 91 0.35 10.30 -62.00
C GLU C 91 0.91 11.47 -62.81
N ARG C 92 1.76 12.28 -62.18
CA ARG C 92 2.42 13.43 -62.85
C ARG C 92 3.53 12.97 -63.77
N ARG C 93 4.25 11.92 -63.37
CA ARG C 93 5.34 11.36 -64.20
C ARG C 93 4.78 10.71 -65.46
N LEU C 94 3.62 10.07 -65.31
CA LEU C 94 2.91 9.39 -66.41
C LEU C 94 2.36 10.42 -67.39
N ALA C 95 1.86 11.54 -66.87
CA ALA C 95 1.30 12.65 -67.69
C ALA C 95 2.35 13.24 -68.64
N TRP C 96 3.62 13.21 -68.22
CA TRP C 96 4.74 13.72 -69.03
C TRP C 96 5.21 12.72 -70.06
N GLU C 97 4.92 11.43 -69.81
CA GLU C 97 5.29 10.36 -70.76
C GLU C 97 4.22 10.22 -71.83
N THR C 98 2.98 10.56 -71.45
CA THR C 98 1.79 10.54 -72.35
C THR C 98 1.95 11.72 -73.32
N PHE C 99 2.42 12.84 -72.77
CA PHE C 99 2.67 14.10 -73.51
C PHE C 99 3.81 13.93 -74.51
N ALA C 100 4.87 13.24 -74.09
CA ALA C 100 6.04 13.00 -74.94
C ALA C 100 5.77 11.97 -76.03
N LYS C 101 4.90 11.01 -75.74
CA LYS C 101 4.51 9.95 -76.70
C LYS C 101 3.58 10.57 -77.75
N GLU C 102 2.77 11.54 -77.31
CA GLU C 102 1.80 12.25 -78.17
C GLU C 102 2.49 13.18 -79.19
N TYR C 103 3.73 13.62 -78.92
CA TYR C 103 4.44 14.54 -79.85
C TYR C 103 5.81 14.09 -80.35
N GLY C 104 6.24 12.88 -79.95
CA GLY C 104 7.52 12.32 -80.39
C GLY C 104 8.77 12.89 -79.74
N TRP C 105 8.76 12.91 -78.41
CA TRP C 105 9.87 13.46 -77.60
C TRP C 105 10.39 12.46 -76.57
N LYS C 106 11.70 12.46 -76.36
CA LYS C 106 12.38 11.52 -75.43
C LYS C 106 12.36 11.96 -73.94
N VAL C 107 11.71 11.19 -73.06
CA VAL C 107 11.70 11.52 -71.61
C VAL C 107 12.90 10.87 -70.94
N GLU C 108 13.64 11.70 -70.23
CA GLU C 108 14.84 11.30 -69.51
C GLU C 108 14.57 11.58 -68.02
N HIS C 109 15.17 10.81 -67.13
CA HIS C 109 14.98 10.99 -65.68
C HIS C 109 16.30 11.28 -64.97
N LYS C 110 16.33 12.35 -64.20
CA LYS C 110 17.53 12.73 -63.43
C LYS C 110 17.20 12.55 -61.94
N VAL C 111 17.66 11.44 -61.39
CA VAL C 111 17.42 11.06 -59.98
C VAL C 111 18.41 11.70 -59.00
N PHE C 112 17.88 12.22 -57.90
CA PHE C 112 18.68 12.87 -56.83
C PHE C 112 18.45 12.14 -55.52
N ASP C 113 19.16 11.02 -55.34
CA ASP C 113 19.04 10.21 -54.11
C ASP C 113 19.97 10.72 -53.02
N VAL C 114 19.41 11.51 -52.12
CA VAL C 114 20.13 12.09 -50.98
C VAL C 114 19.59 11.42 -49.70
N PRO C 115 20.47 10.97 -48.76
CA PRO C 115 20.05 10.32 -47.51
C PRO C 115 19.11 11.17 -46.63
N TRP C 116 18.25 10.49 -45.86
CA TRP C 116 17.28 11.16 -44.96
C TRP C 116 17.89 12.19 -44.01
N THR C 117 18.91 11.79 -43.26
CA THR C 117 19.59 12.66 -42.27
C THR C 117 20.08 13.97 -42.87
N GLU C 118 20.56 13.88 -44.11
CA GLU C 118 21.07 15.04 -44.85
C GLU C 118 19.93 15.92 -45.34
N LEU C 119 18.80 15.31 -45.71
CA LEU C 119 17.62 16.05 -46.19
C LEU C 119 16.99 16.88 -45.08
N VAL C 120 16.96 16.33 -43.87
CA VAL C 120 16.40 17.02 -42.67
C VAL C 120 17.32 18.18 -42.27
N LYS C 121 18.64 17.94 -42.32
CA LYS C 121 19.67 18.93 -41.98
C LYS C 121 19.56 20.12 -42.92
N ARG C 122 19.31 19.85 -44.20
CA ARG C 122 19.17 20.92 -45.19
C ARG C 122 17.84 21.63 -45.07
N ASN C 123 16.79 20.91 -44.68
CA ASN C 123 15.45 21.50 -44.55
C ASN C 123 15.29 22.43 -43.35
N SER C 124 16.08 22.20 -42.32
CA SER C 124 16.04 23.03 -41.10
C SER C 124 16.69 24.40 -41.35
N LYS C 125 17.62 24.44 -42.30
CA LYS C 125 18.36 25.67 -42.68
C LYS C 125 17.80 26.31 -43.95
N ARG C 126 16.74 25.72 -44.53
CA ARG C 126 16.13 26.21 -45.80
C ARG C 126 15.35 27.52 -45.70
N GLY C 127 15.01 27.94 -44.49
CA GLY C 127 14.29 29.18 -44.28
C GLY C 127 12.85 29.21 -44.72
N THR C 128 12.55 30.14 -45.62
CA THR C 128 11.20 30.32 -46.14
C THR C 128 10.82 29.24 -47.18
N LYS C 129 11.82 28.57 -47.73
CA LYS C 129 11.63 27.48 -48.73
C LYS C 129 11.57 26.12 -48.01
N ALA C 130 11.44 26.17 -46.69
CA ALA C 130 11.36 24.95 -45.85
C ALA C 130 9.98 24.35 -45.87
N VAL C 131 9.94 23.03 -45.91
CA VAL C 131 8.69 22.27 -45.96
C VAL C 131 8.43 21.64 -44.59
N PRO C 132 7.15 21.44 -44.19
CA PRO C 132 6.89 20.82 -42.87
C PRO C 132 7.48 19.40 -42.84
N ILE C 133 8.04 18.99 -41.70
CA ILE C 133 8.69 17.67 -41.56
C ILE C 133 7.80 16.48 -41.95
N ASP C 134 6.49 16.61 -41.80
CA ASP C 134 5.55 15.54 -42.19
C ASP C 134 5.42 15.41 -43.71
N VAL C 135 5.63 16.51 -44.45
CA VAL C 135 5.54 16.44 -45.92
C VAL C 135 6.87 15.98 -46.48
N LEU C 136 7.96 16.21 -45.74
CA LEU C 136 9.31 15.78 -46.17
C LEU C 136 9.38 14.27 -46.01
N ARG C 137 8.67 13.77 -44.99
CA ARG C 137 8.59 12.34 -44.67
C ARG C 137 7.78 11.64 -45.73
N SER C 138 6.65 12.26 -46.08
CA SER C 138 5.69 11.75 -47.08
C SER C 138 6.37 11.69 -48.45
N MET C 139 7.31 12.60 -48.67
CA MET C 139 8.05 12.66 -49.94
C MET C 139 9.19 11.68 -50.01
N TYR C 140 9.83 11.38 -48.87
CA TYR C 140 10.94 10.41 -48.86
C TYR C 140 10.36 9.00 -49.03
N LYS C 141 9.08 8.85 -48.68
CA LYS C 141 8.35 7.59 -48.81
C LYS C 141 8.10 7.36 -50.31
N SER C 142 7.78 8.44 -51.02
CA SER C 142 7.51 8.40 -52.48
C SER C 142 8.80 8.20 -53.26
N MET C 143 9.92 8.61 -52.65
CA MET C 143 11.25 8.46 -53.24
C MET C 143 11.68 7.00 -53.14
N ARG C 144 11.33 6.36 -52.03
CA ARG C 144 11.66 4.95 -51.81
C ARG C 144 10.84 4.06 -52.73
N GLU C 145 9.60 4.47 -53.02
CA GLU C 145 8.68 3.75 -53.92
C GLU C 145 9.24 3.79 -55.34
N TYR C 146 9.75 4.97 -55.74
CA TYR C 146 10.34 5.18 -57.07
C TYR C 146 11.63 4.36 -57.19
N LEU C 147 12.50 4.46 -56.18
CA LEU C 147 13.78 3.74 -56.15
C LEU C 147 13.59 2.22 -56.05
N GLY C 148 12.39 1.79 -55.68
CA GLY C 148 12.08 0.37 -55.55
C GLY C 148 12.56 -0.27 -54.25
N LEU C 149 12.93 0.57 -53.27
CA LEU C 149 13.42 0.13 -51.94
C LEU C 149 12.32 -0.62 -51.15
N PRO C 150 12.69 -1.71 -50.43
CA PRO C 150 11.75 -2.52 -49.65
C PRO C 150 11.01 -1.95 -48.43
N VAL C 151 9.78 -2.45 -48.25
CA VAL C 151 8.88 -2.09 -47.13
C VAL C 151 8.44 -3.42 -46.49
N TYR C 152 8.64 -3.56 -45.18
CA TYR C 152 8.28 -4.76 -44.42
C TYR C 152 6.77 -4.86 -44.21
N ASN C 153 6.25 -6.09 -44.32
CA ASN C 153 4.82 -6.35 -44.16
C ASN C 153 4.59 -7.59 -43.30
N GLY C 154 5.66 -8.05 -42.65
CA GLY C 154 5.59 -9.22 -41.81
C GLY C 154 6.38 -10.39 -42.38
N THR C 155 6.53 -11.43 -41.58
CA THR C 155 7.24 -12.67 -41.96
C THR C 155 6.43 -13.80 -41.31
N PRO C 156 5.34 -14.27 -41.97
CA PRO C 156 4.51 -15.35 -41.41
C PRO C 156 5.21 -16.70 -41.23
N GLY C 157 4.80 -17.44 -40.21
CA GLY C 157 5.37 -18.75 -39.92
C GLY C 157 6.51 -18.68 -38.95
N LYS C 158 7.33 -17.67 -39.15
CA LYS C 158 8.45 -17.44 -38.27
C LYS C 158 7.93 -16.88 -36.93
N PRO C 159 8.66 -17.12 -35.80
CA PRO C 159 8.23 -16.62 -34.48
C PRO C 159 8.12 -15.11 -34.34
N LYS C 160 7.12 -14.64 -33.59
CA LYS C 160 6.92 -13.20 -33.36
C LYS C 160 8.02 -12.62 -32.50
N ALA C 161 8.54 -11.45 -32.88
CA ALA C 161 9.65 -10.81 -32.14
C ALA C 161 9.56 -9.29 -31.97
N VAL C 162 10.35 -8.79 -31.02
CA VAL C 162 10.46 -7.35 -30.71
C VAL C 162 11.96 -7.02 -30.71
N ILE C 163 12.35 -5.98 -31.45
CA ILE C 163 13.75 -5.56 -31.55
C ILE C 163 14.07 -4.49 -30.50
N PHE C 164 15.20 -4.68 -29.82
CA PHE C 164 15.65 -3.73 -28.79
C PHE C 164 17.02 -3.20 -29.18
N ASP C 165 17.34 -2.00 -28.70
CA ASP C 165 18.61 -1.32 -28.99
C ASP C 165 19.35 -1.19 -27.66
N VAL C 166 20.68 -1.29 -27.67
CA VAL C 166 21.48 -1.18 -26.41
C VAL C 166 21.66 0.24 -25.89
N ASP C 167 22.50 1.02 -26.56
CA ASP C 167 22.83 2.41 -26.19
C ASP C 167 21.68 3.41 -26.34
N GLY C 168 21.27 3.98 -25.21
CA GLY C 168 20.19 4.94 -25.16
C GLY C 168 18.84 4.34 -24.79
N THR C 169 18.63 3.10 -25.20
CA THR C 169 17.38 2.37 -24.95
C THR C 169 17.43 1.51 -23.69
N LEU C 170 18.20 0.41 -23.69
CA LEU C 170 18.33 -0.50 -22.49
C LEU C 170 19.32 0.09 -21.47
N ALA C 171 20.25 0.89 -21.97
CA ALA C 171 21.28 1.55 -21.14
C ALA C 171 21.14 3.07 -21.15
N LYS C 172 21.28 3.70 -19.98
CA LYS C 172 21.20 5.19 -19.86
C LYS C 172 22.43 5.80 -20.54
N MET C 173 22.29 7.03 -21.06
CA MET C 173 23.39 7.71 -21.76
C MET C 173 24.02 8.89 -21.01
N ASN C 174 25.14 9.37 -21.54
CA ASN C 174 25.90 10.50 -20.97
C ASN C 174 25.66 11.81 -21.74
N GLY C 175 25.27 11.70 -23.00
CA GLY C 175 25.02 12.87 -23.82
C GLY C 175 24.72 12.51 -25.26
N PRO C 178 27.17 8.42 -25.94
CA PRO C 178 27.75 7.10 -25.65
C PRO C 178 28.28 6.96 -24.21
N TYR C 179 28.81 5.77 -23.90
CA TYR C 179 29.37 5.45 -22.57
C TYR C 179 30.72 4.74 -22.68
N ASP C 180 31.49 4.75 -21.59
CA ASP C 180 32.80 4.07 -21.53
C ASP C 180 32.52 2.62 -21.15
N LEU C 181 33.26 1.68 -21.75
CA LEU C 181 33.09 0.22 -21.49
C LEU C 181 33.40 -0.22 -20.04
N GLU C 182 34.14 0.61 -19.30
CA GLU C 182 34.50 0.33 -17.89
C GLU C 182 33.42 0.74 -16.89
N LYS C 183 32.62 1.73 -17.25
CA LYS C 183 31.52 2.24 -16.39
C LYS C 183 30.17 1.56 -16.69
N CYS C 184 30.18 0.23 -16.77
CA CYS C 184 28.96 -0.56 -17.05
C CYS C 184 28.43 -1.30 -15.82
N ASP C 185 27.83 -0.52 -14.91
CA ASP C 185 27.25 -1.00 -13.64
C ASP C 185 25.82 -1.51 -13.83
N THR C 186 25.05 -1.53 -12.72
CA THR C 186 23.63 -1.94 -12.72
C THR C 186 22.87 -0.62 -12.59
N ASP C 187 23.62 0.46 -12.33
CA ASP C 187 23.09 1.84 -12.17
C ASP C 187 22.99 2.52 -13.54
N VAL C 188 23.44 1.82 -14.58
CA VAL C 188 23.39 2.32 -15.95
C VAL C 188 22.23 1.68 -16.73
N ILE C 189 21.40 0.86 -16.06
CA ILE C 189 20.23 0.22 -16.72
C ILE C 189 19.04 1.19 -16.76
N ASN C 190 18.28 1.14 -17.85
CA ASN C 190 17.08 1.98 -18.00
C ASN C 190 15.98 1.04 -17.47
N PRO C 191 15.52 1.25 -16.20
CA PRO C 191 14.49 0.43 -15.56
C PRO C 191 13.24 0.02 -16.34
N MET C 192 12.45 1.00 -16.78
CA MET C 192 11.20 0.74 -17.53
C MET C 192 11.35 0.01 -18.86
N VAL C 193 12.46 0.26 -19.56
CA VAL C 193 12.71 -0.39 -20.86
C VAL C 193 13.20 -1.84 -20.67
N VAL C 194 14.07 -2.08 -19.69
CA VAL C 194 14.59 -3.43 -19.39
C VAL C 194 13.44 -4.29 -18.85
N GLU C 195 12.52 -3.67 -18.10
CA GLU C 195 11.34 -4.36 -17.53
C GLU C 195 10.42 -4.80 -18.68
N LEU C 196 10.42 -4.01 -19.76
CA LEU C 196 9.61 -4.29 -20.94
C LEU C 196 10.11 -5.51 -21.70
N SER C 197 11.44 -5.69 -21.77
CA SER C 197 12.03 -6.85 -22.48
C SER C 197 11.68 -8.16 -21.80
N LYS C 198 11.52 -8.10 -20.49
CA LYS C 198 11.14 -9.25 -19.65
C LYS C 198 9.65 -9.52 -19.79
N MET C 199 8.87 -8.44 -19.89
CA MET C 199 7.39 -8.51 -20.04
C MET C 199 7.02 -9.04 -21.42
N TYR C 200 7.80 -8.67 -22.44
CA TYR C 200 7.54 -9.14 -23.82
C TYR C 200 8.00 -10.59 -24.03
N ALA C 201 9.00 -11.02 -23.28
CA ALA C 201 9.50 -12.42 -23.36
C ALA C 201 8.51 -13.34 -22.66
N LEU C 202 7.81 -12.76 -21.68
CA LEU C 202 6.78 -13.42 -20.86
C LEU C 202 5.52 -13.67 -21.67
N MET C 203 5.36 -12.91 -22.75
CA MET C 203 4.20 -13.02 -23.64
C MET C 203 4.46 -13.90 -24.86
N GLY C 204 5.70 -14.36 -25.02
CA GLY C 204 6.05 -15.23 -26.13
C GLY C 204 6.81 -14.59 -27.29
N TYR C 205 7.26 -13.35 -27.10
CA TYR C 205 8.04 -12.66 -28.15
C TYR C 205 9.51 -12.98 -27.99
N GLN C 206 10.20 -13.11 -29.12
CA GLN C 206 11.65 -13.39 -29.15
C GLN C 206 12.35 -12.05 -29.06
N ILE C 207 13.18 -11.85 -28.04
CA ILE C 207 13.87 -10.56 -27.87
C ILE C 207 15.16 -10.56 -28.70
N VAL C 208 15.19 -9.69 -29.71
CA VAL C 208 16.34 -9.54 -30.59
C VAL C 208 16.98 -8.21 -30.21
N VAL C 209 18.24 -8.28 -29.77
CA VAL C 209 18.98 -7.08 -29.37
C VAL C 209 19.92 -6.66 -30.50
N VAL C 210 19.92 -5.37 -30.82
CA VAL C 210 20.80 -4.83 -31.86
C VAL C 210 21.58 -3.65 -31.28
N SER C 211 22.77 -3.37 -31.83
CA SER C 211 23.61 -2.24 -31.35
C SER C 211 24.41 -1.60 -32.47
N GLY C 212 24.67 -0.31 -32.34
CA GLY C 212 25.45 0.42 -33.33
C GLY C 212 26.90 0.52 -32.95
N ARG C 213 27.27 -0.15 -31.85
CA ARG C 213 28.64 -0.17 -31.31
C ARG C 213 29.60 -1.07 -32.09
N GLU C 214 30.89 -0.72 -32.05
CA GLU C 214 31.98 -1.47 -32.71
C GLU C 214 32.08 -2.87 -32.12
N SER C 215 32.39 -3.88 -32.94
CA SER C 215 32.52 -5.26 -32.44
C SER C 215 33.89 -5.56 -31.87
N GLY C 216 34.91 -4.85 -32.35
CA GLY C 216 36.27 -5.04 -31.88
C GLY C 216 37.29 -4.16 -32.58
N THR C 217 38.56 -4.31 -32.17
CA THR C 217 39.68 -3.55 -32.75
C THR C 217 40.34 -4.33 -33.90
N LYS C 218 41.50 -3.85 -34.37
CA LYS C 218 42.25 -4.48 -35.49
C LYS C 218 42.83 -5.85 -35.12
N GLU C 219 43.48 -5.91 -33.94
CA GLU C 219 44.11 -7.14 -33.41
C GLU C 219 43.12 -8.21 -32.94
N ASP C 220 42.01 -7.77 -32.34
CA ASP C 220 40.93 -8.68 -31.84
C ASP C 220 39.55 -8.18 -32.37
N PRO C 221 39.05 -8.75 -33.50
CA PRO C 221 37.78 -8.40 -34.12
C PRO C 221 36.46 -8.62 -33.34
N THR C 222 36.51 -9.34 -32.22
CA THR C 222 35.27 -9.61 -31.43
C THR C 222 35.38 -9.28 -29.93
N LYS C 223 36.20 -8.28 -29.60
CA LYS C 223 36.45 -7.85 -28.19
C LYS C 223 35.26 -7.18 -27.48
N TYR C 224 34.67 -6.17 -28.12
CA TYR C 224 33.53 -5.40 -27.55
C TYR C 224 32.16 -6.09 -27.62
N TYR C 225 32.02 -7.08 -28.50
CA TYR C 225 30.76 -7.85 -28.67
C TYR C 225 30.49 -8.70 -27.42
N ARG C 226 31.57 -9.25 -26.85
CA ARG C 226 31.52 -10.08 -25.63
C ARG C 226 31.18 -9.22 -24.43
N MET C 227 31.70 -7.99 -24.41
CA MET C 227 31.48 -7.02 -23.33
C MET C 227 30.05 -6.51 -23.28
N THR C 228 29.47 -6.28 -24.45
CA THR C 228 28.08 -5.77 -24.58
C THR C 228 27.09 -6.88 -24.24
N ARG C 229 27.34 -8.10 -24.73
CA ARG C 229 26.43 -9.24 -24.47
C ARG C 229 26.46 -9.69 -23.00
N LYS C 230 27.62 -9.55 -22.34
CA LYS C 230 27.76 -9.92 -20.92
C LYS C 230 27.03 -8.93 -20.03
N TRP C 231 26.69 -7.77 -20.59
CA TRP C 231 25.94 -6.73 -19.87
C TRP C 231 24.45 -6.98 -20.08
N VAL C 232 24.05 -7.14 -21.34
CA VAL C 232 22.64 -7.38 -21.72
C VAL C 232 22.05 -8.65 -21.11
N GLU C 233 22.83 -9.73 -21.14
CA GLU C 233 22.39 -11.03 -20.61
C GLU C 233 22.52 -11.20 -19.10
N ASP C 234 23.69 -10.87 -18.55
CA ASP C 234 23.94 -11.03 -17.10
C ASP C 234 23.58 -9.87 -16.17
N ILE C 235 24.10 -8.68 -16.44
CA ILE C 235 23.86 -7.48 -15.59
C ILE C 235 22.46 -6.85 -15.76
N ALA C 236 21.93 -6.85 -16.98
CA ALA C 236 20.59 -6.28 -17.27
C ALA C 236 19.48 -7.30 -17.06
N GLY C 237 19.73 -8.54 -17.48
CA GLY C 237 18.76 -9.61 -17.32
C GLY C 237 17.77 -9.75 -18.45
N VAL C 238 18.14 -9.26 -19.64
CA VAL C 238 17.29 -9.32 -20.84
C VAL C 238 17.35 -10.76 -21.42
N PRO C 239 16.18 -11.43 -21.59
CA PRO C 239 16.14 -12.80 -22.14
C PRO C 239 16.25 -12.82 -23.67
N LEU C 240 17.43 -12.49 -24.18
CA LEU C 240 17.66 -12.44 -25.64
C LEU C 240 17.87 -13.80 -26.29
N VAL C 241 17.48 -13.87 -27.55
CA VAL C 241 17.63 -15.10 -28.36
C VAL C 241 18.72 -14.88 -29.39
N MET C 242 19.00 -13.60 -29.67
CA MET C 242 20.00 -13.22 -30.67
C MET C 242 20.48 -11.78 -30.47
N GLN C 243 21.76 -11.55 -30.76
CA GLN C 243 22.36 -10.21 -30.68
C GLN C 243 23.32 -9.98 -31.84
N CYS C 244 22.90 -9.17 -32.81
CA CYS C 244 23.76 -8.84 -33.96
C CYS C 244 24.04 -7.35 -33.92
N GLN C 245 25.32 -6.99 -34.07
CA GLN C 245 25.73 -5.58 -34.05
C GLN C 245 26.71 -5.22 -35.16
N ARG C 246 27.10 -3.95 -35.19
CA ARG C 246 28.04 -3.38 -36.18
C ARG C 246 29.37 -4.14 -36.25
N GLU C 247 29.86 -4.37 -37.47
CA GLU C 247 31.11 -5.10 -37.76
C GLU C 247 32.39 -4.37 -37.31
N GLN C 248 33.56 -4.89 -37.70
CA GLN C 248 34.86 -4.31 -37.31
C GLN C 248 35.23 -2.97 -37.98
N GLY C 249 35.40 -2.98 -39.30
CA GLY C 249 35.78 -1.77 -40.03
C GLY C 249 34.63 -1.01 -40.67
N ASP C 250 33.41 -1.29 -40.19
CA ASP C 250 32.19 -0.66 -40.71
C ASP C 250 32.09 0.78 -40.20
N THR C 251 32.52 1.71 -41.07
CA THR C 251 32.54 3.16 -40.80
C THR C 251 31.30 3.90 -41.33
N ARG C 252 30.25 3.15 -41.64
CA ARG C 252 28.98 3.71 -42.17
C ARG C 252 28.04 4.23 -41.10
N LYS C 253 26.96 4.90 -41.53
CA LYS C 253 25.94 5.50 -40.64
C LYS C 253 25.06 4.47 -39.89
N ASP C 254 24.69 4.82 -38.66
CA ASP C 254 23.81 4.01 -37.72
C ASP C 254 22.52 3.65 -38.43
N ASP C 255 22.13 4.58 -39.30
CA ASP C 255 20.95 4.56 -40.17
C ASP C 255 20.94 3.33 -41.08
N VAL C 256 21.97 3.21 -41.94
CA VAL C 256 22.10 2.11 -42.92
C VAL C 256 22.59 0.78 -42.38
N VAL C 257 23.40 0.81 -41.31
CA VAL C 257 23.94 -0.43 -40.69
C VAL C 257 22.80 -1.25 -40.09
N LYS C 258 21.94 -0.60 -39.32
CA LYS C 258 20.80 -1.28 -38.70
C LYS C 258 19.72 -1.76 -39.68
N GLU C 259 19.63 -1.13 -40.85
CA GLU C 259 18.66 -1.57 -41.88
C GLU C 259 19.20 -2.84 -42.53
N GLU C 260 20.51 -2.89 -42.73
CA GLU C 260 21.20 -4.06 -43.34
C GLU C 260 21.13 -5.25 -42.37
N ILE C 261 21.32 -4.99 -41.07
CA ILE C 261 21.25 -6.02 -40.01
C ILE C 261 19.83 -6.59 -39.96
N PHE C 262 18.85 -5.74 -40.27
CA PHE C 262 17.45 -6.16 -40.28
C PHE C 262 17.13 -7.11 -41.43
N TRP C 263 17.44 -6.69 -42.66
CA TRP C 263 17.15 -7.50 -43.86
C TRP C 263 17.94 -8.79 -44.00
N LYS C 264 19.17 -8.81 -43.49
CA LYS C 264 20.03 -10.00 -43.60
C LYS C 264 19.90 -11.03 -42.47
N HIS C 265 19.91 -10.56 -41.23
CA HIS C 265 19.85 -11.48 -40.07
C HIS C 265 18.53 -11.57 -39.33
N ILE C 266 17.78 -10.47 -39.24
CA ILE C 266 16.50 -10.49 -38.48
C ILE C 266 15.25 -10.84 -39.26
N ALA C 267 14.95 -10.09 -40.33
CA ALA C 267 13.74 -10.30 -41.15
C ALA C 267 13.45 -11.71 -41.70
N PRO C 268 14.47 -12.44 -42.22
CA PRO C 268 14.13 -13.79 -42.71
C PRO C 268 13.93 -14.87 -41.63
N HIS C 269 14.36 -14.60 -40.40
CA HIS C 269 14.24 -15.56 -39.28
C HIS C 269 13.12 -15.26 -38.27
N PHE C 270 12.70 -14.00 -38.17
CA PHE C 270 11.64 -13.58 -37.21
C PHE C 270 10.53 -12.74 -37.82
N ASP C 271 9.37 -12.72 -37.16
CA ASP C 271 8.20 -11.91 -37.57
C ASP C 271 8.19 -10.69 -36.64
N VAL C 272 8.95 -9.67 -37.00
CA VAL C 272 9.07 -8.43 -36.21
C VAL C 272 7.80 -7.59 -36.15
N LYS C 273 7.25 -7.49 -34.96
CA LYS C 273 6.02 -6.73 -34.69
C LYS C 273 6.33 -5.34 -34.15
N LEU C 274 7.50 -5.18 -33.53
CA LEU C 274 7.89 -3.90 -32.90
C LEU C 274 9.40 -3.69 -32.74
N ALA C 275 9.80 -2.42 -32.66
CA ALA C 275 11.19 -2.02 -32.46
C ALA C 275 11.22 -0.92 -31.40
N ILE C 276 12.02 -1.13 -30.35
CA ILE C 276 12.17 -0.16 -29.26
C ILE C 276 13.55 0.49 -29.47
N ASP C 277 13.56 1.76 -29.85
CA ASP C 277 14.81 2.48 -30.11
C ASP C 277 14.83 3.87 -29.48
N ASP C 278 15.98 4.54 -29.59
CA ASP C 278 16.19 5.87 -29.02
C ASP C 278 16.56 6.94 -30.05
N ARG C 279 17.65 6.73 -30.77
CA ARG C 279 18.15 7.70 -31.77
C ARG C 279 17.16 8.00 -32.89
N THR C 280 16.79 9.28 -33.03
CA THR C 280 15.82 9.78 -34.04
C THR C 280 15.99 9.25 -35.44
N GLN C 281 17.21 9.30 -36.00
CA GLN C 281 17.46 8.78 -37.36
C GLN C 281 17.14 7.28 -37.53
N VAL C 282 17.37 6.50 -36.48
CA VAL C 282 17.11 5.03 -36.49
C VAL C 282 15.60 4.79 -36.32
N VAL C 283 14.95 5.60 -35.49
CA VAL C 283 13.50 5.52 -35.24
C VAL C 283 12.76 5.83 -36.54
N GLU C 284 13.26 6.83 -37.27
CA GLU C 284 12.69 7.25 -38.56
C GLU C 284 12.84 6.15 -39.59
N MET C 285 13.95 5.41 -39.50
CA MET C 285 14.25 4.30 -40.40
C MET C 285 13.32 3.11 -40.22
N TRP C 286 13.11 2.65 -38.99
CA TRP C 286 12.21 1.50 -38.76
C TRP C 286 10.80 1.82 -39.22
N ARG C 287 10.32 3.01 -38.89
CA ARG C 287 8.98 3.47 -39.24
C ARG C 287 8.68 3.55 -40.73
N ARG C 288 9.65 4.00 -41.52
CA ARG C 288 9.44 4.14 -42.99
C ARG C 288 9.53 2.81 -43.74
N ILE C 289 10.22 1.83 -43.14
CA ILE C 289 10.34 0.52 -43.77
C ILE C 289 9.25 -0.45 -43.31
N GLY C 290 8.28 0.04 -42.53
CA GLY C 290 7.18 -0.81 -42.08
C GLY C 290 7.15 -1.32 -40.64
N VAL C 291 8.29 -1.26 -39.95
CA VAL C 291 8.38 -1.71 -38.54
C VAL C 291 7.90 -0.57 -37.61
N GLU C 292 7.09 -0.93 -36.62
CA GLU C 292 6.56 0.05 -35.67
C GLU C 292 7.58 0.39 -34.56
N CYS C 293 7.76 1.69 -34.30
CA CYS C 293 8.64 2.20 -33.22
C CYS C 293 8.10 2.98 -32.10
N TRP C 294 8.71 2.71 -30.96
CA TRP C 294 8.41 3.38 -29.73
C TRP C 294 9.74 4.04 -29.38
N GLN C 295 9.79 5.36 -29.51
CA GLN C 295 11.00 6.09 -29.18
C GLN C 295 10.97 6.39 -27.69
N VAL C 296 11.90 5.76 -26.95
CA VAL C 296 11.98 5.88 -25.49
C VAL C 296 12.53 7.16 -24.85
N ALA C 297 13.25 7.97 -25.60
CA ALA C 297 13.83 9.23 -25.09
C ALA C 297 14.11 10.20 -26.23
N SER C 298 14.54 11.41 -25.89
CA SER C 298 14.90 12.43 -26.91
C SER C 298 16.23 11.94 -27.48
N GLY C 299 16.20 11.49 -28.73
CA GLY C 299 17.43 10.99 -29.33
C GLY C 299 17.93 11.74 -30.54
N ASP C 300 18.16 13.04 -30.38
CA ASP C 300 18.60 13.89 -31.49
C ASP C 300 20.11 14.06 -31.55
N PHE C 301 20.76 13.04 -32.13
CA PHE C 301 22.24 12.97 -32.30
N MET D 1 -17.70 42.55 -66.36
CA MET D 1 -16.61 42.49 -67.37
C MET D 1 -15.31 41.95 -66.80
N LYS D 2 -14.65 41.07 -67.57
CA LYS D 2 -13.35 40.48 -67.15
C LYS D 2 -12.25 41.47 -67.52
N LYS D 3 -11.47 41.86 -66.50
CA LYS D 3 -10.38 42.86 -66.63
C LYS D 3 -8.98 42.33 -66.97
N ILE D 4 -8.18 43.24 -67.54
CA ILE D 4 -6.76 43.00 -67.88
C ILE D 4 -6.10 44.31 -67.41
N ILE D 5 -5.63 44.31 -66.16
CA ILE D 5 -4.97 45.50 -65.59
C ILE D 5 -3.47 45.56 -65.94
N LEU D 6 -3.07 46.64 -66.61
CA LEU D 6 -1.66 46.85 -66.99
C LEU D 6 -1.07 47.88 -66.04
N THR D 7 0.04 47.54 -65.39
CA THR D 7 0.71 48.48 -64.48
C THR D 7 1.69 49.28 -65.33
N ILE D 8 1.64 50.61 -65.22
CA ILE D 8 2.56 51.49 -65.98
C ILE D 8 3.44 52.21 -64.97
N GLY D 9 4.76 51.97 -65.08
CA GLY D 9 5.72 52.58 -64.17
C GLY D 9 7.12 52.02 -64.31
N CYS D 10 8.10 52.88 -64.03
CA CYS D 10 9.55 52.54 -64.08
C CYS D 10 9.91 51.53 -63.01
N PRO D 11 11.04 50.79 -63.16
CA PRO D 11 11.38 49.81 -62.10
C PRO D 11 11.70 50.50 -60.79
N GLY D 12 10.94 50.15 -59.76
CA GLY D 12 11.09 50.74 -58.44
C GLY D 12 9.94 51.65 -58.08
N SER D 13 8.93 51.74 -58.96
CA SER D 13 7.75 52.61 -58.75
C SER D 13 6.65 52.02 -57.87
N GLY D 14 6.82 50.77 -57.45
CA GLY D 14 5.85 50.12 -56.57
C GLY D 14 4.85 49.16 -57.17
N LYS D 15 5.06 48.77 -58.43
CA LYS D 15 4.17 47.86 -59.17
C LYS D 15 3.95 46.48 -58.53
N SER D 16 5.04 45.78 -58.18
CA SER D 16 4.96 44.44 -57.56
C SER D 16 4.36 44.44 -56.17
N THR D 17 4.66 45.48 -55.40
CA THR D 17 4.16 45.62 -54.02
C THR D 17 2.64 45.81 -54.04
N TRP D 18 2.15 46.51 -55.05
CA TRP D 18 0.70 46.76 -55.21
C TRP D 18 0.02 45.48 -55.68
N ALA D 19 0.54 44.88 -56.74
CA ALA D 19 0.00 43.63 -57.34
C ALA D 19 -0.19 42.50 -56.33
N ARG D 20 0.73 42.40 -55.38
CA ARG D 20 0.69 41.38 -54.31
C ARG D 20 -0.44 41.70 -53.34
N GLU D 21 -0.52 42.97 -52.92
CA GLU D 21 -1.56 43.44 -51.99
C GLU D 21 -2.96 43.50 -52.57
N PHE D 22 -3.06 43.60 -53.90
CA PHE D 22 -4.36 43.65 -54.59
C PHE D 22 -4.95 42.25 -54.70
N ILE D 23 -4.11 41.28 -55.05
CA ILE D 23 -4.55 39.87 -55.20
C ILE D 23 -4.95 39.28 -53.84
N ALA D 24 -4.35 39.78 -52.76
CA ALA D 24 -4.63 39.30 -51.41
C ALA D 24 -6.00 39.83 -50.92
N LYS D 25 -6.30 41.08 -51.26
CA LYS D 25 -7.56 41.74 -50.87
C LYS D 25 -8.73 41.51 -51.84
N ASN D 26 -8.41 41.21 -53.09
CA ASN D 26 -9.42 40.96 -54.13
C ASN D 26 -9.23 39.57 -54.75
N PRO D 27 -9.97 38.55 -54.25
CA PRO D 27 -9.85 37.18 -54.80
C PRO D 27 -10.37 37.09 -56.24
N GLY D 28 -9.77 36.18 -57.01
CA GLY D 28 -10.14 36.00 -58.40
C GLY D 28 -9.17 36.65 -59.37
N PHE D 29 -8.23 37.41 -58.84
CA PHE D 29 -7.20 38.09 -59.66
C PHE D 29 -5.88 37.31 -59.67
N TYR D 30 -5.27 37.22 -60.85
CA TYR D 30 -4.01 36.49 -61.03
C TYR D 30 -2.93 37.39 -61.66
N ASN D 31 -1.66 37.10 -61.34
CA ASN D 31 -0.53 37.89 -61.84
C ASN D 31 0.23 37.22 -62.98
N ILE D 32 0.63 38.03 -63.97
CA ILE D 32 1.42 37.57 -65.13
C ILE D 32 2.57 38.59 -65.22
N ASN D 33 3.79 38.13 -64.98
CA ASN D 33 4.97 39.00 -64.97
C ASN D 33 6.08 38.53 -65.90
N ARG D 34 6.72 39.47 -66.58
CA ARG D 34 7.82 39.16 -67.51
C ARG D 34 9.10 38.73 -66.84
N ASP D 35 9.54 39.49 -65.83
CA ASP D 35 10.77 39.21 -65.07
C ASP D 35 10.75 37.84 -64.43
N ASP D 36 9.57 37.41 -63.97
CA ASP D 36 9.37 36.09 -63.33
C ASP D 36 9.56 34.94 -64.31
N TYR D 37 9.13 35.14 -65.55
CA TYR D 37 9.24 34.13 -66.61
C TYR D 37 10.64 34.08 -67.17
N ARG D 38 11.28 35.26 -67.27
CA ARG D 38 12.67 35.41 -67.76
C ARG D 38 13.63 34.65 -66.85
N GLN D 39 13.38 34.77 -65.54
CA GLN D 39 14.18 34.13 -64.49
C GLN D 39 13.91 32.63 -64.41
N SER D 40 12.68 32.27 -64.73
CA SER D 40 12.24 30.88 -64.67
C SER D 40 12.74 30.01 -65.82
N ILE D 41 12.69 30.50 -67.06
CA ILE D 41 13.12 29.70 -68.22
C ILE D 41 14.64 29.47 -68.26
N MET D 42 15.38 30.26 -67.51
CA MET D 42 16.83 30.17 -67.46
C MET D 42 17.30 29.56 -66.15
N ALA D 43 16.36 29.40 -65.21
CA ALA D 43 16.59 28.83 -63.86
C ALA D 43 17.56 29.63 -63.00
N HIS D 44 17.66 30.94 -63.28
CA HIS D 44 18.56 31.86 -62.56
C HIS D 44 18.18 32.08 -61.10
N GLU D 45 19.20 32.37 -60.28
CA GLU D 45 19.08 32.61 -58.82
C GLU D 45 18.80 34.09 -58.52
N GLU D 46 19.14 34.95 -59.48
CA GLU D 46 18.97 36.42 -59.39
C GLU D 46 18.77 36.99 -60.81
N ARG D 47 18.00 38.08 -60.94
CA ARG D 47 17.70 38.66 -62.28
C ARG D 47 18.66 39.65 -62.95
N ASP D 48 19.94 39.63 -62.57
CA ASP D 48 20.95 40.50 -63.22
C ASP D 48 21.86 39.65 -64.12
N GLU D 49 21.71 38.33 -63.97
CA GLU D 49 22.46 37.31 -64.72
C GLU D 49 21.93 37.13 -66.14
N TYR D 50 20.64 37.42 -66.31
CA TYR D 50 19.90 37.29 -67.59
C TYR D 50 20.48 38.06 -68.79
N LYS D 51 20.51 37.38 -69.93
CA LYS D 51 21.00 37.95 -71.20
C LYS D 51 19.84 37.95 -72.19
N TYR D 52 19.45 39.14 -72.64
CA TYR D 52 18.32 39.31 -73.59
C TYR D 52 18.59 38.80 -75.02
N THR D 53 17.75 37.88 -75.50
CA THR D 53 17.86 37.29 -76.86
C THR D 53 16.48 37.37 -77.52
N LYS D 54 16.42 37.41 -78.85
CA LYS D 54 15.15 37.47 -79.58
C LYS D 54 14.31 36.21 -79.40
N LYS D 55 14.98 35.06 -79.29
CA LYS D 55 14.31 33.75 -79.10
C LYS D 55 13.72 33.71 -77.70
N LYS D 56 14.48 34.16 -76.70
CA LYS D 56 14.03 34.19 -75.29
C LYS D 56 12.91 35.19 -75.02
N GLU D 57 13.02 36.41 -75.55
CA GLU D 57 11.95 37.44 -75.35
C GLU D 57 10.68 37.07 -76.08
N GLY D 58 10.82 36.26 -77.15
CA GLY D 58 9.68 35.80 -77.94
C GLY D 58 8.91 34.73 -77.20
N ILE D 59 9.65 33.87 -76.49
CA ILE D 59 9.07 32.77 -75.68
C ILE D 59 8.33 33.37 -74.48
N VAL D 60 8.91 34.40 -73.87
CA VAL D 60 8.34 35.10 -72.71
C VAL D 60 7.04 35.80 -73.08
N THR D 61 6.98 36.40 -74.28
CA THR D 61 5.76 37.09 -74.77
C THR D 61 4.68 36.01 -74.97
N GLY D 62 5.11 34.85 -75.48
CA GLY D 62 4.24 33.72 -75.72
C GLY D 62 3.62 33.21 -74.43
N MET D 63 4.45 33.10 -73.39
CA MET D 63 4.00 32.63 -72.06
C MET D 63 3.01 33.62 -71.44
N GLN D 64 3.19 34.91 -71.69
CA GLN D 64 2.31 35.95 -71.16
C GLN D 64 0.89 35.87 -71.69
N PHE D 65 0.78 35.85 -73.02
CA PHE D 65 -0.52 35.79 -73.69
C PHE D 65 -1.25 34.45 -73.58
N ASP D 66 -0.50 33.35 -73.60
CA ASP D 66 -1.09 32.00 -73.48
C ASP D 66 -1.66 31.76 -72.09
N THR D 67 -1.00 32.33 -71.08
CA THR D 67 -1.44 32.21 -69.67
C THR D 67 -2.63 33.12 -69.44
N ALA D 68 -2.64 34.26 -70.13
CA ALA D 68 -3.74 35.23 -70.01
C ALA D 68 -5.03 34.67 -70.59
N LYS D 69 -4.91 34.00 -71.74
CA LYS D 69 -6.05 33.37 -72.41
C LYS D 69 -6.60 32.24 -71.55
N SER D 70 -5.71 31.39 -71.04
CA SER D 70 -6.08 30.24 -70.19
C SER D 70 -6.78 30.63 -68.89
N ILE D 71 -6.27 31.63 -68.18
CA ILE D 71 -6.85 32.08 -66.90
C ILE D 71 -8.23 32.74 -67.08
N LEU D 72 -8.30 33.64 -68.06
CA LEU D 72 -9.54 34.37 -68.36
C LEU D 72 -10.64 33.55 -69.05
N TYR D 73 -10.27 32.41 -69.64
CA TYR D 73 -11.21 31.47 -70.32
C TYR D 73 -11.64 30.36 -69.36
N GLY D 74 -12.04 30.76 -68.17
CA GLY D 74 -12.46 29.83 -67.13
C GLY D 74 -13.75 30.29 -66.46
N GLY D 75 -13.92 29.82 -65.22
CA GLY D 75 -15.12 30.12 -64.44
C GLY D 75 -15.44 31.58 -64.15
N ASP D 76 -16.61 31.78 -63.56
CA ASP D 76 -17.10 33.13 -63.17
C ASP D 76 -16.39 33.58 -61.90
N SER D 77 -15.45 32.74 -61.45
CA SER D 77 -14.60 32.97 -60.25
C SER D 77 -13.44 33.89 -60.65
N VAL D 78 -13.00 33.75 -61.90
CA VAL D 78 -11.90 34.55 -62.48
C VAL D 78 -12.43 35.94 -62.86
N LYS D 79 -12.04 36.94 -62.07
CA LYS D 79 -12.45 38.33 -62.27
C LYS D 79 -11.52 39.10 -63.22
N GLY D 80 -10.24 38.72 -63.25
CA GLY D 80 -9.29 39.39 -64.13
C GLY D 80 -7.83 39.11 -63.85
N VAL D 81 -6.95 39.58 -64.73
CA VAL D 81 -5.49 39.40 -64.57
C VAL D 81 -4.70 40.71 -64.52
N ILE D 82 -3.59 40.69 -63.79
CA ILE D 82 -2.70 41.87 -63.67
C ILE D 82 -1.37 41.58 -64.39
N ILE D 83 -0.98 42.48 -65.29
CA ILE D 83 0.30 42.35 -66.02
C ILE D 83 1.24 43.35 -65.34
N SER D 84 1.96 42.84 -64.34
CA SER D 84 2.91 43.63 -63.52
C SER D 84 4.26 43.96 -64.16
N ASP D 85 4.23 44.31 -65.45
CA ASP D 85 5.44 44.69 -66.21
C ASP D 85 5.54 46.21 -66.16
N THR D 86 6.56 46.78 -66.82
CA THR D 86 6.73 48.23 -66.84
C THR D 86 5.74 48.84 -67.83
N ASN D 87 5.45 48.09 -68.89
CA ASN D 87 4.50 48.47 -69.98
C ASN D 87 4.76 49.87 -70.50
N LEU D 88 6.04 50.22 -70.62
CA LEU D 88 6.42 51.54 -71.09
C LEU D 88 6.58 51.65 -72.59
N ASN D 89 6.60 50.50 -73.27
CA ASN D 89 6.70 50.45 -74.74
C ASN D 89 5.26 50.52 -75.30
N PRO D 90 4.96 51.51 -76.18
CA PRO D 90 3.62 51.67 -76.78
C PRO D 90 3.12 50.47 -77.59
N GLU D 91 4.04 49.73 -78.20
CA GLU D 91 3.71 48.54 -79.01
C GLU D 91 3.20 47.38 -78.16
N ARG D 92 3.70 47.27 -76.92
CA ARG D 92 3.27 46.21 -76.00
C ARG D 92 1.93 46.54 -75.39
N ARG D 93 1.67 47.83 -75.13
CA ARG D 93 0.38 48.29 -74.56
C ARG D 93 -0.73 48.10 -75.58
N LEU D 94 -0.40 48.31 -76.86
CA LEU D 94 -1.34 48.17 -77.98
C LEU D 94 -1.68 46.69 -78.19
N ALA D 95 -0.68 45.83 -78.04
CA ALA D 95 -0.83 44.35 -78.19
C ALA D 95 -1.83 43.77 -77.18
N TRP D 96 -1.92 44.40 -76.00
CA TRP D 96 -2.85 43.96 -74.94
C TRP D 96 -4.25 44.51 -75.17
N GLU D 97 -4.36 45.59 -75.94
CA GLU D 97 -5.67 46.19 -76.26
C GLU D 97 -6.27 45.48 -77.47
N THR D 98 -5.40 44.96 -78.35
CA THR D 98 -5.78 44.19 -79.57
C THR D 98 -6.29 42.81 -79.10
N PHE D 99 -5.61 42.28 -78.08
CA PHE D 99 -5.92 40.99 -77.45
C PHE D 99 -7.26 41.05 -76.71
N ALA D 100 -7.58 42.19 -76.13
CA ALA D 100 -8.84 42.36 -75.42
C ALA D 100 -10.02 42.58 -76.37
N LYS D 101 -9.73 43.03 -77.60
CA LYS D 101 -10.78 43.30 -78.61
C LYS D 101 -11.13 42.09 -79.47
N GLU D 102 -10.33 41.04 -79.41
CA GLU D 102 -10.62 39.82 -80.19
C GLU D 102 -11.27 38.73 -79.32
N TYR D 103 -11.46 39.01 -78.03
CA TYR D 103 -12.10 38.07 -77.09
C TYR D 103 -13.07 38.78 -76.15
N GLY D 104 -13.13 40.12 -76.24
CA GLY D 104 -14.06 40.91 -75.42
C GLY D 104 -13.75 41.21 -73.97
N TRP D 105 -12.50 41.54 -73.67
CA TRP D 105 -12.09 41.88 -72.28
C TRP D 105 -11.77 43.38 -72.13
N LYS D 106 -11.87 43.92 -70.92
CA LYS D 106 -11.61 45.36 -70.67
C LYS D 106 -10.18 45.64 -70.16
N VAL D 107 -9.48 46.57 -70.81
CA VAL D 107 -8.10 46.95 -70.42
C VAL D 107 -8.07 48.19 -69.52
N GLU D 108 -7.71 47.98 -68.25
CA GLU D 108 -7.62 49.04 -67.24
C GLU D 108 -6.13 49.38 -67.06
N HIS D 109 -5.81 50.64 -66.73
CA HIS D 109 -4.42 51.09 -66.55
C HIS D 109 -4.16 51.58 -65.13
N LYS D 110 -3.13 51.03 -64.48
CA LYS D 110 -2.77 51.46 -63.11
C LYS D 110 -1.42 52.17 -63.21
N VAL D 111 -1.47 53.49 -63.17
CA VAL D 111 -0.26 54.36 -63.29
C VAL D 111 0.46 54.58 -61.97
N PHE D 112 1.80 54.46 -62.01
CA PHE D 112 2.66 54.66 -60.82
C PHE D 112 3.66 55.78 -61.10
N ASP D 113 3.22 57.03 -60.95
CA ASP D 113 4.06 58.20 -61.20
C ASP D 113 4.86 58.57 -59.95
N VAL D 114 6.11 58.13 -59.93
CA VAL D 114 7.03 58.38 -58.81
C VAL D 114 8.11 59.33 -59.36
N PRO D 115 8.47 60.41 -58.62
CA PRO D 115 9.49 61.38 -59.05
C PRO D 115 10.87 60.76 -59.34
N TRP D 116 11.63 61.38 -60.25
CA TRP D 116 12.99 60.91 -60.63
C TRP D 116 13.96 60.66 -59.47
N THR D 117 14.15 61.68 -58.62
CA THR D 117 15.05 61.61 -57.44
C THR D 117 14.77 60.41 -56.54
N GLU D 118 13.49 60.09 -56.39
CA GLU D 118 13.04 58.95 -55.55
C GLU D 118 13.31 57.62 -56.27
N LEU D 119 13.17 57.60 -57.59
CA LEU D 119 13.42 56.38 -58.38
C LEU D 119 14.88 55.99 -58.37
N VAL D 120 15.77 56.98 -58.40
CA VAL D 120 17.24 56.77 -58.36
C VAL D 120 17.66 56.29 -56.97
N LYS D 121 17.07 56.89 -55.94
CA LYS D 121 17.34 56.55 -54.55
C LYS D 121 16.94 55.10 -54.30
N ARG D 122 15.84 54.67 -54.89
CA ARG D 122 15.35 53.28 -54.72
C ARG D 122 16.17 52.30 -55.54
N ASN D 123 16.63 52.73 -56.72
CA ASN D 123 17.42 51.86 -57.60
C ASN D 123 18.84 51.58 -57.11
N SER D 124 19.39 52.49 -56.31
CA SER D 124 20.73 52.32 -55.78
C SER D 124 20.74 51.29 -54.66
N LYS D 125 19.61 51.14 -53.97
CA LYS D 125 19.45 50.17 -52.87
C LYS D 125 18.74 48.87 -53.30
N ARG D 126 18.40 48.77 -54.59
CA ARG D 126 17.66 47.61 -55.14
C ARG D 126 18.43 46.30 -55.22
N GLY D 127 19.75 46.39 -55.11
CA GLY D 127 20.59 45.20 -55.16
C GLY D 127 20.72 44.51 -56.49
N THR D 128 20.35 43.24 -56.51
CA THR D 128 20.43 42.42 -57.72
C THR D 128 19.30 42.74 -58.72
N LYS D 129 18.23 43.38 -58.24
CA LYS D 129 17.07 43.78 -59.07
C LYS D 129 17.28 45.20 -59.61
N ALA D 130 18.50 45.72 -59.45
CA ALA D 130 18.84 47.07 -59.90
C ALA D 130 19.11 47.11 -61.37
N VAL D 131 18.64 48.20 -61.99
CA VAL D 131 18.79 48.40 -63.43
C VAL D 131 19.88 49.46 -63.70
N PRO D 132 20.61 49.40 -64.84
CA PRO D 132 21.63 50.41 -65.13
C PRO D 132 21.00 51.80 -65.22
N ILE D 133 21.67 52.82 -64.68
CA ILE D 133 21.12 54.19 -64.66
C ILE D 133 20.69 54.72 -66.04
N ASP D 134 21.31 54.23 -67.10
CA ASP D 134 20.96 54.66 -68.48
C ASP D 134 19.63 54.07 -68.94
N VAL D 135 19.27 52.89 -68.42
CA VAL D 135 17.99 52.27 -68.79
C VAL D 135 16.88 52.81 -67.89
N LEU D 136 17.22 53.32 -66.72
CA LEU D 136 16.23 53.92 -65.80
C LEU D 136 15.87 55.28 -66.37
N ARG D 137 16.84 55.90 -67.05
CA ARG D 137 16.67 57.22 -67.68
C ARG D 137 15.79 57.08 -68.89
N SER D 138 16.09 56.03 -69.68
CA SER D 138 15.37 55.70 -70.92
C SER D 138 13.92 55.36 -70.63
N MET D 139 13.67 54.81 -69.44
CA MET D 139 12.34 54.45 -69.02
C MET D 139 11.56 55.60 -68.45
N TYR D 140 12.22 56.55 -67.81
CA TYR D 140 11.53 57.74 -67.25
C TYR D 140 11.12 58.64 -68.41
N LYS D 141 11.84 58.52 -69.53
CA LYS D 141 11.55 59.30 -70.75
C LYS D 141 10.26 58.74 -71.35
N SER D 142 10.10 57.42 -71.30
CA SER D 142 8.90 56.72 -71.81
C SER D 142 7.70 56.95 -70.90
N MET D 143 7.98 57.25 -69.63
CA MET D 143 6.93 57.51 -68.64
C MET D 143 6.39 58.91 -68.88
N ARG D 144 7.27 59.83 -69.28
CA ARG D 144 6.89 61.21 -69.57
C ARG D 144 6.08 61.28 -70.86
N GLU D 145 6.40 60.41 -71.81
CA GLU D 145 5.69 60.31 -73.10
C GLU D 145 4.26 59.83 -72.86
N TYR D 146 4.12 58.83 -71.98
CA TYR D 146 2.82 58.27 -71.60
C TYR D 146 2.01 59.32 -70.84
N LEU D 147 2.63 59.96 -69.84
CA LEU D 147 1.95 60.99 -69.03
C LEU D 147 1.62 62.25 -69.83
N GLY D 148 2.21 62.37 -71.03
CA GLY D 148 1.97 63.52 -71.89
C GLY D 148 2.72 64.78 -71.52
N LEU D 149 3.72 64.64 -70.64
CA LEU D 149 4.57 65.77 -70.16
C LEU D 149 5.41 66.39 -71.29
N PRO D 150 5.55 67.73 -71.33
CA PRO D 150 6.31 68.46 -72.36
C PRO D 150 7.81 68.28 -72.54
N VAL D 151 8.23 68.38 -73.80
CA VAL D 151 9.65 68.28 -74.23
C VAL D 151 9.90 69.53 -75.08
N TYR D 152 10.94 70.29 -74.72
CA TYR D 152 11.34 71.53 -75.43
C TYR D 152 12.03 71.21 -76.76
N ASN D 153 11.70 72.01 -77.77
CA ASN D 153 12.25 71.84 -79.13
C ASN D 153 12.66 73.20 -79.71
N GLY D 154 12.71 74.20 -78.85
CA GLY D 154 13.08 75.54 -79.27
C GLY D 154 11.92 76.52 -79.18
N THR D 155 12.23 77.81 -79.36
CA THR D 155 11.26 78.90 -79.34
C THR D 155 11.72 79.87 -80.44
N PRO D 156 11.36 79.60 -81.73
CA PRO D 156 11.77 80.48 -82.83
C PRO D 156 11.25 81.91 -82.73
N GLY D 157 12.06 82.86 -83.18
CA GLY D 157 11.68 84.26 -83.12
C GLY D 157 12.23 85.05 -81.92
N LYS D 158 12.32 84.45 -80.72
CA LYS D 158 12.88 85.09 -79.46
C LYS D 158 14.44 85.02 -79.45
N PRO D 159 15.17 85.89 -78.69
CA PRO D 159 16.65 85.86 -78.66
C PRO D 159 17.29 84.59 -78.11
N LYS D 160 18.40 84.16 -78.72
CA LYS D 160 19.14 82.95 -78.25
C LYS D 160 19.79 83.16 -76.88
N ALA D 161 19.67 82.17 -76.00
CA ALA D 161 20.21 82.27 -74.64
C ALA D 161 20.86 81.02 -74.07
N VAL D 162 21.62 81.22 -72.99
CA VAL D 162 22.31 80.15 -72.27
C VAL D 162 21.97 80.35 -70.79
N ILE D 163 21.54 79.29 -70.13
CA ILE D 163 21.18 79.35 -68.69
C ILE D 163 22.37 78.95 -67.83
N PHE D 164 22.58 79.72 -66.77
CA PHE D 164 23.67 79.50 -65.80
C PHE D 164 23.17 79.37 -64.38
N ASP D 165 23.67 78.36 -63.66
CA ASP D 165 23.32 78.13 -62.25
C ASP D 165 24.38 78.88 -61.43
N VAL D 166 24.05 79.24 -60.19
CA VAL D 166 25.01 79.95 -59.32
C VAL D 166 25.83 78.98 -58.48
N ASP D 167 25.22 78.44 -57.42
CA ASP D 167 25.86 77.50 -56.48
C ASP D 167 26.32 76.17 -57.08
N GLY D 168 27.64 76.04 -57.16
CA GLY D 168 28.28 74.86 -57.72
C GLY D 168 28.82 75.13 -59.11
N THR D 169 28.15 76.03 -59.83
CA THR D 169 28.52 76.38 -61.21
C THR D 169 29.29 77.70 -61.32
N LEU D 170 28.61 78.85 -61.27
CA LEU D 170 29.29 80.17 -61.33
C LEU D 170 30.13 80.41 -60.07
N ALA D 171 29.70 79.78 -58.97
CA ALA D 171 30.37 79.86 -57.66
C ALA D 171 30.83 78.48 -57.21
N LYS D 172 31.98 78.42 -56.52
CA LYS D 172 32.53 77.15 -55.97
C LYS D 172 31.77 76.77 -54.69
N MET D 173 31.98 75.55 -54.21
CA MET D 173 31.34 75.08 -52.97
C MET D 173 32.38 74.72 -51.89
N ASN D 174 31.90 74.31 -50.72
CA ASN D 174 32.76 73.89 -49.57
C ASN D 174 33.01 72.37 -49.61
N GLY D 175 32.21 71.68 -50.42
CA GLY D 175 32.30 70.23 -50.57
C GLY D 175 30.88 69.72 -50.82
N ARG D 176 30.07 69.78 -49.77
CA ARG D 176 28.67 69.35 -49.81
C ARG D 176 27.87 70.30 -48.89
N GLY D 177 27.59 71.48 -49.42
CA GLY D 177 26.86 72.53 -48.73
C GLY D 177 27.33 73.87 -49.26
N PRO D 178 26.44 74.69 -49.89
CA PRO D 178 26.80 76.00 -50.45
C PRO D 178 27.47 77.00 -49.49
N TYR D 179 28.09 78.03 -50.05
CA TYR D 179 28.79 79.08 -49.28
C TYR D 179 27.86 79.94 -48.41
N ASP D 180 28.37 80.39 -47.27
CA ASP D 180 27.62 81.24 -46.32
C ASP D 180 27.37 82.64 -46.89
N LEU D 181 26.25 83.25 -46.48
CA LEU D 181 25.82 84.60 -46.94
C LEU D 181 26.85 85.72 -47.06
N GLU D 182 27.49 86.10 -45.94
CA GLU D 182 28.50 87.18 -45.92
C GLU D 182 29.94 86.71 -46.22
N LYS D 183 30.09 85.45 -46.63
CA LYS D 183 31.41 84.85 -46.96
C LYS D 183 31.67 84.76 -48.48
N CYS D 184 30.88 85.47 -49.27
CA CYS D 184 31.00 85.48 -50.74
C CYS D 184 31.98 86.55 -51.24
N ASP D 185 33.19 86.11 -51.59
CA ASP D 185 34.28 87.00 -52.07
C ASP D 185 34.68 86.78 -53.54
N THR D 186 35.96 87.02 -53.85
CA THR D 186 36.49 86.85 -55.22
C THR D 186 37.19 85.48 -55.40
N ASP D 187 37.45 84.80 -54.29
CA ASP D 187 38.11 83.46 -54.26
C ASP D 187 37.08 82.31 -54.36
N VAL D 188 35.80 82.67 -54.35
CA VAL D 188 34.69 81.71 -54.45
C VAL D 188 34.21 81.59 -55.92
N ILE D 189 34.72 82.47 -56.78
CA ILE D 189 34.44 82.48 -58.23
C ILE D 189 35.02 81.21 -58.87
N ASN D 190 34.29 80.61 -59.82
CA ASN D 190 34.76 79.43 -60.56
C ASN D 190 35.28 80.08 -61.86
N PRO D 191 36.62 80.27 -61.98
CA PRO D 191 37.25 80.91 -63.15
C PRO D 191 36.79 80.53 -64.56
N MET D 192 36.92 79.25 -64.93
CA MET D 192 36.54 78.77 -66.28
C MET D 192 35.07 78.91 -66.66
N VAL D 193 34.18 78.78 -65.67
CA VAL D 193 32.74 78.90 -65.88
C VAL D 193 32.34 80.38 -66.02
N VAL D 194 32.89 81.25 -65.17
CA VAL D 194 32.57 82.70 -65.23
C VAL D 194 33.13 83.29 -66.53
N GLU D 195 34.26 82.74 -66.99
CA GLU D 195 34.89 83.19 -68.25
C GLU D 195 33.99 82.82 -69.42
N LEU D 196 33.27 81.70 -69.27
CA LEU D 196 32.35 81.20 -70.29
C LEU D 196 31.12 82.11 -70.46
N SER D 197 30.62 82.67 -69.36
CA SER D 197 29.45 83.56 -69.41
C SER D 197 29.75 84.85 -70.14
N LYS D 198 30.99 85.32 -69.99
CA LYS D 198 31.43 86.53 -70.66
C LYS D 198 31.64 86.25 -72.13
N MET D 199 32.03 85.01 -72.45
CA MET D 199 32.28 84.59 -73.85
C MET D 199 30.99 84.57 -74.62
N TYR D 200 29.98 83.94 -74.03
CA TYR D 200 28.65 83.80 -74.61
C TYR D 200 27.95 85.14 -74.77
N ALA D 201 28.12 86.05 -73.80
CA ALA D 201 27.51 87.38 -73.86
C ALA D 201 28.04 88.18 -75.04
N LEU D 202 29.31 87.96 -75.40
CA LEU D 202 29.98 88.63 -76.54
C LEU D 202 29.61 87.95 -77.84
N MET D 203 29.20 86.69 -77.74
CA MET D 203 28.80 85.91 -78.91
C MET D 203 27.33 86.10 -79.30
N GLY D 204 26.69 87.11 -78.73
CA GLY D 204 25.30 87.42 -79.05
C GLY D 204 24.25 86.72 -78.21
N TYR D 205 24.67 85.93 -77.21
CA TYR D 205 23.74 85.19 -76.33
C TYR D 205 23.28 86.03 -75.15
N GLN D 206 22.13 85.68 -74.58
CA GLN D 206 21.59 86.39 -73.42
C GLN D 206 21.88 85.46 -72.26
N ILE D 207 22.52 85.98 -71.23
CA ILE D 207 22.85 85.14 -70.08
C ILE D 207 21.74 85.22 -69.05
N VAL D 208 21.11 84.08 -68.80
CA VAL D 208 20.01 83.99 -67.83
C VAL D 208 20.58 83.21 -66.66
N VAL D 209 20.59 83.84 -65.49
CA VAL D 209 21.12 83.20 -64.28
C VAL D 209 19.97 82.67 -63.41
N VAL D 210 20.09 81.45 -62.88
CA VAL D 210 19.04 80.84 -62.03
C VAL D 210 19.70 80.27 -60.78
N SER D 211 19.03 80.33 -59.63
CA SER D 211 19.58 79.80 -58.35
C SER D 211 18.55 79.03 -57.50
N GLY D 212 19.05 78.10 -56.67
CA GLY D 212 18.19 77.31 -55.81
C GLY D 212 18.16 77.78 -54.37
N ARG D 213 18.59 79.02 -54.13
CA ARG D 213 18.59 79.60 -52.77
C ARG D 213 17.31 80.39 -52.54
N GLU D 214 16.75 80.32 -51.32
CA GLU D 214 15.52 81.06 -50.96
C GLU D 214 15.78 82.57 -51.02
CA SER D 215 14.94 84.78 -51.70
C SER D 215 14.78 85.61 -50.43
N PRO D 221 10.67 88.77 -48.14
CA PRO D 221 11.72 89.72 -48.54
C PRO D 221 12.48 89.25 -49.77
N THR D 222 13.41 90.08 -50.21
CA THR D 222 14.27 89.79 -51.37
C THR D 222 15.72 89.96 -50.90
N LYS D 223 15.92 89.85 -49.58
CA LYS D 223 17.24 89.99 -48.88
C LYS D 223 18.36 89.11 -49.42
N TYR D 224 18.10 87.82 -49.63
CA TYR D 224 19.10 86.86 -50.15
C TYR D 224 19.24 86.91 -51.68
N TYR D 225 18.21 87.41 -52.37
CA TYR D 225 18.19 87.56 -53.85
C TYR D 225 19.15 88.66 -54.28
N ARG D 226 19.02 89.84 -53.66
CA ARG D 226 19.89 90.99 -53.99
C ARG D 226 21.31 90.80 -53.47
N MET D 227 21.49 89.84 -52.56
CA MET D 227 22.81 89.50 -52.00
C MET D 227 23.48 88.61 -53.06
N THR D 228 22.68 87.84 -53.77
CA THR D 228 23.15 86.92 -54.83
C THR D 228 23.40 87.69 -56.13
N ARG D 229 22.50 88.61 -56.48
CA ARG D 229 22.64 89.41 -57.72
C ARG D 229 23.80 90.40 -57.65
N LYS D 230 24.11 90.91 -56.46
CA LYS D 230 25.23 91.86 -56.26
C LYS D 230 26.57 91.13 -56.37
N TRP D 231 26.53 89.80 -56.29
CA TRP D 231 27.72 88.96 -56.42
C TRP D 231 27.89 88.63 -57.91
N VAL D 232 26.83 88.11 -58.53
CA VAL D 232 26.82 87.71 -59.94
C VAL D 232 27.13 88.86 -60.90
N GLU D 233 26.55 90.02 -60.65
CA GLU D 233 26.74 91.21 -61.50
C GLU D 233 28.01 92.01 -61.22
N ASP D 234 28.27 92.32 -59.95
CA ASP D 234 29.47 93.14 -59.56
C ASP D 234 30.78 92.40 -59.27
N ILE D 235 30.75 91.43 -58.36
CA ILE D 235 31.97 90.67 -57.96
C ILE D 235 32.42 89.63 -58.99
N ALA D 236 31.48 88.94 -59.64
CA ALA D 236 31.79 87.92 -60.66
C ALA D 236 32.00 88.52 -62.05
N GLY D 237 31.15 89.49 -62.39
CA GLY D 237 31.24 90.16 -63.68
C GLY D 237 30.46 89.51 -64.81
N VAL D 238 29.45 88.73 -64.46
CA VAL D 238 28.59 88.03 -65.43
C VAL D 238 27.59 89.04 -66.04
N PRO D 239 27.56 89.18 -67.39
CA PRO D 239 26.65 90.12 -68.06
C PRO D 239 25.23 89.55 -68.23
N LEU D 240 24.52 89.43 -67.10
CA LEU D 240 23.15 88.87 -67.10
C LEU D 240 22.08 89.83 -67.56
N VAL D 241 21.03 89.27 -68.13
CA VAL D 241 19.88 90.04 -68.62
C VAL D 241 18.70 89.78 -67.70
N MET D 242 18.77 88.66 -66.97
CA MET D 242 17.70 88.25 -66.07
C MET D 242 18.18 87.25 -65.02
N GLN D 243 17.63 87.34 -63.82
CA GLN D 243 17.94 86.41 -62.73
C GLN D 243 16.68 86.06 -61.93
N CYS D 244 16.18 84.84 -62.14
CA CYS D 244 14.99 84.37 -61.41
C CYS D 244 15.41 83.21 -60.53
N GLN D 245 15.03 83.27 -59.26
CA GLN D 245 15.35 82.20 -58.32
C GLN D 245 14.19 81.76 -57.43
N ARG D 246 14.49 80.82 -56.54
CA ARG D 246 13.58 80.21 -55.57
C ARG D 246 12.90 81.29 -54.70
N GLU D 247 11.60 81.15 -54.48
CA GLU D 247 10.80 82.11 -53.67
C GLU D 247 11.09 82.09 -52.17
N GLN D 248 10.40 82.96 -51.44
CA GLN D 248 10.55 83.11 -49.97
C GLN D 248 10.43 81.82 -49.18
N GLY D 249 9.31 81.10 -49.33
CA GLY D 249 9.11 79.87 -48.60
C GLY D 249 8.84 78.66 -49.46
N ASP D 250 9.51 78.57 -50.61
CA ASP D 250 9.36 77.42 -51.55
C ASP D 250 10.14 76.23 -50.99
N THR D 251 9.42 75.36 -50.28
CA THR D 251 10.00 74.15 -49.63
C THR D 251 10.09 72.91 -50.52
N ARG D 252 9.91 73.10 -51.83
CA ARG D 252 9.96 71.97 -52.80
C ARG D 252 11.37 71.46 -53.13
N LYS D 253 11.53 70.81 -54.28
CA LYS D 253 12.83 70.26 -54.70
C LYS D 253 13.48 71.12 -55.78
N ASP D 254 14.82 71.15 -55.79
CA ASP D 254 15.65 71.94 -56.77
C ASP D 254 15.23 71.52 -58.18
N ASP D 255 14.91 70.22 -58.25
CA ASP D 255 14.45 69.50 -59.42
C ASP D 255 13.23 70.17 -60.06
N VAL D 256 12.12 70.25 -59.33
CA VAL D 256 10.85 70.84 -59.80
C VAL D 256 10.78 72.36 -59.82
N VAL D 257 11.49 73.02 -58.91
CA VAL D 257 11.50 74.50 -58.83
C VAL D 257 12.12 75.09 -60.10
N LYS D 258 13.28 74.56 -60.50
CA LYS D 258 13.97 75.05 -61.71
C LYS D 258 13.25 74.72 -63.01
N GLU D 259 12.43 73.66 -63.01
CA GLU D 259 11.65 73.31 -64.23
C GLU D 259 10.50 74.29 -64.36
N GLU D 260 9.93 74.70 -63.22
CA GLU D 260 8.82 75.66 -63.18
C GLU D 260 9.32 77.05 -63.60
N ILE D 261 10.52 77.40 -63.13
CA ILE D 261 11.17 78.70 -63.45
C ILE D 261 11.45 78.75 -64.94
N PHE D 262 11.72 77.58 -65.52
CA PHE D 262 12.01 77.49 -66.95
C PHE D 262 10.77 77.75 -67.80
N TRP D 263 9.71 76.98 -67.55
CA TRP D 263 8.46 77.11 -68.32
C TRP D 263 7.69 78.41 -68.16
N LYS D 264 7.74 79.01 -66.98
CA LYS D 264 7.02 80.26 -66.70
C LYS D 264 7.75 81.55 -67.07
N HIS D 265 9.02 81.68 -66.68
CA HIS D 265 9.80 82.90 -66.93
C HIS D 265 10.84 82.86 -68.05
N ILE D 266 11.48 81.72 -68.28
CA ILE D 266 12.54 81.64 -69.29
C ILE D 266 12.08 81.22 -70.68
N ALA D 267 11.44 80.06 -70.80
CA ALA D 267 11.01 79.51 -72.10
C ALA D 267 10.16 80.41 -73.03
N PRO D 268 9.16 81.16 -72.49
CA PRO D 268 8.39 82.01 -73.41
C PRO D 268 9.09 83.29 -73.87
N HIS D 269 10.16 83.69 -73.17
CA HIS D 269 10.90 84.93 -73.50
C HIS D 269 12.24 84.73 -74.23
N PHE D 270 12.84 83.55 -74.10
CA PHE D 270 14.15 83.24 -74.74
C PHE D 270 14.19 81.90 -75.50
N ASP D 271 15.13 81.79 -76.44
CA ASP D 271 15.35 80.56 -77.21
C ASP D 271 16.58 79.88 -76.57
N VAL D 272 16.34 79.11 -75.52
CA VAL D 272 17.41 78.41 -74.80
C VAL D 272 18.11 77.31 -75.58
N LYS D 273 19.39 77.54 -75.85
CA LYS D 273 20.25 76.60 -76.60
C LYS D 273 21.11 75.72 -75.68
N LEU D 274 21.34 76.19 -74.46
CA LEU D 274 22.20 75.47 -73.49
C LEU D 274 21.96 75.84 -72.04
N ALA D 275 22.30 74.92 -71.15
CA ALA D 275 22.20 75.12 -69.70
C ALA D 275 23.50 74.62 -69.05
N ILE D 276 24.13 75.48 -68.25
CA ILE D 276 25.38 75.14 -67.56
C ILE D 276 24.99 74.93 -66.10
N ASP D 277 25.07 73.69 -65.63
CA ASP D 277 24.70 73.37 -64.24
C ASP D 277 25.70 72.45 -63.57
N ASP D 278 25.48 72.19 -62.28
CA ASP D 278 26.34 71.34 -61.47
C ASP D 278 25.63 70.15 -60.85
N ARG D 279 24.60 70.39 -60.05
CA ARG D 279 23.84 69.31 -59.37
C ARG D 279 23.22 68.27 -60.32
N THR D 280 23.61 67.00 -60.13
CA THR D 280 23.15 65.86 -60.96
C THR D 280 21.64 65.81 -61.24
N GLN D 281 20.81 65.94 -60.21
CA GLN D 281 19.34 65.91 -60.41
C GLN D 281 18.82 67.02 -61.31
N VAL D 282 19.46 68.19 -61.26
CA VAL D 282 19.06 69.33 -62.10
C VAL D 282 19.58 69.13 -63.53
N VAL D 283 20.76 68.55 -63.65
CA VAL D 283 21.40 68.27 -64.95
C VAL D 283 20.54 67.26 -65.69
N GLU D 284 20.05 66.25 -64.95
CA GLU D 284 19.19 65.19 -65.50
C GLU D 284 17.86 65.77 -65.97
N MET D 285 17.40 66.79 -65.26
CA MET D 285 16.15 67.48 -65.57
C MET D 285 16.21 68.27 -66.87
N TRP D 286 17.24 69.08 -67.06
CA TRP D 286 17.35 69.87 -68.29
C TRP D 286 17.44 68.96 -69.51
N ARG D 287 18.25 67.91 -69.38
CA ARG D 287 18.48 66.95 -70.47
C ARG D 287 17.26 66.18 -70.93
N ARG D 288 16.39 65.77 -70.00
CA ARG D 288 15.18 65.00 -70.38
C ARG D 288 14.05 65.87 -70.96
N ILE D 289 14.06 67.17 -70.64
CA ILE D 289 13.04 68.08 -71.18
C ILE D 289 13.49 68.76 -72.47
N GLY D 290 14.63 68.34 -73.03
CA GLY D 290 15.11 68.91 -74.29
C GLY D 290 16.24 69.93 -74.31
N VAL D 291 16.56 70.50 -73.15
CA VAL D 291 17.66 71.51 -73.05
C VAL D 291 18.97 70.77 -72.86
N GLU D 292 20.00 71.19 -73.59
CA GLU D 292 21.35 70.58 -73.51
C GLU D 292 22.13 71.04 -72.27
N CYS D 293 22.71 70.09 -71.53
CA CYS D 293 23.60 70.38 -70.37
C CYS D 293 25.01 69.99 -70.40
N TRP D 294 25.79 70.87 -69.77
CA TRP D 294 27.21 70.70 -69.58
C TRP D 294 27.33 70.73 -68.06
N GLN D 295 27.60 69.56 -67.48
CA GLN D 295 27.78 69.44 -66.03
C GLN D 295 29.23 69.77 -65.73
N VAL D 296 29.44 70.90 -65.05
CA VAL D 296 30.77 71.42 -64.72
C VAL D 296 31.58 70.75 -63.61
N ALA D 297 30.93 70.00 -62.74
CA ALA D 297 31.62 69.31 -61.63
C ALA D 297 30.82 68.11 -61.15
N SER D 298 31.39 67.35 -60.20
CA SER D 298 30.70 66.20 -59.61
C SER D 298 29.64 66.79 -58.70
N GLY D 299 28.37 66.66 -59.09
CA GLY D 299 27.29 67.22 -58.31
C GLY D 299 26.30 66.24 -57.74
N ASP D 300 26.79 65.28 -56.97
CA ASP D 300 25.92 64.25 -56.40
C ASP D 300 25.46 64.56 -54.97
N PHE D 301 24.44 65.42 -54.88
CA PHE D 301 23.83 65.87 -53.61
N MET E 1 -17.75 -2.16 2.72
CA MET E 1 -16.51 -1.56 2.15
C MET E 1 -15.75 -0.78 3.23
N LYS E 2 -16.48 0.02 4.00
CA LYS E 2 -15.93 0.85 5.10
C LYS E 2 -16.02 0.14 6.45
N LYS E 3 -15.11 0.50 7.38
CA LYS E 3 -15.03 -0.13 8.73
C LYS E 3 -15.73 0.57 9.90
N ILE E 4 -16.77 -0.06 10.46
CA ILE E 4 -17.51 0.45 11.65
C ILE E 4 -16.80 -0.23 12.83
N ILE E 5 -15.83 0.46 13.42
CA ILE E 5 -15.07 -0.09 14.56
C ILE E 5 -15.77 0.18 15.90
N LEU E 6 -16.08 -0.90 16.62
CA LEU E 6 -16.72 -0.80 17.94
C LEU E 6 -15.66 -1.08 19.00
N THR E 7 -15.51 -0.16 19.94
CA THR E 7 -14.55 -0.34 21.03
C THR E 7 -15.28 -1.06 22.17
N ILE E 8 -14.71 -2.16 22.65
CA ILE E 8 -15.31 -2.93 23.75
C ILE E 8 -14.38 -2.82 24.96
N GLY E 9 -14.93 -2.25 26.04
CA GLY E 9 -14.17 -2.06 27.27
C GLY E 9 -14.86 -1.21 28.30
N CYS E 10 -14.57 -1.50 29.58
CA CYS E 10 -15.12 -0.80 30.75
C CYS E 10 -14.61 0.65 30.81
N PRO E 11 -15.33 1.57 31.49
CA PRO E 11 -14.81 2.95 31.55
C PRO E 11 -13.47 3.03 32.28
N GLY E 12 -12.46 3.53 31.57
CA GLY E 12 -11.12 3.63 32.11
C GLY E 12 -10.18 2.64 31.45
N SER E 13 -10.67 1.90 30.47
CA SER E 13 -9.85 0.90 29.76
C SER E 13 -8.96 1.43 28.63
N GLY E 14 -9.08 2.72 28.34
CA GLY E 14 -8.27 3.36 27.30
C GLY E 14 -8.88 3.56 25.92
N LYS E 15 -10.21 3.45 25.82
CA LYS E 15 -10.97 3.60 24.55
C LYS E 15 -10.81 4.96 23.87
N SER E 16 -11.04 6.04 24.62
CA SER E 16 -10.93 7.42 24.08
C SER E 16 -9.52 7.82 23.71
N THR E 17 -8.54 7.37 24.49
CA THR E 17 -7.11 7.69 24.24
C THR E 17 -6.65 7.03 22.94
N TRP E 18 -7.17 5.84 22.65
CA TRP E 18 -6.83 5.11 21.40
C TRP E 18 -7.53 5.77 20.20
N ALA E 19 -8.84 5.99 20.31
CA ALA E 19 -9.67 6.61 19.24
C ALA E 19 -9.12 7.94 18.73
N ARG E 20 -8.56 8.74 19.65
CA ARG E 20 -7.95 10.04 19.33
C ARG E 20 -6.65 9.82 18.55
N GLU E 21 -5.82 8.90 19.04
CA GLU E 21 -4.53 8.58 18.40
C GLU E 21 -4.66 7.83 17.08
N PHE E 22 -5.78 7.15 16.88
CA PHE E 22 -6.04 6.39 15.64
C PHE E 22 -6.48 7.34 14.53
N ILE E 23 -7.36 8.28 14.85
CA ILE E 23 -7.87 9.27 13.88
C ILE E 23 -6.76 10.24 13.43
N ALA E 24 -5.78 10.46 14.31
CA ALA E 24 -4.65 11.34 14.01
C ALA E 24 -3.67 10.69 13.04
N LYS E 25 -3.42 9.40 13.21
CA LYS E 25 -2.49 8.64 12.34
C LYS E 25 -3.15 8.08 11.08
N ASN E 26 -4.46 7.80 11.15
CA ASN E 26 -5.22 7.26 10.01
C ASN E 26 -6.31 8.22 9.55
N PRO E 27 -6.03 9.06 8.53
CA PRO E 27 -7.04 10.02 8.02
C PRO E 27 -8.23 9.33 7.36
N GLY E 28 -9.39 9.97 7.46
CA GLY E 28 -10.59 9.40 6.88
C GLY E 28 -11.50 8.75 7.91
N PHE E 29 -11.00 8.61 9.13
CA PHE E 29 -11.77 8.01 10.25
C PHE E 29 -12.41 9.07 11.14
N TYR E 30 -13.67 8.84 11.51
CA TYR E 30 -14.45 9.77 12.35
C TYR E 30 -14.97 9.09 13.62
N ASN E 31 -15.14 9.86 14.68
CA ASN E 31 -15.62 9.35 15.98
C ASN E 31 -17.08 9.66 16.28
N ILE E 32 -17.79 8.69 16.85
CA ILE E 32 -19.19 8.83 17.25
C ILE E 32 -19.20 8.30 18.69
N ASN E 33 -19.49 9.18 19.64
CA ASN E 33 -19.48 8.82 21.06
C ASN E 33 -20.79 9.18 21.77
N ARG E 34 -21.22 8.29 22.67
CA ARG E 34 -22.47 8.49 23.43
C ARG E 34 -22.37 9.55 24.50
N ASP E 35 -21.31 9.48 25.31
CA ASP E 35 -21.07 10.44 26.40
C ASP E 35 -20.97 11.87 25.91
N ASP E 36 -20.41 12.05 24.71
CA ASP E 36 -20.25 13.36 24.08
C ASP E 36 -21.58 13.97 23.70
N TYR E 37 -22.50 13.13 23.21
CA TYR E 37 -23.85 13.58 22.80
C TYR E 37 -24.75 13.82 24.00
N ARG E 38 -24.59 12.98 25.03
CA ARG E 38 -25.36 13.08 26.30
C ARG E 38 -25.08 14.43 26.97
N GLN E 39 -23.80 14.80 27.01
CA GLN E 39 -23.33 16.06 27.62
C GLN E 39 -23.75 17.24 26.76
N SER E 40 -23.72 17.05 25.44
CA SER E 40 -24.06 18.10 24.47
C SER E 40 -25.53 18.51 24.43
N ILE E 41 -26.45 17.54 24.45
CA ILE E 41 -27.90 17.85 24.40
C ILE E 41 -28.43 18.51 25.67
N MET E 42 -27.66 18.40 26.75
CA MET E 42 -28.05 18.97 28.04
C MET E 42 -27.22 20.21 28.37
N ALA E 43 -26.19 20.46 27.56
CA ALA E 43 -25.25 21.59 27.69
C ALA E 43 -24.45 21.58 29.00
N HIS E 44 -24.26 20.38 29.57
CA HIS E 44 -23.53 20.19 30.84
C HIS E 44 -22.02 20.49 30.72
N GLU E 45 -21.40 20.81 31.86
CA GLU E 45 -19.96 21.12 31.95
C GLU E 45 -19.15 19.85 32.27
N GLU E 46 -19.81 18.93 32.98
CA GLU E 46 -19.22 17.65 33.41
C GLU E 46 -20.10 16.45 33.02
N ARG E 47 -19.56 15.24 33.15
CA ARG E 47 -20.28 13.99 32.80
C ARG E 47 -21.23 13.50 33.90
N ASP E 48 -20.81 13.61 35.17
CA ASP E 48 -21.63 13.15 36.33
C ASP E 48 -22.91 13.95 36.60
N GLU E 49 -23.06 15.06 35.87
CA GLU E 49 -24.23 15.94 35.98
C GLU E 49 -25.46 15.31 35.32
N TYR E 50 -25.21 14.41 34.36
CA TYR E 50 -26.28 13.72 33.57
C TYR E 50 -27.24 12.81 34.36
N LYS E 51 -28.53 12.93 34.02
CA LYS E 51 -29.62 12.13 34.62
C LYS E 51 -30.29 11.36 33.49
N TYR E 52 -30.23 10.03 33.57
CA TYR E 52 -30.79 9.10 32.55
C TYR E 52 -32.31 9.07 32.40
N THR E 53 -32.77 9.03 31.16
CA THR E 53 -34.22 8.99 30.79
C THR E 53 -34.38 8.20 29.48
N LYS E 54 -35.55 7.59 29.29
CA LYS E 54 -35.88 6.80 28.09
C LYS E 54 -35.98 7.69 26.84
N LYS E 55 -36.47 8.91 27.04
CA LYS E 55 -36.64 9.93 25.97
C LYS E 55 -35.26 10.42 25.51
N LYS E 56 -34.40 10.78 26.47
CA LYS E 56 -33.02 11.27 26.20
C LYS E 56 -32.12 10.22 25.58
N GLU E 57 -32.07 9.00 26.15
CA GLU E 57 -31.22 7.90 25.60
C GLU E 57 -31.65 7.47 24.20
N GLY E 58 -32.93 7.74 23.88
CA GLY E 58 -33.49 7.43 22.58
C GLY E 58 -33.00 8.41 21.53
N ILE E 59 -32.88 9.68 21.94
CA ILE E 59 -32.40 10.78 21.08
C ILE E 59 -30.92 10.56 20.79
N VAL E 60 -30.17 10.11 21.80
CA VAL E 60 -28.72 9.85 21.69
C VAL E 60 -28.44 8.68 20.74
N THR E 61 -29.29 7.65 20.78
CA THR E 61 -29.17 6.46 19.89
C THR E 61 -29.43 6.94 18.46
N GLY E 62 -30.42 7.84 18.32
CA GLY E 62 -30.80 8.42 17.04
C GLY E 62 -29.66 9.20 16.43
N MET E 63 -28.99 10.01 17.25
CA MET E 63 -27.83 10.83 16.83
C MET E 63 -26.67 9.96 16.38
N GLN E 64 -26.49 8.81 17.04
CA GLN E 64 -25.41 7.88 16.73
C GLN E 64 -25.52 7.28 15.34
N PHE E 65 -26.69 6.69 15.06
CA PHE E 65 -26.97 6.04 13.78
C PHE E 65 -27.14 6.98 12.60
N ASP E 66 -27.76 8.14 12.84
CA ASP E 66 -27.97 9.14 11.77
C ASP E 66 -26.65 9.75 11.32
N THR E 67 -25.73 9.93 12.27
CA THR E 67 -24.39 10.50 11.99
C THR E 67 -23.54 9.45 11.30
N ALA E 68 -23.74 8.18 11.65
CA ALA E 68 -22.98 7.06 11.06
C ALA E 68 -23.36 6.89 9.60
N LYS E 69 -24.66 7.02 9.30
CA LYS E 69 -25.18 6.88 7.93
C LYS E 69 -24.66 8.02 7.07
N SER E 70 -24.75 9.24 7.60
CA SER E 70 -24.30 10.46 6.91
C SER E 70 -22.80 10.48 6.57
N ILE E 71 -21.96 10.10 7.52
CA ILE E 71 -20.49 10.09 7.31
C ILE E 71 -20.05 9.00 6.32
N LEU E 72 -20.58 7.80 6.49
CA LEU E 72 -20.23 6.66 5.63
C LEU E 72 -20.79 6.73 4.21
N TYR E 73 -21.55 7.79 3.94
CA TYR E 73 -22.13 8.08 2.61
C TYR E 73 -21.22 9.07 1.87
N GLY E 74 -19.92 8.97 2.13
CA GLY E 74 -18.95 9.86 1.52
C GLY E 74 -18.18 9.27 0.36
N GLY E 75 -17.03 9.88 0.08
CA GLY E 75 -16.17 9.45 -1.00
C GLY E 75 -15.20 8.36 -0.62
N ASP E 76 -14.20 8.17 -1.48
CA ASP E 76 -13.12 7.15 -1.31
C ASP E 76 -12.00 7.65 -0.37
N SER E 77 -12.15 8.88 0.12
CA SER E 77 -11.20 9.52 1.05
C SER E 77 -11.56 9.17 2.50
N VAL E 78 -12.85 8.96 2.74
CA VAL E 78 -13.42 8.59 4.07
C VAL E 78 -13.28 7.05 4.22
N LYS E 79 -12.53 6.61 5.24
CA LYS E 79 -12.26 5.16 5.47
C LYS E 79 -13.02 4.41 6.60
N GLY E 80 -14.05 5.01 7.19
CA GLY E 80 -14.82 4.35 8.25
C GLY E 80 -15.05 5.15 9.52
N VAL E 81 -15.87 4.63 10.44
CA VAL E 81 -16.17 5.31 11.73
C VAL E 81 -15.86 4.49 13.00
N ILE E 82 -15.53 5.17 14.09
CA ILE E 82 -15.25 4.51 15.39
C ILE E 82 -16.35 4.86 16.37
N ILE E 83 -16.93 3.84 17.00
CA ILE E 83 -17.97 4.03 18.03
C ILE E 83 -17.27 3.80 19.37
N SER E 84 -16.76 4.89 19.94
CA SER E 84 -16.01 4.89 21.21
C SER E 84 -16.83 4.74 22.49
N ASP E 85 -17.85 3.89 22.44
CA ASP E 85 -18.70 3.62 23.61
C ASP E 85 -18.14 2.38 24.33
N THR E 86 -18.79 1.97 25.41
CA THR E 86 -18.34 0.77 26.15
C THR E 86 -18.74 -0.47 25.38
N ASN E 87 -19.90 -0.39 24.70
CA ASN E 87 -20.48 -1.48 23.86
C ASN E 87 -20.53 -2.81 24.58
N LEU E 88 -20.86 -2.76 25.87
CA LEU E 88 -20.92 -3.96 26.72
C LEU E 88 -22.27 -4.64 26.73
N ASN E 89 -23.29 -3.96 26.21
CA ASN E 89 -24.66 -4.52 26.11
C ASN E 89 -24.74 -5.27 24.76
N PRO E 90 -25.11 -6.58 24.77
CA PRO E 90 -25.21 -7.39 23.56
C PRO E 90 -26.23 -6.88 22.53
N GLU E 91 -27.28 -6.22 23.00
CA GLU E 91 -28.35 -5.67 22.14
C GLU E 91 -27.85 -4.51 21.30
N ARG E 92 -26.93 -3.72 21.85
CA ARG E 92 -26.34 -2.56 21.15
C ARG E 92 -25.31 -3.01 20.13
N ARG E 93 -24.56 -4.06 20.44
CA ARG E 93 -23.54 -4.62 19.50
C ARG E 93 -24.21 -5.25 18.30
N LEU E 94 -25.39 -5.86 18.54
CA LEU E 94 -26.20 -6.52 17.50
C LEU E 94 -26.82 -5.47 16.58
N ALA E 95 -27.27 -4.36 17.16
CA ALA E 95 -27.89 -3.24 16.41
C ALA E 95 -26.92 -2.63 15.40
N TRP E 96 -25.62 -2.68 15.70
CA TRP E 96 -24.56 -2.16 14.80
C TRP E 96 -24.18 -3.17 13.71
N GLU E 97 -24.46 -4.44 13.96
CA GLU E 97 -24.19 -5.50 12.96
C GLU E 97 -25.37 -5.61 12.00
N THR E 98 -26.56 -5.26 12.48
CA THR E 98 -27.82 -5.25 11.69
C THR E 98 -27.75 -4.06 10.73
N PHE E 99 -27.22 -2.96 11.24
CA PHE E 99 -27.03 -1.68 10.52
C PHE E 99 -25.96 -1.82 9.42
N ALA E 100 -24.84 -2.46 9.74
CA ALA E 100 -23.74 -2.64 8.79
C ALA E 100 -23.98 -3.70 7.72
N LYS E 101 -25.01 -4.52 7.90
CA LYS E 101 -25.36 -5.56 6.92
C LYS E 101 -26.50 -5.05 6.03
N GLU E 102 -27.25 -4.07 6.56
CA GLU E 102 -28.40 -3.44 5.85
C GLU E 102 -27.90 -2.42 4.81
N TYR E 103 -26.65 -1.98 4.98
CA TYR E 103 -26.00 -1.00 4.07
C TYR E 103 -24.60 -1.42 3.62
N GLY E 104 -24.21 -2.68 3.90
CA GLY E 104 -22.93 -3.23 3.47
C GLY E 104 -21.57 -2.74 3.98
N TRP E 105 -21.40 -2.67 5.30
CA TRP E 105 -20.13 -2.23 5.92
C TRP E 105 -19.62 -3.29 6.90
N LYS E 106 -18.29 -3.38 7.03
CA LYS E 106 -17.61 -4.35 7.93
C LYS E 106 -17.53 -3.89 9.41
N VAL E 107 -18.05 -4.71 10.32
CA VAL E 107 -18.03 -4.42 11.78
C VAL E 107 -16.77 -5.05 12.38
N GLU E 108 -15.83 -4.20 12.77
CA GLU E 108 -14.55 -4.64 13.38
C GLU E 108 -14.68 -4.39 14.89
N HIS E 109 -14.02 -5.21 15.70
CA HIS E 109 -14.08 -5.05 17.17
C HIS E 109 -12.71 -4.78 17.78
N LYS E 110 -12.60 -3.71 18.57
CA LYS E 110 -11.33 -3.36 19.23
C LYS E 110 -11.54 -3.56 20.73
N VAL E 111 -11.03 -4.69 21.22
CA VAL E 111 -11.15 -5.10 22.65
C VAL E 111 -10.07 -4.49 23.54
N PHE E 112 -10.50 -3.98 24.70
CA PHE E 112 -9.60 -3.36 25.70
C PHE E 112 -9.72 -4.11 27.02
N ASP E 113 -9.01 -5.24 27.13
CA ASP E 113 -9.04 -6.07 28.34
C ASP E 113 -8.00 -5.59 29.36
N VAL E 114 -8.48 -4.81 30.32
CA VAL E 114 -7.65 -4.25 31.39
C VAL E 114 -8.09 -4.95 32.70
N PRO E 115 -7.14 -5.42 33.55
CA PRO E 115 -7.46 -6.10 34.82
C PRO E 115 -8.30 -5.26 35.80
N TRP E 116 -9.09 -5.94 36.64
CA TRP E 116 -9.97 -5.28 37.63
C TRP E 116 -9.27 -4.27 38.54
N THR E 117 -8.20 -4.70 39.19
CA THR E 117 -7.43 -3.85 40.13
C THR E 117 -6.97 -2.54 39.50
N GLU E 118 -6.62 -2.60 38.23
CA GLU E 118 -6.15 -1.43 37.46
C GLU E 118 -7.33 -0.51 37.10
N LEU E 119 -8.49 -1.12 36.82
CA LEU E 119 -9.70 -0.34 36.46
C LEU E 119 -10.21 0.47 37.63
N VAL E 120 -10.15 -0.11 38.83
CA VAL E 120 -10.59 0.56 40.09
C VAL E 120 -9.63 1.70 40.43
N LYS E 121 -8.32 1.45 40.25
CA LYS E 121 -7.25 2.42 40.52
C LYS E 121 -7.43 3.64 39.61
N ARG E 122 -7.81 3.38 38.36
CA ARG E 122 -8.03 4.47 37.39
C ARG E 122 -9.34 5.20 37.65
N ASN E 123 -10.36 4.48 38.11
CA ASN E 123 -11.68 5.07 38.37
C ASN E 123 -11.72 5.97 39.60
N SER E 124 -10.83 5.72 40.55
CA SER E 124 -10.76 6.52 41.77
C SER E 124 -10.13 7.89 41.50
N LYS E 125 -9.27 7.94 40.47
CA LYS E 125 -8.57 9.19 40.06
C LYS E 125 -9.23 9.85 38.86
N ARG E 126 -10.32 9.29 38.37
CA ARG E 126 -11.04 9.80 37.17
C ARG E 126 -11.80 11.12 37.33
N GLY E 127 -12.01 11.53 38.58
CA GLY E 127 -12.70 12.77 38.87
C GLY E 127 -14.17 12.81 38.57
N THR E 128 -14.54 13.76 37.71
CA THR E 128 -15.94 13.94 37.31
C THR E 128 -16.42 12.90 36.29
N LYS E 129 -15.47 12.22 35.65
CA LYS E 129 -15.77 11.16 34.66
C LYS E 129 -15.78 9.78 35.34
N ALA E 130 -15.79 9.79 36.68
CA ALA E 130 -15.81 8.57 37.49
C ALA E 130 -17.20 7.99 37.57
N VAL E 131 -17.25 6.67 37.52
CA VAL E 131 -18.51 5.93 37.57
C VAL E 131 -18.65 5.27 38.95
N PRO E 132 -19.90 5.05 39.44
CA PRO E 132 -20.06 4.40 40.77
C PRO E 132 -19.48 2.99 40.72
N ILE E 133 -18.81 2.57 41.80
CA ILE E 133 -18.17 1.24 41.87
C ILE E 133 -19.10 0.06 41.53
N ASP E 134 -20.40 0.21 41.80
CA ASP E 134 -21.36 -0.85 41.48
C ASP E 134 -21.63 -0.97 39.98
N VAL E 135 -21.49 0.13 39.24
CA VAL E 135 -21.70 0.10 37.79
C VAL E 135 -20.41 -0.35 37.08
N LEU E 136 -19.27 -0.14 37.72
CA LEU E 136 -17.97 -0.56 37.17
C LEU E 136 -17.90 -2.09 37.32
N ARG E 137 -18.52 -2.59 38.38
CA ARG E 137 -18.58 -4.04 38.68
C ARG E 137 -19.51 -4.72 37.69
N SER E 138 -20.67 -4.08 37.46
CA SER E 138 -21.70 -4.56 36.54
C SER E 138 -21.15 -4.61 35.11
N MET E 139 -20.23 -3.69 34.82
CA MET E 139 -19.60 -3.62 33.50
C MET E 139 -18.46 -4.61 33.30
N TYR E 140 -17.73 -4.93 34.38
CA TYR E 140 -16.65 -5.91 34.28
C TYR E 140 -17.25 -7.31 34.15
N LYS E 141 -18.49 -7.45 34.60
CA LYS E 141 -19.24 -8.72 34.52
C LYS E 141 -19.63 -8.92 33.05
N SER E 142 -20.01 -7.82 32.38
CA SER E 142 -20.39 -7.83 30.95
C SER E 142 -19.18 -8.02 30.05
N MET E 143 -18.01 -7.65 30.56
CA MET E 143 -16.73 -7.78 29.84
C MET E 143 -16.30 -9.23 29.88
N ARG E 144 -16.58 -9.90 31.00
CA ARG E 144 -16.23 -11.32 31.17
C ARG E 144 -17.15 -12.19 30.32
N GLU E 145 -18.40 -11.76 30.14
CA GLU E 145 -19.42 -12.46 29.30
C GLU E 145 -18.99 -12.40 27.85
N TYR E 146 -18.51 -11.23 27.42
CA TYR E 146 -18.02 -11.00 26.05
C TYR E 146 -16.75 -11.82 25.82
N LEU E 147 -15.79 -11.75 26.75
CA LEU E 147 -14.52 -12.47 26.66
C LEU E 147 -14.69 -13.99 26.77
N GLY E 148 -15.89 -14.41 27.21
CA GLY E 148 -16.21 -15.83 27.35
C GLY E 148 -15.62 -16.50 28.58
N LEU E 149 -15.14 -15.68 29.53
CA LEU E 149 -14.53 -16.16 30.80
C LEU E 149 -15.55 -16.90 31.69
N PRO E 150 -15.14 -18.00 32.36
CA PRO E 150 -16.01 -18.82 33.22
C PRO E 150 -16.64 -18.26 34.51
N VAL E 151 -17.85 -18.75 34.79
CA VAL E 151 -18.65 -18.40 35.98
C VAL E 151 -19.05 -19.74 36.62
N TYR E 152 -18.74 -19.91 37.90
CA TYR E 152 -19.04 -21.13 38.67
C TYR E 152 -20.52 -21.24 39.01
N ASN E 153 -21.06 -22.45 38.92
CA ASN E 153 -22.47 -22.70 39.20
C ASN E 153 -22.63 -23.96 40.05
N GLY E 154 -21.52 -24.44 40.60
CA GLY E 154 -21.54 -25.63 41.43
C GLY E 154 -20.81 -26.79 40.77
N THR E 155 -20.60 -27.85 41.55
CA THR E 155 -19.92 -29.07 41.09
C THR E 155 -20.68 -30.22 41.77
N PRO E 156 -21.83 -30.66 41.19
CA PRO E 156 -22.62 -31.75 41.79
C PRO E 156 -21.89 -33.10 41.90
N GLY E 157 -22.21 -33.84 42.96
CA GLY E 157 -21.59 -35.14 43.18
C GLY E 157 -20.37 -35.08 44.10
N LYS E 158 -19.59 -33.99 44.01
CA LYS E 158 -18.39 -33.76 44.87
C LYS E 158 -18.84 -33.19 46.25
N PRO E 159 -18.04 -33.40 47.35
CA PRO E 159 -18.41 -32.90 48.68
C PRO E 159 -18.52 -31.39 48.84
N LYS E 160 -19.51 -30.93 49.61
CA LYS E 160 -19.71 -29.48 49.86
C LYS E 160 -18.57 -28.89 50.69
N ALA E 161 -18.10 -27.72 50.29
CA ALA E 161 -16.97 -27.06 50.97
C ALA E 161 -17.07 -25.54 51.13
N VAL E 162 -16.22 -25.02 52.03
CA VAL E 162 -16.14 -23.59 52.31
C VAL E 162 -14.64 -23.25 52.26
N ILE E 163 -14.30 -22.19 51.51
CA ILE E 163 -12.90 -21.75 51.37
C ILE E 163 -12.55 -20.68 52.40
N PHE E 164 -11.37 -20.81 53.02
CA PHE E 164 -10.87 -19.85 54.05
C PHE E 164 -9.52 -19.31 53.62
N ASP E 165 -9.28 -18.02 53.89
CA ASP E 165 -7.99 -17.36 53.58
C ASP E 165 -7.21 -17.27 54.89
N VAL E 166 -5.91 -17.03 54.87
CA VAL E 166 -5.12 -16.93 56.14
C VAL E 166 -4.84 -15.51 56.64
N ASP E 167 -4.07 -14.74 55.86
CA ASP E 167 -3.69 -13.35 56.20
C ASP E 167 -4.87 -12.37 56.15
N GLY E 168 -5.35 -11.99 57.34
CA GLY E 168 -6.47 -11.08 57.47
C GLY E 168 -7.80 -11.73 57.76
N THR E 169 -7.89 -13.04 57.53
CA THR E 169 -9.13 -13.81 57.77
C THR E 169 -9.00 -14.72 58.99
N LEU E 170 -8.16 -15.75 58.93
CA LEU E 170 -7.92 -16.66 60.08
C LEU E 170 -6.89 -16.06 61.02
N ALA E 171 -6.08 -15.14 60.50
CA ALA E 171 -5.03 -14.46 61.28
C ALA E 171 -5.22 -12.93 61.24
N LYS E 172 -5.10 -12.27 62.39
CA LYS E 172 -5.27 -10.79 62.49
C LYS E 172 -4.04 -10.06 61.93
N MET E 173 -4.30 -9.04 61.08
CA MET E 173 -3.22 -8.24 60.41
C MET E 173 -2.39 -7.30 61.28
N ASN E 174 -1.06 -7.47 61.19
CA ASN E 174 -0.07 -6.67 61.96
C ASN E 174 0.59 -5.62 61.08
N GLU E 182 8.32 -15.79 60.41
CA GLU E 182 7.28 -15.11 61.19
C GLU E 182 7.15 -15.65 62.60
N LYS E 183 7.12 -14.76 63.59
CA LYS E 183 6.97 -15.12 65.01
C LYS E 183 5.48 -15.06 65.38
N CYS E 184 4.76 -16.15 65.05
CA CYS E 184 3.30 -16.29 65.30
C CYS E 184 2.98 -16.79 66.72
N ASP E 185 1.84 -16.35 67.25
CA ASP E 185 1.37 -16.74 68.60
C ASP E 185 -0.08 -17.20 68.54
N THR E 186 -0.67 -17.44 69.71
CA THR E 186 -2.09 -17.84 69.87
C THR E 186 -2.94 -16.57 69.96
N ASP E 187 -2.26 -15.42 69.94
CA ASP E 187 -2.89 -14.09 69.99
C ASP E 187 -3.19 -13.60 68.58
N VAL E 188 -2.48 -14.15 67.59
CA VAL E 188 -2.63 -13.80 66.16
C VAL E 188 -3.95 -14.34 65.55
N ILE E 189 -4.58 -15.31 66.23
CA ILE E 189 -5.87 -15.90 65.76
C ILE E 189 -7.02 -14.91 65.81
N ASN E 190 -7.90 -14.99 64.81
CA ASN E 190 -9.10 -14.14 64.72
C ASN E 190 -10.17 -15.08 65.30
N PRO E 191 -10.58 -14.88 66.58
CA PRO E 191 -11.58 -15.70 67.28
C PRO E 191 -12.85 -16.11 66.55
N MET E 192 -13.66 -15.14 66.13
CA MET E 192 -14.95 -15.42 65.44
C MET E 192 -14.85 -16.16 64.11
N VAL E 193 -13.77 -15.92 63.37
CA VAL E 193 -13.55 -16.57 62.07
C VAL E 193 -13.04 -18.01 62.24
N VAL E 194 -12.13 -18.23 63.19
CA VAL E 194 -11.59 -19.58 63.47
C VAL E 194 -12.70 -20.46 64.06
N GLU E 195 -13.60 -19.84 64.84
CA GLU E 195 -14.75 -20.54 65.45
C GLU E 195 -15.71 -21.00 64.35
N LEU E 196 -15.77 -20.21 63.27
CA LEU E 196 -16.62 -20.50 62.13
C LEU E 196 -16.14 -21.73 61.35
N SER E 197 -14.82 -21.90 61.22
CA SER E 197 -14.24 -23.05 60.50
C SER E 197 -14.50 -24.37 61.18
N LYS E 198 -14.43 -24.35 62.52
CA LYS E 198 -14.67 -25.54 63.33
C LYS E 198 -16.17 -25.86 63.30
N MET E 199 -17.02 -24.82 63.26
CA MET E 199 -18.49 -24.98 63.20
C MET E 199 -18.90 -25.66 61.89
N TYR E 200 -18.28 -25.22 60.80
CA TYR E 200 -18.53 -25.74 59.46
C TYR E 200 -18.04 -27.17 59.25
N ALA E 201 -16.88 -27.51 59.81
CA ALA E 201 -16.31 -28.87 59.68
C ALA E 201 -17.20 -29.89 60.38
N LEU E 202 -17.82 -29.43 61.47
CA LEU E 202 -18.73 -30.24 62.29
C LEU E 202 -20.13 -30.31 61.70
N MET E 203 -20.38 -29.52 60.65
CA MET E 203 -21.68 -29.53 59.95
C MET E 203 -21.65 -30.42 58.71
N GLY E 204 -20.44 -30.85 58.33
CA GLY E 204 -20.29 -31.71 57.17
C GLY E 204 -19.55 -31.06 56.03
N TYR E 205 -19.24 -29.77 56.17
CA TYR E 205 -18.51 -29.01 55.13
C TYR E 205 -17.01 -29.32 55.21
N GLN E 206 -16.35 -29.33 54.05
CA GLN E 206 -14.91 -29.58 53.95
C GLN E 206 -14.23 -28.21 54.03
N ILE E 207 -13.24 -28.06 54.90
CA ILE E 207 -12.57 -26.77 55.03
C ILE E 207 -11.32 -26.75 54.15
N VAL E 208 -11.35 -25.88 53.14
CA VAL E 208 -10.23 -25.72 52.21
C VAL E 208 -9.58 -24.38 52.57
N VAL E 209 -8.31 -24.44 52.96
CA VAL E 209 -7.58 -23.22 53.32
C VAL E 209 -6.69 -22.79 52.17
N VAL E 210 -6.68 -21.50 51.87
CA VAL E 210 -5.88 -20.94 50.77
C VAL E 210 -5.07 -19.74 51.30
N SER E 211 -3.84 -19.56 50.84
CA SER E 211 -3.02 -18.42 51.31
C SER E 211 -2.35 -17.66 50.16
N GLY E 212 -2.02 -16.39 50.40
CA GLY E 212 -1.38 -15.57 49.38
C GLY E 212 0.13 -15.51 49.49
N ARG E 213 0.67 -15.85 50.67
CA ARG E 213 2.12 -15.83 50.97
C ARG E 213 2.89 -16.89 50.16
N GLU E 214 4.13 -16.60 49.79
CA GLU E 214 4.99 -17.54 49.02
C GLU E 214 5.34 -18.78 49.84
N SER E 215 5.49 -19.92 49.17
CA SER E 215 5.81 -21.20 49.83
C SER E 215 7.26 -21.43 50.27
N GLY E 216 8.23 -20.70 49.70
CA GLY E 216 9.62 -20.90 50.10
C GLY E 216 10.67 -19.95 49.57
N THR E 217 11.92 -20.23 49.92
CA THR E 217 13.11 -19.43 49.51
C THR E 217 14.26 -20.35 49.07
N GLU E 219 16.62 -21.05 46.70
CA GLU E 219 17.30 -22.29 46.29
C GLU E 219 16.54 -23.54 46.76
N ASP E 220 15.86 -23.43 47.89
CA ASP E 220 15.08 -24.56 48.46
C ASP E 220 13.67 -24.15 48.92
N PRO E 221 12.60 -24.53 48.15
CA PRO E 221 11.20 -24.19 48.47
C PRO E 221 10.62 -24.93 49.68
N THR E 222 9.29 -24.84 49.82
CA THR E 222 8.47 -25.48 50.91
C THR E 222 8.89 -25.14 52.37
N LYS E 223 9.64 -24.05 52.54
CA LYS E 223 10.10 -23.63 53.89
C LYS E 223 9.05 -22.83 54.66
N TYR E 224 8.25 -22.04 53.95
CA TYR E 224 7.19 -21.21 54.57
C TYR E 224 5.81 -21.89 54.60
N TYR E 225 5.58 -22.83 53.69
CA TYR E 225 4.30 -23.59 53.60
C TYR E 225 4.06 -24.39 54.87
N ARG E 226 5.13 -25.05 55.34
CA ARG E 226 5.10 -25.87 56.56
C ARG E 226 4.85 -25.03 57.80
N MET E 227 5.36 -23.80 57.79
CA MET E 227 5.19 -22.85 58.91
C MET E 227 3.77 -22.28 58.96
N THR E 228 3.09 -22.27 57.80
CA THR E 228 1.71 -21.76 57.73
C THR E 228 0.75 -22.90 58.10
N ARG E 229 1.00 -24.10 57.60
CA ARG E 229 0.11 -25.27 57.90
C ARG E 229 0.21 -25.71 59.36
N LYS E 230 1.39 -25.54 59.98
CA LYS E 230 1.60 -25.91 61.39
C LYS E 230 0.89 -24.93 62.31
N TRP E 231 0.51 -23.78 61.76
CA TRP E 231 -0.21 -22.74 62.51
C TRP E 231 -1.72 -23.03 62.37
N VAL E 232 -2.18 -23.18 61.13
CA VAL E 232 -3.60 -23.43 60.80
C VAL E 232 -4.15 -24.71 61.45
N GLU E 233 -3.37 -25.78 61.39
CA GLU E 233 -3.77 -27.10 61.93
C GLU E 233 -3.57 -27.26 63.44
N ASP E 234 -2.38 -26.91 63.95
CA ASP E 234 -2.05 -27.06 65.39
C ASP E 234 -2.39 -25.90 66.34
N ILE E 235 -1.90 -24.70 66.03
CA ILE E 235 -2.12 -23.50 66.88
C ILE E 235 -3.53 -22.91 66.77
N ALA E 236 -4.10 -22.89 65.56
CA ALA E 236 -5.46 -22.34 65.33
C ALA E 236 -6.55 -23.38 65.60
N GLY E 237 -6.29 -24.62 65.17
CA GLY E 237 -7.24 -25.71 65.37
C GLY E 237 -8.29 -25.87 64.29
N VAL E 238 -7.97 -25.38 63.09
CA VAL E 238 -8.87 -25.46 61.91
C VAL E 238 -8.82 -26.89 61.33
N PRO E 239 -9.98 -27.56 61.21
CA PRO E 239 -10.02 -28.93 60.67
C PRO E 239 -9.99 -28.96 59.14
N LEU E 240 -8.83 -28.61 58.57
CA LEU E 240 -8.66 -28.57 57.11
C LEU E 240 -8.47 -29.92 56.45
N VAL E 241 -8.91 -30.01 55.20
CA VAL E 241 -8.78 -31.24 54.41
C VAL E 241 -7.74 -31.01 53.32
N MET E 242 -7.48 -29.73 53.04
CA MET E 242 -6.53 -29.33 51.99
C MET E 242 -6.07 -27.89 52.17
N GLN E 243 -4.80 -27.64 51.82
CA GLN E 243 -4.21 -26.29 51.87
C GLN E 243 -3.30 -26.06 50.67
N CYS E 244 -3.77 -25.26 49.72
CA CYS E 244 -2.98 -24.92 48.53
C CYS E 244 -2.71 -23.44 48.55
N GLN E 245 -1.44 -23.06 48.36
CA GLN E 245 -1.06 -21.65 48.33
C GLN E 245 -0.09 -21.30 47.20
N ARG E 246 0.37 -20.05 47.17
CA ARG E 246 1.30 -19.53 46.13
C ARG E 246 2.67 -20.21 46.16
N GLU E 247 3.16 -20.58 44.97
CA GLU E 247 4.45 -21.28 44.80
C GLU E 247 5.71 -20.40 44.96
N GLN E 248 6.87 -20.93 44.54
CA GLN E 248 8.18 -20.23 44.66
C GLN E 248 8.34 -18.93 43.85
N GLY E 249 8.56 -19.04 42.54
CA GLY E 249 8.76 -17.88 41.70
C GLY E 249 7.52 -17.24 41.09
N ASP E 250 6.42 -17.21 41.83
CA ASP E 250 5.17 -16.62 41.35
C ASP E 250 5.03 -15.18 41.90
N THR E 251 5.49 -14.23 41.09
CA THR E 251 5.46 -12.81 41.45
C THR E 251 4.11 -12.15 41.10
N ARG E 252 3.18 -12.94 40.55
CA ARG E 252 1.82 -12.48 40.13
C ARG E 252 0.92 -12.01 41.27
N LYS E 253 -0.13 -11.28 40.91
CA LYS E 253 -1.11 -10.70 41.86
C LYS E 253 -2.01 -11.70 42.57
N ASP E 254 -2.35 -11.39 43.83
CA ASP E 254 -3.23 -12.21 44.74
C ASP E 254 -4.54 -12.54 44.03
N ASP E 255 -4.98 -11.56 43.24
CA ASP E 255 -6.20 -11.59 42.41
C ASP E 255 -6.24 -12.82 41.49
N VAL E 256 -5.25 -12.92 40.59
CA VAL E 256 -5.15 -14.02 39.61
C VAL E 256 -4.62 -15.35 40.14
N VAL E 257 -3.76 -15.32 41.16
CA VAL E 257 -3.17 -16.54 41.77
C VAL E 257 -4.27 -17.38 42.41
N LYS E 258 -5.12 -16.73 43.22
CA LYS E 258 -6.22 -17.42 43.89
C LYS E 258 -7.33 -17.91 42.97
N GLU E 259 -7.47 -17.29 41.80
CA GLU E 259 -8.49 -17.73 40.81
C GLU E 259 -7.97 -19.01 40.14
N GLU E 260 -6.65 -19.06 39.89
CA GLU E 260 -6.00 -20.22 39.26
C GLU E 260 -6.01 -21.41 40.22
N ILE E 261 -5.76 -21.13 41.51
CA ILE E 261 -5.77 -22.16 42.59
C ILE E 261 -7.18 -22.73 42.70
N PHE E 262 -8.19 -21.90 42.43
CA PHE E 262 -9.57 -22.34 42.48
C PHE E 262 -9.92 -23.28 41.36
N TRP E 263 -9.67 -22.87 40.11
CA TRP E 263 -10.01 -23.69 38.93
C TRP E 263 -9.21 -24.97 38.74
N LYS E 264 -7.95 -24.98 39.19
CA LYS E 264 -7.08 -26.16 39.06
C LYS E 264 -7.14 -27.18 40.19
N HIS E 265 -7.09 -26.71 41.44
CA HIS E 265 -7.10 -27.61 42.60
C HIS E 265 -8.39 -27.74 43.40
N ILE E 266 -9.16 -26.66 43.52
CA ILE E 266 -10.39 -26.68 44.34
C ILE E 266 -11.68 -27.05 43.60
N ALA E 267 -12.02 -26.30 42.56
CA ALA E 267 -13.27 -26.53 41.78
C ALA E 267 -13.56 -27.94 41.25
N PRO E 268 -12.56 -28.67 40.69
CA PRO E 268 -12.89 -30.02 40.20
C PRO E 268 -13.05 -31.10 41.29
N HIS E 269 -12.56 -30.81 42.51
CA HIS E 269 -12.63 -31.78 43.64
C HIS E 269 -13.71 -31.48 44.68
N PHE E 270 -14.13 -30.22 44.81
CA PHE E 270 -15.17 -29.83 45.81
C PHE E 270 -16.32 -29.00 45.23
N ASP E 271 -17.44 -28.99 45.95
CA ASP E 271 -18.63 -28.21 45.58
C ASP E 271 -18.63 -26.98 46.50
N VAL E 272 -17.89 -25.95 46.11
CA VAL E 272 -17.74 -24.71 46.90
C VAL E 272 -19.03 -23.88 47.00
N LYS E 273 -19.52 -23.78 48.23
CA LYS E 273 -20.74 -23.03 48.55
C LYS E 273 -20.44 -21.65 49.10
N LEU E 274 -19.23 -21.46 49.65
CA LEU E 274 -18.83 -20.18 50.26
C LEU E 274 -17.33 -19.94 50.36
N ALA E 275 -16.94 -18.67 50.41
CA ALA E 275 -15.55 -18.26 50.55
C ALA E 275 -15.48 -17.17 51.60
N ILE E 276 -14.63 -17.36 52.60
CA ILE E 276 -14.45 -16.37 53.69
C ILE E 276 -13.11 -15.71 53.42
N ASP E 277 -13.14 -14.44 53.03
CA ASP E 277 -11.91 -13.69 52.72
C ASP E 277 -11.87 -12.30 53.36
N ASP E 278 -10.73 -11.62 53.19
CA ASP E 278 -10.51 -10.28 53.76
C ASP E 278 -10.20 -9.23 52.70
N ARG E 279 -9.13 -9.42 51.94
CA ARG E 279 -8.69 -8.46 50.91
C ARG E 279 -9.74 -8.17 49.82
N THR E 280 -10.10 -6.89 49.69
CA THR E 280 -11.13 -6.41 48.74
C THR E 280 -11.01 -6.95 47.32
N GLN E 281 -9.81 -6.90 46.73
CA GLN E 281 -9.61 -7.41 45.36
C GLN E 281 -9.91 -8.90 45.20
N VAL E 282 -9.64 -9.68 46.25
CA VAL E 282 -9.88 -11.13 46.24
C VAL E 282 -11.37 -11.39 46.48
N VAL E 283 -12.00 -10.57 47.32
CA VAL E 283 -13.43 -10.69 47.64
C VAL E 283 -14.23 -10.41 46.38
N GLU E 284 -13.78 -9.41 45.62
CA GLU E 284 -14.41 -8.99 44.35
C GLU E 284 -14.31 -10.10 43.32
N MET E 285 -13.19 -10.83 43.38
CA MET E 285 -12.90 -11.94 42.46
C MET E 285 -13.82 -13.13 42.67
N TRP E 286 -13.97 -13.58 43.92
CA TRP E 286 -14.84 -14.74 44.20
C TRP E 286 -16.27 -14.43 43.79
N ARG E 287 -16.73 -13.24 44.13
CA ARG E 287 -18.10 -12.79 43.84
C ARG E 287 -18.47 -12.71 42.36
N ARG E 288 -17.54 -12.28 41.52
CA ARG E 288 -17.83 -12.15 40.08
C ARG E 288 -17.76 -13.48 39.33
N ILE E 289 -17.02 -14.44 39.89
CA ILE E 289 -16.92 -15.76 39.26
C ILE E 289 -17.97 -16.75 39.78
N GLY E 290 -18.92 -16.27 40.58
CA GLY E 290 -19.98 -17.13 41.10
C GLY E 290 -19.94 -17.64 42.53
N VAL E 291 -18.78 -17.56 43.18
CA VAL E 291 -18.62 -18.01 44.58
C VAL E 291 -19.06 -16.89 45.52
N GLU E 292 -19.84 -17.23 46.55
CA GLU E 292 -20.33 -16.26 47.53
C GLU E 292 -19.28 -15.89 48.59
N CYS E 293 -19.10 -14.58 48.83
CA CYS E 293 -18.18 -14.07 49.88
C CYS E 293 -18.69 -13.29 51.01
N TRP E 294 -18.03 -13.54 52.13
CA TRP E 294 -18.29 -12.88 53.38
C TRP E 294 -16.94 -12.21 53.65
N GLN E 295 -16.91 -10.88 53.53
CA GLN E 295 -15.68 -10.13 53.80
C GLN E 295 -15.67 -9.83 55.30
N VAL E 296 -14.71 -10.44 55.99
CA VAL E 296 -14.57 -10.31 57.45
C VAL E 296 -14.02 -9.04 58.07
N ALA E 297 -13.32 -8.22 57.28
CA ALA E 297 -12.74 -6.95 57.77
C ALA E 297 -12.52 -5.98 56.61
N SER E 298 -12.07 -4.77 56.93
CA SER E 298 -11.79 -3.76 55.90
C SER E 298 -10.47 -4.21 55.28
N GLY E 299 -10.53 -4.66 54.04
CA GLY E 299 -9.35 -5.15 53.36
C GLY E 299 -8.93 -4.40 52.13
N ASP E 300 -8.71 -3.10 52.28
CA ASP E 300 -8.31 -2.24 51.14
C ASP E 300 -6.79 -2.05 51.02
N PHE E 301 -6.15 -3.06 50.44
CA PHE E 301 -4.68 -3.11 50.21
N MET F 1 -45.74 25.95 17.96
CA MET F 1 -45.39 27.00 18.96
C MET F 1 -44.05 26.66 19.65
N LYS F 2 -43.39 25.60 19.15
CA LYS F 2 -42.08 25.14 19.65
C LYS F 2 -41.00 26.10 19.15
N LYS F 3 -40.03 26.42 20.00
CA LYS F 3 -38.96 27.37 19.65
C LYS F 3 -37.60 26.79 19.22
N ILE F 4 -36.95 27.52 18.31
CA ILE F 4 -35.59 27.20 17.85
C ILE F 4 -34.84 28.49 18.26
N ILE F 5 -34.22 28.47 19.44
CA ILE F 5 -33.48 29.65 19.95
C ILE F 5 -32.04 29.68 19.44
N LEU F 6 -31.69 30.76 18.74
CA LEU F 6 -30.32 30.95 18.23
C LEU F 6 -29.63 31.97 19.10
N THR F 7 -28.46 31.60 19.63
CA THR F 7 -27.66 32.52 20.46
C THR F 7 -26.75 33.29 19.52
N ILE F 8 -26.77 34.62 19.62
CA ILE F 8 -25.92 35.49 18.80
C ILE F 8 -24.92 36.18 19.72
N GLY F 9 -23.63 35.91 19.48
CA GLY F 9 -22.58 36.50 20.29
C GLY F 9 -21.20 35.92 20.01
N CYS F 10 -20.18 36.77 20.18
CA CYS F 10 -18.75 36.41 19.96
C CYS F 10 -18.30 35.38 20.99
N PRO F 11 -17.21 34.61 20.73
CA PRO F 11 -16.77 33.64 21.73
C PRO F 11 -16.30 34.32 23.03
N GLY F 12 -16.98 33.98 24.12
CA GLY F 12 -16.68 34.56 25.42
C GLY F 12 -17.77 35.50 25.90
N SER F 13 -18.85 35.59 25.12
CA SER F 13 -19.99 36.48 25.46
C SER F 13 -21.00 35.91 26.46
N GLY F 14 -20.81 34.65 26.85
CA GLY F 14 -21.70 34.01 27.82
C GLY F 14 -22.79 33.09 27.31
N LYS F 15 -22.69 32.67 26.06
CA LYS F 15 -23.69 31.79 25.40
C LYS F 15 -23.87 30.43 26.07
N SER F 16 -22.77 29.71 26.31
CA SER F 16 -22.82 28.37 26.92
C SER F 16 -23.27 28.39 28.37
N THR F 17 -22.85 29.40 29.11
CA THR F 17 -23.22 29.55 30.53
C THR F 17 -24.72 29.78 30.66
N TRP F 18 -25.31 30.50 29.70
CA TRP F 18 -26.77 30.76 29.69
C TRP F 18 -27.53 29.50 29.30
N ALA F 19 -27.12 28.89 28.18
CA ALA F 19 -27.75 27.66 27.65
C ALA F 19 -27.86 26.54 28.68
N ARG F 20 -26.84 26.40 29.51
CA ARG F 20 -26.79 25.38 30.58
C ARG F 20 -27.81 25.73 31.67
N GLU F 21 -27.84 27.00 32.08
CA GLU F 21 -28.76 27.50 33.13
C GLU F 21 -30.20 27.59 32.69
N PHE F 22 -30.43 27.70 31.38
CA PHE F 22 -31.80 27.77 30.83
C PHE F 22 -32.43 26.39 30.77
N ILE F 23 -31.66 25.39 30.34
CA ILE F 23 -32.13 23.99 30.25
C ILE F 23 -32.40 23.40 31.64
N ALA F 24 -31.68 23.90 32.64
CA ALA F 24 -31.84 23.44 34.03
C ALA F 24 -33.13 23.99 34.65
N LYS F 25 -33.44 25.25 34.34
CA LYS F 25 -34.65 25.93 34.88
C LYS F 25 -35.90 25.73 34.02
N ASN F 26 -35.71 25.40 32.74
CA ASN F 26 -36.84 25.18 31.80
C ASN F 26 -36.74 23.79 31.17
N PRO F 27 -37.45 22.78 31.73
CA PRO F 27 -37.41 21.41 31.18
C PRO F 27 -38.07 21.31 29.80
N GLY F 28 -37.57 20.40 28.97
CA GLY F 28 -38.10 20.23 27.63
C GLY F 28 -37.23 20.86 26.58
N PHE F 29 -36.20 21.61 27.00
CA PHE F 29 -35.27 22.27 26.07
C PHE F 29 -33.98 21.49 25.92
N TYR F 30 -33.49 21.38 24.69
CA TYR F 30 -32.26 20.63 24.37
C TYR F 30 -31.23 21.50 23.65
N ASN F 31 -29.95 21.18 23.83
CA ASN F 31 -28.85 21.94 23.22
C ASN F 31 -28.23 21.26 22.00
N ILE F 32 -27.91 22.06 21.00
CA ILE F 32 -27.24 21.61 19.75
C ILE F 32 -26.09 22.60 19.55
N ASN F 33 -24.87 22.10 19.64
CA ASN F 33 -23.68 22.95 19.54
C ASN F 33 -22.67 22.45 18.52
N ARG F 34 -22.08 23.38 17.77
CA ARG F 34 -21.09 23.07 16.74
C ARG F 34 -19.76 22.62 17.28
N ASP F 35 -19.22 23.36 18.24
CA ASP F 35 -17.91 23.05 18.86
C ASP F 35 -17.88 21.68 19.51
N ASP F 36 -19.03 21.28 20.08
CA ASP F 36 -19.17 19.97 20.73
C ASP F 36 -19.09 18.83 19.72
N TYR F 37 -19.68 19.02 18.54
CA TYR F 37 -19.68 18.00 17.48
C TYR F 37 -18.34 17.94 16.77
N ARG F 38 -17.70 19.10 16.62
CA ARG F 38 -16.37 19.22 15.97
C ARG F 38 -15.34 18.43 16.78
N GLN F 39 -15.43 18.56 18.10
CA GLN F 39 -14.51 17.88 19.05
C GLN F 39 -14.82 16.41 19.15
N SER F 40 -16.09 16.08 18.99
CA SER F 40 -16.56 14.70 19.09
C SER F 40 -16.21 13.83 17.91
N ILE F 41 -16.35 14.34 16.69
CA ILE F 41 -16.06 13.55 15.47
C ILE F 41 -14.57 13.30 15.26
N MET F 42 -13.74 14.05 15.97
CA MET F 42 -12.30 13.93 15.87
C MET F 42 -11.70 13.31 17.13
N ALA F 43 -12.54 13.13 18.14
CA ALA F 43 -12.19 12.56 19.46
C ALA F 43 -11.11 13.36 20.22
N HIS F 44 -11.02 14.65 19.93
CA HIS F 44 -10.04 15.57 20.56
C HIS F 44 -10.31 15.85 22.04
N GLU F 45 -9.31 16.40 22.71
CA GLU F 45 -9.39 16.80 24.14
C GLU F 45 -9.31 18.32 24.27
N GLU F 46 -8.39 18.91 23.52
CA GLU F 46 -8.18 20.38 23.47
C GLU F 46 -8.70 20.93 22.15
N ARG F 47 -9.36 22.09 22.18
CA ARG F 47 -9.92 22.76 20.96
C ARG F 47 -8.85 23.34 20.02
N ASP F 48 -7.61 23.33 20.49
CA ASP F 48 -6.42 23.81 19.77
C ASP F 48 -5.95 22.79 18.75
N GLU F 49 -6.30 21.53 19.01
CA GLU F 49 -5.93 20.40 18.15
C GLU F 49 -6.79 20.36 16.87
N TYR F 50 -7.88 21.14 16.84
CA TYR F 50 -8.80 21.19 15.70
C TYR F 50 -8.29 21.92 14.46
N LYS F 51 -8.53 21.31 13.29
CA LYS F 51 -8.14 21.85 11.95
C LYS F 51 -9.42 21.86 11.12
N TYR F 52 -9.71 22.99 10.48
CA TYR F 52 -10.92 23.15 9.64
C TYR F 52 -10.79 22.55 8.25
N THR F 53 -11.87 21.94 7.76
CA THR F 53 -11.97 21.31 6.41
C THR F 53 -13.44 21.39 6.05
N LYS F 54 -13.72 21.66 4.77
CA LYS F 54 -15.11 21.78 4.27
C LYS F 54 -15.94 20.50 4.35
N LYS F 55 -15.27 19.35 4.42
CA LYS F 55 -15.98 18.05 4.56
C LYS F 55 -16.38 17.89 6.02
N LYS F 56 -15.45 18.20 6.94
CA LYS F 56 -15.69 18.12 8.39
C LYS F 56 -16.81 19.05 8.78
N GLU F 57 -16.79 20.27 8.23
CA GLU F 57 -17.82 21.29 8.52
C GLU F 57 -19.18 20.94 7.91
N GLY F 58 -19.16 20.14 6.85
CA GLY F 58 -20.37 19.71 6.19
C GLY F 58 -21.09 18.64 7.01
N ILE F 59 -20.29 17.76 7.62
CA ILE F 59 -20.80 16.67 8.49
C ILE F 59 -21.40 17.27 9.75
N VAL F 60 -20.74 18.30 10.28
CA VAL F 60 -21.18 19.01 11.51
C VAL F 60 -22.50 19.74 11.28
N THR F 61 -22.68 20.33 10.09
CA THR F 61 -23.94 21.04 9.73
C THR F 61 -25.04 19.99 9.63
N GLY F 62 -24.70 18.82 9.08
CA GLY F 62 -25.62 17.71 8.93
C GLY F 62 -26.10 17.22 10.27
N MET F 63 -25.17 17.09 11.23
CA MET F 63 -25.47 16.64 12.60
C MET F 63 -26.39 17.61 13.31
N GLN F 64 -26.20 18.91 13.05
CA GLN F 64 -27.00 19.98 13.66
C GLN F 64 -28.48 19.92 13.29
N PHE F 65 -28.74 19.90 11.99
CA PHE F 65 -30.10 19.87 11.45
C PHE F 65 -30.83 18.55 11.64
N ASP F 66 -30.11 17.42 11.53
CA ASP F 66 -30.71 16.09 11.71
C ASP F 66 -31.14 15.87 13.16
N THR F 67 -30.35 16.40 14.10
CA THR F 67 -30.64 16.29 15.54
C THR F 67 -31.79 17.23 15.89
N ALA F 68 -31.85 18.38 15.23
CA ALA F 68 -32.93 19.37 15.46
C ALA F 68 -34.28 18.83 15.00
N LYS F 69 -34.30 18.15 13.85
CA LYS F 69 -35.52 17.57 13.29
C LYS F 69 -36.01 16.44 14.21
N SER F 70 -35.09 15.57 14.61
CA SER F 70 -35.37 14.42 15.50
C SER F 70 -35.94 14.81 16.86
N ILE F 71 -35.34 15.80 17.52
CA ILE F 71 -35.77 16.27 18.86
C ILE F 71 -37.13 16.96 18.80
N LEU F 72 -37.30 17.86 17.85
CA LEU F 72 -38.55 18.64 17.70
C LEU F 72 -39.76 17.88 17.13
N TYR F 73 -39.52 16.76 16.44
CA TYR F 73 -40.63 15.97 15.89
C TYR F 73 -40.99 14.82 16.81
N GLY F 74 -40.59 14.98 18.07
CA GLY F 74 -40.86 13.98 19.10
C GLY F 74 -42.26 14.20 19.66
N GLY F 75 -42.34 14.28 20.98
CA GLY F 75 -43.63 14.46 21.62
C GLY F 75 -44.18 15.88 21.67
N ASP F 76 -45.07 16.10 22.62
CA ASP F 76 -45.70 17.40 22.88
C ASP F 76 -45.07 17.92 24.17
N SER F 77 -44.15 17.12 24.70
CA SER F 77 -43.37 17.41 25.93
C SER F 77 -42.20 18.32 25.59
N VAL F 78 -41.72 18.22 24.35
CA VAL F 78 -40.59 19.04 23.81
C VAL F 78 -41.09 20.48 23.58
N LYS F 79 -40.43 21.45 24.20
CA LYS F 79 -40.79 22.87 24.08
C LYS F 79 -39.88 23.62 23.10
N GLY F 80 -38.73 23.02 22.76
CA GLY F 80 -37.80 23.65 21.83
C GLY F 80 -36.33 23.32 21.98
N VAL F 81 -35.51 23.76 21.03
CA VAL F 81 -34.04 23.54 21.03
C VAL F 81 -33.21 24.84 21.01
N ILE F 82 -32.02 24.80 21.59
CA ILE F 82 -31.11 25.97 21.62
C ILE F 82 -29.90 25.65 20.76
N ILE F 83 -29.56 26.55 19.84
CA ILE F 83 -28.37 26.40 18.99
C ILE F 83 -27.34 27.38 19.59
N SER F 84 -26.51 26.84 20.48
CA SER F 84 -25.48 27.61 21.20
C SER F 84 -24.20 27.93 20.43
N ASP F 85 -24.34 28.27 19.15
CA ASP F 85 -23.21 28.63 18.29
C ASP F 85 -23.07 30.15 18.32
N THR F 86 -22.11 30.69 17.57
CA THR F 86 -21.92 32.15 17.53
C THR F 86 -22.99 32.77 16.64
N ASN F 87 -23.40 32.03 15.61
CA ASN F 87 -24.44 32.43 14.63
C ASN F 87 -24.22 33.83 14.07
N LEU F 88 -22.95 34.15 13.83
CA LEU F 88 -22.58 35.47 13.32
C LEU F 88 -22.58 35.58 11.80
N ASN F 89 -22.66 34.43 11.12
CA ASN F 89 -22.71 34.38 9.65
C ASN F 89 -24.20 34.49 9.25
N PRO F 90 -24.57 35.47 8.38
CA PRO F 90 -25.96 35.66 7.93
C PRO F 90 -26.57 34.48 7.18
N GLU F 91 -25.73 33.71 6.48
CA GLU F 91 -26.16 32.53 5.71
C GLU F 91 -26.62 31.40 6.61
N ARG F 92 -25.98 31.27 7.79
CA ARG F 92 -26.33 30.22 8.77
C ARG F 92 -27.60 30.57 9.50
N ARG F 93 -27.81 31.87 9.78
CA ARG F 93 -29.02 32.35 10.48
C ARG F 93 -30.25 32.18 9.58
N LEU F 94 -30.04 32.38 8.28
CA LEU F 94 -31.09 32.25 7.25
C LEU F 94 -31.48 30.78 7.08
N ALA F 95 -30.48 29.90 7.12
CA ALA F 95 -30.67 28.43 6.98
C ALA F 95 -31.57 27.88 8.08
N TRP F 96 -31.52 28.51 9.26
CA TRP F 96 -32.35 28.10 10.43
C TRP F 96 -33.77 28.67 10.35
N GLU F 97 -33.95 29.75 9.58
CA GLU F 97 -35.27 30.37 9.39
C GLU F 97 -36.00 29.68 8.26
N THR F 98 -35.23 29.13 7.31
CA THR F 98 -35.75 28.37 6.14
C THR F 98 -36.25 27.02 6.66
N PHE F 99 -35.47 26.46 7.60
CA PHE F 99 -35.74 25.17 8.25
C PHE F 99 -36.98 25.30 9.16
N ALA F 100 -37.11 26.45 9.82
CA ALA F 100 -38.22 26.74 10.78
C ALA F 100 -39.53 27.21 10.18
N LYS F 101 -39.47 27.87 9.02
CA LYS F 101 -40.69 28.36 8.32
C LYS F 101 -41.35 27.17 7.62
N GLU F 102 -40.52 26.21 7.21
CA GLU F 102 -40.95 24.99 6.51
C GLU F 102 -41.71 24.00 7.41
N TYR F 103 -41.50 24.08 8.72
CA TYR F 103 -42.16 23.18 9.68
C TYR F 103 -43.03 23.85 10.77
N GLY F 104 -43.19 25.17 10.69
CA GLY F 104 -44.01 25.89 11.65
C GLY F 104 -43.40 26.24 13.01
N TRP F 105 -42.07 26.18 13.11
CA TRP F 105 -41.35 26.50 14.36
C TRP F 105 -40.92 27.96 14.43
N LYS F 106 -41.17 28.57 15.58
CA LYS F 106 -40.84 30.00 15.85
C LYS F 106 -39.35 30.22 16.19
N VAL F 107 -38.62 30.91 15.31
CA VAL F 107 -37.18 31.23 15.55
C VAL F 107 -37.06 32.44 16.45
N GLU F 108 -36.44 32.21 17.60
CA GLU F 108 -36.22 33.25 18.60
C GLU F 108 -34.72 33.55 18.61
N HIS F 109 -34.36 34.80 18.92
CA HIS F 109 -32.93 35.21 18.95
C HIS F 109 -32.52 35.71 20.33
N LYS F 110 -31.44 35.14 20.87
CA LYS F 110 -30.93 35.55 22.18
C LYS F 110 -29.58 36.23 21.96
N VAL F 111 -29.59 37.56 21.99
CA VAL F 111 -28.40 38.40 21.75
C VAL F 111 -27.52 38.60 22.99
N PHE F 112 -26.21 38.46 22.82
CA PHE F 112 -25.23 38.63 23.90
C PHE F 112 -24.24 39.74 23.52
N ASP F 113 -24.66 41.00 23.73
CA ASP F 113 -23.82 42.16 23.40
C ASP F 113 -22.89 42.50 24.57
N VAL F 114 -21.66 42.05 24.46
CA VAL F 114 -20.61 42.28 25.46
C VAL F 114 -19.58 43.21 24.81
N PRO F 115 -19.12 44.28 25.53
CA PRO F 115 -18.12 45.22 24.99
C PRO F 115 -16.79 44.59 24.56
N TRP F 116 -16.11 45.21 23.59
CA TRP F 116 -14.83 44.71 23.05
C TRP F 116 -13.76 44.44 24.12
N THR F 117 -13.46 45.45 24.94
CA THR F 117 -12.44 45.35 26.01
C THR F 117 -12.65 44.16 26.94
N GLU F 118 -13.91 43.84 27.22
CA GLU F 118 -14.28 42.73 28.09
C GLU F 118 -14.12 41.39 27.36
N LEU F 119 -14.37 41.39 26.05
CA LEU F 119 -14.24 40.16 25.24
C LEU F 119 -12.81 39.74 25.10
N VAL F 120 -11.90 40.71 24.98
CA VAL F 120 -10.44 40.46 24.86
C VAL F 120 -9.89 39.97 26.20
N LYS F 121 -10.36 40.58 27.28
CA LYS F 121 -9.96 40.23 28.66
C LYS F 121 -10.36 38.79 28.96
N ARG F 122 -11.54 38.38 28.49
CA ARG F 122 -12.03 37.01 28.71
C ARG F 122 -11.31 36.02 27.80
N ASN F 123 -10.95 36.45 26.59
CA ASN F 123 -10.29 35.56 25.62
C ASN F 123 -8.82 35.25 25.96
N SER F 124 -8.19 36.16 26.70
CA SER F 124 -6.79 35.98 27.10
C SER F 124 -6.68 34.94 28.22
N LYS F 125 -7.77 34.80 28.99
CA LYS F 125 -7.85 33.83 30.12
C LYS F 125 -8.61 32.56 29.76
N ARG F 126 -9.08 32.46 28.52
CA ARG F 126 -9.88 31.30 28.05
C ARG F 126 -9.14 29.98 27.87
N GLY F 127 -7.80 30.04 27.86
CA GLY F 127 -7.00 28.84 27.72
C GLY F 127 -7.02 28.15 26.37
N THR F 128 -7.43 26.89 26.39
CA THR F 128 -7.48 26.08 25.18
C THR F 128 -8.70 26.41 24.30
N LYS F 129 -9.70 27.08 24.89
CA LYS F 129 -10.93 27.50 24.19
C LYS F 129 -10.76 28.92 23.64
N ALA F 130 -9.52 29.42 23.68
CA ALA F 130 -9.18 30.76 23.19
C ALA F 130 -9.07 30.80 21.69
N VAL F 131 -9.56 31.89 21.13
CA VAL F 131 -9.56 32.09 19.67
C VAL F 131 -8.48 33.13 19.29
N PRO F 132 -7.86 33.04 18.09
CA PRO F 132 -6.85 34.04 17.72
C PRO F 132 -7.47 35.45 17.69
N ILE F 133 -6.74 36.46 18.15
CA ILE F 133 -7.26 37.83 18.20
C ILE F 133 -7.83 38.38 16.89
N ASP F 134 -7.31 37.90 15.76
CA ASP F 134 -7.80 38.33 14.45
C ASP F 134 -9.19 37.76 14.12
N VAL F 135 -9.51 36.59 14.69
CA VAL F 135 -10.82 35.98 14.44
C VAL F 135 -11.85 36.54 15.44
N LEU F 136 -11.37 37.05 16.58
CA LEU F 136 -12.25 37.66 17.58
C LEU F 136 -12.64 39.03 17.05
N ARG F 137 -11.73 39.64 16.29
CA ARG F 137 -11.94 40.97 15.66
C ARG F 137 -12.93 40.84 14.53
N SER F 138 -12.74 39.79 13.72
CA SER F 138 -13.59 39.47 12.57
C SER F 138 -15.01 39.16 13.03
N MET F 139 -15.13 38.61 14.23
CA MET F 139 -16.42 38.27 14.81
C MET F 139 -17.14 39.43 15.43
N TYR F 140 -16.40 40.38 16.00
CA TYR F 140 -17.00 41.58 16.61
C TYR F 140 -17.49 42.49 15.49
N LYS F 141 -16.90 42.35 14.31
CA LYS F 141 -17.28 43.12 13.13
C LYS F 141 -18.66 42.60 12.66
N SER F 142 -18.83 41.27 12.74
CA SER F 142 -20.09 40.59 12.35
C SER F 142 -21.19 40.85 13.38
N MET F 143 -20.79 41.13 14.60
CA MET F 143 -21.72 41.43 15.69
C MET F 143 -22.26 42.84 15.50
N ARG F 144 -21.40 43.74 15.02
CA ARG F 144 -21.79 45.12 14.78
C ARG F 144 -22.72 45.21 13.57
N GLU F 145 -22.53 44.32 12.60
CA GLU F 145 -23.36 44.25 11.38
C GLU F 145 -24.77 43.78 11.77
N TYR F 146 -24.83 42.79 12.66
CA TYR F 146 -26.10 42.25 13.18
C TYR F 146 -26.82 43.32 14.01
N LEU F 147 -26.09 43.93 14.93
CA LEU F 147 -26.65 45.00 15.82
C LEU F 147 -27.05 46.26 15.05
N GLY F 148 -26.57 46.38 13.80
CA GLY F 148 -26.87 47.52 12.95
C GLY F 148 -26.07 48.77 13.25
N LEU F 149 -24.99 48.62 14.02
CA LEU F 149 -24.08 49.72 14.42
C LEU F 149 -23.36 50.32 13.19
N PRO F 150 -23.21 51.66 13.15
CA PRO F 150 -22.55 52.36 12.05
C PRO F 150 -21.06 52.15 11.71
N VAL F 151 -20.76 52.26 10.41
CA VAL F 151 -19.41 52.15 9.85
C VAL F 151 -19.20 53.39 8.97
N TYR F 152 -18.13 54.12 9.21
CA TYR F 152 -17.77 55.35 8.47
C TYR F 152 -17.25 55.03 7.09
N ASN F 153 -17.66 55.84 6.11
CA ASN F 153 -17.25 55.66 4.72
C ASN F 153 -16.87 56.99 4.09
N GLY F 154 -16.72 58.02 4.93
CA GLY F 154 -16.37 59.33 4.46
C GLY F 154 -17.49 60.33 4.64
N THR F 155 -17.17 61.60 4.44
CA THR F 155 -18.14 62.72 4.56
C THR F 155 -17.76 63.67 3.43
N PRO F 156 -18.24 63.43 2.19
CA PRO F 156 -17.92 64.30 1.04
C PRO F 156 -18.43 65.74 1.16
N GLY F 157 -17.66 66.67 0.57
CA GLY F 157 -18.02 68.09 0.59
C GLY F 157 -17.40 68.82 1.74
N LYS F 158 -17.42 68.12 2.86
CA LYS F 158 -16.82 68.66 4.06
C LYS F 158 -15.28 68.58 3.94
N PRO F 159 -14.53 69.50 4.60
CA PRO F 159 -13.07 69.52 4.54
C PRO F 159 -12.37 68.25 5.07
N LYS F 160 -11.29 67.85 4.41
CA LYS F 160 -10.51 66.66 4.83
C LYS F 160 -9.79 66.90 6.17
N ALA F 161 -9.84 65.92 7.07
CA ALA F 161 -9.22 66.05 8.39
C ALA F 161 -8.51 64.82 8.93
N VAL F 162 -7.69 65.05 9.97
CA VAL F 162 -6.92 64.00 10.66
C VAL F 162 -7.18 64.20 12.15
N ILE F 163 -7.57 63.12 12.85
CA ILE F 163 -7.85 63.20 14.29
C ILE F 163 -6.60 62.82 15.09
N PHE F 164 -6.28 63.58 16.12
CA PHE F 164 -5.12 63.36 16.97
C PHE F 164 -5.57 63.28 18.41
N ASP F 165 -5.09 62.27 19.12
CA ASP F 165 -5.43 62.11 20.52
C ASP F 165 -4.36 62.85 21.32
N VAL F 166 -4.64 63.16 22.59
CA VAL F 166 -3.64 63.82 23.45
C VAL F 166 -3.05 62.71 24.32
N ASP F 167 -3.91 61.84 24.84
CA ASP F 167 -3.56 60.70 25.73
C ASP F 167 -2.55 59.70 25.14
N GLY F 168 -1.28 59.94 25.48
CA GLY F 168 -0.14 59.13 25.04
C GLY F 168 0.26 59.24 23.58
N THR F 169 -0.24 60.28 22.91
CA THR F 169 0.02 60.47 21.48
C THR F 169 0.82 61.73 21.20
N LEU F 170 0.20 62.88 21.43
CA LEU F 170 0.85 64.21 21.23
C LEU F 170 1.62 64.52 22.49
N ALA F 171 1.21 63.86 23.58
CA ALA F 171 1.80 64.03 24.91
C ALA F 171 2.30 62.69 25.48
N LYS F 172 3.59 62.63 25.77
CA LYS F 172 4.27 61.43 26.35
C LYS F 172 3.68 61.00 27.70
N MET F 173 3.74 59.69 27.96
CA MET F 173 3.26 59.11 29.23
C MET F 173 4.41 59.14 30.26
N ASN F 174 4.06 59.15 31.55
CA ASN F 174 5.05 59.18 32.67
C ASN F 174 5.91 57.91 32.81
N PRO F 178 -1.36 57.79 32.07
CA PRO F 178 -1.80 59.11 32.54
C PRO F 178 -0.91 59.68 33.62
N TYR F 179 -0.66 60.99 33.57
CA TYR F 179 0.18 61.70 34.56
C TYR F 179 -0.55 62.86 35.25
N ASP F 180 0.21 63.75 35.89
CA ASP F 180 -0.35 64.93 36.62
C ASP F 180 -1.01 65.97 35.69
N LEU F 181 -2.22 66.35 36.07
CA LEU F 181 -3.07 67.33 35.33
C LEU F 181 -2.46 68.73 35.16
N GLU F 182 -1.89 69.27 36.23
CA GLU F 182 -1.30 70.64 36.22
C GLU F 182 0.24 70.72 36.16
N LYS F 183 0.90 69.68 35.66
CA LYS F 183 2.39 69.68 35.54
C LYS F 183 2.81 69.25 34.14
N CYS F 184 2.32 69.99 33.15
CA CYS F 184 2.59 69.74 31.71
C CYS F 184 3.66 70.65 31.13
N ASP F 185 4.88 70.12 30.99
CA ASP F 185 6.06 70.83 30.47
C ASP F 185 6.16 70.85 28.94
N THR F 186 7.36 71.16 28.45
CA THR F 186 7.69 71.20 27.00
C THR F 186 8.47 69.90 26.74
N ASP F 187 8.73 69.16 27.83
CA ASP F 187 9.44 67.88 27.82
C ASP F 187 8.48 66.71 27.57
N VAL F 188 7.20 66.90 27.90
CA VAL F 188 6.16 65.86 27.69
C VAL F 188 5.69 65.78 26.25
N ILE F 189 6.17 66.68 25.39
CA ILE F 189 5.85 66.72 23.95
C ILE F 189 6.45 65.49 23.30
N ASN F 190 5.69 64.85 22.41
CA ASN F 190 6.16 63.68 21.64
C ASN F 190 6.60 64.35 20.32
N PRO F 191 7.92 64.56 20.12
CA PRO F 191 8.47 65.20 18.92
C PRO F 191 7.94 64.80 17.55
N MET F 192 8.06 63.52 17.19
CA MET F 192 7.62 63.02 15.86
C MET F 192 6.13 63.13 15.57
N VAL F 193 5.31 62.98 16.61
CA VAL F 193 3.85 63.07 16.45
C VAL F 193 3.40 64.52 16.34
N VAL F 194 3.97 65.42 17.13
CA VAL F 194 3.61 66.87 17.06
C VAL F 194 4.09 67.46 15.74
N GLU F 195 5.19 66.94 15.22
CA GLU F 195 5.76 67.39 13.93
C GLU F 195 4.80 66.97 12.81
N LEU F 196 4.14 65.85 13.00
CA LEU F 196 3.18 65.32 12.03
C LEU F 196 1.93 66.19 11.93
N SER F 197 1.46 66.74 13.06
CA SER F 197 0.25 67.60 13.07
C SER F 197 0.47 68.89 12.35
N LYS F 198 1.68 69.45 12.46
CA LYS F 198 2.02 70.72 11.80
C LYS F 198 2.10 70.53 10.29
N MET F 199 2.53 69.34 9.88
CA MET F 199 2.70 68.99 8.48
C MET F 199 1.36 68.81 7.76
N TYR F 200 0.45 68.03 8.35
CA TYR F 200 -0.89 67.79 7.78
C TYR F 200 -1.65 69.10 7.66
N ALA F 201 -1.55 69.94 8.69
CA ALA F 201 -2.20 71.27 8.73
C ALA F 201 -1.76 72.13 7.57
N LEU F 202 -0.48 72.02 7.23
CA LEU F 202 0.11 72.78 6.14
C LEU F 202 -0.35 72.24 4.79
N MET F 203 -0.63 70.94 4.76
CA MET F 203 -1.07 70.26 3.53
C MET F 203 -2.55 70.41 3.19
N GLY F 204 -3.28 71.18 3.99
CA GLY F 204 -4.69 71.41 3.72
C GLY F 204 -5.64 70.55 4.53
N TYR F 205 -5.10 69.82 5.50
CA TYR F 205 -5.89 68.98 6.39
C TYR F 205 -6.31 69.79 7.60
N GLN F 206 -7.36 69.36 8.27
CA GLN F 206 -7.85 70.03 9.46
C GLN F 206 -7.42 69.18 10.62
N ILE F 207 -6.81 69.81 11.63
CA ILE F 207 -6.38 69.03 12.78
C ILE F 207 -7.45 69.09 13.85
N VAL F 208 -8.05 67.93 14.13
CA VAL F 208 -9.09 67.82 15.15
C VAL F 208 -8.45 67.07 16.31
N VAL F 209 -8.39 67.72 17.47
CA VAL F 209 -7.77 67.10 18.64
C VAL F 209 -8.86 66.58 19.56
N VAL F 210 -8.66 65.38 20.07
CA VAL F 210 -9.62 64.75 20.97
C VAL F 210 -8.88 64.23 22.20
N SER F 211 -9.56 64.20 23.35
CA SER F 211 -8.94 63.68 24.60
C SER F 211 -9.99 62.98 25.43
N GLY F 212 -9.53 62.13 26.33
CA GLY F 212 -10.45 61.40 27.18
C GLY F 212 -10.51 61.94 28.58
N ARG F 213 -9.75 63.01 28.86
CA ARG F 213 -9.72 63.61 30.20
C ARG F 213 -10.98 64.43 30.47
N GLU F 214 -11.53 64.30 31.69
CA GLU F 214 -12.76 65.04 32.12
C GLU F 214 -12.49 66.51 31.97
N SER F 215 -13.44 67.23 31.39
CA SER F 215 -13.29 68.66 31.14
C SER F 215 -13.14 69.52 32.39
N GLY F 216 -13.71 69.07 33.52
CA GLY F 216 -13.62 69.83 34.75
C GLY F 216 -14.54 69.34 35.84
N THR F 217 -14.69 70.13 36.92
CA THR F 217 -15.58 69.81 38.09
C THR F 217 -17.00 70.34 37.87
N LYS F 218 -17.92 70.10 38.81
CA LYS F 218 -19.34 70.57 38.67
C LYS F 218 -19.44 72.10 38.76
N GLU F 219 -18.49 72.70 39.46
CA GLU F 219 -18.44 74.15 39.65
C GLU F 219 -17.75 74.81 38.47
N ASP F 220 -16.75 74.12 37.92
CA ASP F 220 -15.99 74.60 36.76
C ASP F 220 -15.96 73.48 35.71
N PRO F 221 -17.03 73.35 34.89
CA PRO F 221 -17.13 72.31 33.85
C PRO F 221 -16.07 72.33 32.75
N THR F 222 -15.19 73.33 32.76
CA THR F 222 -14.12 73.45 31.75
C THR F 222 -12.69 73.70 32.27
N LYS F 223 -12.39 73.45 33.55
CA LYS F 223 -11.01 73.73 34.05
C LYS F 223 -9.89 72.93 33.45
N TYR F 224 -10.10 71.62 33.35
CA TYR F 224 -9.11 70.72 32.76
C TYR F 224 -9.08 70.84 31.24
N TYR F 225 -10.20 71.29 30.67
CA TYR F 225 -10.33 71.46 29.21
C TYR F 225 -9.40 72.54 28.67
N ARG F 226 -9.48 73.74 29.24
CA ARG F 226 -8.63 74.84 28.74
C ARG F 226 -7.18 74.72 29.18
N MET F 227 -6.93 73.90 30.20
CA MET F 227 -5.56 73.64 30.68
C MET F 227 -4.91 72.69 29.69
N THR F 228 -5.74 71.93 28.99
CA THR F 228 -5.29 70.99 27.96
C THR F 228 -5.14 71.74 26.64
N ARG F 229 -6.08 72.64 26.34
CA ARG F 229 -6.02 73.41 25.08
C ARG F 229 -4.87 74.43 25.07
N LYS F 230 -4.52 74.97 26.24
CA LYS F 230 -3.41 75.94 26.37
C LYS F 230 -2.07 75.25 26.17
N TRP F 231 -2.07 73.92 26.29
CA TRP F 231 -0.87 73.11 26.08
C TRP F 231 -0.76 72.77 24.60
N VAL F 232 -1.85 72.22 24.04
CA VAL F 232 -1.94 71.80 22.64
C VAL F 232 -1.70 72.95 21.66
N GLU F 233 -2.30 74.10 21.93
CA GLU F 233 -2.19 75.28 21.06
C GLU F 233 -0.91 76.11 21.25
N ASP F 234 -0.58 76.44 22.50
CA ASP F 234 0.60 77.29 22.81
C ASP F 234 1.94 76.59 23.04
N ILE F 235 1.99 75.62 23.96
CA ILE F 235 3.24 74.90 24.30
C ILE F 235 3.65 73.85 23.26
N ALA F 236 2.69 73.14 22.66
CA ALA F 236 2.99 72.11 21.64
C ALA F 236 3.09 72.70 20.23
N GLY F 237 2.22 73.66 19.94
CA GLY F 237 2.22 74.31 18.63
C GLY F 237 1.40 73.63 17.55
N VAL F 238 0.41 72.84 17.97
CA VAL F 238 -0.50 72.10 17.06
C VAL F 238 -1.54 73.08 16.49
N PRO F 239 -1.64 73.20 15.14
CA PRO F 239 -2.62 74.11 14.52
C PRO F 239 -4.02 73.50 14.45
N LEU F 240 -4.65 73.38 15.61
CA LEU F 240 -6.00 72.79 15.69
C LEU F 240 -7.12 73.72 15.27
N VAL F 241 -8.20 73.12 14.77
CA VAL F 241 -9.39 73.87 14.35
C VAL F 241 -10.51 73.59 15.32
N MET F 242 -10.38 72.48 16.06
CA MET F 242 -11.40 72.05 17.02
C MET F 242 -10.82 71.07 18.04
N GLN F 243 -11.31 71.16 19.27
CA GLN F 243 -10.91 70.26 20.36
C GLN F 243 -12.12 69.88 21.21
N CYS F 244 -12.60 68.65 21.04
CA CYS F 244 -13.72 68.16 21.83
C CYS F 244 -13.23 67.02 22.71
N GLN F 245 -13.55 67.08 24.01
CA GLN F 245 -13.16 66.02 24.95
C GLN F 245 -14.28 65.56 25.89
N ARG F 246 -14.01 64.55 26.71
CA ARG F 246 -14.98 64.00 27.68
C ARG F 246 -15.60 65.10 28.56
N GLU F 247 -16.93 65.07 28.71
CA GLU F 247 -17.69 66.07 29.50
C GLU F 247 -17.62 65.90 31.03
N GLN F 248 -18.48 66.64 31.73
CA GLN F 248 -18.55 66.60 33.19
C GLN F 248 -19.19 65.30 33.69
N GLY F 249 -20.46 65.10 33.35
CA GLY F 249 -21.18 63.91 33.76
C GLY F 249 -21.05 62.76 32.78
N ASP F 250 -19.81 62.32 32.57
CA ASP F 250 -19.50 61.21 31.64
C ASP F 250 -18.43 60.34 32.30
N THR F 251 -18.88 59.24 32.90
CA THR F 251 -17.99 58.29 33.60
C THR F 251 -17.89 56.95 32.86
N ARG F 252 -18.11 56.99 31.55
CA ARG F 252 -18.06 55.81 30.68
C ARG F 252 -16.63 55.54 30.21
N LYS F 253 -16.41 54.41 29.52
CA LYS F 253 -15.05 54.03 29.04
C LYS F 253 -14.57 54.88 27.86
N ASP F 254 -13.24 54.99 27.71
CA ASP F 254 -12.57 55.78 26.62
C ASP F 254 -13.03 55.33 25.25
N ASP F 255 -13.34 54.04 25.19
CA ASP F 255 -13.82 53.31 24.04
C ASP F 255 -15.09 53.95 23.45
N VAL F 256 -16.15 54.00 24.26
CA VAL F 256 -17.46 54.57 23.83
C VAL F 256 -17.56 56.08 23.80
N VAL F 257 -16.81 56.77 24.66
CA VAL F 257 -16.83 58.26 24.72
C VAL F 257 -16.30 58.84 23.42
N LYS F 258 -15.16 58.34 22.96
CA LYS F 258 -14.55 58.82 21.71
C LYS F 258 -15.33 58.46 20.45
N GLU F 259 -16.11 57.38 20.49
CA GLU F 259 -16.95 57.00 19.33
C GLU F 259 -18.13 57.97 19.26
N GLU F 260 -18.67 58.36 20.42
CA GLU F 260 -19.80 59.30 20.52
C GLU F 260 -19.35 60.70 20.07
N ILE F 261 -18.14 61.08 20.48
CA ILE F 261 -17.55 62.39 20.12
C ILE F 261 -17.35 62.43 18.60
N PHE F 262 -17.10 61.27 18.00
CA PHE F 262 -16.88 61.18 16.57
C PHE F 262 -18.17 61.39 15.79
N TRP F 263 -19.19 60.61 16.11
CA TRP F 263 -20.47 60.69 15.41
C TRP F 263 -21.26 61.97 15.60
N LYS F 264 -21.15 62.59 16.78
CA LYS F 264 -21.88 63.83 17.07
C LYS F 264 -21.20 65.13 16.65
N HIS F 265 -19.92 65.28 16.97
CA HIS F 265 -19.19 66.52 16.66
C HIS F 265 -18.22 66.49 15.48
N ILE F 266 -17.58 65.35 15.23
CA ILE F 266 -16.57 65.28 14.15
C ILE F 266 -17.07 64.85 12.79
N ALA F 267 -17.69 63.66 12.72
CA ALA F 267 -18.19 63.10 11.44
C ALA F 267 -19.13 63.97 10.57
N PRO F 268 -20.11 64.70 11.16
CA PRO F 268 -20.96 65.52 10.27
C PRO F 268 -20.31 66.81 9.75
N HIS F 269 -19.23 67.25 10.38
CA HIS F 269 -18.51 68.50 9.99
C HIS F 269 -17.22 68.31 9.20
N PHE F 270 -16.58 67.15 9.31
CA PHE F 270 -15.29 66.86 8.59
C PHE F 270 -15.23 65.52 7.88
N ASP F 271 -14.36 65.42 6.88
CA ASP F 271 -14.15 64.19 6.11
C ASP F 271 -12.87 63.55 6.66
N VAL F 272 -13.04 62.77 7.74
CA VAL F 272 -11.91 62.12 8.42
C VAL F 272 -11.24 61.02 7.60
N LYS F 273 -9.99 61.26 7.26
CA LYS F 273 -9.17 60.33 6.47
C LYS F 273 -8.24 59.51 7.35
N LEU F 274 -7.94 59.99 8.55
CA LEU F 274 -7.02 59.30 9.48
C LEU F 274 -7.18 59.68 10.96
N ALA F 275 -6.76 58.78 11.83
CA ALA F 275 -6.79 58.99 13.27
C ALA F 275 -5.45 58.52 13.85
N ILE F 276 -4.78 59.40 14.59
CA ILE F 276 -3.48 59.10 15.23
C ILE F 276 -3.76 58.90 16.71
N ASP F 277 -3.66 57.65 17.19
CA ASP F 277 -3.95 57.35 18.59
C ASP F 277 -2.88 56.48 19.24
N ASP F 278 -3.04 56.21 20.54
CA ASP F 278 -2.10 55.40 21.30
C ASP F 278 -2.75 54.18 21.98
N ARG F 279 -3.75 54.42 22.82
CA ARG F 279 -4.43 53.34 23.56
C ARG F 279 -5.09 52.28 22.65
N THR F 280 -4.67 51.02 22.83
CA THR F 280 -5.14 49.85 22.04
C THR F 280 -6.65 49.77 21.85
N GLN F 281 -7.42 49.89 22.93
CA GLN F 281 -8.90 49.82 22.81
C GLN F 281 -9.51 50.92 21.92
N VAL F 282 -8.89 52.09 21.91
CA VAL F 282 -9.36 53.23 21.10
C VAL F 282 -8.92 53.02 19.65
N VAL F 283 -7.72 52.47 19.48
CA VAL F 283 -7.15 52.19 18.14
C VAL F 283 -8.04 51.12 17.46
N GLU F 284 -8.47 50.13 18.24
CA GLU F 284 -9.33 49.04 17.76
C GLU F 284 -10.69 49.59 17.34
N MET F 285 -11.13 50.62 18.06
CA MET F 285 -12.40 51.27 17.82
C MET F 285 -12.45 52.05 16.51
N TRP F 286 -11.44 52.88 16.25
CA TRP F 286 -11.42 53.65 14.99
C TRP F 286 -11.36 52.73 13.79
N ARG F 287 -10.52 51.71 13.88
CA ARG F 287 -10.34 50.73 12.80
C ARG F 287 -11.57 49.93 12.42
N ARG F 288 -12.38 49.52 13.40
CA ARG F 288 -13.59 48.73 13.10
C ARG F 288 -14.76 49.57 12.57
N ILE F 289 -14.77 50.87 12.89
CA ILE F 289 -15.84 51.73 12.40
C ILE F 289 -15.47 52.41 11.09
N GLY F 290 -14.37 52.01 10.45
CA GLY F 290 -13.98 52.57 9.17
C GLY F 290 -12.86 53.59 9.07
N VAL F 291 -12.50 54.22 10.19
CA VAL F 291 -11.41 55.24 10.22
C VAL F 291 -10.06 54.52 10.34
N GLU F 292 -9.10 54.95 9.55
CA GLU F 292 -7.75 54.36 9.57
C GLU F 292 -6.89 54.88 10.75
N CYS F 293 -6.24 53.95 11.47
CA CYS F 293 -5.30 54.29 12.57
C CYS F 293 -3.88 53.92 12.47
N TRP F 294 -3.11 54.82 13.04
CA TRP F 294 -1.68 54.68 13.14
C TRP F 294 -1.49 54.71 14.66
N GLN F 295 -1.16 53.55 15.23
CA GLN F 295 -0.89 53.47 16.67
C GLN F 295 0.59 53.84 16.90
N VAL F 296 0.79 54.99 17.54
CA VAL F 296 2.13 55.55 17.81
C VAL F 296 3.01 54.92 18.89
N ALA F 297 2.43 54.16 19.81
CA ALA F 297 3.19 53.50 20.89
C ALA F 297 2.45 52.29 21.42
N SER F 298 3.08 51.55 22.34
CA SER F 298 2.45 50.37 22.96
C SER F 298 1.44 50.96 23.93
N GLY F 299 0.15 50.81 23.62
CA GLY F 299 -0.88 51.36 24.46
C GLY F 299 -1.82 50.35 25.09
N ASP F 300 -1.26 49.41 25.84
CA ASP F 300 -2.06 48.36 26.47
C ASP F 300 -2.45 48.68 27.91
N PHE F 301 -3.49 49.50 28.05
CA PHE F 301 -4.04 49.96 29.35
N LYS G 3 23.71 23.80 46.39
CA LYS G 3 23.54 24.81 45.29
C LYS G 3 22.24 25.60 45.41
N ILE G 4 22.28 26.86 44.94
CA ILE G 4 21.10 27.73 44.92
C ILE G 4 20.92 28.07 43.44
N ILE G 5 20.11 27.26 42.75
CA ILE G 5 19.85 27.47 41.31
C ILE G 5 18.72 28.46 41.08
N LEU G 6 19.03 29.56 40.37
CA LEU G 6 18.04 30.58 40.02
C LEU G 6 17.66 30.41 38.56
N THR G 7 16.36 30.28 38.29
CA THR G 7 15.89 30.14 36.91
C THR G 7 15.62 31.53 36.38
N ILE G 8 16.19 31.87 35.23
CA ILE G 8 15.99 33.19 34.61
C ILE G 8 15.20 33.00 33.32
N GLY G 9 14.02 33.61 33.26
CA GLY G 9 13.16 33.50 32.08
C GLY G 9 11.78 34.08 32.29
N CYS G 10 11.20 34.57 31.19
CA CYS G 10 9.84 35.17 31.16
C CYS G 10 8.78 34.11 31.43
N PRO G 11 7.56 34.50 31.89
CA PRO G 11 6.53 33.47 32.12
C PRO G 11 6.12 32.75 30.83
N GLY G 12 6.33 31.44 30.84
CA GLY G 12 6.03 30.61 29.68
C GLY G 12 7.29 30.09 29.02
N SER G 13 8.45 30.40 29.60
CA SER G 13 9.75 29.97 29.05
C SER G 13 10.16 28.53 29.38
N GLY G 14 9.38 27.86 30.24
CA GLY G 14 9.67 26.47 30.59
C GLY G 14 10.33 26.20 31.93
N LYS G 15 10.35 27.20 32.81
CA LYS G 15 10.99 27.11 34.13
C LYS G 15 10.42 26.03 35.05
N SER G 16 9.10 26.01 35.22
CA SER G 16 8.43 25.02 36.08
C SER G 16 8.51 23.59 35.57
N THR G 17 8.43 23.43 34.25
CA THR G 17 8.50 22.10 33.60
C THR G 17 9.88 21.49 33.80
N TRP G 18 10.91 22.34 33.80
CA TRP G 18 12.30 21.88 34.01
C TRP G 18 12.51 21.51 35.49
N ALA G 19 12.15 22.44 36.38
CA ALA G 19 12.29 22.28 37.86
C ALA G 19 11.68 20.99 38.39
N ARG G 20 10.55 20.60 37.82
CA ARG G 20 9.82 19.36 38.20
C ARG G 20 10.63 18.15 37.72
N GLU G 21 11.09 18.19 36.47
CA GLU G 21 11.87 17.10 35.87
C GLU G 21 13.29 16.97 36.41
N PHE G 22 13.82 18.06 36.97
CA PHE G 22 15.18 18.06 37.57
C PHE G 22 15.14 17.42 38.96
N ILE G 23 14.13 17.76 39.76
CA ILE G 23 13.96 17.22 41.12
C ILE G 23 13.64 15.72 41.09
N ALA G 24 12.99 15.26 40.02
CA ALA G 24 12.63 13.84 39.83
C ALA G 24 13.87 13.00 39.48
N LYS G 25 14.75 13.54 38.62
CA LYS G 25 15.99 12.86 38.18
C LYS G 25 17.19 13.06 39.11
N ASN G 26 17.18 14.14 39.89
CA ASN G 26 18.27 14.46 40.84
C ASN G 26 17.73 14.60 42.26
N PRO G 27 17.78 13.53 43.08
CA PRO G 27 17.29 13.57 44.47
C PRO G 27 18.12 14.50 45.35
N GLY G 28 17.47 15.11 46.33
CA GLY G 28 18.14 16.02 47.23
C GLY G 28 17.90 17.48 46.90
N PHE G 29 17.23 17.73 45.77
CA PHE G 29 16.90 19.11 45.35
C PHE G 29 15.47 19.47 45.69
N TYR G 30 15.27 20.69 46.19
CA TYR G 30 13.95 21.18 46.60
C TYR G 30 13.58 22.47 45.88
N ASN G 31 12.28 22.70 45.68
CA ASN G 31 11.77 23.89 44.97
C ASN G 31 11.18 24.96 45.90
N ILE G 32 11.48 26.22 45.57
CA ILE G 32 10.98 27.39 46.32
C ILE G 32 10.44 28.31 45.22
N ASN G 33 9.14 28.52 45.22
CA ASN G 33 8.48 29.34 44.19
C ASN G 33 7.61 30.45 44.77
N ARG G 34 7.66 31.63 44.12
CA ARG G 34 6.90 32.80 44.56
C ARG G 34 5.41 32.70 44.31
N ASP G 35 5.04 32.29 43.09
CA ASP G 35 3.63 32.15 42.68
C ASP G 35 2.88 31.15 43.55
N ASP G 36 3.59 30.09 43.98
CA ASP G 36 3.01 29.05 44.84
C ASP G 36 2.67 29.58 46.24
N TYR G 37 3.53 30.46 46.76
CA TYR G 37 3.34 31.07 48.09
C TYR G 37 2.29 32.16 48.06
N ARG G 38 2.25 32.91 46.96
CA ARG G 38 1.28 34.01 46.74
C ARG G 38 -0.15 33.45 46.73
N GLN G 39 -0.34 32.33 46.04
CA GLN G 39 -1.64 31.65 45.91
C GLN G 39 -2.01 30.93 47.21
N SER G 40 -1.00 30.49 47.95
CA SER G 40 -1.18 29.76 49.22
C SER G 40 -1.60 30.64 50.37
N ILE G 41 -0.97 31.81 50.54
CA ILE G 41 -1.31 32.71 51.67
C ILE G 41 -2.69 33.37 51.54
N MET G 42 -3.24 33.33 50.33
CA MET G 42 -4.54 33.92 50.06
C MET G 42 -5.60 32.85 49.84
N ALA G 43 -5.16 31.59 49.77
CA ALA G 43 -6.02 30.39 49.57
C ALA G 43 -6.78 30.39 48.24
N HIS G 44 -6.24 31.09 47.25
CA HIS G 44 -6.85 31.20 45.90
C HIS G 44 -6.87 29.87 45.15
N GLU G 45 -7.90 29.64 44.34
CA GLU G 45 -8.01 28.38 43.56
C GLU G 45 -7.34 28.43 42.19
N GLU G 46 -7.11 29.65 41.69
CA GLU G 46 -6.42 29.89 40.39
C GLU G 46 -5.36 30.99 40.58
N ARG G 47 -4.29 30.95 39.79
CA ARG G 47 -3.16 31.91 39.91
C ARG G 47 -3.37 33.43 39.83
N ASP G 48 -3.66 33.97 38.65
CA ASP G 48 -3.84 35.44 38.51
C ASP G 48 -5.16 36.05 39.03
N GLU G 49 -5.65 35.44 40.11
CA GLU G 49 -6.86 35.87 40.85
C GLU G 49 -6.28 36.80 41.92
N TYR G 50 -4.97 36.70 42.08
CA TYR G 50 -4.12 37.43 43.03
C TYR G 50 -3.92 38.92 42.73
N LYS G 51 -4.03 39.73 43.78
CA LYS G 51 -3.83 41.18 43.74
C LYS G 51 -2.56 41.49 44.54
N TYR G 52 -1.70 42.35 43.99
CA TYR G 52 -0.42 42.74 44.63
C TYR G 52 -0.54 43.83 45.71
N THR G 53 0.31 43.74 46.73
CA THR G 53 0.37 44.71 47.86
C THR G 53 1.82 44.74 48.29
N LYS G 54 2.27 45.85 48.88
CA LYS G 54 3.65 45.99 49.38
C LYS G 54 3.87 45.10 50.62
N LYS G 55 2.78 44.85 51.35
CA LYS G 55 2.77 44.01 52.57
C LYS G 55 2.78 42.50 52.28
N LYS G 56 2.00 42.05 51.29
CA LYS G 56 1.93 40.61 50.90
C LYS G 56 3.23 40.12 50.28
N GLU G 57 3.82 40.94 49.41
CA GLU G 57 5.08 40.61 48.73
C GLU G 57 6.26 40.52 49.69
N GLY G 58 6.13 41.19 50.84
CA GLY G 58 7.16 41.17 51.86
C GLY G 58 7.15 39.84 52.61
N ILE G 59 5.94 39.33 52.84
CA ILE G 59 5.72 38.03 53.54
C ILE G 59 6.22 36.89 52.64
N VAL G 60 5.98 37.02 51.34
CA VAL G 60 6.40 36.01 50.33
C VAL G 60 7.92 35.95 50.22
N THR G 61 8.58 37.11 50.30
CA THR G 61 10.06 37.19 50.24
C THR G 61 10.60 36.51 51.50
N GLY G 62 9.92 36.75 52.62
CA GLY G 62 10.29 36.17 53.90
C GLY G 62 10.21 34.66 53.87
N MET G 63 9.12 34.13 53.29
CA MET G 63 8.90 32.68 53.16
C MET G 63 9.97 32.04 52.28
N GLN G 64 10.42 32.76 51.26
CA GLN G 64 11.44 32.26 50.31
C GLN G 64 12.78 32.02 50.97
N PHE G 65 13.29 33.05 51.64
CA PHE G 65 14.59 32.99 52.31
C PHE G 65 14.62 32.12 53.57
N ASP G 66 13.54 32.14 54.34
CA ASP G 66 13.45 31.32 55.58
C ASP G 66 13.41 29.83 55.26
N THR G 67 12.75 29.48 54.15
CA THR G 67 12.64 28.08 53.70
C THR G 67 13.97 27.64 53.08
N ALA G 68 14.67 28.58 52.44
CA ALA G 68 15.98 28.29 51.82
C ALA G 68 17.03 28.00 52.88
N LYS G 69 17.00 28.78 53.96
CA LYS G 69 17.95 28.61 55.07
C LYS G 69 17.69 27.27 55.77
N SER G 70 16.42 26.98 56.04
CA SER G 70 15.98 25.74 56.70
C SER G 70 16.33 24.46 55.94
N ILE G 71 16.09 24.45 54.63
CA ILE G 71 16.38 23.26 53.79
C ILE G 71 17.88 23.02 53.63
N LEU G 72 18.62 24.08 53.34
CA LEU G 72 20.07 23.98 53.14
C LEU G 72 20.91 23.71 54.41
N TYR G 73 20.22 23.59 55.55
CA TYR G 73 20.83 23.29 56.88
C TYR G 73 20.59 21.82 57.32
N GLY G 74 20.07 21.00 56.40
CA GLY G 74 19.78 19.59 56.68
C GLY G 74 20.95 18.63 56.51
N GLY G 75 20.65 17.38 56.16
CA GLY G 75 21.67 16.36 56.00
C GLY G 75 22.43 16.27 54.69
N ASP G 76 22.93 15.07 54.41
CA ASP G 76 23.70 14.73 53.18
C ASP G 76 22.76 14.60 51.97
N SER G 77 21.48 14.37 52.25
CA SER G 77 20.41 14.25 51.21
C SER G 77 20.31 15.58 50.48
N VAL G 78 20.20 16.68 51.23
CA VAL G 78 20.08 18.07 50.71
C VAL G 78 21.25 18.52 49.82
N LYS G 79 21.08 18.35 48.50
CA LYS G 79 22.10 18.72 47.51
C LYS G 79 21.96 20.19 47.07
N GLY G 80 20.79 20.79 47.31
CA GLY G 80 20.54 22.18 46.96
C GLY G 80 19.10 22.57 46.75
N VAL G 81 18.87 23.84 46.41
CA VAL G 81 17.49 24.36 46.15
C VAL G 81 17.33 25.10 44.82
N ILE G 82 16.14 25.03 44.23
CA ILE G 82 15.83 25.72 42.96
C ILE G 82 14.81 26.82 43.24
N ILE G 83 15.11 28.04 42.80
CA ILE G 83 14.19 29.18 42.93
C ILE G 83 13.57 29.36 41.55
N SER G 84 12.43 28.72 41.34
CA SER G 84 11.71 28.73 40.06
C SER G 84 10.88 29.99 39.75
N ASP G 85 11.44 31.15 40.08
CA ASP G 85 10.80 32.45 39.81
C ASP G 85 11.32 32.97 38.48
N THR G 86 10.86 34.15 38.06
CA THR G 86 11.33 34.74 36.79
C THR G 86 12.74 35.31 36.97
N ASN G 87 13.01 35.80 38.19
CA ASN G 87 14.32 36.40 38.61
C ASN G 87 14.84 37.41 37.60
N LEU G 88 13.93 38.20 37.05
CA LEU G 88 14.28 39.21 36.05
C LEU G 88 14.64 40.56 36.63
N ASN G 89 14.38 40.76 37.92
CA ASN G 89 14.72 41.99 38.62
C ASN G 89 16.16 41.83 39.17
N PRO G 90 17.09 42.74 38.82
CA PRO G 90 18.49 42.66 39.28
C PRO G 90 18.70 42.72 40.80
N GLU G 91 17.78 43.40 41.50
CA GLU G 91 17.83 43.53 42.97
C GLU G 91 17.53 42.20 43.68
N ARG G 92 16.68 41.38 43.07
CA ARG G 92 16.31 40.05 43.63
C ARG G 92 17.42 39.04 43.38
N ARG G 93 18.09 39.14 42.23
CA ARG G 93 19.21 38.23 41.88
C ARG G 93 20.40 38.51 42.78
N LEU G 94 20.59 39.79 43.12
CA LEU G 94 21.69 40.25 44.01
C LEU G 94 21.44 39.78 45.44
N ALA G 95 20.17 39.83 45.87
CA ALA G 95 19.75 39.40 47.23
C ALA G 95 20.06 37.94 47.48
N TRP G 96 20.01 37.12 46.42
CA TRP G 96 20.32 35.67 46.51
C TRP G 96 21.81 35.39 46.49
N GLU G 97 22.60 36.34 45.95
CA GLU G 97 24.07 36.19 45.90
C GLU G 97 24.67 36.69 47.22
N THR G 98 23.97 37.63 47.86
CA THR G 98 24.35 38.21 49.18
C THR G 98 24.09 37.14 50.25
N PHE G 99 22.98 36.43 50.07
CA PHE G 99 22.51 35.34 50.95
C PHE G 99 23.45 34.12 50.86
N ALA G 100 23.91 33.78 49.65
CA ALA G 100 24.81 32.62 49.43
C ALA G 100 26.28 32.90 49.81
N LYS G 101 26.62 34.18 49.93
CA LYS G 101 27.99 34.62 50.31
C LYS G 101 28.08 34.73 51.83
N GLU G 102 26.97 35.14 52.44
CA GLU G 102 26.86 35.31 53.89
C GLU G 102 26.73 33.94 54.58
N TYR G 103 26.15 32.96 53.86
CA TYR G 103 25.94 31.60 54.40
C TYR G 103 26.72 30.48 53.71
N GLY G 104 27.65 30.86 52.83
CA GLY G 104 28.53 29.89 52.16
C GLY G 104 28.10 28.86 51.12
N TRP G 105 27.04 29.11 50.35
CA TRP G 105 26.59 28.15 49.30
C TRP G 105 26.87 28.71 47.91
N LYS G 106 26.83 27.84 46.90
CA LYS G 106 27.10 28.25 45.50
C LYS G 106 25.82 28.70 44.76
N VAL G 107 25.92 29.77 43.98
CA VAL G 107 24.78 30.30 43.18
C VAL G 107 25.00 29.95 41.71
N GLU G 108 24.05 29.23 41.12
CA GLU G 108 24.09 28.79 39.70
C GLU G 108 22.91 29.43 38.98
N HIS G 109 23.06 29.71 37.68
CA HIS G 109 21.99 30.33 36.87
C HIS G 109 21.53 29.45 35.73
N LYS G 110 20.21 29.20 35.66
CA LYS G 110 19.65 28.38 34.57
C LYS G 110 18.81 29.33 33.69
N VAL G 111 19.38 29.71 32.55
CA VAL G 111 18.75 30.64 31.59
C VAL G 111 17.81 29.94 30.60
N PHE G 112 16.63 30.53 30.40
CA PHE G 112 15.60 30.02 29.48
C PHE G 112 15.30 31.07 28.41
N ASP G 113 16.14 31.14 27.39
CA ASP G 113 15.98 32.11 26.30
C ASP G 113 15.06 31.56 25.21
N VAL G 114 13.80 31.99 25.27
CA VAL G 114 12.76 31.58 24.31
C VAL G 114 12.40 32.84 23.52
N PRO G 115 12.29 32.74 22.15
CA PRO G 115 11.94 33.89 21.30
C PRO G 115 10.58 34.54 21.62
N TRP G 116 10.47 35.84 21.33
CA TRP G 116 9.25 36.63 21.60
C TRP G 116 7.96 36.01 21.03
N THR G 117 7.96 35.73 19.73
CA THR G 117 6.78 35.15 19.02
C THR G 117 6.25 33.89 19.69
N GLU G 118 7.17 33.08 20.21
CA GLU G 118 6.83 31.82 20.88
C GLU G 118 6.28 32.08 22.28
N LEU G 119 6.80 33.11 22.95
CA LEU G 119 6.33 33.49 24.31
C LEU G 119 4.91 34.01 24.29
N VAL G 120 4.56 34.78 23.26
CA VAL G 120 3.19 35.34 23.08
C VAL G 120 2.21 34.23 22.73
N LYS G 121 2.65 33.31 21.87
CA LYS G 121 1.84 32.15 21.44
C LYS G 121 1.50 31.28 22.65
N ARG G 122 2.46 31.12 23.56
CA ARG G 122 2.25 30.31 24.78
C ARG G 122 1.41 31.03 25.81
N ASN G 123 1.57 32.35 25.89
CA ASN G 123 0.82 33.16 26.86
C ASN G 123 -0.67 33.31 26.52
N SER G 124 -1.02 33.20 25.24
CA SER G 124 -2.41 33.32 24.79
C SER G 124 -3.18 32.06 25.16
N LYS G 125 -2.47 30.92 25.24
CA LYS G 125 -3.06 29.61 25.57
C LYS G 125 -2.84 29.22 27.05
N ARG G 126 -2.21 30.10 27.82
CA ARG G 126 -1.90 29.83 29.24
C ARG G 126 -3.08 29.85 30.22
N GLY G 127 -4.22 30.37 29.78
CA GLY G 127 -5.41 30.40 30.62
C GLY G 127 -5.39 31.34 31.80
N THR G 128 -5.58 30.77 32.97
CA THR G 128 -5.60 31.53 34.21
C THR G 128 -4.20 31.95 34.69
N LYS G 129 -3.18 31.28 34.16
CA LYS G 129 -1.78 31.58 34.49
C LYS G 129 -1.18 32.57 33.48
N ALA G 130 -2.06 33.16 32.67
CA ALA G 130 -1.67 34.14 31.65
C ALA G 130 -1.41 35.49 32.25
N VAL G 131 -0.39 36.16 31.74
CA VAL G 131 0.02 37.49 32.21
C VAL G 131 -0.41 38.54 31.18
N PRO G 132 -0.68 39.81 31.59
CA PRO G 132 -1.08 40.82 30.61
C PRO G 132 0.07 41.06 29.62
N ILE G 133 -0.25 41.27 28.34
CA ILE G 133 0.77 41.46 27.29
C ILE G 133 1.79 42.57 27.59
N ASP G 134 1.39 43.58 28.36
CA ASP G 134 2.28 44.70 28.72
C ASP G 134 3.32 44.29 29.77
N VAL G 135 2.99 43.28 30.59
CA VAL G 135 3.94 42.80 31.61
C VAL G 135 4.85 41.74 31.00
N LEU G 136 4.39 41.08 29.94
CA LEU G 136 5.20 40.07 29.23
C LEU G 136 6.25 40.84 28.42
N ARG G 137 5.89 42.05 27.96
CA ARG G 137 6.77 42.94 27.18
C ARG G 137 7.85 43.50 28.08
N SER G 138 7.40 43.94 29.26
CA SER G 138 8.25 44.53 30.31
C SER G 138 9.26 43.49 30.79
N MET G 139 8.86 42.22 30.76
CA MET G 139 9.73 41.13 31.19
C MET G 139 10.71 40.68 30.14
N TYR G 140 10.34 40.78 28.86
CA TYR G 140 11.25 40.39 27.77
C TYR G 140 12.33 41.46 27.63
N LYS G 141 12.01 42.67 28.09
CA LYS G 141 12.94 43.81 28.08
C LYS G 141 14.02 43.54 29.14
N SER G 142 13.59 42.98 30.29
CA SER G 142 14.49 42.63 31.41
C SER G 142 15.33 41.41 31.07
N MET G 143 14.84 40.59 30.16
CA MET G 143 15.54 39.38 29.69
C MET G 143 16.64 39.79 28.74
N ARG G 144 16.39 40.82 27.95
CA ARG G 144 17.38 41.34 27.00
C ARG G 144 18.50 42.06 27.74
N GLU G 145 18.16 42.69 28.86
CA GLU G 145 19.12 43.41 29.72
C GLU G 145 20.08 42.40 30.35
N TYR G 146 19.51 41.28 30.81
CA TYR G 146 20.29 40.19 31.43
C TYR G 146 21.19 39.53 30.38
N LEU G 147 20.62 39.22 29.22
CA LEU G 147 21.36 38.58 28.10
C LEU G 147 22.40 39.51 27.49
N GLY G 148 22.31 40.80 27.80
CA GLY G 148 23.25 41.79 27.31
C GLY G 148 23.02 42.22 25.88
N LEU G 149 21.83 41.93 25.36
CA LEU G 149 21.42 42.27 23.97
C LEU G 149 21.30 43.78 23.78
N PRO G 150 21.73 44.32 22.61
CA PRO G 150 21.69 45.76 22.30
C PRO G 150 20.37 46.54 22.18
N VAL G 151 20.45 47.81 22.57
CA VAL G 151 19.33 48.77 22.53
C VAL G 151 19.88 50.01 21.81
N TYR G 152 19.18 50.44 20.76
CA TYR G 152 19.57 51.62 19.94
C TYR G 152 19.27 52.93 20.67
N ASN G 153 20.19 53.88 20.53
CA ASN G 153 20.08 55.19 21.18
C ASN G 153 20.46 56.30 20.21
N GLY G 154 20.58 55.94 18.92
CA GLY G 154 20.93 56.92 17.91
C GLY G 154 22.30 56.65 17.32
N THR G 155 22.60 57.36 16.23
CA THR G 155 23.88 57.26 15.51
C THR G 155 24.22 58.69 15.11
N PRO G 156 24.83 59.51 16.02
CA PRO G 156 25.17 60.90 15.70
C PRO G 156 26.19 61.06 14.56
N GLY G 157 26.01 62.11 13.77
CA GLY G 157 26.89 62.35 12.64
C GLY G 157 26.36 61.90 11.27
N LYS G 158 25.47 60.89 11.21
CA LYS G 158 24.85 60.31 9.94
C LYS G 158 23.46 60.98 9.63
N PRO G 159 22.96 60.95 8.35
CA PRO G 159 21.67 61.57 8.00
C PRO G 159 20.43 60.98 8.67
N LYS G 160 19.47 61.83 9.05
CA LYS G 160 18.21 61.37 9.70
C LYS G 160 17.33 60.58 8.72
N ALA G 161 16.78 59.46 9.17
CA ALA G 161 15.94 58.61 8.31
C ALA G 161 14.72 58.01 8.96
N VAL G 162 13.81 57.51 8.12
CA VAL G 162 12.56 56.86 8.54
C VAL G 162 12.48 55.55 7.75
N ILE G 163 12.25 54.44 8.46
CA ILE G 163 12.16 53.12 7.81
C ILE G 163 10.70 52.81 7.45
N PHE G 164 10.50 52.37 6.22
CA PHE G 164 9.16 51.99 5.71
C PHE G 164 9.15 50.53 5.33
N ASP G 165 8.05 49.87 5.62
CA ASP G 165 7.88 48.45 5.31
C ASP G 165 6.97 48.33 4.08
N VAL G 166 7.11 47.27 3.31
CA VAL G 166 6.25 47.06 2.13
C VAL G 166 5.13 46.13 2.61
N ASP G 167 5.49 45.17 3.46
CA ASP G 167 4.59 44.14 4.04
C ASP G 167 3.41 44.72 4.83
N GLY G 168 2.32 44.99 4.10
CA GLY G 168 1.09 45.54 4.66
C GLY G 168 1.11 46.98 5.11
N THR G 169 2.10 47.74 4.65
CA THR G 169 2.26 49.13 5.06
C THR G 169 2.16 50.08 3.87
N LEU G 170 3.11 49.99 2.95
CA LEU G 170 3.11 50.83 1.73
C LEU G 170 2.10 50.23 0.75
N ALA G 171 1.90 48.92 0.86
CA ALA G 171 0.97 48.17 0.01
C ALA G 171 -0.07 47.46 0.86
N LYS G 172 -1.33 47.53 0.44
CA LYS G 172 -2.47 46.88 1.13
C LYS G 172 -2.37 45.35 0.98
N MET G 173 -2.99 44.61 1.89
CA MET G 173 -2.97 43.13 1.83
C MET G 173 -4.31 42.53 1.37
N ASN G 174 -4.27 41.29 0.87
CA ASN G 174 -5.47 40.56 0.39
C ASN G 174 -5.82 39.38 1.29
N PRO G 178 -2.36 38.91 1.23
CA PRO G 178 -1.18 39.32 0.48
C PRO G 178 -1.33 39.16 -1.03
N TYR G 179 -0.66 40.03 -1.79
CA TYR G 179 -0.68 40.01 -3.28
C TYR G 179 0.58 39.35 -3.82
N ASP G 180 0.49 38.72 -4.99
CA ASP G 180 1.65 38.02 -5.62
C ASP G 180 2.28 38.76 -6.81
N LEU G 181 1.67 38.66 -8.00
CA LEU G 181 2.19 39.33 -9.22
C LEU G 181 1.23 40.41 -9.70
N CYS G 184 -0.19 43.53 -9.09
CA CYS G 184 0.23 44.62 -8.21
C CYS G 184 0.30 45.98 -8.93
N ASP G 185 -0.87 46.52 -9.26
CA ASP G 185 -1.00 47.82 -9.96
C ASP G 185 -1.13 48.97 -8.96
N THR G 186 -1.69 50.09 -9.41
CA THR G 186 -1.92 51.28 -8.56
C THR G 186 -3.08 51.07 -7.57
N ASP G 187 -3.76 49.93 -7.71
CA ASP G 187 -4.91 49.56 -6.86
C ASP G 187 -4.53 49.00 -5.49
N VAL G 188 -3.27 48.59 -5.32
CA VAL G 188 -2.79 48.02 -4.05
C VAL G 188 -2.06 49.03 -3.15
N ILE G 189 -1.82 50.24 -3.67
CA ILE G 189 -1.16 51.35 -2.95
C ILE G 189 -1.98 51.80 -1.73
N ASN G 190 -1.33 51.92 -0.56
CA ASN G 190 -1.99 52.39 0.68
C ASN G 190 -1.78 53.93 0.60
N PRO G 191 -2.82 54.68 0.17
CA PRO G 191 -2.75 56.14 0.03
C PRO G 191 -2.09 56.99 1.12
N MET G 192 -2.60 56.92 2.35
CA MET G 192 -2.08 57.73 3.46
C MET G 192 -0.64 57.43 3.87
N VAL G 193 -0.22 56.16 3.74
CA VAL G 193 1.15 55.75 4.09
C VAL G 193 2.13 56.16 3.00
N VAL G 194 1.75 55.99 1.72
CA VAL G 194 2.63 56.38 0.61
C VAL G 194 2.78 57.91 0.57
N GLU G 195 1.73 58.63 0.97
CA GLU G 195 1.74 60.10 1.02
C GLU G 195 2.71 60.56 2.11
N LEU G 196 2.83 59.73 3.15
CA LEU G 196 3.72 60.02 4.28
C LEU G 196 5.20 59.91 3.88
N SER G 197 5.53 58.95 3.02
CA SER G 197 6.92 58.76 2.56
C SER G 197 7.41 59.94 1.74
N LYS G 198 6.50 60.55 0.99
CA LYS G 198 6.85 61.72 0.16
C LYS G 198 6.95 62.97 1.05
N MET G 199 6.18 63.01 2.15
CA MET G 199 6.18 64.13 3.14
C MET G 199 7.52 64.19 3.85
N TYR G 200 7.96 63.04 4.37
CA TYR G 200 9.24 62.90 5.08
C TYR G 200 10.45 63.12 4.22
N ALA G 201 10.38 62.66 2.96
CA ALA G 201 11.46 62.82 1.97
C ALA G 201 11.70 64.30 1.80
N LEU G 202 10.60 65.04 1.67
CA LEU G 202 10.63 66.50 1.50
C LEU G 202 11.04 67.26 2.75
N MET G 203 10.98 66.60 3.90
CA MET G 203 11.34 67.22 5.19
C MET G 203 12.80 67.05 5.62
N GLY G 204 13.62 66.53 4.72
CA GLY G 204 15.03 66.34 5.00
C GLY G 204 15.39 64.93 5.40
N TYR G 205 14.38 64.06 5.55
CA TYR G 205 14.59 62.65 5.93
C TYR G 205 14.97 61.79 4.73
N GLN G 206 15.51 60.62 5.04
CA GLN G 206 15.93 59.65 4.03
C GLN G 206 14.94 58.52 4.18
N ILE G 207 14.43 58.02 3.06
CA ILE G 207 13.47 56.94 3.12
C ILE G 207 14.17 55.61 2.85
N VAL G 208 14.17 54.76 3.87
CA VAL G 208 14.79 53.43 3.76
C VAL G 208 13.63 52.44 3.73
N VAL G 209 13.53 51.69 2.64
CA VAL G 209 12.46 50.70 2.49
C VAL G 209 12.99 49.30 2.82
N VAL G 210 12.24 48.56 3.63
CA VAL G 210 12.65 47.21 4.04
C VAL G 210 11.49 46.24 3.74
N SER G 211 11.81 44.98 3.41
CA SER G 211 10.78 43.96 3.12
C SER G 211 11.20 42.58 3.60
N GLY G 212 10.23 41.75 3.93
CA GLY G 212 10.51 40.40 4.39
C GLY G 212 10.29 39.38 3.31
N ARG G 213 9.80 39.84 2.15
CA ARG G 213 9.52 38.96 0.98
C ARG G 213 10.86 38.47 0.45
N GLU G 214 10.97 37.15 0.22
CA GLU G 214 12.20 36.51 -0.28
C GLU G 214 12.63 37.19 -1.58
N SER G 215 13.91 37.55 -1.67
CA SER G 215 14.46 38.26 -2.85
C SER G 215 14.32 37.52 -4.19
N GLY G 216 14.35 36.19 -4.14
CA GLY G 216 14.22 35.40 -5.35
C GLY G 216 14.29 33.92 -5.13
N THR G 217 14.49 33.20 -6.24
CA THR G 217 14.64 31.73 -6.29
C THR G 217 16.14 31.44 -6.46
N LYS G 218 16.56 30.17 -6.39
CA LYS G 218 18.00 29.83 -6.54
C LYS G 218 18.63 30.16 -7.91
N GLU G 219 17.80 30.09 -8.96
CA GLU G 219 18.23 30.41 -10.33
C GLU G 219 18.24 31.93 -10.56
N ASP G 220 17.35 32.63 -9.87
CA ASP G 220 17.24 34.10 -9.98
C ASP G 220 17.16 34.72 -8.57
N PRO G 221 18.31 34.88 -7.86
CA PRO G 221 18.39 35.44 -6.50
C PRO G 221 17.75 36.82 -6.26
N THR G 222 17.51 37.59 -7.32
CA THR G 222 16.90 38.94 -7.18
C THR G 222 15.57 39.12 -7.93
N LYS G 223 14.92 38.01 -8.30
CA LYS G 223 13.62 38.02 -9.06
C LYS G 223 12.53 38.86 -8.44
N TYR G 224 12.15 38.49 -7.22
CA TYR G 224 11.10 39.17 -6.47
C TYR G 224 11.55 40.52 -5.96
N TYR G 225 12.85 40.66 -5.70
CA TYR G 225 13.44 41.93 -5.23
C TYR G 225 13.24 43.08 -6.24
N ARG G 226 13.56 42.84 -7.52
CA ARG G 226 13.41 43.90 -8.51
C ARG G 226 11.99 44.08 -8.99
N MET G 227 11.14 43.11 -8.64
CA MET G 227 9.70 43.17 -8.97
C MET G 227 9.09 44.02 -7.84
N THR G 228 9.83 44.16 -6.74
CA THR G 228 9.38 44.95 -5.58
C THR G 228 9.88 46.39 -5.68
N ARG G 229 11.14 46.59 -6.10
CA ARG G 229 11.70 47.95 -6.24
C ARG G 229 11.07 48.74 -7.38
N LYS G 230 10.68 48.04 -8.45
CA LYS G 230 10.02 48.68 -9.61
C LYS G 230 8.61 49.15 -9.25
N TRP G 231 8.08 48.60 -8.16
CA TRP G 231 6.76 48.98 -7.67
C TRP G 231 6.91 50.18 -6.73
N VAL G 232 7.80 50.05 -5.75
CA VAL G 232 8.07 51.10 -4.74
C VAL G 232 8.54 52.41 -5.36
N GLU G 233 9.46 52.33 -6.33
CA GLU G 233 10.02 53.51 -6.99
C GLU G 233 9.16 54.10 -8.10
N ASP G 234 8.69 53.27 -9.03
CA ASP G 234 7.88 53.74 -10.18
C ASP G 234 6.37 53.84 -10.01
N ILE G 235 5.72 52.75 -9.60
CA ILE G 235 4.24 52.71 -9.43
C ILE G 235 3.73 53.42 -8.17
N ALA G 236 4.47 53.31 -7.06
CA ALA G 236 4.07 53.97 -5.79
C ALA G 236 4.55 55.42 -5.71
N GLY G 237 5.78 55.65 -6.16
CA GLY G 237 6.35 56.99 -6.16
C GLY G 237 7.09 57.36 -4.88
N VAL G 238 7.55 56.35 -4.15
CA VAL G 238 8.31 56.54 -2.88
C VAL G 238 9.77 56.95 -3.21
N PRO G 239 10.24 58.11 -2.70
CA PRO G 239 11.60 58.58 -2.96
C PRO G 239 12.64 57.89 -2.06
N LEU G 240 12.87 56.61 -2.30
CA LEU G 240 13.82 55.82 -1.52
C LEU G 240 15.28 56.07 -1.85
N VAL G 241 16.14 55.87 -0.85
CA VAL G 241 17.59 56.03 -1.02
C VAL G 241 18.24 54.65 -0.95
N MET G 242 17.51 53.70 -0.36
CA MET G 242 18.00 52.33 -0.17
C MET G 242 16.85 51.36 0.09
N GLN G 243 17.01 50.13 -0.40
CA GLN G 243 16.04 49.05 -0.21
C GLN G 243 16.75 47.73 0.03
N CYS G 244 16.74 47.27 1.28
CA CYS G 244 17.35 45.99 1.63
C CYS G 244 16.25 45.05 2.11
N GLN G 245 16.24 43.84 1.57
CA GLN G 245 15.24 42.84 1.96
C GLN G 245 15.82 41.45 2.21
N ARG G 246 14.94 40.54 2.65
CA ARG G 246 15.31 39.15 2.96
C ARG G 246 15.91 38.45 1.75
N GLU G 247 17.13 37.93 1.94
CA GLU G 247 17.88 37.22 0.89
C GLU G 247 17.24 35.88 0.59
N GLN G 248 17.65 35.25 -0.50
CA GLN G 248 17.11 33.94 -0.89
C GLN G 248 17.63 32.84 0.04
N GLY G 249 16.77 31.87 0.35
CA GLY G 249 17.15 30.75 1.20
C GLY G 249 17.03 30.98 2.69
N ASP G 250 16.94 32.25 3.09
CA ASP G 250 16.80 32.68 4.50
C ASP G 250 15.37 32.31 4.90
N THR G 251 15.23 31.21 5.63
CA THR G 251 13.92 30.70 6.08
C THR G 251 13.57 31.09 7.51
N ARG G 252 14.29 32.05 8.07
CA ARG G 252 14.08 32.55 9.45
C ARG G 252 12.86 33.48 9.55
N LYS G 253 12.37 33.69 10.76
CA LYS G 253 11.18 34.56 10.99
C LYS G 253 11.43 36.03 10.70
N ASP G 254 10.36 36.72 10.27
CA ASP G 254 10.34 38.17 9.90
C ASP G 254 10.98 39.03 10.99
N ASP G 255 10.73 38.58 12.22
CA ASP G 255 11.17 39.14 13.48
C ASP G 255 12.70 39.36 13.51
N VAL G 256 13.46 38.29 13.36
CA VAL G 256 14.94 38.32 13.39
C VAL G 256 15.63 38.80 12.12
N VAL G 257 15.01 38.59 10.96
CA VAL G 257 15.59 39.01 9.66
C VAL G 257 15.66 40.52 9.61
N LYS G 258 14.57 41.20 9.97
CA LYS G 258 14.53 42.67 9.95
C LYS G 258 15.40 43.35 11.00
N GLU G 259 15.68 42.64 12.10
CA GLU G 259 16.58 43.18 13.16
C GLU G 259 18.01 43.12 12.65
N GLU G 260 18.34 42.04 11.94
CA GLU G 260 19.68 41.83 11.36
C GLU G 260 19.93 42.85 10.24
N ILE G 261 18.91 43.11 9.43
CA ILE G 261 18.96 44.09 8.32
C ILE G 261 19.18 45.48 8.91
N PHE G 262 18.64 45.71 10.10
CA PHE G 262 18.78 47.00 10.78
C PHE G 262 20.22 47.23 11.26
N TRP G 263 20.74 46.30 12.04
CA TRP G 263 22.11 46.42 12.60
C TRP G 263 23.26 46.36 11.61
N LYS G 264 23.08 45.63 10.51
CA LYS G 264 24.14 45.49 9.49
C LYS G 264 24.15 46.55 8.39
N HIS G 265 22.99 46.83 7.80
CA HIS G 265 22.91 47.79 6.70
C HIS G 265 22.33 49.16 7.00
N ILE G 266 21.38 49.25 7.93
CA ILE G 266 20.73 50.56 8.22
C ILE G 266 21.34 51.38 9.35
N ALA G 267 21.47 50.79 10.53
CA ALA G 267 22.01 51.51 11.71
C ALA G 267 23.38 52.20 11.58
N PRO G 268 24.38 51.55 10.95
CA PRO G 268 25.67 52.26 10.85
C PRO G 268 25.73 53.39 9.80
N HIS G 269 24.78 53.41 8.86
CA HIS G 269 24.73 54.44 7.79
C HIS G 269 23.71 55.56 7.99
N PHE G 270 22.66 55.32 8.78
CA PHE G 270 21.59 56.34 9.01
C PHE G 270 21.24 56.53 10.48
N ASP G 271 20.66 57.70 10.79
CA ASP G 271 20.20 58.03 12.17
C ASP G 271 18.68 57.84 12.15
N VAL G 272 18.25 56.60 12.37
CA VAL G 272 16.82 56.23 12.36
C VAL G 272 16.00 56.83 13.51
N LYS G 273 15.06 57.69 13.13
CA LYS G 273 14.18 58.38 14.08
C LYS G 273 12.83 57.71 14.19
N LEU G 274 12.44 56.94 13.16
CA LEU G 274 11.13 56.29 13.11
C LEU G 274 11.03 55.09 12.17
N ALA G 275 10.08 54.21 12.46
CA ALA G 275 9.82 53.02 11.64
C ALA G 275 8.31 52.89 11.45
N ILE G 276 7.87 52.80 10.20
CA ILE G 276 6.44 52.65 9.85
C ILE G 276 6.26 51.20 9.44
N ASP G 277 5.56 50.42 10.26
CA ASP G 277 5.34 48.99 9.98
C ASP G 277 3.88 48.56 10.20
N ASP G 278 3.60 47.29 9.90
CA ASP G 278 2.27 46.74 10.03
C ASP G 278 2.22 45.52 10.92
N ARG G 279 2.99 44.48 10.59
CA ARG G 279 3.00 43.22 11.37
C ARG G 279 3.38 43.39 12.84
N THR G 280 2.48 42.97 13.74
CA THR G 280 2.65 43.07 15.22
C THR G 280 4.01 42.62 15.74
N GLN G 281 4.47 41.44 15.32
CA GLN G 281 5.77 40.94 15.80
C GLN G 281 6.95 41.84 15.42
N VAL G 282 6.87 42.47 14.25
CA VAL G 282 7.92 43.36 13.77
C VAL G 282 7.83 44.71 14.49
N VAL G 283 6.60 45.15 14.75
CA VAL G 283 6.33 46.43 15.44
C VAL G 283 6.88 46.32 16.85
N GLU G 284 6.66 45.16 17.47
CA GLU G 284 7.13 44.87 18.84
C GLU G 284 8.66 44.87 18.90
N MET G 285 9.28 44.43 17.80
CA MET G 285 10.73 44.36 17.67
C MET G 285 11.39 45.72 17.58
N TRP G 286 10.87 46.61 16.73
CA TRP G 286 11.48 47.95 16.61
C TRP G 286 11.37 48.71 17.93
N ARG G 287 10.21 48.61 18.57
CA ARG G 287 9.95 49.30 19.84
C ARG G 287 10.84 48.89 21.00
N ARG G 288 11.14 47.60 21.13
CA ARG G 288 11.99 47.11 22.24
C ARG G 288 13.50 47.39 22.05
N ILE G 289 13.92 47.55 20.80
CA ILE G 289 15.33 47.84 20.52
C ILE G 289 15.60 49.34 20.43
N GLY G 290 14.61 50.17 20.76
CA GLY G 290 14.81 51.63 20.75
C GLY G 290 14.23 52.47 19.63
N VAL G 291 13.87 51.85 18.52
CA VAL G 291 13.28 52.59 17.36
C VAL G 291 11.77 52.77 17.58
N GLU G 292 11.27 53.97 17.32
CA GLU G 292 9.85 54.30 17.49
C GLU G 292 8.99 53.77 16.32
N CYS G 293 7.88 53.10 16.63
CA CYS G 293 6.88 52.63 15.62
C CYS G 293 5.51 53.14 15.64
N TRP G 294 5.01 53.24 14.41
CA TRP G 294 3.67 53.67 14.13
C TRP G 294 3.13 52.47 13.39
N GLN G 295 2.24 51.73 14.05
CA GLN G 295 1.62 50.55 13.41
C GLN G 295 0.40 51.04 12.62
N VAL G 296 0.48 50.95 11.30
CA VAL G 296 -0.55 51.43 10.39
C VAL G 296 -1.85 50.63 10.24
N ALA G 297 -1.86 49.37 10.65
CA ALA G 297 -3.07 48.53 10.54
C ALA G 297 -3.01 47.37 11.53
N SER G 298 -4.08 46.59 11.60
CA SER G 298 -4.13 45.41 12.49
C SER G 298 -3.24 44.38 11.81
N GLY G 299 -2.09 44.11 12.41
CA GLY G 299 -1.16 43.16 11.81
C GLY G 299 -0.88 41.92 12.62
N ASP G 300 -1.93 41.18 12.95
CA ASP G 300 -1.77 39.97 13.78
C ASP G 300 -1.67 38.69 12.95
N PHE G 301 -0.46 38.44 12.44
CA PHE G 301 -0.14 37.26 11.60
N MET H 1 -4.73 38.88 71.28
CA MET H 1 -5.76 39.56 70.44
C MET H 1 -5.82 38.97 69.03
N LYS H 2 -4.69 38.47 68.52
CA LYS H 2 -4.59 37.85 67.16
C LYS H 2 -4.89 36.36 67.23
N LYS H 3 -5.67 35.86 66.27
CA LYS H 3 -6.11 34.44 66.22
C LYS H 3 -5.27 33.46 65.40
N ILE H 4 -5.38 32.19 65.75
CA ILE H 4 -4.73 31.05 65.03
C ILE H 4 -5.89 30.06 64.89
N ILE H 5 -6.60 30.15 63.76
CA ILE H 5 -7.75 29.26 63.51
C ILE H 5 -7.32 27.92 62.88
N LEU H 6 -7.65 26.81 63.56
CA LEU H 6 -7.32 25.47 63.07
C LEU H 6 -8.60 24.84 62.54
N THR H 7 -8.57 24.39 61.29
CA THR H 7 -9.75 23.75 60.68
C THR H 7 -9.65 22.25 61.00
N ILE H 8 -10.71 21.69 61.56
CA ILE H 8 -10.74 20.25 61.88
C ILE H 8 -11.77 19.57 60.98
N GLY H 9 -11.29 18.63 60.17
CA GLY H 9 -12.16 17.90 59.27
C GLY H 9 -11.41 17.03 58.27
N CYS H 10 -12.06 15.94 57.87
CA CYS H 10 -11.54 14.95 56.90
C CYS H 10 -11.40 15.58 55.50
N PRO H 11 -10.54 15.03 54.62
CA PRO H 11 -10.43 15.63 53.28
C PRO H 11 -11.77 15.53 52.50
N GLY H 12 -12.30 16.68 52.12
CA GLY H 12 -13.55 16.75 51.40
C GLY H 12 -14.67 17.33 52.25
N SER H 13 -14.32 17.76 53.46
CA SER H 13 -15.31 18.32 54.40
C SER H 13 -15.62 19.81 54.19
N GLY H 14 -14.91 20.45 53.25
CA GLY H 14 -15.14 21.86 52.94
C GLY H 14 -14.22 22.89 53.58
N LYS H 15 -13.06 22.46 54.08
CA LYS H 15 -12.07 23.33 54.75
C LYS H 15 -11.49 24.43 53.87
N SER H 16 -11.01 24.06 52.67
CA SER H 16 -10.41 25.03 51.74
C SER H 16 -11.41 26.02 51.17
N THR H 17 -12.63 25.55 50.89
CA THR H 17 -13.71 26.39 50.33
C THR H 17 -14.10 27.48 51.34
N TRP H 18 -14.07 27.13 52.64
CA TRP H 18 -14.40 28.09 53.71
C TRP H 18 -13.26 29.09 53.87
N ALA H 19 -12.02 28.59 54.02
CA ALA H 19 -10.80 29.41 54.19
C ALA H 19 -10.64 30.50 53.14
N ARG H 20 -11.00 30.18 51.91
CA ARG H 20 -10.94 31.11 50.77
C ARG H 20 -12.00 32.20 50.92
N GLU H 21 -13.22 31.78 51.27
CA GLU H 21 -14.35 32.70 51.46
C GLU H 21 -14.25 33.54 52.72
N PHE H 22 -13.50 33.07 53.70
CA PHE H 22 -13.32 33.82 54.97
C PHE H 22 -12.28 34.93 54.78
N ILE H 23 -11.19 34.63 54.08
CA ILE H 23 -10.12 35.62 53.83
C ILE H 23 -10.61 36.74 52.90
N ALA H 24 -11.56 36.41 52.03
CA ALA H 24 -12.15 37.38 51.08
C ALA H 24 -13.08 38.36 51.80
N LYS H 25 -13.88 37.83 52.72
CA LYS H 25 -14.82 38.62 53.51
C LYS H 25 -14.15 39.35 54.67
N ASN H 26 -13.18 38.72 55.33
CA ASN H 26 -12.46 39.29 56.50
C ASN H 26 -10.98 39.60 56.20
N PRO H 27 -10.65 40.87 55.86
CA PRO H 27 -9.26 41.25 55.57
C PRO H 27 -8.35 41.16 56.79
N GLY H 28 -7.08 40.84 56.54
CA GLY H 28 -6.12 40.73 57.63
C GLY H 28 -5.83 39.28 57.98
N PHE H 29 -6.59 38.36 57.40
CA PHE H 29 -6.39 36.92 57.63
C PHE H 29 -5.59 36.27 56.53
N TYR H 30 -4.65 35.40 56.91
CA TYR H 30 -3.77 34.69 55.96
C TYR H 30 -3.86 33.16 56.11
N ASN H 31 -3.63 32.44 55.02
CA ASN H 31 -3.70 30.97 55.01
C ASN H 31 -2.33 30.27 55.03
N ILE H 32 -2.24 29.19 55.81
CA ILE H 32 -1.04 28.36 55.92
C ILE H 32 -1.54 26.94 55.73
N ASN H 33 -1.14 26.31 54.63
CA ASN H 33 -1.61 24.94 54.30
C ASN H 33 -0.46 23.96 54.04
N ARG H 34 -0.62 22.73 54.52
CA ARG H 34 0.39 21.68 54.37
C ARG H 34 0.51 21.15 52.96
N ASP H 35 -0.64 20.80 52.36
CA ASP H 35 -0.70 20.25 50.99
C ASP H 35 -0.10 21.20 49.96
N ASP H 36 -0.27 22.51 50.18
CA ASP H 36 0.27 23.56 49.30
C ASP H 36 1.79 23.60 49.35
N TYR H 37 2.36 23.40 50.53
CA TYR H 37 3.83 23.41 50.71
C TYR H 37 4.46 22.10 50.23
N ARG H 38 3.75 21.00 50.43
CA ARG H 38 4.20 19.65 50.00
C ARG H 38 4.36 19.60 48.49
N GLN H 39 3.38 20.15 47.79
CA GLN H 39 3.36 20.20 46.32
C GLN H 39 4.38 21.21 45.81
N SER H 40 4.58 22.30 46.58
CA SER H 40 5.51 23.38 46.21
C SER H 40 6.99 23.01 46.29
N ILE H 41 7.39 22.31 47.37
CA ILE H 41 8.82 21.93 47.54
C ILE H 41 9.28 20.85 46.57
N MET H 42 8.32 20.17 45.96
CA MET H 42 8.62 19.10 45.00
C MET H 42 8.32 19.53 43.57
N ALA H 43 7.69 20.70 43.43
CA ALA H 43 7.29 21.32 42.14
C ALA H 43 6.29 20.48 41.34
N HIS H 44 5.51 19.65 42.04
CA HIS H 44 4.50 18.76 41.44
C HIS H 44 3.33 19.48 40.78
N GLU H 45 2.72 18.77 39.82
CA GLU H 45 1.57 19.23 39.02
C GLU H 45 0.26 18.70 39.60
N GLU H 46 0.35 17.54 40.26
CA GLU H 46 -0.80 16.87 40.90
C GLU H 46 -0.46 16.57 42.38
N ARG H 47 -1.49 16.36 43.21
CA ARG H 47 -1.28 16.06 44.65
C ARG H 47 -0.88 14.61 44.92
N ASP H 48 -1.49 13.68 44.18
CA ASP H 48 -1.25 12.23 44.34
C ASP H 48 0.15 11.70 43.98
N GLU H 49 0.91 12.50 43.24
CA GLU H 49 2.29 12.10 42.83
C GLU H 49 3.35 12.41 43.90
N TYR H 50 2.89 12.79 45.09
CA TYR H 50 3.76 13.12 46.25
C TYR H 50 4.12 11.87 47.06
N LYS H 51 5.39 11.78 47.47
CA LYS H 51 5.88 10.65 48.28
C LYS H 51 6.19 11.11 49.71
N TYR H 52 5.53 10.47 50.68
CA TYR H 52 5.67 10.80 52.12
C TYR H 52 6.89 10.19 52.81
N THR H 53 7.76 11.06 53.33
CA THR H 53 8.97 10.66 54.11
C THR H 53 9.04 11.68 55.25
N LYS H 54 9.65 11.31 56.37
CA LYS H 54 9.76 12.23 57.54
C LYS H 54 10.77 13.36 57.28
N LYS H 55 11.61 13.17 56.25
CA LYS H 55 12.63 14.17 55.84
C LYS H 55 11.93 15.38 55.19
N LYS H 56 10.91 15.10 54.38
CA LYS H 56 10.13 16.14 53.68
C LYS H 56 9.08 16.76 54.61
N GLU H 57 8.44 15.93 55.44
CA GLU H 57 7.40 16.36 56.40
C GLU H 57 7.93 17.27 57.50
N GLY H 58 9.22 17.17 57.78
CA GLY H 58 9.88 17.98 58.78
C GLY H 58 10.08 19.40 58.27
N ILE H 59 10.41 19.51 56.99
CA ILE H 59 10.61 20.80 56.30
C ILE H 59 9.27 21.54 56.20
N VAL H 60 8.21 20.79 55.91
CA VAL H 60 6.84 21.33 55.77
C VAL H 60 6.32 21.86 57.11
N THR H 61 6.65 21.18 58.21
CA THR H 61 6.24 21.60 59.57
C THR H 61 6.99 22.90 59.88
N GLY H 62 8.27 22.94 59.45
CA GLY H 62 9.12 24.11 59.64
C GLY H 62 8.57 25.34 58.93
N MET H 63 8.13 25.13 57.69
CA MET H 63 7.53 26.20 56.85
C MET H 63 6.25 26.73 57.47
N GLN H 64 5.46 25.83 58.08
CA GLN H 64 4.19 26.20 58.73
C GLN H 64 4.36 27.17 59.88
N PHE H 65 5.20 26.77 60.84
CA PHE H 65 5.46 27.57 62.04
C PHE H 65 6.26 28.84 61.80
N ASP H 66 7.24 28.79 60.90
CA ASP H 66 8.07 29.97 60.58
C ASP H 66 7.26 31.06 59.89
N THR H 67 6.30 30.65 59.06
CA THR H 67 5.42 31.57 58.32
C THR H 67 4.37 32.15 59.28
N ALA H 68 3.94 31.34 60.24
CA ALA H 68 2.95 31.75 61.24
C ALA H 68 3.53 32.81 62.17
N LYS H 69 4.80 32.63 62.56
CA LYS H 69 5.49 33.58 63.44
C LYS H 69 5.70 34.91 62.70
N SER H 70 6.16 34.83 61.45
CA SER H 70 6.43 35.99 60.58
C SER H 70 5.19 36.84 60.30
N ILE H 71 4.07 36.20 59.96
CA ILE H 71 2.82 36.92 59.65
C ILE H 71 2.20 37.59 60.89
N LEU H 72 2.13 36.84 61.98
CA LEU H 72 1.53 37.34 63.23
C LEU H 72 2.37 38.38 63.98
N TYR H 73 3.60 38.59 63.50
CA TYR H 73 4.52 39.60 64.07
C TYR H 73 4.53 40.83 63.16
N GLY H 74 3.60 40.84 62.20
CA GLY H 74 3.46 41.91 61.23
C GLY H 74 3.00 43.26 61.76
N GLY H 75 1.97 43.24 62.61
CA GLY H 75 1.47 44.48 63.18
C GLY H 75 -0.04 44.58 63.26
N ASP H 76 -0.53 45.80 63.47
CA ASP H 76 -1.97 46.11 63.61
C ASP H 76 -2.86 45.96 62.36
N SER H 77 -2.29 45.43 61.28
CA SER H 77 -3.02 45.20 60.01
C SER H 77 -3.49 43.75 60.01
N VAL H 78 -2.66 42.87 60.61
CA VAL H 78 -2.91 41.41 60.70
C VAL H 78 -3.87 41.06 61.85
N LYS H 79 -4.93 40.34 61.50
CA LYS H 79 -5.96 39.91 62.46
C LYS H 79 -5.81 38.44 62.89
N GLY H 80 -5.07 37.65 62.11
CA GLY H 80 -4.86 36.25 62.44
C GLY H 80 -4.59 35.34 61.27
N VAL H 81 -4.22 34.09 61.55
CA VAL H 81 -3.94 33.09 60.49
C VAL H 81 -4.83 31.83 60.54
N ILE H 82 -5.06 31.24 59.37
CA ILE H 82 -5.87 30.00 59.27
C ILE H 82 -4.97 28.84 58.84
N ILE H 83 -5.03 27.76 59.61
CA ILE H 83 -4.25 26.54 59.28
C ILE H 83 -5.28 25.55 58.69
N SER H 84 -5.41 25.61 57.36
CA SER H 84 -6.36 24.79 56.59
C SER H 84 -5.97 23.34 56.37
N ASP H 85 -5.41 22.71 57.40
CA ASP H 85 -5.00 21.28 57.34
C ASP H 85 -6.15 20.47 57.92
N THR H 86 -5.98 19.14 57.96
CA THR H 86 -7.04 18.27 58.53
C THR H 86 -7.03 18.38 60.06
N ASN H 87 -5.83 18.58 60.61
CA ASN H 87 -5.57 18.72 62.07
C ASN H 87 -6.24 17.63 62.90
N LEU H 88 -6.21 16.40 62.37
CA LEU H 88 -6.83 15.26 63.03
C LEU H 88 -5.92 14.51 64.00
N ASN H 89 -4.62 14.82 63.94
CA ASN H 89 -3.62 14.22 64.83
C ASN H 89 -3.56 15.11 66.09
N PRO H 90 -3.78 14.53 67.29
CA PRO H 90 -3.75 15.26 68.57
C PRO H 90 -2.44 15.95 68.90
N GLU H 91 -1.32 15.37 68.43
CA GLU H 91 0.04 15.91 68.65
C GLU H 91 0.27 17.22 67.88
N ARG H 92 -0.34 17.34 66.70
CA ARG H 92 -0.24 18.55 65.85
C ARG H 92 -1.11 19.67 66.41
N ARG H 93 -2.28 19.34 66.95
CA ARG H 93 -3.21 20.33 67.54
C ARG H 93 -2.61 20.90 68.82
N LEU H 94 -1.88 20.06 69.56
CA LEU H 94 -1.20 20.45 70.82
C LEU H 94 -0.02 21.36 70.51
N ALA H 95 0.70 21.06 69.43
CA ALA H 95 1.88 21.85 68.98
C ALA H 95 1.49 23.30 68.66
N TRP H 96 0.26 23.50 68.20
CA TRP H 96 -0.26 24.85 67.86
C TRP H 96 -0.76 25.59 69.09
N GLU H 97 -1.10 24.86 70.14
CA GLU H 97 -1.56 25.46 71.40
C GLU H 97 -0.35 25.83 72.27
N THR H 98 0.74 25.09 72.08
CA THR H 98 2.03 25.31 72.79
C THR H 98 2.66 26.57 72.19
N PHE H 99 2.54 26.69 70.88
CA PHE H 99 3.06 27.81 70.07
C PHE H 99 2.28 29.10 70.36
N ALA H 100 0.96 29.00 70.46
CA ALA H 100 0.05 30.14 70.70
C ALA H 100 0.23 30.89 72.01
N LYS H 101 0.22 30.17 73.13
CA LYS H 101 0.38 30.80 74.47
C LYS H 101 1.83 31.19 74.78
N GLU H 102 2.77 30.78 73.92
CA GLU H 102 4.20 31.10 74.06
C GLU H 102 4.44 32.55 73.63
N TYR H 103 3.57 33.06 72.76
CA TYR H 103 3.68 34.46 72.25
C TYR H 103 2.45 35.32 72.55
N GLY H 104 1.33 34.68 72.92
CA GLY H 104 0.13 35.41 73.27
C GLY H 104 -1.01 35.44 72.26
N TRP H 105 -1.14 34.38 71.48
CA TRP H 105 -2.19 34.28 70.44
C TRP H 105 -3.29 33.28 70.83
N LYS H 106 -4.51 33.57 70.42
CA LYS H 106 -5.70 32.73 70.70
C LYS H 106 -5.97 31.62 69.67
N VAL H 107 -6.04 30.37 70.13
CA VAL H 107 -6.36 29.23 69.25
C VAL H 107 -7.88 29.03 69.20
N GLU H 108 -8.40 29.12 67.99
CA GLU H 108 -9.82 28.94 67.74
C GLU H 108 -9.93 27.67 66.89
N HIS H 109 -11.04 26.95 67.04
CA HIS H 109 -11.25 25.70 66.27
C HIS H 109 -12.48 25.79 65.38
N LYS H 110 -12.31 25.49 64.10
CA LYS H 110 -13.43 25.49 63.14
C LYS H 110 -13.66 24.04 62.71
N VAL H 111 -14.69 23.42 63.29
CA VAL H 111 -15.06 22.01 63.04
C VAL H 111 -15.95 21.84 61.80
N PHE H 112 -15.63 20.85 60.98
CA PHE H 112 -16.38 20.51 59.76
C PHE H 112 -16.87 19.08 59.84
N ASP H 113 -17.99 18.87 60.53
CA ASP H 113 -18.58 17.54 60.72
C ASP H 113 -19.53 17.20 59.56
N VAL H 114 -18.99 16.44 58.61
CA VAL H 114 -19.73 16.00 57.42
C VAL H 114 -19.90 14.47 57.56
N PRO H 115 -21.12 13.93 57.30
CA PRO H 115 -21.39 12.49 57.41
C PRO H 115 -20.51 11.61 56.50
N TRP H 116 -20.29 10.37 56.91
CA TRP H 116 -19.45 9.40 56.16
C TRP H 116 -19.86 9.21 54.71
N THR H 117 -21.13 8.88 54.47
CA THR H 117 -21.68 8.64 53.11
C THR H 117 -21.39 9.79 52.14
N GLU H 118 -21.45 11.02 52.67
CA GLU H 118 -21.22 12.24 51.89
C GLU H 118 -19.72 12.43 51.63
N LEU H 119 -18.87 12.05 52.59
CA LEU H 119 -17.41 12.16 52.44
C LEU H 119 -16.87 11.22 51.37
N VAL H 120 -17.43 10.00 51.29
CA VAL H 120 -17.03 8.98 50.29
C VAL H 120 -17.50 9.43 48.90
N LYS H 121 -18.72 9.97 48.83
CA LYS H 121 -19.32 10.46 47.57
C LYS H 121 -18.47 11.59 47.00
N ARG H 122 -17.95 12.45 47.86
CA ARG H 122 -17.10 13.57 47.44
C ARG H 122 -15.70 13.12 47.08
N ASN H 123 -15.20 12.10 47.78
CA ASN H 123 -13.84 11.58 47.53
C ASN H 123 -13.70 10.79 46.23
N SER H 124 -14.81 10.21 45.76
CA SER H 124 -14.82 9.44 44.51
C SER H 124 -14.75 10.37 43.30
N LYS H 125 -15.26 11.60 43.47
CA LYS H 125 -15.29 12.63 42.42
C LYS H 125 -14.16 13.66 42.58
N ARG H 126 -13.32 13.47 43.58
CA ARG H 126 -12.21 14.43 43.88
C ARG H 126 -11.03 14.43 42.90
N GLY H 127 -10.94 13.40 42.07
CA GLY H 127 -9.88 13.32 41.07
C GLY H 127 -8.50 13.06 41.58
N THR H 128 -7.59 13.97 41.27
CA THR H 128 -6.19 13.86 41.68
C THR H 128 -5.97 14.22 43.15
N LYS H 129 -6.95 14.91 43.75
CA LYS H 129 -6.90 15.31 45.18
C LYS H 129 -7.60 14.25 46.04
N ALA H 130 -7.88 13.09 45.43
CA ALA H 130 -8.55 11.98 46.12
C ALA H 130 -7.59 11.20 46.98
N VAL H 131 -8.06 10.79 48.14
CA VAL H 131 -7.27 10.03 49.11
C VAL H 131 -7.71 8.56 49.08
N PRO H 132 -6.81 7.58 49.40
CA PRO H 132 -7.23 6.17 49.40
C PRO H 132 -8.32 5.94 50.45
N ILE H 133 -9.33 5.14 50.12
CA ILE H 133 -10.45 4.87 51.05
C ILE H 133 -10.05 4.42 52.47
N ASP H 134 -8.89 3.78 52.60
CA ASP H 134 -8.39 3.32 53.92
C ASP H 134 -7.88 4.49 54.76
N VAL H 135 -7.39 5.55 54.11
CA VAL H 135 -6.90 6.72 54.85
C VAL H 135 -8.07 7.66 55.17
N LEU H 136 -9.15 7.58 54.39
CA LEU H 136 -10.34 8.40 54.63
C LEU H 136 -11.06 7.79 55.84
N ARG H 137 -10.95 6.46 55.97
CA ARG H 137 -11.55 5.69 57.07
C ARG H 137 -10.80 5.99 58.36
N SER H 138 -9.47 5.99 58.25
CA SER H 138 -8.54 6.26 59.36
C SER H 138 -8.74 7.68 59.88
N MET H 139 -9.11 8.57 58.97
CA MET H 139 -9.34 9.97 59.33
C MET H 139 -10.71 10.23 59.93
N TYR H 140 -11.72 9.48 59.52
CA TYR H 140 -13.08 9.64 60.08
C TYR H 140 -13.09 9.06 61.49
N LYS H 141 -12.13 8.16 61.77
CA LYS H 141 -11.97 7.53 63.10
C LYS H 141 -11.40 8.59 64.04
N SER H 142 -10.47 9.39 63.52
CA SER H 142 -9.81 10.49 64.27
C SER H 142 -10.77 11.65 64.48
N MET H 143 -11.77 11.76 63.61
CA MET H 143 -12.79 12.81 63.69
C MET H 143 -13.78 12.45 64.78
N ARG H 144 -14.07 11.16 64.92
CA ARG H 144 -14.98 10.65 65.95
C ARG H 144 -14.34 10.77 67.34
N GLU H 145 -13.01 10.61 67.39
CA GLU H 145 -12.22 10.73 68.64
C GLU H 145 -12.26 12.18 69.12
N TYR H 146 -12.10 13.12 68.19
CA TYR H 146 -12.14 14.56 68.46
C TYR H 146 -13.56 14.96 68.91
N LEU H 147 -14.57 14.53 68.15
CA LEU H 147 -15.98 14.84 68.45
C LEU H 147 -16.48 14.17 69.74
N GLY H 148 -15.70 13.21 70.25
CA GLY H 148 -16.03 12.49 71.47
C GLY H 148 -17.10 11.43 71.32
N LEU H 149 -17.38 11.03 70.07
CA LEU H 149 -18.39 10.01 69.74
C LEU H 149 -17.98 8.61 70.26
N PRO H 150 -18.95 7.82 70.78
CA PRO H 150 -18.71 6.47 71.33
C PRO H 150 -18.20 5.32 70.47
N VAL H 151 -17.40 4.47 71.11
CA VAL H 151 -16.81 3.25 70.51
C VAL H 151 -17.14 2.10 71.47
N TYR H 152 -17.77 1.04 70.94
CA TYR H 152 -18.18 -0.16 71.70
C TYR H 152 -16.97 -1.04 72.06
N ASN H 153 -16.97 -1.58 73.27
CA ASN H 153 -15.89 -2.42 73.77
C ASN H 153 -16.46 -3.63 74.51
N GLY H 154 -17.76 -3.85 74.34
CA GLY H 154 -18.41 -4.96 75.00
C GLY H 154 -19.39 -4.52 76.07
N THR H 155 -20.19 -5.46 76.55
CA THR H 155 -21.20 -5.24 77.61
C THR H 155 -21.13 -6.50 78.49
N PRO H 156 -20.17 -6.56 79.45
CA PRO H 156 -20.04 -7.74 80.33
C PRO H 156 -21.27 -8.01 81.21
N GLY H 157 -21.54 -9.30 81.45
CA GLY H 157 -22.68 -9.69 82.25
C GLY H 157 -23.93 -10.06 81.48
N LYS H 158 -24.08 -9.49 80.28
CA LYS H 158 -25.24 -9.72 79.39
C LYS H 158 -24.98 -10.88 78.41
N PRO H 159 -26.03 -11.57 77.87
CA PRO H 159 -25.85 -12.70 76.93
C PRO H 159 -25.18 -12.36 75.61
N LYS H 160 -24.33 -13.26 75.11
CA LYS H 160 -23.62 -13.06 73.82
C LYS H 160 -24.59 -13.12 72.63
N ALA H 161 -24.44 -12.19 71.69
CA ALA H 161 -25.33 -12.10 70.52
C ALA H 161 -24.67 -11.76 69.20
N VAL H 162 -25.42 -12.02 68.14
CA VAL H 162 -25.01 -11.75 66.75
C VAL H 162 -26.17 -10.98 66.10
N ILE H 163 -25.84 -9.85 65.45
CA ILE H 163 -26.86 -9.03 64.79
C ILE H 163 -27.00 -9.42 63.31
N PHE H 164 -28.23 -9.65 62.88
CA PHE H 164 -28.54 -10.02 61.49
C PHE H 164 -29.37 -8.90 60.85
N ASP H 165 -29.28 -8.77 59.53
CA ASP H 165 -30.02 -7.72 58.82
C ASP H 165 -30.97 -8.35 57.80
N VAL H 166 -32.10 -7.71 57.50
CA VAL H 166 -33.08 -8.25 56.50
C VAL H 166 -32.87 -7.57 55.14
N ASP H 167 -32.47 -6.29 55.16
CA ASP H 167 -32.22 -5.47 53.93
C ASP H 167 -31.09 -6.02 53.03
N GLY H 168 -31.34 -7.17 52.42
CA GLY H 168 -30.38 -7.80 51.54
C GLY H 168 -29.39 -8.79 52.15
N THR H 169 -29.59 -9.17 53.41
CA THR H 169 -28.69 -10.13 54.09
C THR H 169 -29.42 -11.47 54.30
N LEU H 170 -30.55 -11.45 55.00
CA LEU H 170 -31.34 -12.68 55.23
C LEU H 170 -32.26 -12.93 54.04
N ALA H 171 -32.49 -11.87 53.27
CA ALA H 171 -33.34 -11.91 52.07
C ALA H 171 -32.55 -11.48 50.85
N LYS H 172 -33.05 -11.83 49.66
CA LYS H 172 -32.40 -11.43 48.40
C LYS H 172 -33.09 -10.19 47.85
N MET H 173 -32.39 -9.43 47.00
CA MET H 173 -32.91 -8.18 46.43
C MET H 173 -33.62 -8.32 45.07
N ASN H 174 -34.41 -7.29 44.70
CA ASN H 174 -35.18 -7.24 43.43
C ASN H 174 -34.31 -6.81 42.24
N GLY H 175 -33.02 -6.65 42.48
CA GLY H 175 -32.08 -6.25 41.44
C GLY H 175 -31.22 -5.10 41.90
N ARG H 176 -31.77 -3.89 41.76
CA ARG H 176 -31.10 -2.64 42.16
C ARG H 176 -31.34 -2.27 43.61
N GLY H 177 -32.56 -2.51 44.08
CA GLY H 177 -32.94 -2.19 45.45
C GLY H 177 -33.80 -3.26 46.13
N PRO H 178 -34.48 -2.93 47.26
CA PRO H 178 -35.34 -3.86 48.02
C PRO H 178 -36.56 -4.48 47.33
N TYR H 179 -37.10 -5.54 47.95
CA TYR H 179 -38.27 -6.29 47.46
C TYR H 179 -39.57 -5.76 48.08
N ASP H 180 -40.70 -6.04 47.42
CA ASP H 180 -42.03 -5.60 47.92
C ASP H 180 -42.53 -6.52 49.03
N LEU H 181 -43.10 -5.93 50.07
CA LEU H 181 -43.62 -6.67 51.25
C LEU H 181 -44.88 -7.49 50.95
N GLU H 182 -45.46 -7.28 49.77
CA GLU H 182 -46.68 -7.98 49.32
C GLU H 182 -46.39 -9.26 48.51
N LYS H 183 -45.12 -9.45 48.13
CA LYS H 183 -44.69 -10.63 47.36
C LYS H 183 -43.41 -11.23 47.96
N CYS H 184 -43.56 -11.95 49.08
CA CYS H 184 -42.44 -12.61 49.77
C CYS H 184 -42.58 -14.13 49.74
N ASP H 185 -41.77 -14.76 48.89
CA ASP H 185 -41.75 -16.24 48.69
C ASP H 185 -40.80 -16.95 49.67
N THR H 186 -40.48 -18.21 49.34
CA THR H 186 -39.52 -19.04 50.10
C THR H 186 -38.29 -19.04 49.19
N ASP H 187 -38.51 -18.57 47.96
CA ASP H 187 -37.48 -18.43 46.88
C ASP H 187 -36.75 -17.09 47.03
N VAL H 188 -37.09 -16.36 48.09
CA VAL H 188 -36.49 -15.05 48.40
C VAL H 188 -35.45 -15.13 49.53
N ILE H 189 -35.35 -16.28 50.20
CA ILE H 189 -34.37 -16.48 51.31
C ILE H 189 -32.93 -16.66 50.80
N ASN H 190 -31.95 -16.21 51.57
CA ASN H 190 -30.52 -16.34 51.24
C ASN H 190 -30.09 -17.58 52.05
N PRO H 191 -29.97 -18.76 51.37
CA PRO H 191 -29.59 -20.02 52.02
C PRO H 191 -28.46 -20.05 53.04
N MET H 192 -27.25 -19.70 52.62
CA MET H 192 -26.05 -19.71 53.51
C MET H 192 -26.10 -18.77 54.71
N VAL H 193 -26.78 -17.64 54.57
CA VAL H 193 -26.90 -16.66 55.65
C VAL H 193 -27.97 -17.10 56.66
N VAL H 194 -29.10 -17.62 56.18
CA VAL H 194 -30.19 -18.09 57.06
C VAL H 194 -29.72 -19.33 57.82
N GLU H 195 -28.87 -20.14 57.18
CA GLU H 195 -28.31 -21.37 57.79
C GLU H 195 -27.37 -20.95 58.92
N LEU H 196 -26.73 -19.79 58.77
CA LEU H 196 -25.80 -19.25 59.76
C LEU H 196 -26.53 -18.82 61.04
N SER H 197 -27.72 -18.24 60.90
CA SER H 197 -28.52 -17.78 62.07
C SER H 197 -29.00 -18.93 62.93
N LYS H 198 -29.38 -20.04 62.29
CA LYS H 198 -29.85 -21.25 63.00
C LYS H 198 -28.68 -21.90 63.71
N MET H 199 -27.52 -21.89 63.05
CA MET H 199 -26.26 -22.47 63.55
C MET H 199 -25.75 -21.76 64.79
N TYR H 200 -25.82 -20.42 64.78
CA TYR H 200 -25.39 -19.60 65.90
C TYR H 200 -26.34 -19.71 67.08
N ALA H 201 -27.65 -19.80 66.79
CA ALA H 201 -28.72 -19.90 67.81
C ALA H 201 -28.68 -21.21 68.60
N LEU H 202 -28.18 -22.27 67.96
CA LEU H 202 -28.03 -23.61 68.57
C LEU H 202 -26.71 -23.69 69.35
N MET H 203 -25.77 -22.80 69.03
CA MET H 203 -24.46 -22.74 69.68
C MET H 203 -24.44 -21.83 70.92
N GLY H 204 -25.63 -21.41 71.34
CA GLY H 204 -25.77 -20.53 72.49
C GLY H 204 -26.40 -19.23 72.06
N TYR H 205 -25.55 -18.39 71.42
CA TYR H 205 -25.87 -17.03 70.88
C TYR H 205 -27.32 -16.56 70.66
N GLN H 206 -27.57 -15.29 70.95
CA GLN H 206 -28.89 -14.68 70.76
C GLN H 206 -28.92 -14.05 69.38
N ILE H 207 -29.99 -14.29 68.63
CA ILE H 207 -30.11 -13.70 67.27
C ILE H 207 -30.98 -12.46 67.34
N VAL H 208 -30.35 -11.31 67.08
CA VAL H 208 -31.04 -10.01 67.08
C VAL H 208 -31.16 -9.59 65.61
N VAL H 209 -32.39 -9.45 65.14
CA VAL H 209 -32.65 -9.06 63.76
C VAL H 209 -32.97 -7.57 63.69
N VAL H 210 -32.36 -6.87 62.73
CA VAL H 210 -32.57 -5.43 62.54
C VAL H 210 -32.99 -5.19 61.08
N SER H 211 -33.67 -4.08 60.80
CA SER H 211 -34.12 -3.77 59.43
C SER H 211 -34.23 -2.27 59.20
N GLY H 212 -33.99 -1.84 57.96
CA GLY H 212 -34.08 -0.44 57.60
C GLY H 212 -35.39 -0.08 56.94
N ARG H 213 -36.31 -1.05 56.88
CA ARG H 213 -37.64 -0.85 56.25
C ARG H 213 -38.57 -0.12 57.19
N GLU H 214 -39.47 0.69 56.62
CA GLU H 214 -40.45 1.45 57.40
C GLU H 214 -41.49 0.49 57.98
N SER H 215 -41.73 0.61 59.29
CA SER H 215 -42.66 -0.26 60.05
C SER H 215 -44.16 -0.21 59.70
N GLY H 216 -44.62 0.88 59.07
CA GLY H 216 -46.03 0.98 58.71
C GLY H 216 -46.46 2.23 57.96
N THR H 217 -47.75 2.31 57.64
CA THR H 217 -48.34 3.46 56.93
C THR H 217 -48.90 4.51 57.90
N LYS H 218 -49.55 5.54 57.34
CA LYS H 218 -50.14 6.66 58.10
C LYS H 218 -51.29 6.25 59.03
N GLU H 219 -52.07 5.25 58.61
CA GLU H 219 -53.20 4.73 59.39
C GLU H 219 -52.76 3.75 60.49
N ASP H 220 -51.99 2.74 60.10
CA ASP H 220 -51.48 1.71 61.04
C ASP H 220 -49.94 1.76 61.08
N PRO H 221 -49.34 2.11 62.24
CA PRO H 221 -47.87 2.19 62.38
C PRO H 221 -47.11 0.86 62.55
N THR H 222 -47.81 -0.27 62.47
CA THR H 222 -47.20 -1.62 62.63
C THR H 222 -47.53 -2.66 61.54
N LYS H 223 -48.25 -2.27 60.48
CA LYS H 223 -48.64 -3.22 59.39
C LYS H 223 -47.56 -3.75 58.44
N TYR H 224 -46.36 -3.16 58.47
CA TYR H 224 -45.23 -3.62 57.62
C TYR H 224 -44.20 -4.30 58.51
N TYR H 225 -44.29 -4.09 59.82
CA TYR H 225 -43.39 -4.71 60.80
C TYR H 225 -43.83 -6.17 60.98
N ARG H 226 -45.15 -6.39 61.08
CA ARG H 226 -45.72 -7.75 61.26
C ARG H 226 -45.48 -8.63 60.04
N MET H 227 -45.39 -7.99 58.87
CA MET H 227 -45.14 -8.69 57.60
C MET H 227 -43.66 -9.07 57.48
N THR H 228 -42.78 -8.31 58.13
CA THR H 228 -41.33 -8.62 58.09
C THR H 228 -41.03 -9.71 59.13
N ARG H 229 -41.61 -9.60 60.33
CA ARG H 229 -41.38 -10.60 61.41
C ARG H 229 -42.01 -11.96 61.10
N LYS H 230 -43.13 -11.95 60.36
CA LYS H 230 -43.83 -13.21 59.97
C LYS H 230 -43.04 -13.94 58.89
N TRP H 231 -42.10 -13.23 58.26
CA TRP H 231 -41.24 -13.81 57.23
C TRP H 231 -39.99 -14.38 57.93
N VAL H 232 -39.34 -13.56 58.75
CA VAL H 232 -38.10 -13.94 59.48
C VAL H 232 -38.30 -15.12 60.43
N GLU H 233 -39.42 -15.12 61.15
CA GLU H 233 -39.74 -16.19 62.11
C GLU H 233 -40.34 -17.46 61.52
N ASP H 234 -41.37 -17.30 60.69
CA ASP H 234 -42.08 -18.44 60.07
C ASP H 234 -41.56 -18.99 58.75
N ILE H 235 -41.42 -18.13 57.73
CA ILE H 235 -40.97 -18.56 56.38
C ILE H 235 -39.45 -18.82 56.28
N ALA H 236 -38.64 -18.02 56.98
CA ALA H 236 -37.16 -18.18 56.96
C ALA H 236 -36.69 -19.18 58.01
N GLY H 237 -37.31 -19.14 59.19
CA GLY H 237 -36.97 -20.05 60.27
C GLY H 237 -35.84 -19.60 61.17
N VAL H 238 -35.62 -18.28 61.22
CA VAL H 238 -34.56 -17.67 62.06
C VAL H 238 -35.04 -17.63 63.53
N PRO H 239 -34.26 -18.22 64.47
CA PRO H 239 -34.64 -18.24 65.89
C PRO H 239 -34.28 -16.92 66.59
N LEU H 240 -35.03 -15.87 66.27
CA LEU H 240 -34.80 -14.53 66.87
C LEU H 240 -35.35 -14.36 68.26
N VAL H 241 -34.68 -13.50 69.03
CA VAL H 241 -35.09 -13.18 70.40
C VAL H 241 -35.64 -11.76 70.43
N MET H 242 -35.28 -10.98 69.41
CA MET H 242 -35.69 -9.58 69.30
C MET H 242 -35.56 -9.06 67.86
N GLN H 243 -36.48 -8.17 67.49
CA GLN H 243 -36.48 -7.53 66.17
C GLN H 243 -36.88 -6.06 66.29
N CYS H 244 -35.91 -5.17 66.18
CA CYS H 244 -36.16 -3.72 66.21
C CYS H 244 -35.81 -3.13 64.86
N GLN H 245 -36.72 -2.33 64.31
CA GLN H 245 -36.49 -1.69 63.01
C GLN H 245 -36.88 -0.22 62.98
N ARG H 246 -36.71 0.41 61.82
CA ARG H 246 -37.04 1.83 61.58
C ARG H 246 -38.52 2.11 61.85
N GLU H 247 -38.77 3.22 62.54
CA GLU H 247 -40.14 3.67 62.92
C GLU H 247 -40.98 4.16 61.72
N GLN H 248 -42.22 4.56 61.98
CA GLN H 248 -43.15 5.04 60.92
C GLN H 248 -42.74 6.37 60.26
N GLY H 249 -42.50 7.39 61.07
CA GLY H 249 -42.14 8.70 60.53
C GLY H 249 -40.67 8.99 60.25
N ASP H 250 -39.78 8.08 60.66
CA ASP H 250 -38.30 8.24 60.47
C ASP H 250 -37.85 8.21 59.01
N THR H 251 -37.29 9.34 58.56
CA THR H 251 -36.80 9.51 57.18
C THR H 251 -35.28 9.67 57.11
N ARG H 252 -34.60 9.50 58.25
CA ARG H 252 -33.12 9.62 58.33
C ARG H 252 -32.41 8.44 57.65
N LYS H 253 -31.11 8.60 57.38
CA LYS H 253 -30.28 7.57 56.70
C LYS H 253 -30.12 6.24 57.45
N ASP H 254 -30.04 5.14 56.68
CA ASP H 254 -29.87 3.73 57.19
C ASP H 254 -28.62 3.63 58.07
N ASP H 255 -27.68 4.54 57.80
CA ASP H 255 -26.42 4.71 58.49
C ASP H 255 -26.65 5.06 59.96
N VAL H 256 -27.32 6.19 60.21
CA VAL H 256 -27.62 6.70 61.57
C VAL H 256 -28.76 6.01 62.32
N VAL H 257 -29.76 5.49 61.60
CA VAL H 257 -30.92 4.80 62.22
C VAL H 257 -30.44 3.53 62.92
N LYS H 258 -29.63 2.73 62.23
CA LYS H 258 -29.11 1.48 62.79
C LYS H 258 -28.11 1.66 63.92
N GLU H 259 -27.44 2.80 63.97
CA GLU H 259 -26.48 3.09 65.06
C GLU H 259 -27.27 3.44 66.31
N GLU H 260 -28.38 4.15 66.12
CA GLU H 260 -29.28 4.57 67.22
C GLU H 260 -30.00 3.34 67.78
N ILE H 261 -30.40 2.43 66.89
CA ILE H 261 -31.09 1.17 67.28
C ILE H 261 -30.12 0.32 68.09
N PHE H 262 -28.82 0.43 67.78
CA PHE H 262 -27.80 -0.31 68.49
C PHE H 262 -27.59 0.19 69.91
N TRP H 263 -27.32 1.48 70.05
CA TRP H 263 -27.07 2.08 71.38
C TRP H 263 -28.25 2.13 72.35
N LYS H 264 -29.47 2.24 71.82
CA LYS H 264 -30.68 2.30 72.66
C LYS H 264 -31.33 0.96 73.02
N HIS H 265 -31.51 0.08 72.04
CA HIS H 265 -32.15 -1.22 72.28
C HIS H 265 -31.27 -2.46 72.36
N ILE H 266 -30.18 -2.50 71.59
CA ILE H 266 -29.30 -3.69 71.55
C ILE H 266 -28.13 -3.70 72.52
N ALA H 267 -27.26 -2.68 72.46
CA ALA H 267 -26.06 -2.60 73.32
C ALA H 267 -26.24 -2.74 74.84
N PRO H 268 -27.28 -2.11 75.47
CA PRO H 268 -27.42 -2.29 76.92
C PRO H 268 -27.98 -3.65 77.38
N HIS H 269 -28.60 -4.39 76.47
CA HIS H 269 -29.22 -5.71 76.78
C HIS H 269 -28.42 -6.94 76.33
N PHE H 270 -27.55 -6.79 75.33
CA PHE H 270 -26.75 -7.91 74.79
C PHE H 270 -25.27 -7.60 74.65
N ASP H 271 -24.45 -8.65 74.61
CA ASP H 271 -22.99 -8.54 74.43
C ASP H 271 -22.73 -8.92 72.95
N VAL H 272 -22.86 -7.93 72.06
CA VAL H 272 -22.68 -8.13 70.61
C VAL H 272 -21.24 -8.45 70.18
N LYS H 273 -21.08 -9.67 69.66
CA LYS H 273 -19.77 -10.18 69.20
C LYS H 273 -19.61 -10.04 67.69
N LEU H 274 -20.74 -9.97 66.97
CA LEU H 274 -20.74 -9.90 65.49
C LEU H 274 -22.00 -9.30 64.86
N ALA H 275 -21.83 -8.78 63.65
CA ALA H 275 -22.91 -8.20 62.88
C ALA H 275 -22.80 -8.70 61.44
N ILE H 276 -23.87 -9.27 60.92
CA ILE H 276 -23.92 -9.80 59.55
C ILE H 276 -24.78 -8.81 58.75
N ASP H 277 -24.14 -8.06 57.86
CA ASP H 277 -24.84 -7.06 57.04
C ASP H 277 -24.47 -7.12 55.56
N ASP H 278 -25.15 -6.30 54.75
CA ASP H 278 -24.94 -6.25 53.31
C ASP H 278 -24.52 -4.87 52.81
N ARG H 279 -25.35 -3.85 53.06
CA ARG H 279 -25.09 -2.48 52.59
C ARG H 279 -23.78 -1.88 53.11
N THR H 280 -22.91 -1.48 52.19
CA THR H 280 -21.57 -0.90 52.48
C THR H 280 -21.54 0.18 53.56
N GLN H 281 -22.41 1.18 53.47
CA GLN H 281 -22.46 2.26 54.48
C GLN H 281 -22.75 1.76 55.90
N VAL H 282 -23.58 0.73 56.03
CA VAL H 282 -23.96 0.13 57.32
C VAL H 282 -22.81 -0.76 57.82
N VAL H 283 -22.15 -1.45 56.91
CA VAL H 283 -21.00 -2.34 57.21
C VAL H 283 -19.86 -1.46 57.76
N GLU H 284 -19.66 -0.31 57.13
CA GLU H 284 -18.62 0.66 57.53
C GLU H 284 -18.92 1.20 58.91
N MET H 285 -20.20 1.35 59.20
CA MET H 285 -20.67 1.87 60.49
C MET H 285 -20.41 0.94 61.66
N TRP H 286 -20.77 -0.35 61.53
CA TRP H 286 -20.54 -1.32 62.61
C TRP H 286 -19.05 -1.43 62.90
N ARG H 287 -18.25 -1.50 61.84
CA ARG H 287 -16.79 -1.64 61.96
C ARG H 287 -16.05 -0.52 62.68
N ARG H 288 -16.48 0.72 62.45
CA ARG H 288 -15.83 1.88 63.07
C ARG H 288 -16.23 2.09 64.52
N ILE H 289 -17.41 1.59 64.89
CA ILE H 289 -17.88 1.73 66.28
C ILE H 289 -17.48 0.53 67.14
N GLY H 290 -16.65 -0.37 66.61
CA GLY H 290 -16.20 -1.53 67.38
C GLY H 290 -16.81 -2.89 67.13
N VAL H 291 -17.97 -2.96 66.48
CA VAL H 291 -18.63 -4.24 66.18
C VAL H 291 -18.02 -4.86 64.92
N GLU H 292 -17.76 -6.15 64.94
CA GLU H 292 -17.17 -6.86 63.80
C GLU H 292 -18.21 -7.22 62.73
N CYS H 293 -17.91 -6.90 61.46
CA CYS H 293 -18.75 -7.25 60.30
C CYS H 293 -18.27 -8.17 59.24
N TRP H 294 -19.24 -8.94 58.78
CA TRP H 294 -19.06 -9.89 57.72
C TRP H 294 -20.04 -9.37 56.67
N GLN H 295 -19.50 -8.80 55.59
CA GLN H 295 -20.34 -8.29 54.51
C GLN H 295 -20.61 -9.46 53.56
N VAL H 296 -21.88 -9.87 53.52
CA VAL H 296 -22.32 -11.02 52.71
C VAL H 296 -22.45 -10.89 51.20
N ALA H 297 -22.52 -9.66 50.69
CA ALA H 297 -22.64 -9.42 49.24
C ALA H 297 -22.15 -8.03 48.88
N SER H 298 -22.14 -7.71 47.59
CA SER H 298 -21.73 -6.38 47.12
C SER H 298 -22.92 -5.48 47.45
N GLY H 299 -22.73 -4.59 48.42
CA GLY H 299 -23.81 -3.72 48.84
C GLY H 299 -23.56 -2.24 48.64
N ASP H 300 -23.28 -1.85 47.40
CA ASP H 300 -22.99 -0.44 47.11
C ASP H 300 -24.20 0.33 46.61
N PHE H 301 -25.04 0.76 47.58
CA PHE H 301 -26.28 1.53 47.35
N MET I 1 -29.72 -73.00 -19.26
CA MET I 1 -28.24 -73.24 -19.30
C MET I 1 -27.50 -72.62 -18.11
N LYS I 2 -26.25 -73.02 -17.93
CA LYS I 2 -25.40 -72.55 -16.82
C LYS I 2 -24.76 -71.18 -17.06
N LYS I 3 -24.62 -70.41 -15.98
CA LYS I 3 -24.04 -69.06 -16.03
C LYS I 3 -22.62 -68.94 -15.45
N ILE I 4 -21.90 -67.94 -15.93
CA ILE I 4 -20.54 -67.61 -15.44
C ILE I 4 -20.68 -66.11 -15.17
N ILE I 5 -20.99 -65.76 -13.92
CA ILE I 5 -21.16 -64.34 -13.52
C ILE I 5 -19.83 -63.70 -13.13
N LEU I 6 -19.47 -62.62 -13.84
CA LEU I 6 -18.24 -61.88 -13.55
C LEU I 6 -18.63 -60.60 -12.85
N THR I 7 -18.03 -60.36 -11.67
CA THR I 7 -18.30 -59.13 -10.93
C THR I 7 -17.30 -58.07 -11.40
N ILE I 8 -17.79 -56.90 -11.80
CA ILE I 8 -16.92 -55.80 -12.26
C ILE I 8 -17.02 -54.67 -11.25
N GLY I 9 -15.88 -54.34 -10.64
CA GLY I 9 -15.82 -53.28 -9.65
C GLY I 9 -14.50 -53.18 -8.91
N CYS I 10 -14.15 -51.96 -8.52
CA CYS I 10 -12.90 -51.65 -7.77
C CYS I 10 -12.92 -52.29 -6.38
N PRO I 11 -11.75 -52.51 -5.74
CA PRO I 11 -11.79 -53.11 -4.39
C PRO I 11 -12.49 -52.20 -3.38
N GLY I 12 -13.55 -52.73 -2.79
CA GLY I 12 -14.35 -51.98 -1.83
C GLY I 12 -15.71 -51.60 -2.39
N SER I 13 -16.01 -52.07 -3.60
CA SER I 13 -17.30 -51.76 -4.26
C SER I 13 -18.46 -52.66 -3.84
N GLY I 14 -18.19 -53.66 -3.00
CA GLY I 14 -19.22 -54.55 -2.50
C GLY I 14 -19.40 -55.90 -3.20
N LYS I 15 -18.39 -56.33 -3.96
CA LYS I 15 -18.42 -57.61 -4.72
C LYS I 15 -18.54 -58.86 -3.86
N SER I 16 -17.69 -58.98 -2.84
CA SER I 16 -17.70 -60.15 -1.93
C SER I 16 -18.95 -60.25 -1.08
N THR I 17 -19.46 -59.09 -0.63
CA THR I 17 -20.67 -59.02 0.22
C THR I 17 -21.88 -59.50 -0.59
N TRP I 18 -21.92 -59.19 -1.88
CA TRP I 18 -23.02 -59.62 -2.76
C TRP I 18 -22.91 -61.11 -3.05
N ALA I 19 -21.71 -61.55 -3.47
CA ALA I 19 -21.42 -62.97 -3.81
C ALA I 19 -21.83 -63.94 -2.70
N ARG I 20 -21.58 -63.55 -1.45
CA ARG I 20 -21.92 -64.36 -0.27
C ARG I 20 -23.44 -64.43 -0.11
N GLU I 21 -24.11 -63.28 -0.24
CA GLU I 21 -25.57 -63.19 -0.10
C GLU I 21 -26.35 -63.80 -1.27
N PHE I 22 -25.70 -63.90 -2.44
CA PHE I 22 -26.33 -64.49 -3.63
C PHE I 22 -26.32 -66.01 -3.55
N ILE I 23 -25.19 -66.57 -3.10
CA ILE I 23 -25.02 -68.04 -2.96
C ILE I 23 -25.91 -68.60 -1.83
N ALA I 24 -26.20 -67.77 -0.83
CA ALA I 24 -27.06 -68.16 0.30
C ALA I 24 -28.53 -68.22 -0.12
N LYS I 25 -28.95 -67.26 -0.95
CA LYS I 25 -30.34 -67.19 -1.44
C LYS I 25 -30.61 -68.05 -2.67
N ASN I 26 -29.60 -68.21 -3.52
CA ASN I 26 -29.72 -69.02 -4.75
C ASN I 26 -28.81 -70.25 -4.70
N PRO I 27 -29.35 -71.43 -4.32
CA PRO I 27 -28.55 -72.66 -4.25
C PRO I 27 -28.10 -73.14 -5.63
N GLY I 28 -26.93 -73.77 -5.68
CA GLY I 28 -26.40 -74.26 -6.92
C GLY I 28 -25.30 -73.38 -7.49
N PHE I 29 -25.08 -72.22 -6.87
CA PHE I 29 -24.04 -71.27 -7.30
C PHE I 29 -22.79 -71.39 -6.44
N TYR I 30 -21.63 -71.36 -7.08
CA TYR I 30 -20.32 -71.49 -6.39
C TYR I 30 -19.40 -70.31 -6.68
N ASN I 31 -18.52 -70.00 -5.74
CA ASN I 31 -17.59 -68.86 -5.86
C ASN I 31 -16.16 -69.26 -6.22
N ILE I 32 -15.54 -68.47 -7.10
CA ILE I 32 -14.14 -68.66 -7.54
C ILE I 32 -13.51 -67.27 -7.40
N ASN I 33 -12.57 -67.15 -6.48
CA ASN I 33 -11.93 -65.86 -6.20
C ASN I 33 -10.41 -65.92 -6.28
N ARG I 34 -9.81 -64.87 -6.84
CA ARG I 34 -8.34 -64.77 -6.99
C ARG I 34 -7.60 -64.54 -5.69
N ASP I 35 -8.07 -63.56 -4.91
CA ASP I 35 -7.45 -63.20 -3.62
C ASP I 35 -7.43 -64.36 -2.65
N ASP I 36 -8.47 -65.19 -2.70
CA ASP I 36 -8.59 -66.38 -1.83
C ASP I 36 -7.53 -67.44 -2.17
N TYR I 37 -7.26 -67.61 -3.47
CA TYR I 37 -6.26 -68.58 -3.94
C TYR I 37 -4.83 -68.08 -3.73
N ARG I 38 -4.63 -66.77 -3.89
CA ARG I 38 -3.33 -66.10 -3.70
C ARG I 38 -2.87 -66.27 -2.26
N GLN I 39 -3.79 -66.05 -1.33
CA GLN I 39 -3.50 -66.18 0.10
C GLN I 39 -3.32 -67.65 0.47
N SER I 40 -4.10 -68.52 -0.15
CA SER I 40 -4.07 -69.98 0.10
C SER I 40 -2.79 -70.68 -0.31
N ILE I 41 -2.25 -70.35 -1.49
CA ILE I 41 -1.02 -71.00 -2.00
C ILE I 41 0.24 -70.57 -1.27
N MET I 42 0.13 -69.49 -0.52
CA MET I 42 1.26 -68.97 0.25
C MET I 42 1.07 -69.17 1.75
N ALA I 43 -0.13 -69.63 2.13
CA ALA I 43 -0.55 -69.88 3.53
C ALA I 43 -0.52 -68.63 4.42
N HIS I 44 -0.69 -67.46 3.81
CA HIS I 44 -0.69 -66.16 4.51
C HIS I 44 -1.90 -65.96 5.44
N GLU I 45 -1.73 -65.12 6.45
CA GLU I 45 -2.79 -64.83 7.44
C GLU I 45 -3.27 -63.38 7.34
N ARG I 47 -2.88 -60.12 8.36
CA ARG I 47 -1.59 -59.97 9.07
C ARG I 47 -0.40 -60.02 8.11
N ASP I 48 -0.48 -60.93 7.13
CA ASP I 48 0.59 -61.13 6.13
C ASP I 48 0.13 -60.65 4.75
N GLU I 49 0.96 -59.84 4.10
CA GLU I 49 0.66 -59.28 2.76
C GLU I 49 1.32 -60.07 1.63
N TYR I 50 0.69 -60.03 0.45
CA TYR I 50 1.13 -60.76 -0.75
C TYR I 50 2.06 -60.01 -1.71
N LYS I 51 3.19 -60.64 -2.02
CA LYS I 51 4.20 -60.10 -2.97
C LYS I 51 3.88 -60.74 -4.33
N TYR I 52 3.82 -59.93 -5.38
CA TYR I 52 3.50 -60.40 -6.76
C TYR I 52 4.68 -60.85 -7.62
N THR I 53 4.34 -61.59 -8.68
CA THR I 53 5.25 -62.12 -9.76
C THR I 53 4.45 -63.05 -10.68
N LYS I 54 4.74 -62.99 -11.98
CA LYS I 54 4.04 -63.80 -13.00
C LYS I 54 4.39 -65.29 -12.92
N LYS I 56 3.72 -66.60 -10.06
CA LYS I 56 2.73 -67.06 -9.06
C LYS I 56 1.32 -66.95 -9.60
N GLU I 57 1.07 -65.83 -10.28
CA GLU I 57 -0.22 -65.45 -10.90
C GLU I 57 -0.69 -66.41 -11.98
N GLY I 58 0.25 -67.19 -12.52
CA GLY I 58 -0.06 -68.18 -13.55
C GLY I 58 -0.75 -69.38 -12.94
N ILE I 59 -0.31 -69.77 -11.74
CA ILE I 59 -0.87 -70.89 -10.99
C ILE I 59 -2.29 -70.54 -10.55
N VAL I 60 -2.48 -69.28 -10.16
CA VAL I 60 -3.79 -68.76 -9.70
C VAL I 60 -4.81 -68.73 -10.84
N THR I 61 -4.35 -68.39 -12.04
CA THR I 61 -5.22 -68.36 -13.23
C THR I 61 -5.62 -69.80 -13.56
N GLY I 62 -4.66 -70.71 -13.38
CA GLY I 62 -4.88 -72.12 -13.62
C GLY I 62 -5.93 -72.69 -12.69
N MET I 63 -5.84 -72.33 -11.42
CA MET I 63 -6.79 -72.76 -10.38
C MET I 63 -8.20 -72.26 -10.67
N GLN I 64 -8.29 -71.05 -11.20
CA GLN I 64 -9.58 -70.42 -11.53
C GLN I 64 -10.35 -71.17 -12.61
N PHE I 65 -9.69 -71.41 -13.73
CA PHE I 65 -10.29 -72.08 -14.87
C PHE I 65 -10.53 -73.58 -14.68
N ASP I 66 -9.61 -74.26 -13.98
CA ASP I 66 -9.74 -75.70 -13.72
C ASP I 66 -10.89 -75.99 -12.77
N THR I 67 -11.11 -75.09 -11.81
CA THR I 67 -12.19 -75.22 -10.83
C THR I 67 -13.53 -74.89 -11.50
N ALA I 68 -13.50 -73.94 -12.43
CA ALA I 68 -14.70 -73.52 -13.18
C ALA I 68 -15.21 -74.65 -14.07
N LYS I 69 -14.27 -75.34 -14.73
CA LYS I 69 -14.59 -76.47 -15.63
C LYS I 69 -15.17 -77.63 -14.81
N SER I 70 -14.52 -77.93 -13.69
CA SER I 70 -14.92 -79.02 -12.79
C SER I 70 -16.31 -78.84 -12.18
N ILE I 71 -16.61 -77.64 -11.68
CA ILE I 71 -17.92 -77.34 -11.07
C ILE I 71 -19.05 -77.34 -12.08
N LEU I 72 -18.83 -76.68 -13.22
CA LEU I 72 -19.85 -76.57 -14.26
C LEU I 72 -20.13 -77.88 -15.03
N TYR I 73 -19.34 -78.91 -14.73
CA TYR I 73 -19.52 -80.24 -15.33
C TYR I 73 -20.14 -81.19 -14.29
N GLY I 74 -21.10 -80.66 -13.53
CA GLY I 74 -21.82 -81.40 -12.51
C GLY I 74 -23.21 -81.72 -13.02
N GLY I 75 -24.13 -82.02 -12.11
CA GLY I 75 -25.49 -82.36 -12.50
C GLY I 75 -26.42 -81.19 -12.79
N ASP I 76 -27.71 -81.40 -12.54
CA ASP I 76 -28.75 -80.38 -12.73
C ASP I 76 -28.72 -79.46 -11.50
N SER I 77 -28.06 -79.92 -10.44
CA SER I 77 -27.90 -79.20 -9.15
C SER I 77 -27.00 -77.98 -9.26
N VAL I 78 -26.21 -77.91 -10.34
CA VAL I 78 -25.29 -76.79 -10.59
C VAL I 78 -25.99 -75.79 -11.50
N LYS I 79 -26.10 -74.54 -11.04
CA LYS I 79 -26.76 -73.46 -11.81
C LYS I 79 -25.75 -72.49 -12.42
N GLY I 80 -24.53 -72.49 -11.89
CA GLY I 80 -23.48 -71.61 -12.40
C GLY I 80 -22.41 -71.24 -11.39
N VAL I 81 -21.45 -70.41 -11.81
CA VAL I 81 -20.36 -69.94 -10.93
C VAL I 81 -20.16 -68.42 -10.94
N ILE I 82 -19.69 -67.87 -9.83
CA ILE I 82 -19.42 -66.42 -9.68
C ILE I 82 -17.90 -66.19 -9.56
N ILE I 83 -17.37 -65.31 -10.40
CA ILE I 83 -15.95 -64.96 -10.35
C ILE I 83 -15.91 -63.60 -9.68
N SER I 84 -15.74 -63.63 -8.35
CA SER I 84 -15.70 -62.43 -7.51
C SER I 84 -14.41 -61.62 -7.52
N ASP I 85 -13.81 -61.48 -8.70
CA ASP I 85 -12.57 -60.70 -8.86
C ASP I 85 -12.96 -59.28 -9.29
N THR I 86 -11.97 -58.41 -9.49
CA THR I 86 -12.26 -57.03 -9.93
C THR I 86 -12.65 -57.04 -11.39
N ASN I 87 -12.06 -57.95 -12.16
CA ASN I 87 -12.28 -58.14 -13.63
C ASN I 87 -12.21 -56.83 -14.40
N LEU I 88 -11.26 -55.98 -14.02
CA LEU I 88 -11.07 -54.68 -14.65
C LEU I 88 -10.14 -54.70 -15.85
N ASN I 89 -9.40 -55.79 -16.02
CA ASN I 89 -8.47 -55.97 -17.15
C ASN I 89 -9.28 -56.58 -18.31
N PRO I 90 -9.32 -55.93 -19.50
CA PRO I 90 -10.06 -56.42 -20.66
C PRO I 90 -9.65 -57.80 -21.17
N GLU I 91 -8.37 -58.15 -21.00
CA GLU I 91 -7.81 -59.44 -21.43
C GLU I 91 -8.35 -60.60 -20.59
N ARG I 92 -8.62 -60.34 -19.30
CA ARG I 92 -9.16 -61.35 -18.38
C ARG I 92 -10.65 -61.58 -18.63
N ARG I 93 -11.37 -60.51 -18.97
CA ARG I 93 -12.84 -60.60 -19.26
C ARG I 93 -13.07 -61.35 -20.56
N LEU I 94 -12.15 -61.17 -21.51
CA LEU I 94 -12.19 -61.83 -22.83
C LEU I 94 -11.90 -63.31 -22.68
N ALA I 95 -10.94 -63.65 -21.79
CA ALA I 95 -10.54 -65.04 -21.51
C ALA I 95 -11.70 -65.87 -20.98
N TRP I 96 -12.62 -65.23 -20.26
CA TRP I 96 -13.81 -65.88 -19.68
C TRP I 96 -14.94 -66.02 -20.71
N GLU I 97 -14.90 -65.19 -21.75
CA GLU I 97 -15.92 -65.25 -22.82
C GLU I 97 -15.49 -66.29 -23.85
N THR I 98 -14.17 -66.48 -23.98
CA THR I 98 -13.55 -67.46 -24.90
C THR I 98 -13.81 -68.86 -24.32
N PHE I 99 -13.71 -68.94 -22.99
CA PHE I 99 -13.91 -70.16 -22.20
C PHE I 99 -15.39 -70.57 -22.20
N ALA I 100 -16.29 -69.61 -22.00
CA ALA I 100 -17.73 -69.90 -21.96
C ALA I 100 -18.39 -70.15 -23.31
N LYS I 101 -17.87 -69.53 -24.38
CA LYS I 101 -18.42 -69.71 -25.75
C LYS I 101 -18.07 -71.13 -26.23
N GLU I 102 -16.88 -71.59 -25.82
CA GLU I 102 -16.34 -72.93 -26.19
C GLU I 102 -17.05 -74.11 -25.53
N TYR I 103 -17.80 -73.86 -24.45
CA TYR I 103 -18.52 -74.93 -23.74
C TYR I 103 -20.04 -74.72 -23.66
N GLY I 104 -20.50 -73.61 -24.23
CA GLY I 104 -21.93 -73.29 -24.27
C GLY I 104 -22.58 -72.69 -23.03
N TRP I 105 -21.81 -71.92 -22.26
CA TRP I 105 -22.33 -71.27 -21.05
C TRP I 105 -22.49 -69.78 -21.30
N LYS I 106 -23.56 -69.19 -20.74
CA LYS I 106 -23.84 -67.75 -20.90
C LYS I 106 -23.09 -66.89 -19.87
N VAL I 107 -22.34 -65.90 -20.35
CA VAL I 107 -21.60 -65.00 -19.45
C VAL I 107 -22.54 -63.89 -19.08
N GLU I 108 -22.52 -63.54 -17.80
CA GLU I 108 -23.36 -62.48 -17.26
C GLU I 108 -22.40 -61.53 -16.54
N HIS I 109 -22.72 -60.24 -16.54
CA HIS I 109 -21.89 -59.21 -15.88
C HIS I 109 -22.63 -58.50 -14.76
N LYS I 110 -22.04 -58.47 -13.57
CA LYS I 110 -22.64 -57.78 -12.42
C LYS I 110 -21.74 -56.59 -12.09
N VAL I 111 -22.19 -55.40 -12.52
CA VAL I 111 -21.46 -54.13 -12.34
C VAL I 111 -21.71 -53.49 -10.97
N PHE I 112 -20.63 -53.01 -10.35
CA PHE I 112 -20.68 -52.34 -9.04
C PHE I 112 -20.10 -50.93 -9.17
N ASP I 113 -20.91 -49.99 -9.66
CA ASP I 113 -20.46 -48.60 -9.84
C ASP I 113 -20.66 -47.79 -8.57
N VAL I 114 -19.57 -47.64 -7.83
CA VAL I 114 -19.55 -46.88 -6.56
C VAL I 114 -18.68 -45.64 -6.81
N PRO I 115 -19.14 -44.43 -6.39
CA PRO I 115 -18.39 -43.17 -6.57
C PRO I 115 -16.99 -43.17 -5.94
N TRP I 116 -16.08 -42.38 -6.53
CA TRP I 116 -14.68 -42.27 -6.07
C TRP I 116 -14.52 -41.95 -4.58
N THR I 117 -15.15 -40.86 -4.13
CA THR I 117 -15.09 -40.41 -2.72
C THR I 117 -15.45 -41.50 -1.71
N GLU I 118 -16.43 -42.32 -2.08
CA GLU I 118 -16.91 -43.43 -1.25
C GLU I 118 -15.92 -44.60 -1.25
N LEU I 119 -15.27 -44.84 -2.40
CA LEU I 119 -14.28 -45.92 -2.54
C LEU I 119 -13.03 -45.65 -1.70
N VAL I 120 -12.62 -44.37 -1.63
CA VAL I 120 -11.43 -43.94 -0.85
C VAL I 120 -11.74 -44.03 0.63
N LYS I 121 -12.97 -43.65 1.00
CA LYS I 121 -13.46 -43.66 2.39
C LYS I 121 -13.48 -45.10 2.90
N ARG I 122 -13.89 -46.03 2.05
CA ARG I 122 -13.93 -47.45 2.40
C ARG I 122 -12.54 -48.10 2.43
N ASN I 123 -11.65 -47.66 1.54
CA ASN I 123 -10.28 -48.19 1.46
C ASN I 123 -9.39 -47.77 2.62
N SER I 124 -9.68 -46.63 3.24
CA SER I 124 -8.90 -46.12 4.39
C SER I 124 -9.21 -46.92 5.65
N LYS I 125 -10.42 -47.47 5.70
CA LYS I 125 -10.90 -48.28 6.85
C LYS I 125 -10.82 -49.79 6.58
N ARG I 126 -10.34 -50.17 5.41
CA ARG I 126 -10.25 -51.60 4.99
C ARG I 126 -9.20 -52.45 5.71
N GLY I 127 -8.26 -51.80 6.39
CA GLY I 127 -7.23 -52.52 7.13
C GLY I 127 -6.18 -53.22 6.34
N THR I 128 -6.07 -54.53 6.57
CA THR I 128 -5.08 -55.35 5.88
C THR I 128 -5.48 -55.67 4.43
N LYS I 129 -6.78 -55.49 4.12
CA LYS I 129 -7.32 -55.73 2.76
C LYS I 129 -7.30 -54.43 1.95
N ALA I 130 -6.59 -53.43 2.47
CA ALA I 130 -6.46 -52.11 1.83
C ALA I 130 -5.43 -52.14 0.72
N VAL I 131 -5.76 -51.45 -0.35
CA VAL I 131 -4.90 -51.36 -1.54
C VAL I 131 -4.23 -49.98 -1.58
N PRO I 132 -3.00 -49.84 -2.15
CA PRO I 132 -2.37 -48.52 -2.21
C PRO I 132 -3.22 -47.56 -3.05
N ILE I 133 -3.32 -46.31 -2.63
CA ILE I 133 -4.15 -45.30 -3.34
C ILE I 133 -3.87 -45.16 -4.84
N ASP I 134 -2.63 -45.45 -5.25
CA ASP I 134 -2.26 -45.37 -6.67
C ASP I 134 -2.84 -46.52 -7.48
N VAL I 135 -3.06 -47.67 -6.83
CA VAL I 135 -3.64 -48.82 -7.54
C VAL I 135 -5.17 -48.71 -7.52
N LEU I 136 -5.72 -47.97 -6.56
CA LEU I 136 -7.17 -47.75 -6.48
C LEU I 136 -7.55 -46.75 -7.57
N ARG I 137 -6.62 -45.83 -7.86
CA ARG I 137 -6.78 -44.80 -8.90
C ARG I 137 -6.71 -45.46 -10.27
N SER I 138 -5.74 -46.35 -10.42
CA SER I 138 -5.48 -47.10 -11.65
C SER I 138 -6.68 -47.98 -11.98
N MET I 139 -7.36 -48.45 -10.95
CA MET I 139 -8.54 -49.31 -11.10
C MET I 139 -9.82 -48.55 -11.39
N TYR I 140 -9.94 -47.34 -10.87
CA TYR I 140 -11.13 -46.51 -11.12
C TYR I 140 -11.06 -46.00 -12.57
N LYS I 141 -9.83 -45.94 -13.11
CA LYS I 141 -9.59 -45.51 -14.50
C LYS I 141 -10.09 -46.62 -15.41
N SER I 142 -9.85 -47.87 -15.00
CA SER I 142 -10.28 -49.08 -15.76
C SER I 142 -11.79 -49.28 -15.67
N MET I 143 -12.37 -48.75 -14.60
CA MET I 143 -13.82 -48.83 -14.37
C MET I 143 -14.53 -47.84 -15.28
N ARG I 144 -13.90 -46.68 -15.49
CA ARG I 144 -14.45 -45.64 -16.37
C ARG I 144 -14.36 -46.08 -17.82
N GLU I 145 -13.31 -46.84 -18.15
CA GLU I 145 -13.09 -47.38 -19.52
C GLU I 145 -14.19 -48.39 -19.83
N TYR I 146 -14.51 -49.23 -18.84
CA TYR I 146 -15.55 -50.27 -18.96
C TYR I 146 -16.92 -49.59 -19.08
N LEU I 147 -17.19 -48.64 -18.20
CA LEU I 147 -18.48 -47.88 -18.17
C LEU I 147 -18.67 -47.00 -19.40
N GLY I 148 -17.56 -46.76 -20.14
CA GLY I 148 -17.60 -45.95 -21.34
C GLY I 148 -17.61 -44.45 -21.10
N LEU I 149 -17.28 -44.05 -19.86
CA LEU I 149 -17.24 -42.63 -19.45
C LEU I 149 -16.13 -41.85 -20.18
N PRO I 150 -16.41 -40.58 -20.58
CA PRO I 150 -15.46 -39.73 -21.32
C PRO I 150 -14.13 -39.28 -20.69
N VAL I 151 -13.12 -39.15 -21.55
CA VAL I 151 -11.75 -38.68 -21.20
C VAL I 151 -11.41 -37.55 -22.18
N TYR I 152 -11.02 -36.39 -21.65
CA TYR I 152 -10.67 -35.19 -22.44
C TYR I 152 -9.32 -35.33 -23.11
N ASN I 153 -9.25 -34.85 -24.35
CA ASN I 153 -8.02 -34.92 -25.14
C ASN I 153 -7.78 -33.60 -25.87
N GLY I 154 -8.53 -32.57 -25.48
CA GLY I 154 -8.39 -31.27 -26.10
C GLY I 154 -9.62 -30.88 -26.91
N THR I 155 -9.64 -29.62 -27.34
CA THR I 155 -10.72 -29.07 -28.16
C THR I 155 -10.03 -28.13 -29.14
N PRO I 156 -9.52 -28.65 -30.27
CA PRO I 156 -8.84 -27.81 -31.27
C PRO I 156 -9.72 -26.75 -31.96
N GLY I 157 -9.08 -25.65 -32.36
CA GLY I 157 -9.77 -24.54 -33.02
C GLY I 157 -10.17 -23.56 -31.97
N LYS I 158 -9.85 -24.07 -30.79
CA LYS I 158 -10.21 -23.35 -29.65
C LYS I 158 -9.02 -22.80 -28.88
N PRO I 159 -9.18 -21.59 -28.26
CA PRO I 159 -8.11 -20.94 -27.48
C PRO I 159 -7.64 -21.72 -26.26
N LYS I 160 -6.33 -21.67 -26.00
CA LYS I 160 -5.74 -22.37 -24.83
C LYS I 160 -6.18 -21.72 -23.52
N ALA I 161 -6.54 -22.55 -22.54
CA ALA I 161 -7.04 -22.05 -21.24
C ALA I 161 -6.55 -22.79 -20.01
N VAL I 162 -6.71 -22.14 -18.85
CA VAL I 162 -6.36 -22.69 -17.53
C VAL I 162 -7.58 -22.48 -16.63
N ILE I 163 -8.02 -23.55 -15.97
CA ILE I 163 -9.18 -23.50 -15.06
C ILE I 163 -8.73 -23.21 -13.63
N PHE I 164 -9.36 -22.23 -13.02
CA PHE I 164 -9.08 -21.84 -11.63
C PHE I 164 -10.35 -22.07 -10.83
N ASP I 165 -10.19 -22.40 -9.55
CA ASP I 165 -11.33 -22.65 -8.68
C ASP I 165 -11.35 -21.56 -7.63
N VAL I 166 -12.48 -21.36 -6.96
CA VAL I 166 -12.58 -20.32 -5.91
C VAL I 166 -12.61 -20.91 -4.50
N ASP I 167 -12.87 -22.22 -4.38
CA ASP I 167 -12.98 -22.92 -3.05
C ASP I 167 -11.90 -22.63 -1.99
N GLY I 168 -10.68 -23.15 -2.19
CA GLY I 168 -9.58 -22.91 -1.26
C GLY I 168 -8.37 -22.57 -2.10
N THR I 169 -8.64 -22.28 -3.38
CA THR I 169 -7.64 -21.95 -4.40
C THR I 169 -7.36 -20.45 -4.48
N LEU I 170 -8.31 -19.70 -5.02
CA LEU I 170 -8.17 -18.24 -5.14
C LEU I 170 -8.44 -17.55 -3.79
N ALA I 171 -9.25 -18.20 -2.96
CA ALA I 171 -9.62 -17.68 -1.63
C ALA I 171 -9.46 -18.75 -0.57
N LYS I 172 -8.94 -18.40 0.61
CA LYS I 172 -8.75 -19.37 1.72
C LYS I 172 -10.09 -19.60 2.44
N MET I 173 -10.36 -20.83 2.89
CA MET I 173 -11.62 -21.16 3.59
C MET I 173 -11.51 -21.52 5.08
N ASN I 174 -10.29 -21.81 5.55
CA ASN I 174 -9.96 -22.16 6.98
C ASN I 174 -10.72 -23.35 7.58
N LYS I 183 -19.72 -12.66 5.47
CA LYS I 183 -18.69 -11.62 5.62
C LYS I 183 -17.43 -11.99 4.84
N CYS I 184 -17.04 -11.10 3.93
CA CYS I 184 -15.83 -11.28 3.09
C CYS I 184 -14.69 -10.37 3.57
N ASP I 185 -13.65 -10.23 2.75
CA ASP I 185 -12.46 -9.38 3.03
C ASP I 185 -11.65 -9.16 1.75
N THR I 186 -10.44 -8.63 1.91
CA THR I 186 -9.47 -8.41 0.82
C THR I 186 -8.26 -9.21 1.29
N ASP I 187 -8.35 -9.68 2.54
CA ASP I 187 -7.30 -10.49 3.20
C ASP I 187 -7.60 -11.99 3.00
N VAL I 188 -8.71 -12.29 2.34
CA VAL I 188 -9.16 -13.67 2.04
C VAL I 188 -8.44 -14.19 0.78
N ILE I 189 -7.83 -13.27 0.03
CA ILE I 189 -7.05 -13.54 -1.22
C ILE I 189 -5.80 -14.42 -0.96
N ASN I 190 -5.57 -15.40 -1.86
CA ASN I 190 -4.40 -16.30 -1.79
C ASN I 190 -3.40 -15.64 -2.76
N PRO I 191 -2.40 -14.90 -2.24
CA PRO I 191 -1.39 -14.20 -3.04
C PRO I 191 -0.75 -14.91 -4.23
N MET I 192 -0.05 -16.01 -3.99
CA MET I 192 0.65 -16.78 -5.04
C MET I 192 -0.24 -17.35 -6.14
N VAL I 193 -1.46 -17.73 -5.78
CA VAL I 193 -2.42 -18.33 -6.76
C VAL I 193 -3.06 -17.23 -7.62
N VAL I 194 -3.41 -16.10 -7.01
CA VAL I 194 -4.04 -14.98 -7.76
C VAL I 194 -3.00 -14.36 -8.68
N GLU I 195 -1.72 -14.37 -8.25
CA GLU I 195 -0.60 -13.83 -9.06
C GLU I 195 -0.41 -14.72 -10.28
N LEU I 196 -0.71 -16.01 -10.12
CA LEU I 196 -0.59 -16.99 -11.20
C LEU I 196 -1.64 -16.78 -12.29
N SER I 197 -2.85 -16.37 -11.91
CA SER I 197 -3.95 -16.14 -12.90
C SER I 197 -3.62 -14.94 -13.77
N LYS I 198 -2.84 -14.02 -13.22
CA LYS I 198 -2.40 -12.82 -13.90
C LYS I 198 -1.30 -13.21 -14.89
N MET I 199 -0.33 -13.99 -14.40
CA MET I 199 0.82 -14.47 -15.22
C MET I 199 0.43 -15.38 -16.38
N TYR I 200 -0.69 -16.09 -16.25
CA TYR I 200 -1.19 -16.99 -17.30
C TYR I 200 -2.00 -16.23 -18.33
N ALA I 201 -2.69 -15.18 -17.88
CA ALA I 201 -3.48 -14.30 -18.78
C ALA I 201 -2.48 -13.54 -19.64
N LEU I 202 -1.32 -13.28 -19.03
CA LEU I 202 -0.19 -12.59 -19.65
C LEU I 202 0.49 -13.46 -20.70
N MET I 203 0.55 -14.77 -20.47
CA MET I 203 1.20 -15.73 -21.41
C MET I 203 0.34 -16.05 -22.65
N GLY I 204 -0.95 -15.72 -22.59
CA GLY I 204 -1.85 -15.98 -23.71
C GLY I 204 -2.89 -17.06 -23.45
N TYR I 205 -3.08 -17.38 -22.16
CA TYR I 205 -4.06 -18.39 -21.74
C TYR I 205 -5.31 -17.68 -21.22
N GLN I 206 -6.48 -18.22 -21.56
CA GLN I 206 -7.78 -17.67 -21.11
C GLN I 206 -8.00 -18.18 -19.68
N ILE I 207 -8.51 -17.33 -18.79
CA ILE I 207 -8.76 -17.77 -17.41
C ILE I 207 -10.24 -18.09 -17.23
N VAL I 208 -10.52 -19.36 -16.95
CA VAL I 208 -11.89 -19.84 -16.72
C VAL I 208 -12.00 -20.12 -15.23
N VAL I 209 -12.90 -19.43 -14.56
CA VAL I 209 -13.09 -19.59 -13.11
C VAL I 209 -14.32 -20.45 -12.86
N VAL I 210 -14.24 -21.31 -11.84
CA VAL I 210 -15.36 -22.21 -11.49
C VAL I 210 -15.53 -22.27 -9.97
N SER I 211 -16.76 -22.48 -9.50
CA SER I 211 -17.06 -22.59 -8.06
C SER I 211 -18.10 -23.67 -7.78
N GLY I 212 -18.12 -24.17 -6.55
CA GLY I 212 -19.07 -25.19 -6.16
C GLY I 212 -20.23 -24.64 -5.36
N ARG I 213 -20.26 -23.31 -5.21
CA ARG I 213 -21.33 -22.58 -4.49
C ARG I 213 -22.51 -22.40 -5.45
N GLU I 214 -23.73 -22.49 -4.93
CA GLU I 214 -24.96 -22.38 -5.76
C GLU I 214 -25.11 -20.99 -6.39
N SER I 215 -25.66 -20.95 -7.61
CA SER I 215 -25.87 -19.69 -8.38
C SER I 215 -26.91 -18.71 -7.80
N GLY I 216 -28.06 -19.22 -7.36
CA GLY I 216 -29.09 -18.34 -6.82
C GLY I 216 -30.10 -18.86 -5.81
N THR I 217 -31.12 -18.04 -5.56
CA THR I 217 -32.21 -18.34 -4.61
C THR I 217 -33.57 -18.29 -5.29
N ASP I 220 -34.37 -15.25 -7.37
CA ASP I 220 -33.44 -14.90 -8.45
C ASP I 220 -32.57 -16.10 -8.81
N PRO I 221 -32.50 -16.48 -10.11
CA PRO I 221 -31.68 -17.63 -10.56
C PRO I 221 -30.16 -17.42 -10.49
N THR I 222 -29.70 -16.16 -10.56
CA THR I 222 -28.26 -15.84 -10.51
C THR I 222 -27.86 -14.83 -9.41
N LYS I 223 -28.33 -15.07 -8.19
CA LYS I 223 -28.08 -14.21 -6.98
C LYS I 223 -26.63 -14.26 -6.43
N TYR I 224 -26.18 -15.43 -5.95
CA TYR I 224 -24.81 -15.60 -5.36
C TYR I 224 -23.69 -15.70 -6.42
N TYR I 225 -24.11 -15.84 -7.68
CA TYR I 225 -23.21 -15.94 -8.85
C TYR I 225 -22.43 -14.64 -9.07
N ARG I 226 -23.16 -13.52 -9.16
CA ARG I 226 -22.55 -12.18 -9.38
C ARG I 226 -22.00 -11.51 -8.11
N MET I 227 -22.02 -12.22 -6.99
CA MET I 227 -21.48 -11.76 -5.69
C MET I 227 -20.04 -12.28 -5.58
N THR I 228 -19.87 -13.53 -6.02
CA THR I 228 -18.59 -14.24 -6.11
C THR I 228 -17.80 -13.63 -7.27
N ARG I 229 -18.51 -13.25 -8.35
CA ARG I 229 -17.85 -12.63 -9.53
C ARG I 229 -17.33 -11.22 -9.25
N LYS I 230 -18.01 -10.49 -8.36
CA LYS I 230 -17.59 -9.11 -7.98
C LYS I 230 -16.33 -9.18 -7.10
N TRP I 231 -16.04 -10.36 -6.57
CA TRP I 231 -14.84 -10.57 -5.74
C TRP I 231 -13.70 -10.97 -6.68
N VAL I 232 -13.95 -11.97 -7.52
CA VAL I 232 -12.94 -12.50 -8.47
C VAL I 232 -12.44 -11.45 -9.47
N GLU I 233 -13.36 -10.66 -10.01
CA GLU I 233 -13.03 -9.62 -11.01
C GLU I 233 -12.50 -8.31 -10.43
N ASP I 234 -13.19 -7.77 -9.43
CA ASP I 234 -12.81 -6.47 -8.81
C ASP I 234 -11.83 -6.49 -7.64
N ILE I 235 -12.14 -7.25 -6.59
CA ILE I 235 -11.28 -7.32 -5.37
C ILE I 235 -10.01 -8.18 -5.55
N ALA I 236 -10.11 -9.28 -6.29
CA ALA I 236 -8.94 -10.18 -6.53
C ALA I 236 -8.11 -9.72 -7.73
N GLY I 237 -8.80 -9.28 -8.78
CA GLY I 237 -8.12 -8.79 -9.98
C GLY I 237 -7.78 -9.84 -11.01
N VAL I 238 -8.52 -10.95 -10.97
CA VAL I 238 -8.34 -12.08 -11.90
C VAL I 238 -8.96 -11.72 -13.28
N PRO I 239 -8.17 -11.78 -14.37
CA PRO I 239 -8.68 -11.45 -15.71
C PRO I 239 -9.45 -12.62 -16.35
N LEU I 240 -10.64 -12.90 -15.81
CA LEU I 240 -11.48 -14.00 -16.30
C LEU I 240 -12.24 -13.68 -17.58
N VAL I 241 -12.49 -14.73 -18.36
CA VAL I 241 -13.24 -14.62 -19.61
C VAL I 241 -14.61 -15.27 -19.43
N MET I 242 -14.69 -16.14 -18.42
CA MET I 242 -15.92 -16.89 -18.12
C MET I 242 -15.92 -17.43 -16.69
N GLN I 243 -17.11 -17.47 -16.09
CA GLN I 243 -17.28 -18.00 -14.73
C GLN I 243 -18.59 -18.79 -14.65
N CYS I 244 -18.47 -20.11 -14.61
CA CYS I 244 -19.66 -20.98 -14.48
C CYS I 244 -19.57 -21.72 -13.16
N GLN I 245 -20.66 -21.69 -12.39
CA GLN I 245 -20.72 -22.39 -11.09
C GLN I 245 -21.99 -23.21 -10.91
N ARG I 246 -22.11 -23.94 -9.79
CA ARG I 246 -23.29 -24.82 -9.49
C ARG I 246 -24.67 -24.23 -9.81
N GLU I 247 -25.50 -25.02 -10.50
CA GLU I 247 -26.88 -24.62 -10.93
C GLU I 247 -27.91 -24.47 -9.79
N GLN I 248 -29.19 -24.32 -10.18
CA GLN I 248 -30.32 -24.15 -9.23
C GLN I 248 -30.73 -25.44 -8.49
N GLY I 249 -31.14 -26.48 -9.24
CA GLY I 249 -31.59 -27.73 -8.64
C GLY I 249 -30.53 -28.80 -8.37
N ASP I 250 -29.28 -28.37 -8.20
CA ASP I 250 -28.17 -29.29 -7.93
C ASP I 250 -27.78 -29.32 -6.46
N THR I 251 -28.01 -30.48 -5.84
CA THR I 251 -27.67 -30.71 -4.43
C THR I 251 -26.69 -31.87 -4.33
N ARG I 252 -26.17 -32.29 -5.49
CA ARG I 252 -25.19 -33.40 -5.61
C ARG I 252 -23.74 -32.98 -5.37
N LYS I 253 -22.86 -33.95 -5.16
CA LYS I 253 -21.41 -33.78 -4.88
C LYS I 253 -20.60 -32.84 -5.79
N ASP I 254 -19.61 -32.15 -5.21
CA ASP I 254 -18.70 -31.19 -5.94
C ASP I 254 -17.96 -31.88 -7.08
N ASP I 255 -17.71 -33.17 -6.84
CA ASP I 255 -17.03 -34.13 -7.72
C ASP I 255 -17.71 -34.16 -9.11
N VAL I 256 -19.00 -34.52 -9.13
CA VAL I 256 -19.79 -34.62 -10.38
C VAL I 256 -20.28 -33.31 -11.01
N VAL I 257 -20.49 -32.29 -10.17
CA VAL I 257 -20.97 -30.97 -10.65
C VAL I 257 -19.90 -30.32 -11.53
N LYS I 258 -18.65 -30.31 -11.05
CA LYS I 258 -17.54 -29.72 -11.80
C LYS I 258 -17.15 -30.48 -13.05
N GLU I 259 -17.45 -31.78 -13.10
CA GLU I 259 -17.16 -32.61 -14.31
C GLU I 259 -18.19 -32.27 -15.38
N GLU I 260 -19.44 -32.04 -14.94
CA GLU I 260 -20.56 -31.68 -15.85
C GLU I 260 -20.34 -30.27 -16.40
N ILE I 261 -19.86 -29.36 -15.55
CA ILE I 261 -19.56 -27.96 -15.93
C ILE I 261 -18.43 -27.96 -16.95
N PHE I 262 -17.52 -28.94 -16.84
CA PHE I 262 -16.41 -29.06 -17.76
C PHE I 262 -16.86 -29.50 -19.15
N TRP I 263 -17.57 -30.63 -19.22
CA TRP I 263 -18.03 -31.18 -20.52
C TRP I 263 -19.08 -30.35 -21.28
N LYS I 264 -19.94 -29.65 -20.55
CA LYS I 264 -20.99 -28.84 -21.18
C LYS I 264 -20.60 -27.41 -21.56
N HIS I 265 -19.96 -26.68 -20.65
CA HIS I 265 -19.57 -25.27 -20.89
C HIS I 265 -18.11 -24.98 -21.21
N ILE I 266 -17.18 -25.70 -20.61
CA ILE I 266 -15.73 -25.42 -20.82
C ILE I 266 -15.07 -26.17 -21.98
N ALA I 267 -15.15 -27.50 -21.96
CA ALA I 267 -14.53 -28.35 -22.99
C ALA I 267 -14.83 -28.05 -24.46
N PRO I 268 -16.10 -27.79 -24.86
CA PRO I 268 -16.32 -27.51 -26.28
C PRO I 268 -15.89 -26.10 -26.77
N HIS I 269 -15.65 -25.18 -25.83
CA HIS I 269 -15.25 -23.79 -26.16
C HIS I 269 -13.77 -23.46 -25.96
N PHE I 270 -13.08 -24.20 -25.09
CA PHE I 270 -11.64 -23.95 -24.79
C PHE I 270 -10.76 -25.20 -24.86
N ASP I 271 -9.46 -25.00 -25.06
CA ASP I 271 -8.46 -26.09 -25.10
C ASP I 271 -7.75 -26.04 -23.73
N VAL I 272 -8.36 -26.71 -22.76
CA VAL I 272 -7.83 -26.75 -21.37
C VAL I 272 -6.52 -27.52 -21.21
N LYS I 273 -5.48 -26.76 -20.85
CA LYS I 273 -4.13 -27.30 -20.65
C LYS I 273 -3.83 -27.57 -19.18
N LEU I 274 -4.54 -26.89 -18.29
CA LEU I 274 -4.33 -27.02 -16.83
C LEU I 274 -5.52 -26.63 -15.95
N ALA I 275 -5.56 -27.19 -14.74
CA ALA I 275 -6.60 -26.90 -13.75
C ALA I 275 -5.91 -26.68 -12.39
N ILE I 276 -6.18 -25.54 -11.77
CA ILE I 276 -5.61 -25.20 -10.46
C ILE I 276 -6.74 -25.38 -9.46
N ASP I 277 -6.63 -26.40 -8.61
CA ASP I 277 -7.67 -26.68 -7.60
C ASP I 277 -7.10 -26.96 -6.21
N ASP I 278 -8.01 -27.13 -5.25
CA ASP I 278 -7.63 -27.37 -3.86
C ASP I 278 -8.18 -28.68 -3.29
N ARG I 279 -9.51 -28.85 -3.31
CA ARG I 279 -10.17 -30.06 -2.77
C ARG I 279 -9.74 -31.36 -3.44
N THR I 280 -9.19 -32.29 -2.64
CA THR I 280 -8.69 -33.61 -3.10
C THR I 280 -9.58 -34.37 -4.05
N GLN I 281 -10.87 -34.50 -3.75
CA GLN I 281 -11.81 -35.21 -4.63
C GLN I 281 -11.95 -34.59 -6.03
N VAL I 282 -11.85 -33.25 -6.09
CA VAL I 282 -11.96 -32.51 -7.37
C VAL I 282 -10.63 -32.62 -8.14
N VAL I 283 -9.52 -32.60 -7.40
CA VAL I 283 -8.15 -32.74 -7.97
C VAL I 283 -8.02 -34.11 -8.61
N GLU I 284 -8.56 -35.13 -7.92
CA GLU I 284 -8.55 -36.53 -8.40
C GLU I 284 -9.38 -36.67 -9.66
N MET I 285 -10.46 -35.89 -9.72
CA MET I 285 -11.38 -35.89 -10.87
C MET I 285 -10.76 -35.33 -12.13
N TRP I 286 -10.13 -34.15 -12.05
CA TRP I 286 -9.49 -33.55 -13.24
C TRP I 286 -8.40 -34.46 -13.79
N ARG I 287 -7.58 -35.01 -12.89
CA ARG I 287 -6.46 -35.89 -13.26
C ARG I 287 -6.84 -37.19 -13.97
N ARG I 288 -7.93 -37.82 -13.55
CA ARG I 288 -8.36 -39.09 -14.18
C ARG I 288 -9.06 -38.89 -15.52
N ILE I 289 -9.62 -37.70 -15.75
CA ILE I 289 -10.31 -37.41 -17.03
C ILE I 289 -9.37 -36.77 -18.06
N GLY I 290 -8.08 -36.69 -17.74
CA GLY I 290 -7.12 -36.13 -18.69
C GLY I 290 -6.57 -34.74 -18.46
N VAL I 291 -7.22 -33.94 -17.63
CA VAL I 291 -6.77 -32.55 -17.33
C VAL I 291 -5.69 -32.59 -16.24
N GLU I 292 -4.63 -31.82 -16.43
CA GLU I 292 -3.53 -31.77 -15.46
C GLU I 292 -3.84 -30.84 -14.27
N CYS I 293 -3.60 -31.32 -13.05
CA CYS I 293 -3.77 -30.52 -11.80
C CYS I 293 -2.62 -30.23 -10.92
N TRP I 294 -2.70 -29.03 -10.37
CA TRP I 294 -1.75 -28.52 -9.43
C TRP I 294 -2.60 -28.27 -8.21
N GLN I 295 -2.40 -29.10 -7.19
CA GLN I 295 -3.16 -28.96 -5.94
C GLN I 295 -2.40 -27.96 -5.07
N VAL I 296 -3.01 -26.80 -4.86
CA VAL I 296 -2.41 -25.70 -4.10
C VAL I 296 -2.31 -25.78 -2.57
N ALA I 297 -3.11 -26.65 -1.95
CA ALA I 297 -3.10 -26.81 -0.48
C ALA I 297 -3.64 -28.18 -0.10
N SER I 298 -3.61 -28.48 1.20
CA SER I 298 -4.14 -29.75 1.72
C SER I 298 -5.65 -29.59 1.66
N GLY I 299 -6.30 -30.32 0.75
CA GLY I 299 -7.73 -30.21 0.58
C GLY I 299 -8.52 -31.46 0.87
N ASP I 300 -8.37 -32.00 2.07
CA ASP I 300 -9.06 -33.25 2.47
C ASP I 300 -10.37 -32.99 3.22
N PHE I 301 -11.42 -32.69 2.45
CA PHE I 301 -12.78 -32.41 2.93
N MET J 1 13.58 -84.96 -7.12
CA MET J 1 14.00 -83.62 -6.59
C MET J 1 12.81 -82.82 -6.04
N LYS J 2 11.64 -82.96 -6.67
CA LYS J 2 10.43 -82.22 -6.23
C LYS J 2 9.59 -82.99 -5.20
N LYS J 3 9.36 -82.34 -4.06
CA LYS J 3 8.62 -82.91 -2.90
C LYS J 3 7.13 -82.58 -2.78
N ILE J 4 6.41 -83.45 -2.06
CA ILE J 4 4.97 -83.30 -1.74
C ILE J 4 4.93 -83.55 -0.22
N ILE J 5 5.01 -82.46 0.56
CA ILE J 5 5.01 -82.56 2.03
C ILE J 5 3.59 -82.60 2.60
N LEU J 6 3.27 -83.67 3.32
CA LEU J 6 1.95 -83.82 3.95
C LEU J 6 2.11 -83.56 5.44
N THR J 7 1.32 -82.65 5.97
CA THR J 7 1.35 -82.33 7.40
C THR J 7 0.37 -83.27 8.10
N ILE J 8 0.83 -83.97 9.13
CA ILE J 8 -0.02 -84.88 9.89
C ILE J 8 -0.19 -84.31 11.31
N GLY J 9 -1.44 -84.01 11.66
CA GLY J 9 -1.74 -83.47 12.98
C GLY J 9 -3.17 -82.98 13.13
N CYS J 10 -3.66 -83.07 14.36
CA CYS J 10 -5.05 -82.64 14.73
C CYS J 10 -5.19 -81.14 14.61
N PRO J 11 -6.44 -80.62 14.45
CA PRO J 11 -6.59 -79.15 14.35
C PRO J 11 -6.13 -78.43 15.64
N GLY J 12 -5.12 -77.57 15.48
CA GLY J 12 -4.56 -76.83 16.59
C GLY J 12 -3.16 -77.30 16.92
N SER J 13 -2.64 -78.24 16.13
CA SER J 13 -1.29 -78.79 16.35
C SER J 13 -0.14 -77.94 15.80
N GLY J 14 -0.47 -76.86 15.08
CA GLY J 14 0.53 -75.95 14.54
C GLY J 14 0.93 -76.10 13.08
N LYS J 15 0.10 -76.81 12.32
CA LYS J 15 0.35 -77.06 10.88
C LYS J 15 0.42 -75.81 10.01
N SER J 16 -0.57 -74.92 10.11
CA SER J 16 -0.62 -73.68 9.32
C SER J 16 0.46 -72.69 9.68
N THR J 17 0.80 -72.61 10.98
CA THR J 17 1.86 -71.68 11.47
C THR J 17 3.22 -72.11 10.91
N TRP J 18 3.44 -73.41 10.78
CA TRP J 18 4.71 -73.94 10.23
C TRP J 18 4.76 -73.72 8.72
N ALA J 19 3.69 -74.11 8.01
CA ALA J 19 3.57 -73.99 6.54
C ALA J 19 3.85 -72.56 6.03
N ARG J 20 3.39 -71.57 6.79
CA ARG J 20 3.58 -70.13 6.46
C ARG J 20 5.05 -69.76 6.64
N GLU J 21 5.64 -70.19 7.77
CA GLU J 21 7.05 -69.92 8.10
C GLU J 21 8.05 -70.69 7.25
N PHE J 22 7.62 -71.82 6.69
CA PHE J 22 8.49 -72.65 5.82
C PHE J 22 8.56 -72.04 4.43
N ILE J 23 7.42 -71.59 3.89
CA ILE J 23 7.34 -70.97 2.56
C ILE J 23 8.08 -69.63 2.51
N ALA J 24 8.15 -68.95 3.65
CA ALA J 24 8.83 -67.65 3.77
C ALA J 24 10.35 -67.82 3.76
N LYS J 25 10.83 -68.86 4.44
CA LYS J 25 12.28 -69.14 4.53
C LYS J 25 12.81 -70.00 3.38
N ASN J 26 11.95 -70.82 2.77
CA ASN J 26 12.34 -71.70 1.64
C ASN J 26 11.53 -71.35 0.38
N PRO J 27 12.08 -70.52 -0.53
CA PRO J 27 11.38 -70.14 -1.76
C PRO J 27 11.20 -71.31 -2.72
N GLY J 28 10.12 -71.29 -3.48
CA GLY J 28 9.84 -72.35 -4.42
C GLY J 28 8.77 -73.31 -3.91
N PHE J 29 8.38 -73.16 -2.64
CA PHE J 29 7.35 -74.01 -2.04
C PHE J 29 5.99 -73.33 -2.03
N TYR J 30 4.95 -74.09 -2.36
CA TYR J 30 3.56 -73.59 -2.42
C TYR J 30 2.62 -74.39 -1.51
N ASN J 31 1.57 -73.74 -1.03
CA ASN J 31 0.59 -74.38 -0.12
C ASN J 31 -0.74 -74.75 -0.81
N ILE J 32 -1.26 -75.91 -0.44
CA ILE J 32 -2.55 -76.41 -0.95
C ILE J 32 -3.29 -76.84 0.32
N ASN J 33 -4.38 -76.16 0.63
CA ASN J 33 -5.15 -76.43 1.85
C ASN J 33 -6.63 -76.67 1.57
N ARG J 34 -7.22 -77.63 2.28
CA ARG J 34 -8.64 -78.00 2.14
C ARG J 34 -9.61 -76.97 2.68
N ASP J 35 -9.36 -76.51 3.91
CA ASP J 35 -10.20 -75.51 4.60
C ASP J 35 -10.30 -74.22 3.82
N ASP J 36 -9.20 -73.83 3.16
CA ASP J 36 -9.13 -72.61 2.34
C ASP J 36 -10.02 -72.69 1.12
N TYR J 37 -10.07 -73.87 0.50
CA TYR J 37 -10.91 -74.10 -0.70
C TYR J 37 -12.38 -74.26 -0.34
N ARG J 38 -12.63 -74.89 0.82
CA ARG J 38 -14.00 -75.11 1.33
C ARG J 38 -14.69 -73.76 1.59
N GLN J 39 -13.93 -72.85 2.19
CA GLN J 39 -14.39 -71.49 2.53
C GLN J 39 -14.51 -70.63 1.28
N SER J 40 -13.64 -70.88 0.31
CA SER J 40 -13.62 -70.13 -0.95
C SER J 40 -14.76 -70.45 -1.91
N ILE J 41 -15.09 -71.73 -2.09
CA ILE J 41 -16.17 -72.10 -3.03
C ILE J 41 -17.56 -71.71 -2.56
N MET J 42 -17.67 -71.43 -1.27
CA MET J 42 -18.94 -71.04 -0.65
C MET J 42 -18.99 -69.55 -0.32
N ALA J 43 -17.84 -68.89 -0.46
CA ALA J 43 -17.64 -67.45 -0.19
C ALA J 43 -17.91 -67.04 1.26
N HIS J 44 -17.76 -68.01 2.17
CA HIS J 44 -17.98 -67.80 3.62
C HIS J 44 -16.96 -66.86 4.27
N GLU J 45 -17.36 -66.24 5.38
CA GLU J 45 -16.48 -65.33 6.14
C GLU J 45 -15.88 -66.06 7.34
N GLU J 46 -16.52 -67.16 7.73
CA GLU J 46 -16.07 -67.98 8.87
C GLU J 46 -16.33 -69.47 8.61
N ARG J 47 -15.48 -70.33 9.17
CA ARG J 47 -15.58 -71.82 9.02
C ARG J 47 -16.82 -72.46 9.62
N ASP J 48 -17.45 -71.74 10.56
CA ASP J 48 -18.68 -72.17 11.26
C ASP J 48 -19.88 -72.38 10.33
N GLU J 49 -19.96 -71.55 9.28
CA GLU J 49 -21.05 -71.59 8.29
C GLU J 49 -20.99 -72.81 7.34
N TYR J 50 -19.83 -73.45 7.24
CA TYR J 50 -19.61 -74.60 6.34
C TYR J 50 -20.26 -75.93 6.74
N LYS J 51 -20.97 -76.53 5.79
CA LYS J 51 -21.63 -77.84 5.95
C LYS J 51 -21.09 -78.81 4.90
N TYR J 52 -20.64 -79.99 5.36
CA TYR J 52 -20.07 -81.05 4.51
C TYR J 52 -21.13 -81.77 3.67
N THR J 53 -20.83 -81.98 2.39
CA THR J 53 -21.72 -82.69 1.44
C THR J 53 -20.83 -83.50 0.50
N LYS J 54 -21.39 -84.55 -0.10
CA LYS J 54 -20.68 -85.43 -1.05
C LYS J 54 -20.24 -84.65 -2.29
N LYS J 55 -21.12 -83.76 -2.74
CA LYS J 55 -20.90 -82.89 -3.92
C LYS J 55 -19.76 -81.88 -3.69
N LYS J 56 -19.76 -81.20 -2.55
CA LYS J 56 -18.75 -80.19 -2.21
C LYS J 56 -17.34 -80.75 -1.97
N GLU J 57 -17.23 -81.81 -1.17
CA GLU J 57 -15.94 -82.44 -0.83
C GLU J 57 -15.22 -83.06 -2.02
N GLY J 58 -16.00 -83.41 -3.05
CA GLY J 58 -15.45 -83.98 -4.27
C GLY J 58 -14.77 -82.93 -5.12
N ILE J 59 -15.37 -81.73 -5.12
CA ILE J 59 -14.85 -80.55 -5.86
C ILE J 59 -13.55 -80.08 -5.21
N VAL J 60 -13.52 -80.11 -3.88
CA VAL J 60 -12.35 -79.69 -3.09
C VAL J 60 -11.17 -80.64 -3.30
N THR J 61 -11.46 -81.94 -3.42
CA THR J 61 -10.40 -82.95 -3.67
C THR J 61 -9.86 -82.70 -5.07
N GLY J 62 -10.76 -82.36 -5.98
CA GLY J 62 -10.41 -82.06 -7.36
C GLY J 62 -9.47 -80.87 -7.47
N MET J 63 -9.80 -79.82 -6.71
CA MET J 63 -8.99 -78.58 -6.66
C MET J 63 -7.61 -78.85 -6.09
N GLN J 64 -7.52 -79.76 -5.12
CA GLN J 64 -6.24 -80.12 -4.48
C GLN J 64 -5.24 -80.75 -5.44
N PHE J 65 -5.68 -81.81 -6.11
CA PHE J 65 -4.85 -82.56 -7.05
C PHE J 65 -4.53 -81.83 -8.34
N ASP J 66 -5.51 -81.08 -8.87
CA ASP J 66 -5.32 -80.32 -10.12
C ASP J 66 -4.32 -79.19 -9.93
N THR J 67 -4.34 -78.58 -8.75
CA THR J 67 -3.41 -77.47 -8.42
C THR J 67 -2.02 -78.04 -8.16
N ALA J 68 -1.97 -79.24 -7.58
CA ALA J 68 -0.69 -79.91 -7.28
C ALA J 68 0.04 -80.31 -8.56
N LYS J 69 -0.73 -80.80 -9.54
CA LYS J 69 -0.18 -81.20 -10.84
C LYS J 69 0.36 -79.96 -11.58
N SER J 70 -0.45 -78.91 -11.60
CA SER J 70 -0.11 -77.64 -12.26
C SER J 70 1.12 -76.96 -11.71
N ILE J 71 1.25 -76.89 -10.39
CA ILE J 71 2.41 -76.23 -9.74
C ILE J 71 3.70 -77.03 -9.93
N LEU J 72 3.62 -78.33 -9.70
CA LEU J 72 4.80 -79.21 -9.81
C LEU J 72 5.33 -79.42 -11.23
N TYR J 73 4.72 -78.76 -12.20
CA TYR J 73 5.14 -78.81 -13.59
C TYR J 73 5.48 -77.36 -13.97
N GLY J 74 6.55 -76.84 -13.38
CA GLY J 74 6.94 -75.45 -13.64
C GLY J 74 8.41 -75.09 -13.52
N GLY J 75 9.29 -75.96 -14.04
CA GLY J 75 10.72 -75.70 -14.03
C GLY J 75 11.52 -75.98 -12.78
N ASP J 76 12.74 -75.43 -12.76
CA ASP J 76 13.70 -75.57 -11.64
C ASP J 76 13.34 -74.63 -10.48
N SER J 77 12.47 -73.67 -10.78
CA SER J 77 12.00 -72.66 -9.81
C SER J 77 11.07 -73.26 -8.75
N VAL J 78 10.30 -74.29 -9.12
CA VAL J 78 9.35 -74.98 -8.21
C VAL J 78 10.04 -76.16 -7.50
N LYS J 79 10.24 -76.00 -6.19
CA LYS J 79 10.90 -77.02 -5.33
C LYS J 79 9.95 -78.06 -4.74
N GLY J 80 8.66 -77.74 -4.63
CA GLY J 80 7.68 -78.68 -4.08
C GLY J 80 6.44 -78.03 -3.47
N VAL J 81 5.47 -78.84 -3.06
CA VAL J 81 4.22 -78.33 -2.45
C VAL J 81 3.91 -78.89 -1.06
N ILE J 82 3.20 -78.09 -0.24
CA ILE J 82 2.82 -78.51 1.13
C ILE J 82 1.29 -78.66 1.17
N ILE J 83 0.83 -79.82 1.66
CA ILE J 83 -0.61 -80.08 1.81
C ILE J 83 -0.87 -79.92 3.31
N SER J 84 -1.25 -78.71 3.70
CA SER J 84 -1.51 -78.33 5.10
C SER J 84 -2.85 -78.79 5.68
N ASP J 85 -3.25 -80.02 5.35
CA ASP J 85 -4.49 -80.60 5.87
C ASP J 85 -4.15 -81.43 7.10
N THR J 86 -5.15 -82.05 7.72
CA THR J 86 -4.91 -82.88 8.91
C THR J 86 -4.29 -84.21 8.48
N ASN J 87 -4.68 -84.68 7.29
CA ASN J 87 -4.20 -85.94 6.67
C ASN J 87 -4.24 -87.13 7.64
N LEU J 88 -5.30 -87.18 8.43
CA LEU J 88 -5.47 -88.25 9.41
C LEU J 88 -6.20 -89.47 8.89
N ASN J 89 -6.81 -89.34 7.71
CA ASN J 89 -7.52 -90.45 7.06
C ASN J 89 -6.47 -91.21 6.20
N PRO J 90 -6.31 -92.54 6.42
CA PRO J 90 -5.34 -93.36 5.67
C PRO J 90 -5.56 -93.43 4.16
N GLU J 91 -6.82 -93.30 3.74
CA GLU J 91 -7.20 -93.33 2.31
C GLU J 91 -6.72 -92.08 1.56
N ARG J 92 -6.69 -90.93 2.27
CA ARG J 92 -6.22 -89.66 1.69
C ARG J 92 -4.71 -89.63 1.60
N ARG J 93 -4.02 -90.22 2.58
CA ARG J 93 -2.53 -90.27 2.59
C ARG J 93 -2.03 -91.20 1.50
N LEU J 94 -2.80 -92.26 1.23
CA LEU J 94 -2.49 -93.25 0.18
C LEU J 94 -2.70 -92.64 -1.20
N ALA J 95 -3.74 -91.82 -1.34
CA ALA J 95 -4.07 -91.13 -2.61
C ALA J 95 -2.95 -90.18 -3.06
N TRP J 96 -2.23 -89.63 -2.09
CA TRP J 96 -1.09 -88.72 -2.37
C TRP J 96 0.19 -89.48 -2.69
N GLU J 97 0.27 -90.73 -2.26
CA GLU J 97 1.44 -91.58 -2.54
C GLU J 97 1.27 -92.24 -3.91
N THR J 98 0.02 -92.46 -4.30
CA THR J 98 -0.37 -93.05 -5.62
C THR J 98 -0.11 -92.00 -6.69
N PHE J 99 -0.43 -90.75 -6.34
CA PHE J 99 -0.26 -89.56 -7.20
C PHE J 99 1.22 -89.26 -7.42
N ALA J 100 2.03 -89.42 -6.38
CA ALA J 100 3.48 -89.18 -6.46
C ALA J 100 4.24 -90.35 -7.09
N LYS J 101 3.50 -91.42 -7.41
CA LYS J 101 4.05 -92.62 -8.08
C LYS J 101 3.83 -92.44 -9.59
N GLU J 102 2.64 -91.93 -9.94
CA GLU J 102 2.21 -91.67 -11.33
C GLU J 102 3.08 -90.63 -12.06
N TYR J 103 3.61 -89.66 -11.31
CA TYR J 103 4.45 -88.61 -11.91
C TYR J 103 5.85 -88.58 -11.28
N GLY J 104 6.13 -89.54 -10.40
CA GLY J 104 7.42 -89.67 -9.74
C GLY J 104 7.94 -88.56 -8.83
N TRP J 105 7.20 -88.27 -7.76
CA TRP J 105 7.60 -87.23 -6.79
C TRP J 105 7.83 -87.79 -5.39
N LYS J 106 8.68 -87.10 -4.62
CA LYS J 106 9.04 -87.51 -3.23
C LYS J 106 7.97 -87.12 -2.19
N VAL J 107 7.35 -88.12 -1.57
CA VAL J 107 6.32 -87.88 -0.51
C VAL J 107 7.03 -87.80 0.84
N GLU J 108 6.98 -86.64 1.49
CA GLU J 108 7.62 -86.42 2.81
C GLU J 108 6.49 -86.20 3.83
N HIS J 109 6.72 -86.59 5.08
CA HIS J 109 5.71 -86.43 6.15
C HIS J 109 6.19 -85.54 7.28
N LYS J 110 5.40 -84.52 7.61
CA LYS J 110 5.76 -83.61 8.72
C LYS J 110 4.73 -83.83 9.83
N VAL J 111 5.14 -84.58 10.85
CA VAL J 111 4.29 -84.95 12.02
C VAL J 111 4.28 -83.88 13.10
N PHE J 112 3.09 -83.58 13.62
CA PHE J 112 2.87 -82.60 14.69
C PHE J 112 2.21 -83.27 15.88
N ASP J 113 3.01 -83.94 16.70
CA ASP J 113 2.51 -84.65 17.88
C ASP J 113 2.43 -83.72 19.09
N VAL J 114 1.22 -83.22 19.34
CA VAL J 114 0.93 -82.31 20.46
C VAL J 114 0.02 -83.07 21.43
N PRO J 115 0.32 -83.04 22.76
CA PRO J 115 -0.49 -83.74 23.77
C PRO J 115 -1.97 -83.34 23.80
N TRP J 116 -2.83 -84.27 24.23
CA TRP J 116 -4.29 -84.05 24.30
C TRP J 116 -4.72 -82.81 25.08
N THR J 117 -4.26 -82.68 26.32
CA THR J 117 -4.58 -81.54 27.20
C THR J 117 -4.31 -80.18 26.55
N GLU J 118 -3.22 -80.12 25.79
CA GLU J 118 -2.80 -78.90 25.08
C GLU J 118 -3.68 -78.63 23.85
N LEU J 119 -4.13 -79.70 23.19
CA LEU J 119 -5.01 -79.59 22.01
C LEU J 119 -6.39 -79.06 22.38
N VAL J 120 -6.90 -79.49 23.54
CA VAL J 120 -8.23 -79.05 24.05
C VAL J 120 -8.16 -77.60 24.49
N LYS J 121 -7.04 -77.24 25.12
CA LYS J 121 -6.79 -75.87 25.64
C LYS J 121 -6.74 -74.90 24.45
N ARG J 122 -6.14 -75.34 23.34
CA ARG J 122 -6.03 -74.52 22.14
C ARG J 122 -7.34 -74.44 21.38
N ASN J 123 -8.11 -75.53 21.41
CA ASN J 123 -9.40 -75.60 20.70
C ASN J 123 -10.52 -74.78 21.36
N SER J 124 -10.41 -74.55 22.67
CA SER J 124 -11.41 -73.77 23.40
C SER J 124 -11.26 -72.27 23.11
N LYS J 125 -10.03 -71.87 22.77
CA LYS J 125 -9.67 -70.47 22.44
C LYS J 125 -9.59 -70.21 20.92
N ARG J 126 -9.86 -71.23 20.12
CA ARG J 126 -9.77 -71.14 18.64
C ARG J 126 -10.85 -70.31 17.95
N GLY J 127 -11.93 -70.03 18.67
CA GLY J 127 -13.00 -69.23 18.11
C GLY J 127 -13.86 -69.86 17.05
N THR J 128 -13.89 -69.21 15.89
CA THR J 128 -14.67 -69.69 14.76
C THR J 128 -14.02 -70.88 14.03
N LYS J 129 -12.72 -71.06 14.26
CA LYS J 129 -11.95 -72.17 13.67
C LYS J 129 -11.94 -73.39 14.61
N ALA J 130 -12.79 -73.32 15.64
CA ALA J 130 -12.92 -74.39 16.64
C ALA J 130 -13.75 -75.55 16.12
N VAL J 131 -13.30 -76.75 16.45
CA VAL J 131 -13.97 -77.98 16.04
C VAL J 131 -14.72 -78.58 17.23
N PRO J 132 -15.84 -79.32 17.00
CA PRO J 132 -16.57 -79.92 18.14
C PRO J 132 -15.66 -80.93 18.88
N ILE J 133 -15.73 -80.95 20.22
CA ILE J 133 -14.87 -81.83 21.03
C ILE J 133 -14.91 -83.32 20.63
N ASP J 134 -16.04 -83.76 20.06
CA ASP J 134 -16.17 -85.17 19.62
C ASP J 134 -15.38 -85.45 18.34
N VAL J 135 -15.18 -84.42 17.52
CA VAL J 135 -14.40 -84.61 16.28
C VAL J 135 -12.91 -84.43 16.59
N LEU J 136 -12.59 -83.72 17.66
CA LEU J 136 -11.18 -83.52 18.08
C LEU J 136 -10.71 -84.84 18.71
N ARG J 137 -11.65 -85.54 19.34
CA ARG J 137 -11.41 -86.84 19.99
C ARG J 137 -11.19 -87.90 18.92
N SER J 138 -12.06 -87.86 17.91
CA SER J 138 -12.05 -88.78 16.77
C SER J 138 -10.75 -88.62 15.98
N MET J 139 -10.20 -87.41 15.98
CA MET J 139 -8.96 -87.11 15.28
C MET J 139 -7.71 -87.47 16.06
N TYR J 140 -7.77 -87.40 17.39
CA TYR J 140 -6.62 -87.77 18.23
C TYR J 140 -6.49 -89.29 18.22
N LYS J 141 -7.60 -89.98 17.95
CA LYS J 141 -7.65 -91.45 17.87
C LYS J 141 -6.92 -91.85 16.58
N SER J 142 -7.14 -91.08 15.51
CA SER J 142 -6.49 -91.31 14.19
C SER J 142 -5.02 -90.95 14.23
N MET J 143 -4.65 -90.07 15.16
CA MET J 143 -3.26 -89.63 15.33
C MET J 143 -2.50 -90.73 16.05
N ARG J 144 -3.17 -91.40 16.98
CA ARG J 144 -2.57 -92.51 17.74
C ARG J 144 -2.38 -93.73 16.84
N GLU J 145 -3.29 -93.91 15.89
CA GLU J 145 -3.24 -95.02 14.91
C GLU J 145 -2.03 -94.82 14.02
N TYR J 146 -1.82 -93.58 13.58
CA TYR J 146 -0.69 -93.20 12.71
C TYR J 146 0.63 -93.36 13.48
N LEU J 147 0.68 -92.83 14.70
CA LEU J 147 1.88 -92.90 15.55
C LEU J 147 2.18 -94.33 16.01
N GLY J 148 1.21 -95.23 15.85
CA GLY J 148 1.37 -96.63 16.22
C GLY J 148 1.23 -96.91 17.70
N LEU J 149 0.68 -95.94 18.45
CA LEU J 149 0.46 -96.05 19.91
C LEU J 149 -0.57 -97.14 20.26
N PRO J 150 -0.33 -97.90 21.35
CA PRO J 150 -1.22 -99.00 21.79
C PRO J 150 -2.65 -98.74 22.25
N VAL J 151 -3.51 -99.72 21.97
CA VAL J 151 -4.94 -99.73 22.34
C VAL J 151 -5.18 -101.08 23.04
N TYR J 152 -5.74 -101.04 24.24
CA TYR J 152 -6.03 -102.24 25.07
C TYR J 152 -7.25 -102.98 24.53
N ASN J 153 -7.17 -104.31 24.56
CA ASN J 153 -8.24 -105.19 24.07
C ASN J 153 -8.47 -106.35 25.04
N GLY J 154 -7.87 -106.26 26.22
CA GLY J 154 -8.00 -107.29 27.22
C GLY J 154 -6.69 -108.00 27.49
N THR J 155 -6.69 -108.82 28.54
CA THR J 155 -5.51 -109.63 28.95
C THR J 155 -6.11 -110.96 29.41
N PRO J 156 -6.40 -111.89 28.48
CA PRO J 156 -6.97 -113.20 28.84
C PRO J 156 -6.08 -114.06 29.73
N GLY J 157 -6.71 -114.82 30.62
CA GLY J 157 -5.97 -115.69 31.53
C GLY J 157 -5.71 -115.07 32.89
N LYS J 158 -5.50 -113.76 32.91
CA LYS J 158 -5.27 -112.98 34.15
C LYS J 158 -6.62 -112.62 34.82
N PRO J 159 -6.66 -112.41 36.16
CA PRO J 159 -7.92 -112.08 36.86
C PRO J 159 -8.60 -110.77 36.46
N LYS J 160 -9.94 -110.77 36.40
CA LYS J 160 -10.72 -109.56 36.02
C LYS J 160 -10.61 -108.48 37.11
N ALA J 161 -10.41 -107.23 36.68
CA ALA J 161 -10.24 -106.10 37.62
C ALA J 161 -10.91 -104.80 37.24
N VAL J 162 -11.05 -103.92 38.24
CA VAL J 162 -11.64 -102.58 38.08
C VAL J 162 -10.65 -101.59 38.73
N ILE J 163 -10.29 -100.54 37.99
CA ILE J 163 -9.35 -99.52 38.48
C ILE J 163 -10.09 -98.36 39.14
N PHE J 164 -9.61 -97.93 40.31
CA PHE J 164 -10.22 -96.81 41.07
C PHE J 164 -9.17 -95.74 41.33
N ASP J 165 -9.58 -94.49 41.31
CA ASP J 165 -8.67 -93.36 41.58
C ASP J 165 -8.95 -92.85 42.99
N VAL J 166 -7.91 -92.37 43.69
CA VAL J 166 -8.08 -91.84 45.06
C VAL J 166 -8.72 -90.44 45.03
N ASP J 167 -7.87 -89.42 44.95
CA ASP J 167 -8.30 -87.99 44.94
C ASP J 167 -9.29 -87.65 43.84
N GLY J 168 -10.50 -87.32 44.28
CA GLY J 168 -11.57 -86.96 43.37
C GLY J 168 -12.64 -88.02 43.22
N THR J 169 -12.23 -89.29 43.21
CA THR J 169 -13.14 -90.41 43.04
C THR J 169 -13.57 -91.05 44.36
N LEU J 170 -12.64 -91.71 45.04
CA LEU J 170 -12.90 -92.35 46.36
C LEU J 170 -12.96 -91.29 47.46
N ALA J 171 -12.11 -90.27 47.30
CA ALA J 171 -12.01 -89.14 48.23
C ALA J 171 -12.63 -87.87 47.63
N LYS J 172 -13.37 -87.10 48.43
CA LYS J 172 -14.00 -85.84 47.96
C LYS J 172 -13.00 -84.69 47.83
N MET J 173 -13.30 -83.74 46.94
CA MET J 173 -12.43 -82.58 46.69
C MET J 173 -12.78 -81.41 47.62
N ASN J 174 -11.77 -80.65 48.04
CA ASN J 174 -11.95 -79.49 48.95
C ASN J 174 -11.56 -78.15 48.32
N PRO J 178 -8.26 -80.30 46.59
CA PRO J 178 -7.79 -81.50 47.30
C PRO J 178 -7.36 -81.23 48.76
N TYR J 179 -7.12 -82.30 49.52
CA TYR J 179 -6.71 -82.22 50.94
C TYR J 179 -5.24 -82.64 51.12
N ASP J 180 -4.71 -82.52 52.35
CA ASP J 180 -3.31 -82.89 52.67
C ASP J 180 -3.22 -83.89 53.83
N LEU J 181 -3.72 -83.49 55.00
CA LEU J 181 -3.72 -84.34 56.23
C LEU J 181 -5.07 -84.22 56.94
N CYS J 184 -7.63 -86.02 55.88
CA CYS J 184 -7.60 -87.50 55.94
C CYS J 184 -8.48 -88.04 57.08
N ASP J 185 -9.77 -87.67 57.04
CA ASP J 185 -10.76 -88.08 58.06
C ASP J 185 -11.73 -89.14 57.50
N THR J 186 -12.88 -89.31 58.14
CA THR J 186 -13.90 -90.30 57.72
C THR J 186 -15.03 -89.59 56.95
N ASP J 187 -14.98 -88.26 56.95
CA ASP J 187 -15.97 -87.42 56.24
C ASP J 187 -15.50 -87.11 54.82
N VAL J 188 -14.21 -87.34 54.58
CA VAL J 188 -13.57 -87.09 53.28
C VAL J 188 -13.77 -88.23 52.26
N ILE J 189 -14.63 -89.20 52.58
CA ILE J 189 -14.93 -90.33 51.66
C ILE J 189 -16.10 -89.93 50.75
N ASN J 190 -16.27 -90.68 49.67
CA ASN J 190 -17.36 -90.48 48.69
C ASN J 190 -18.18 -91.77 48.89
N PRO J 191 -19.31 -91.70 49.61
CA PRO J 191 -20.18 -92.86 49.87
C PRO J 191 -20.50 -93.84 48.75
N MET J 192 -21.16 -93.37 47.68
CA MET J 192 -21.55 -94.22 46.54
C MET J 192 -20.42 -94.89 45.78
N VAL J 193 -19.27 -94.22 45.69
CA VAL J 193 -18.09 -94.74 44.99
C VAL J 193 -17.36 -95.78 45.84
N VAL J 194 -17.24 -95.53 47.14
CA VAL J 194 -16.57 -96.49 48.05
C VAL J 194 -17.44 -97.74 48.20
N GLU J 195 -18.76 -97.57 48.13
CA GLU J 195 -19.72 -98.68 48.22
C GLU J 195 -19.58 -99.55 46.98
N LEU J 196 -19.24 -98.93 45.86
CA LEU J 196 -19.04 -99.62 44.58
C LEU J 196 -17.79 -100.52 44.60
N SER J 197 -16.72 -100.09 45.27
CA SER J 197 -15.47 -100.89 45.36
C SER J 197 -15.67 -102.16 46.15
N LYS J 198 -16.54 -102.09 47.16
CA LYS J 198 -16.87 -103.25 47.99
C LYS J 198 -17.74 -104.21 47.18
N MET J 199 -18.64 -103.64 46.37
CA MET J 199 -19.56 -104.40 45.50
C MET J 199 -18.83 -105.16 44.38
N TYR J 200 -17.80 -104.55 43.78
CA TYR J 200 -17.03 -105.18 42.69
C TYR J 200 -16.11 -106.30 43.15
N ALA J 201 -15.60 -106.19 44.39
CA ALA J 201 -14.72 -107.24 44.97
C ALA J 201 -15.56 -108.50 45.22
N LEU J 202 -16.84 -108.28 45.56
CA LEU J 202 -17.84 -109.33 45.82
C LEU J 202 -18.09 -110.10 44.53
N MET J 203 -18.23 -109.38 43.42
CA MET J 203 -18.49 -109.98 42.10
C MET J 203 -17.32 -110.73 41.48
N GLY J 204 -16.19 -110.77 42.20
CA GLY J 204 -15.02 -111.48 41.73
C GLY J 204 -13.95 -110.63 41.07
N TYR J 205 -14.16 -109.32 41.06
CA TYR J 205 -13.17 -108.39 40.47
C TYR J 205 -12.11 -108.01 41.48
N GLN J 206 -10.90 -107.74 40.99
CA GLN J 206 -9.78 -107.31 41.84
C GLN J 206 -9.80 -105.78 41.86
N ILE J 207 -9.67 -105.16 43.03
CA ILE J 207 -9.70 -103.70 43.09
C ILE J 207 -8.27 -103.16 43.06
N VAL J 208 -7.95 -102.43 41.99
CA VAL J 208 -6.63 -101.82 41.80
C VAL J 208 -6.82 -100.33 42.02
N VAL J 209 -6.15 -99.78 43.01
CA VAL J 209 -6.25 -98.34 43.32
C VAL J 209 -5.04 -97.59 42.75
N VAL J 210 -5.30 -96.43 42.15
CA VAL J 210 -4.24 -95.58 41.54
C VAL J 210 -4.37 -94.11 42.00
N SER J 211 -3.25 -93.37 42.07
CA SER J 211 -3.27 -91.94 42.50
C SER J 211 -2.27 -91.07 41.77
N GLY J 212 -2.62 -89.79 41.67
CA GLY J 212 -1.80 -88.80 41.01
C GLY J 212 -0.89 -87.99 41.91
N ARG J 213 -1.09 -88.07 43.22
CA ARG J 213 -0.26 -87.30 44.18
C ARG J 213 1.08 -88.00 44.43
N GLU J 214 2.12 -87.21 44.75
CA GLU J 214 3.48 -87.74 45.01
C GLU J 214 3.57 -88.76 46.13
N SER J 215 4.58 -89.61 46.05
CA SER J 215 4.81 -90.68 47.05
C SER J 215 5.57 -90.20 48.27
N GLY J 216 6.29 -89.07 48.14
CA GLY J 216 7.04 -88.53 49.25
C GLY J 216 7.90 -87.33 48.94
N THR J 217 8.91 -87.15 49.79
CA THR J 217 9.88 -86.03 49.68
C THR J 217 11.29 -86.60 49.44
N LYS J 218 12.34 -85.81 49.72
CA LYS J 218 13.76 -86.22 49.54
C LYS J 218 14.17 -87.29 50.56
N GLU J 219 13.99 -86.99 51.85
CA GLU J 219 14.27 -87.94 52.96
C GLU J 219 12.97 -88.73 53.10
N ASP J 220 13.07 -90.06 52.94
CA ASP J 220 11.92 -91.02 52.98
C ASP J 220 11.00 -90.78 51.75
N PRO J 221 11.40 -91.30 50.57
CA PRO J 221 10.66 -91.17 49.31
C PRO J 221 9.29 -91.84 49.23
N THR J 222 8.99 -92.72 50.18
CA THR J 222 7.70 -93.44 50.24
C THR J 222 6.88 -92.98 51.47
N LYS J 223 7.06 -91.72 51.86
CA LYS J 223 6.39 -91.08 53.03
C LYS J 223 4.88 -90.80 52.88
N TYR J 224 4.47 -90.18 51.78
CA TYR J 224 3.04 -89.86 51.54
C TYR J 224 2.26 -91.06 51.04
N TYR J 225 2.97 -92.03 50.45
CA TYR J 225 2.36 -93.27 49.92
C TYR J 225 1.67 -94.08 51.03
N ARG J 226 2.38 -94.32 52.12
CA ARG J 226 1.84 -95.08 53.26
C ARG J 226 0.68 -94.40 53.97
N MET J 227 0.57 -93.07 53.81
CA MET J 227 -0.52 -92.30 54.42
C MET J 227 -1.80 -92.35 53.58
N THR J 228 -1.64 -92.56 52.27
CA THR J 228 -2.78 -92.69 51.33
C THR J 228 -3.34 -94.11 51.44
N ARG J 229 -2.46 -95.11 51.56
CA ARG J 229 -2.90 -96.53 51.67
C ARG J 229 -3.58 -96.82 53.01
N LYS J 230 -3.16 -96.12 54.07
CA LYS J 230 -3.76 -96.30 55.41
C LYS J 230 -5.17 -95.70 55.46
N TRP J 231 -5.47 -94.86 54.47
CA TRP J 231 -6.79 -94.23 54.35
C TRP J 231 -7.69 -95.17 53.53
N VAL J 232 -7.20 -95.56 52.35
CA VAL J 232 -7.93 -96.44 51.41
C VAL J 232 -8.29 -97.81 52.01
N GLU J 233 -7.33 -98.42 52.72
CA GLU J 233 -7.52 -99.74 53.34
C GLU J 233 -8.26 -99.72 54.67
N ASP J 234 -7.84 -98.86 55.60
CA ASP J 234 -8.44 -98.79 56.95
C ASP J 234 -9.65 -97.86 57.16
N ILE J 235 -9.51 -96.58 56.81
CA ILE J 235 -10.59 -95.58 57.01
C ILE J 235 -11.72 -95.69 55.98
N ALA J 236 -11.39 -95.98 54.72
CA ALA J 236 -12.41 -96.11 53.64
C ALA J 236 -13.01 -97.51 53.59
N GLY J 237 -12.16 -98.52 53.77
CA GLY J 237 -12.61 -99.91 53.74
C GLY J 237 -12.63 -100.57 52.38
N VAL J 238 -11.83 -100.05 51.47
CA VAL J 238 -11.72 -100.57 50.08
C VAL J 238 -10.84 -101.84 50.09
N PRO J 239 -11.38 -102.99 49.59
CA PRO J 239 -10.62 -104.25 49.56
C PRO J 239 -9.64 -104.31 48.38
N LEU J 240 -8.59 -103.50 48.45
CA LEU J 240 -7.59 -103.46 47.37
C LEU J 240 -6.60 -104.62 47.37
N VAL J 241 -6.11 -104.94 46.18
CA VAL J 241 -5.12 -106.00 46.00
C VAL J 241 -3.78 -105.37 45.64
N MET J 242 -3.84 -104.12 45.15
CA MET J 242 -2.65 -103.39 44.71
C MET J 242 -2.90 -101.89 44.66
N GLN J 243 -1.87 -101.12 44.99
CA GLN J 243 -1.93 -99.65 44.92
C GLN J 243 -0.61 -99.09 44.40
N CYS J 244 -0.64 -98.64 43.14
CA CYS J 244 0.54 -98.02 42.54
C CYS J 244 0.23 -96.56 42.26
N GLN J 245 1.14 -95.67 42.65
CA GLN J 245 0.97 -94.22 42.42
C GLN J 245 2.24 -93.51 41.93
N ARG J 246 2.17 -92.19 41.81
CA ARG J 246 3.28 -91.33 41.34
C ARG J 246 4.49 -91.30 42.28
N GLU J 247 5.69 -91.44 41.70
CA GLU J 247 6.96 -91.38 42.46
C GLU J 247 7.29 -89.93 42.79
N GLN J 248 8.15 -89.71 43.79
CA GLN J 248 8.55 -88.34 44.21
C GLN J 248 9.35 -87.58 43.15
N GLY J 249 10.08 -88.33 42.31
CA GLY J 249 10.93 -87.78 41.28
C GLY J 249 10.36 -87.03 40.07
N ASP J 250 9.30 -87.54 39.47
CA ASP J 250 8.71 -86.87 38.29
C ASP J 250 7.51 -85.97 38.57
N THR J 251 7.48 -84.84 37.86
CA THR J 251 6.42 -83.84 37.96
C THR J 251 5.75 -83.68 36.59
N ARG J 252 5.51 -84.81 35.93
CA ARG J 252 4.86 -84.85 34.60
C ARG J 252 3.34 -84.73 34.75
N LYS J 253 2.63 -84.74 33.62
CA LYS J 253 1.15 -84.65 33.60
C LYS J 253 0.46 -85.90 34.19
N ASP J 254 -0.69 -85.70 34.84
CA ASP J 254 -1.52 -86.81 35.47
C ASP J 254 -2.09 -87.74 34.37
N ASP J 255 -2.01 -87.21 33.17
CA ASP J 255 -2.41 -87.82 31.91
C ASP J 255 -1.45 -88.97 31.55
N VAL J 256 -0.17 -88.66 31.39
CA VAL J 256 0.88 -89.64 31.02
C VAL J 256 1.38 -90.56 32.13
N VAL J 257 1.35 -90.09 33.38
CA VAL J 257 1.81 -90.90 34.54
C VAL J 257 0.90 -92.10 34.73
N LYS J 258 -0.42 -91.89 34.71
CA LYS J 258 -1.40 -92.97 34.86
C LYS J 258 -1.46 -93.95 33.69
N GLU J 259 -1.05 -93.51 32.50
CA GLU J 259 -1.03 -94.40 31.32
C GLU J 259 0.19 -95.32 31.46
N GLU J 260 1.30 -94.78 31.97
CA GLU J 260 2.54 -95.55 32.19
C GLU J 260 2.34 -96.57 33.30
N ILE J 261 1.62 -96.16 34.35
CA ILE J 261 1.31 -97.04 35.51
C ILE J 261 0.41 -98.19 35.03
N PHE J 262 -0.41 -97.91 34.02
CA PHE J 262 -1.30 -98.94 33.45
C PHE J 262 -0.52 -100.00 32.67
N TRP J 263 0.27 -99.55 31.70
CA TRP J 263 1.04 -100.48 30.84
C TRP J 263 2.14 -101.27 31.53
N LYS J 264 2.77 -100.69 32.55
CA LYS J 264 3.87 -101.36 33.26
C LYS J 264 3.46 -102.25 34.43
N HIS J 265 2.58 -101.77 35.29
CA HIS J 265 2.16 -102.53 36.49
C HIS J 265 0.78 -103.17 36.47
N ILE J 266 -0.19 -102.54 35.83
CA ILE J 266 -1.57 -103.08 35.81
C ILE J 266 -1.93 -104.02 34.66
N ALA J 267 -1.76 -103.57 33.42
CA ALA J 267 -2.10 -104.36 32.21
C ALA J 267 -1.51 -105.77 32.07
N PRO J 268 -0.21 -105.99 32.40
CA PRO J 268 0.29 -107.36 32.26
C PRO J 268 -0.13 -108.34 33.36
N HIS J 269 -0.63 -107.82 34.49
CA HIS J 269 -1.07 -108.66 35.63
C HIS J 269 -2.57 -108.83 35.79
N PHE J 270 -3.37 -107.91 35.25
CA PHE J 270 -4.85 -107.97 35.38
C PHE J 270 -5.59 -107.77 34.06
N ASP J 271 -6.84 -108.25 34.02
CA ASP J 271 -7.73 -108.09 32.85
C ASP J 271 -8.70 -106.96 33.20
N VAL J 272 -8.27 -105.72 32.97
CA VAL J 272 -9.07 -104.52 33.29
C VAL J 272 -10.32 -104.34 32.43
N LYS J 273 -11.46 -104.44 33.09
CA LYS J 273 -12.77 -104.31 32.45
C LYS J 273 -13.36 -102.91 32.61
N LEU J 274 -12.89 -102.18 33.63
CA LEU J 274 -13.41 -100.82 33.94
C LEU J 274 -12.46 -99.94 34.75
N ALA J 275 -12.65 -98.63 34.61
CA ALA J 275 -11.87 -97.63 35.34
C ALA J 275 -12.83 -96.56 35.87
N ILE J 276 -12.79 -96.33 37.18
CA ILE J 276 -13.66 -95.32 37.83
C ILE J 276 -12.75 -94.14 38.14
N ASP J 277 -12.96 -93.03 37.43
CA ASP J 277 -12.14 -91.82 37.62
C ASP J 277 -12.96 -90.55 37.71
N ASP J 278 -12.28 -89.44 37.98
CA ASP J 278 -12.91 -88.12 38.12
C ASP J 278 -12.39 -87.07 37.14
N ARG J 279 -11.08 -86.81 37.17
CA ARG J 279 -10.45 -85.78 36.30
C ARG J 279 -10.63 -86.04 34.81
N THR J 280 -11.25 -85.09 34.11
CA THR J 280 -11.55 -85.16 32.66
C THR J 280 -10.41 -85.65 31.77
N GLN J 281 -9.20 -85.09 31.95
CA GLN J 281 -8.04 -85.51 31.12
C GLN J 281 -7.66 -86.98 31.30
N VAL J 282 -7.85 -87.50 32.51
CA VAL J 282 -7.54 -88.91 32.82
C VAL J 282 -8.67 -89.81 32.29
N VAL J 283 -9.92 -89.34 32.37
CA VAL J 283 -11.10 -90.07 31.89
C VAL J 283 -11.00 -90.21 30.37
N GLU J 284 -10.53 -89.15 29.71
CA GLU J 284 -10.35 -89.12 28.24
C GLU J 284 -9.26 -90.09 27.82
N MET J 285 -8.26 -90.25 28.69
CA MET J 285 -7.11 -91.14 28.46
C MET J 285 -7.50 -92.59 28.52
N TRP J 286 -8.21 -93.02 29.56
CA TRP J 286 -8.63 -94.42 29.66
C TRP J 286 -9.51 -94.82 28.49
N ARG J 287 -10.45 -93.94 28.13
CA ARG J 287 -11.41 -94.19 27.04
C ARG J 287 -10.79 -94.36 25.65
N ARG J 288 -9.75 -93.57 25.35
CA ARG J 288 -9.11 -93.65 24.02
C ARG J 288 -8.14 -94.85 23.88
N ILE J 289 -7.64 -95.35 25.00
CA ILE J 289 -6.73 -96.51 24.96
C ILE J 289 -7.48 -97.84 25.13
N GLY J 290 -8.82 -97.81 25.10
CA GLY J 290 -9.61 -99.02 25.20
C GLY J 290 -10.30 -99.38 26.50
N VAL J 291 -9.88 -98.77 27.61
CA VAL J 291 -10.49 -99.03 28.95
C VAL J 291 -11.77 -98.19 29.10
N GLU J 292 -12.83 -98.81 29.61
CA GLU J 292 -14.11 -98.12 29.80
C GLU J 292 -14.12 -97.27 31.10
N CYS J 293 -14.57 -96.02 30.99
CA CYS J 293 -14.73 -95.10 32.16
C CYS J 293 -16.06 -94.60 32.52
N TRP J 294 -16.19 -94.46 33.83
CA TRP J 294 -17.36 -93.94 34.47
C TRP J 294 -16.81 -92.73 35.21
N GLN J 295 -17.14 -91.54 34.72
CA GLN J 295 -16.67 -90.30 35.36
C GLN J 295 -17.68 -89.97 36.45
N VAL J 296 -17.22 -90.05 37.69
CA VAL J 296 -18.07 -89.82 38.88
C VAL J 296 -18.50 -88.40 39.27
N ALA J 297 -17.79 -87.39 38.76
CA ALA J 297 -18.10 -85.98 39.06
C ALA J 297 -17.54 -85.07 37.98
N SER J 298 -17.81 -83.77 38.09
CA SER J 298 -17.30 -82.78 37.13
C SER J 298 -15.83 -82.62 37.49
N GLY J 299 -14.95 -83.10 36.61
CA GLY J 299 -13.52 -83.03 36.88
C GLY J 299 -12.72 -82.22 35.90
N ASP J 300 -13.09 -80.95 35.73
CA ASP J 300 -12.40 -80.07 34.79
C ASP J 300 -11.29 -79.23 35.44
N PHE J 301 -10.14 -79.88 35.62
CA PHE J 301 -8.93 -79.27 36.24
N MET K 1 -35.51 -40.82 39.61
CA MET K 1 -35.98 -40.86 38.20
C MET K 1 -34.99 -41.59 37.28
N LYS K 2 -33.69 -41.35 37.50
CA LYS K 2 -32.60 -41.96 36.69
C LYS K 2 -32.47 -43.45 37.01
N LYS K 3 -32.15 -44.24 35.98
CA LYS K 3 -32.02 -45.70 36.12
C LYS K 3 -30.62 -46.29 36.23
N ILE K 4 -30.52 -47.41 36.93
CA ILE K 4 -29.26 -48.18 37.07
C ILE K 4 -29.71 -49.59 36.65
N ILE K 5 -29.54 -49.89 35.37
CA ILE K 5 -29.93 -51.20 34.83
C ILE K 5 -28.81 -52.24 34.98
N LEU K 6 -29.11 -53.32 35.69
CA LEU K 6 -28.15 -54.42 35.89
C LEU K 6 -28.56 -55.58 34.99
N THR K 7 -27.62 -56.04 34.18
CA THR K 7 -27.88 -57.17 33.29
C THR K 7 -27.53 -58.44 34.07
N ILE K 8 -28.46 -59.38 34.12
CA ILE K 8 -28.24 -60.67 34.81
C ILE K 8 -28.20 -61.78 33.76
N GLY K 9 -27.05 -62.46 33.66
CA GLY K 9 -26.89 -63.55 32.71
C GLY K 9 -25.47 -64.07 32.62
N CYS K 10 -25.36 -65.36 32.28
CA CYS K 10 -24.06 -66.06 32.13
C CYS K 10 -23.31 -65.54 30.91
N PRO K 11 -21.96 -65.71 30.86
CA PRO K 11 -21.25 -65.20 29.67
C PRO K 11 -21.69 -65.91 28.37
N GLY K 12 -22.20 -65.12 27.43
CA GLY K 12 -22.68 -65.65 26.16
C GLY K 12 -24.19 -65.58 26.06
N SER K 13 -24.83 -64.99 27.08
CA SER K 13 -26.30 -64.86 27.10
C SER K 13 -26.87 -63.69 26.29
N GLY K 14 -25.99 -62.84 25.75
CA GLY K 14 -26.40 -61.70 24.94
C GLY K 14 -26.45 -60.34 25.59
N LYS K 15 -25.79 -60.20 26.74
CA LYS K 15 -25.77 -58.92 27.52
C LYS K 15 -25.14 -57.74 26.79
N SER K 16 -23.95 -57.94 26.22
CA SER K 16 -23.23 -56.86 25.49
C SER K 16 -23.90 -56.45 24.19
N THR K 17 -24.49 -57.42 23.49
CA THR K 17 -25.18 -57.17 22.20
C THR K 17 -26.43 -56.31 22.45
N TRP K 18 -27.10 -56.53 23.58
CA TRP K 18 -28.30 -55.75 23.96
C TRP K 18 -27.90 -54.34 24.38
N ALA K 19 -26.93 -54.24 25.30
CA ALA K 19 -26.42 -52.96 25.84
C ALA K 19 -25.99 -51.97 24.76
N ARG K 20 -25.38 -52.48 23.70
CA ARG K 20 -24.93 -51.68 22.54
C ARG K 20 -26.14 -51.16 21.77
N GLU K 21 -27.10 -52.06 21.50
CA GLU K 21 -28.32 -51.73 20.76
C GLU K 21 -29.30 -50.86 21.53
N PHE K 22 -29.22 -50.89 22.86
CA PHE K 22 -30.11 -50.08 23.73
C PHE K 22 -29.60 -48.64 23.78
N ILE K 23 -28.30 -48.46 23.92
CA ILE K 23 -27.66 -47.12 23.97
C ILE K 23 -27.78 -46.38 22.62
N ALA K 24 -27.84 -47.14 21.52
CA ALA K 24 -27.99 -46.58 20.17
C ALA K 24 -29.40 -46.06 19.93
N LYS K 25 -30.40 -46.79 20.42
CA LYS K 25 -31.81 -46.42 20.25
C LYS K 25 -32.34 -45.48 21.34
N ASN K 26 -31.75 -45.56 22.53
CA ASN K 26 -32.16 -44.70 23.67
C ASN K 26 -31.01 -43.79 24.10
N PRO K 27 -30.97 -42.53 23.62
CA PRO K 27 -29.89 -41.59 24.00
C PRO K 27 -29.95 -41.19 25.47
N GLY K 28 -28.79 -40.94 26.05
CA GLY K 28 -28.71 -40.55 27.45
C GLY K 28 -28.27 -41.69 28.35
N PHE K 29 -28.16 -42.89 27.79
CA PHE K 29 -27.72 -44.07 28.55
C PHE K 29 -26.25 -44.37 28.30
N TYR K 30 -25.55 -44.73 29.37
CA TYR K 30 -24.10 -45.02 29.31
C TYR K 30 -23.79 -46.41 29.86
N ASN K 31 -22.71 -47.02 29.37
CA ASN K 31 -22.30 -48.37 29.79
C ASN K 31 -21.12 -48.38 30.75
N ILE K 32 -21.18 -49.27 31.74
CA ILE K 32 -20.11 -49.46 32.73
C ILE K 32 -19.92 -50.98 32.75
N ASN K 33 -18.75 -51.44 32.33
CA ASN K 33 -18.45 -52.88 32.24
C ASN K 33 -17.16 -53.27 32.96
N ARG K 34 -17.19 -54.41 33.64
CA ARG K 34 -16.03 -54.93 34.39
C ARG K 34 -14.91 -55.44 33.51
N ASP K 35 -15.25 -56.28 32.53
CA ASP K 35 -14.28 -56.87 31.59
C ASP K 35 -13.50 -55.81 30.83
N ASP K 36 -14.19 -54.72 30.49
CA ASP K 36 -13.57 -53.60 29.75
C ASP K 36 -12.52 -52.89 30.59
N TYR K 37 -12.77 -52.75 31.90
CA TYR K 37 -11.85 -52.08 32.83
C TYR K 37 -10.68 -52.98 33.19
N ARG K 38 -10.96 -54.29 33.31
CA ARG K 38 -9.95 -55.32 33.64
C ARG K 38 -8.88 -55.37 32.55
N GLN K 39 -9.33 -55.39 31.31
CA GLN K 39 -8.47 -55.43 30.12
C GLN K 39 -7.72 -54.09 29.96
N SER K 40 -8.39 -52.99 30.31
CA SER K 40 -7.83 -51.62 30.19
C SER K 40 -6.71 -51.29 31.17
N ILE K 41 -6.85 -51.69 32.43
CA ILE K 41 -5.81 -51.38 33.45
C ILE K 41 -4.54 -52.19 33.28
N MET K 42 -4.63 -53.26 32.51
CA MET K 42 -3.50 -54.14 32.25
C MET K 42 -2.97 -53.98 30.82
N ALA K 43 -3.70 -53.21 30.00
CA ALA K 43 -3.39 -52.91 28.58
C ALA K 43 -3.34 -54.16 27.69
N HIS K 44 -4.08 -55.20 28.10
CA HIS K 44 -4.15 -56.48 27.37
C HIS K 44 -4.79 -56.37 26.01
N GLU K 45 -4.23 -57.18 25.10
CA GLU K 45 -4.63 -57.28 23.70
C GLU K 45 -5.91 -58.10 23.63
N GLU K 46 -5.97 -59.17 24.41
CA GLU K 46 -7.15 -60.07 24.47
C GLU K 46 -7.45 -60.51 25.92
N ARG K 47 -8.74 -60.58 26.24
CA ARG K 47 -9.31 -60.94 27.58
C ARG K 47 -8.70 -62.15 28.33
N ASP K 48 -8.23 -63.15 27.58
CA ASP K 48 -7.64 -64.39 28.11
C ASP K 48 -6.39 -64.21 29.00
N GLU K 49 -5.56 -63.20 28.70
CA GLU K 49 -4.31 -62.95 29.46
C GLU K 49 -4.45 -62.50 30.93
N TYR K 50 -5.68 -62.21 31.37
CA TYR K 50 -5.98 -61.75 32.76
C TYR K 50 -5.87 -62.79 33.88
N LYS K 51 -5.31 -62.33 34.99
CA LYS K 51 -5.13 -63.15 36.21
C LYS K 51 -5.71 -62.35 37.36
N TYR K 52 -6.63 -62.97 38.11
CA TYR K 52 -7.30 -62.34 39.25
C TYR K 52 -6.42 -62.16 40.47
N THR K 53 -6.62 -61.06 41.17
CA THR K 53 -5.91 -60.68 42.42
C THR K 53 -6.93 -59.86 43.18
N LYS K 54 -6.88 -59.89 44.51
CA LYS K 54 -7.82 -59.11 45.34
C LYS K 54 -7.52 -57.61 45.20
N LYS K 55 -6.31 -57.29 44.74
CA LYS K 55 -5.84 -55.90 44.54
C LYS K 55 -6.45 -55.31 43.26
N LYS K 56 -6.34 -56.06 42.16
CA LYS K 56 -6.86 -55.64 40.85
C LYS K 56 -8.37 -55.49 40.82
N GLU K 57 -9.07 -56.47 41.36
CA GLU K 57 -10.55 -56.47 41.40
C GLU K 57 -11.14 -55.36 42.25
N GLY K 58 -10.33 -54.87 43.20
CA GLY K 58 -10.74 -53.78 44.08
C GLY K 58 -10.73 -52.45 43.33
N ILE K 59 -9.73 -52.28 42.47
CA ILE K 59 -9.56 -51.08 41.64
C ILE K 59 -10.70 -51.02 40.62
N VAL K 60 -11.06 -52.18 40.07
CA VAL K 60 -12.13 -52.30 39.05
C VAL K 60 -13.50 -51.98 39.65
N THR K 61 -13.71 -52.38 40.91
CA THR K 61 -14.99 -52.09 41.61
C THR K 61 -15.05 -50.58 41.84
N GLY K 62 -13.89 -50.00 42.17
CA GLY K 62 -13.76 -48.58 42.41
C GLY K 62 -14.10 -47.76 41.17
N MET K 63 -13.59 -48.21 40.02
CA MET K 63 -13.83 -47.58 38.72
C MET K 63 -15.30 -47.65 38.35
N GLN K 64 -15.96 -48.75 38.70
CA GLN K 64 -17.39 -48.94 38.40
C GLN K 64 -18.30 -47.94 39.10
N PHE K 65 -18.16 -47.85 40.43
CA PHE K 65 -18.97 -46.95 41.25
C PHE K 65 -18.64 -45.48 41.09
N ASP K 66 -17.36 -45.14 40.93
CA ASP K 66 -16.94 -43.74 40.74
C ASP K 66 -17.45 -43.17 39.42
N THR K 67 -17.48 -44.00 38.39
CA THR K 67 -17.96 -43.61 37.05
C THR K 67 -19.48 -43.51 37.07
N ALA K 68 -20.13 -44.36 37.86
CA ALA K 68 -21.60 -44.36 37.97
C ALA K 68 -22.07 -43.09 38.67
N LYS K 69 -21.35 -42.68 39.71
CA LYS K 69 -21.68 -41.46 40.47
C LYS K 69 -21.50 -40.24 39.58
N SER K 70 -20.37 -40.20 38.88
CA SER K 70 -20.02 -39.09 37.96
C SER K 70 -21.01 -38.89 36.82
N ILE K 71 -21.41 -39.98 36.16
CA ILE K 71 -22.34 -39.90 35.02
C ILE K 71 -23.75 -39.51 35.45
N LEU K 72 -24.24 -40.14 36.50
CA LEU K 72 -25.59 -39.88 37.01
C LEU K 72 -25.79 -38.51 37.68
N TYR K 73 -24.71 -37.73 37.71
CA TYR K 73 -24.71 -36.35 38.25
C TYR K 73 -24.23 -35.46 37.09
N GLY K 74 -24.96 -35.51 35.98
CA GLY K 74 -24.59 -34.73 34.81
C GLY K 74 -25.71 -34.04 34.06
N GLY K 75 -26.73 -33.58 34.79
CA GLY K 75 -27.84 -32.87 34.18
C GLY K 75 -29.04 -33.68 33.71
N ASP K 76 -29.92 -33.00 32.98
CA ASP K 76 -31.16 -33.59 32.43
C ASP K 76 -30.89 -34.48 31.21
N SER K 77 -29.69 -34.37 30.66
CA SER K 77 -29.25 -35.14 29.48
C SER K 77 -29.07 -36.64 29.75
N VAL K 78 -28.55 -36.96 30.94
CA VAL K 78 -28.31 -38.36 31.38
C VAL K 78 -29.61 -39.01 31.85
N LYS K 79 -30.00 -40.11 31.20
CA LYS K 79 -31.24 -40.84 31.55
C LYS K 79 -30.96 -42.09 32.39
N GLY K 80 -29.69 -42.46 32.53
CA GLY K 80 -29.33 -43.64 33.32
C GLY K 80 -28.07 -44.38 32.87
N VAL K 81 -27.69 -45.44 33.60
CA VAL K 81 -26.51 -46.25 33.26
C VAL K 81 -26.80 -47.76 33.23
N ILE K 82 -26.06 -48.47 32.38
CA ILE K 82 -26.19 -49.95 32.26
C ILE K 82 -24.91 -50.61 32.78
N ILE K 83 -25.06 -51.57 33.69
CA ILE K 83 -23.91 -52.32 34.23
C ILE K 83 -23.98 -53.68 33.53
N SER K 84 -23.27 -53.77 32.41
CA SER K 84 -23.23 -54.97 31.56
C SER K 84 -22.35 -56.13 32.04
N ASP K 85 -22.39 -56.38 33.35
CA ASP K 85 -21.63 -57.48 33.97
C ASP K 85 -22.56 -58.68 34.08
N THR K 86 -22.05 -59.79 34.60
CA THR K 86 -22.88 -61.00 34.77
C THR K 86 -23.85 -60.81 35.93
N ASN K 87 -23.40 -60.07 36.95
CA ASN K 87 -24.14 -59.74 38.19
C ASN K 87 -24.80 -60.96 38.82
N LEU K 88 -24.05 -62.07 38.80
CA LEU K 88 -24.54 -63.34 39.35
C LEU K 88 -24.25 -63.54 40.83
N ASN K 89 -23.38 -62.69 41.38
CA ASN K 89 -23.03 -62.74 42.81
C ASN K 89 -24.05 -61.85 43.54
N PRO K 90 -24.76 -62.40 44.56
CA PRO K 90 -25.76 -61.64 45.33
C PRO K 90 -25.23 -60.42 46.08
N GLU K 91 -23.96 -60.49 46.49
CA GLU K 91 -23.27 -59.39 47.22
C GLU K 91 -23.05 -58.16 46.33
N ARG K 92 -22.80 -58.41 45.04
CA ARG K 92 -22.58 -57.33 44.06
C ARG K 92 -23.90 -56.67 43.67
N ARG K 93 -24.98 -57.46 43.58
CA ARG K 93 -26.32 -56.93 43.24
C ARG K 93 -26.85 -56.08 44.38
N LEU K 94 -26.53 -56.48 45.60
CA LEU K 94 -26.94 -55.76 46.83
C LEU K 94 -26.19 -54.43 46.93
N ALA K 95 -24.91 -54.44 46.56
CA ALA K 95 -24.04 -53.24 46.60
C ALA K 95 -24.56 -52.13 45.68
N TRP K 96 -25.23 -52.53 44.59
CA TRP K 96 -25.82 -51.58 43.63
C TRP K 96 -27.17 -51.06 44.09
N GLU K 97 -27.84 -51.80 44.97
CA GLU K 97 -29.14 -51.38 45.51
C GLU K 97 -28.92 -50.47 46.72
N THR K 98 -27.78 -50.66 47.39
CA THR K 98 -27.36 -49.85 48.57
C THR K 98 -26.92 -48.49 48.04
N PHE K 99 -26.25 -48.52 46.88
CA PHE K 99 -25.73 -47.33 46.17
C PHE K 99 -26.86 -46.51 45.55
N ALA K 100 -27.76 -47.17 44.81
CA ALA K 100 -28.87 -46.52 44.10
C ALA K 100 -29.90 -45.81 44.96
N LYS K 101 -30.28 -46.44 46.06
CA LYS K 101 -31.27 -45.84 47.00
C LYS K 101 -30.63 -44.63 47.71
N GLU K 102 -29.30 -44.68 47.87
CA GLU K 102 -28.48 -43.64 48.54
C GLU K 102 -28.52 -42.27 47.85
N TYR K 103 -28.48 -42.25 46.53
CA TYR K 103 -28.52 -40.99 45.79
C TYR K 103 -29.82 -40.82 45.00
N GLY K 104 -30.80 -41.68 45.30
CA GLY K 104 -32.13 -41.60 44.67
C GLY K 104 -32.27 -42.01 43.22
N TRP K 105 -31.78 -43.21 42.91
CA TRP K 105 -31.83 -43.76 41.55
C TRP K 105 -32.58 -45.08 41.59
N LYS K 106 -33.38 -45.34 40.54
CA LYS K 106 -34.18 -46.57 40.44
C LYS K 106 -33.35 -47.73 39.85
N VAL K 107 -33.32 -48.87 40.54
CA VAL K 107 -32.59 -50.07 40.05
C VAL K 107 -33.57 -50.91 39.24
N GLU K 108 -33.13 -51.31 38.06
CA GLU K 108 -33.94 -52.13 37.15
C GLU K 108 -33.08 -53.36 36.82
N HIS K 109 -33.74 -54.50 36.58
CA HIS K 109 -33.02 -55.76 36.25
C HIS K 109 -33.39 -56.30 34.87
N LYS K 110 -32.38 -56.55 34.04
CA LYS K 110 -32.61 -57.10 32.70
C LYS K 110 -32.05 -58.52 32.69
N VAL K 111 -32.95 -59.49 32.78
CA VAL K 111 -32.63 -60.93 32.83
C VAL K 111 -32.45 -61.55 31.44
N PHE K 112 -31.40 -62.35 31.29
CA PHE K 112 -31.08 -63.05 30.04
C PHE K 112 -31.04 -64.55 30.29
N ASP K 113 -32.21 -65.18 30.30
CA ASP K 113 -32.32 -66.62 30.56
C ASP K 113 -32.17 -67.41 29.25
N VAL K 114 -30.97 -67.91 29.02
CA VAL K 114 -30.62 -68.71 27.83
C VAL K 114 -30.34 -70.14 28.32
N PRO K 115 -30.91 -71.18 27.64
CA PRO K 115 -30.71 -72.60 28.02
C PRO K 115 -29.24 -73.05 28.07
N TRP K 116 -28.94 -74.04 28.91
CA TRP K 116 -27.58 -74.57 29.08
C TRP K 116 -26.90 -75.01 27.78
N THR K 117 -27.56 -75.89 27.02
CA THR K 117 -27.04 -76.42 25.74
C THR K 117 -26.60 -75.33 24.76
N GLU K 118 -27.35 -74.23 24.74
CA GLU K 118 -27.10 -73.07 23.88
C GLU K 118 -25.91 -72.25 24.40
N LEU K 119 -25.78 -72.16 25.72
CA LEU K 119 -24.66 -71.43 26.36
C LEU K 119 -23.31 -72.09 26.11
N VAL K 120 -23.30 -73.43 26.13
CA VAL K 120 -22.06 -74.23 25.88
C VAL K 120 -21.68 -74.13 24.41
N LYS K 121 -22.69 -74.17 23.53
CA LYS K 121 -22.51 -74.08 22.07
C LYS K 121 -21.90 -72.72 21.71
N ARG K 122 -22.34 -71.67 22.41
CA ARG K 122 -21.82 -70.31 22.18
C ARG K 122 -20.44 -70.12 22.79
N ASN K 123 -20.18 -70.77 23.92
CA ASN K 123 -18.89 -70.64 24.61
C ASN K 123 -17.73 -71.37 23.90
N SER K 124 -18.06 -72.40 23.12
CA SER K 124 -17.05 -73.17 22.40
C SER K 124 -16.54 -72.38 21.19
N LYS K 125 -17.41 -71.51 20.67
CA LYS K 125 -17.09 -70.65 19.50
C LYS K 125 -16.70 -69.22 19.89
N ARG K 126 -16.66 -68.93 21.20
CA ARG K 126 -16.35 -67.58 21.71
C ARG K 126 -14.90 -67.13 21.58
N GLY K 127 -13.99 -68.06 21.30
CA GLY K 127 -12.60 -67.71 21.13
C GLY K 127 -11.82 -67.30 22.35
N THR K 128 -11.27 -66.09 22.29
CA THR K 128 -10.48 -65.56 23.39
C THR K 128 -11.34 -65.06 24.56
N LYS K 129 -12.64 -64.83 24.28
CA LYS K 129 -13.60 -64.39 25.29
C LYS K 129 -14.31 -65.59 25.94
N ALA K 130 -13.77 -66.79 25.67
CA ALA K 130 -14.32 -68.05 26.20
C ALA K 130 -13.90 -68.27 27.64
N VAL K 131 -14.85 -68.77 28.43
CA VAL K 131 -14.63 -69.04 29.85
C VAL K 131 -14.48 -70.55 30.07
N PRO K 132 -13.71 -71.01 31.10
CA PRO K 132 -13.56 -72.46 31.32
C PRO K 132 -14.94 -73.07 31.64
N ILE K 133 -15.21 -74.28 31.11
CA ILE K 133 -16.50 -74.94 31.31
C ILE K 133 -16.95 -75.08 32.78
N ASP K 134 -15.98 -75.15 33.70
CA ASP K 134 -16.29 -75.25 35.13
C ASP K 134 -16.82 -73.93 35.71
N VAL K 135 -16.40 -72.81 35.12
CA VAL K 135 -16.85 -71.51 35.60
C VAL K 135 -18.18 -71.16 34.93
N LEU K 136 -18.45 -71.76 33.76
CA LEU K 136 -19.73 -71.53 33.06
C LEU K 136 -20.80 -72.32 33.81
N ARG K 137 -20.38 -73.44 34.40
CA ARG K 137 -21.25 -74.33 35.18
C ARG K 137 -21.61 -73.65 36.49
N SER K 138 -20.57 -73.08 37.12
CA SER K 138 -20.67 -72.37 38.39
C SER K 138 -21.58 -71.16 38.26
N MET K 139 -21.59 -70.57 37.06
CA MET K 139 -22.42 -69.40 36.78
C MET K 139 -23.86 -69.73 36.44
N TYR K 140 -24.10 -70.89 35.82
CA TYR K 140 -25.46 -71.31 35.49
C TYR K 140 -26.17 -71.74 36.78
N LYS K 141 -25.37 -72.13 37.78
CA LYS K 141 -25.87 -72.54 39.10
C LYS K 141 -26.37 -71.28 39.81
N SER K 142 -25.62 -70.18 39.65
CA SER K 142 -25.97 -68.87 40.24
C SER K 142 -27.16 -68.24 39.53
N MET K 143 -27.37 -68.63 38.27
CA MET K 143 -28.49 -68.13 37.46
C MET K 143 -29.76 -68.83 37.91
N ARG K 144 -29.65 -70.09 38.28
CA ARG K 144 -30.79 -70.89 38.75
C ARG K 144 -31.22 -70.42 40.13
N GLU K 145 -30.24 -69.98 40.93
CA GLU K 145 -30.48 -69.46 42.31
C GLU K 145 -31.26 -68.15 42.20
N TYR K 146 -30.86 -67.30 41.25
CA TYR K 146 -31.51 -66.01 41.00
C TYR K 146 -32.94 -66.24 40.46
N LEU K 147 -33.06 -67.13 39.48
CA LEU K 147 -34.37 -67.45 38.86
C LEU K 147 -35.31 -68.18 39.81
N GLY K 148 -34.75 -68.68 40.92
CA GLY K 148 -35.52 -69.39 41.94
C GLY K 148 -35.86 -70.83 41.59
N LEU K 149 -35.18 -71.37 40.58
CA LEU K 149 -35.37 -72.76 40.11
C LEU K 149 -34.96 -73.80 41.17
N PRO K 150 -35.73 -74.90 41.31
CA PRO K 150 -35.47 -75.97 42.30
C PRO K 150 -34.20 -76.82 42.25
N VAL K 151 -33.74 -77.20 43.45
CA VAL K 151 -32.55 -78.07 43.67
C VAL K 151 -33.03 -79.18 44.61
N TYR K 152 -32.81 -80.43 44.20
CA TYR K 152 -33.19 -81.65 44.98
C TYR K 152 -32.28 -81.88 46.17
N ASN K 153 -32.88 -82.29 47.29
CA ASN K 153 -32.14 -82.54 48.53
C ASN K 153 -32.62 -83.83 49.18
N GLY K 154 -33.40 -84.61 48.43
CA GLY K 154 -33.92 -85.86 48.94
C GLY K 154 -35.43 -85.82 49.12
N THR K 155 -36.00 -86.99 49.37
CA THR K 155 -37.43 -87.17 49.60
C THR K 155 -37.54 -88.22 50.72
N PRO K 156 -37.43 -87.80 52.01
CA PRO K 156 -37.51 -88.74 53.14
C PRO K 156 -38.86 -89.47 53.28
N GLY K 157 -38.79 -90.71 53.76
CA GLY K 157 -39.98 -91.53 53.95
C GLY K 157 -40.19 -92.44 52.77
N LYS K 158 -39.35 -92.23 51.74
CA LYS K 158 -39.45 -92.98 50.50
C LYS K 158 -38.26 -93.92 50.25
N PRO K 159 -38.45 -95.05 49.50
CA PRO K 159 -37.36 -96.00 49.22
C PRO K 159 -36.19 -95.46 48.41
N LYS K 160 -34.97 -95.88 48.76
CA LYS K 160 -33.75 -95.44 48.04
C LYS K 160 -33.70 -95.99 46.62
N ALA K 161 -33.35 -95.15 45.65
CA ALA K 161 -33.31 -95.56 44.23
C ALA K 161 -32.14 -95.03 43.41
N VAL K 162 -31.94 -95.68 42.25
CA VAL K 162 -30.88 -95.30 41.29
C VAL K 162 -31.57 -95.20 39.92
N ILE K 163 -31.34 -94.09 39.22
CA ILE K 163 -31.93 -93.86 37.90
C ILE K 163 -30.99 -94.33 36.80
N PHE K 164 -31.53 -95.13 35.88
CA PHE K 164 -30.76 -95.66 34.73
C PHE K 164 -31.38 -95.12 33.45
N ASP K 165 -30.55 -94.89 32.45
CA ASP K 165 -31.02 -94.37 31.16
C ASP K 165 -30.87 -95.47 30.10
N VAL K 166 -31.65 -95.39 29.03
CA VAL K 166 -31.58 -96.40 27.94
C VAL K 166 -30.76 -95.89 26.75
N ASP K 167 -30.67 -94.55 26.62
CA ASP K 167 -29.93 -93.83 25.53
C ASP K 167 -28.65 -94.54 25.05
N GLY K 168 -27.52 -94.25 25.70
CA GLY K 168 -26.26 -94.88 25.35
C GLY K 168 -25.69 -95.52 26.59
N THR K 169 -26.54 -95.63 27.61
CA THR K 169 -26.20 -96.20 28.93
C THR K 169 -26.40 -97.72 29.01
N LEU K 170 -27.66 -98.18 29.01
CA LEU K 170 -27.97 -99.63 29.06
C LEU K 170 -27.89 -100.31 27.68
N ALA K 171 -28.01 -99.52 26.62
CA ALA K 171 -27.93 -100.00 25.21
C ALA K 171 -26.79 -99.32 24.45
N LYS K 172 -26.00 -100.09 23.71
CA LYS K 172 -24.86 -99.54 22.91
C LYS K 172 -25.36 -98.68 21.73
N MET K 173 -24.62 -97.63 21.37
CA MET K 173 -25.00 -96.75 20.25
C MET K 173 -24.23 -96.98 18.96
N ASN K 174 -24.81 -96.52 17.85
CA ASN K 174 -24.23 -96.65 16.50
C ASN K 174 -23.69 -95.32 15.96
N LYS K 183 -36.19 -102.05 16.39
CA LYS K 183 -35.81 -103.47 16.51
C LYS K 183 -34.33 -103.61 16.87
N CYS K 184 -34.06 -104.09 18.09
CA CYS K 184 -32.68 -104.29 18.62
C CYS K 184 -32.23 -105.76 18.57
N ASP K 185 -31.42 -106.19 19.53
CA ASP K 185 -30.91 -107.59 19.60
C ASP K 185 -30.56 -107.98 21.06
N THR K 186 -29.66 -108.96 21.22
CA THR K 186 -29.22 -109.45 22.54
C THR K 186 -27.75 -109.04 22.75
N ASP K 187 -27.07 -108.70 21.65
CA ASP K 187 -25.66 -108.28 21.66
C ASP K 187 -25.50 -106.74 21.75
N VAL K 188 -26.63 -106.04 21.89
CA VAL K 188 -26.67 -104.57 21.99
C VAL K 188 -26.67 -104.08 23.46
N ILE K 189 -26.64 -105.03 24.39
CA ILE K 189 -26.61 -104.71 25.84
C ILE K 189 -25.20 -104.26 26.24
N ASN K 190 -25.11 -103.24 27.10
CA ASN K 190 -23.82 -102.72 27.61
C ASN K 190 -23.58 -103.58 28.86
N PRO K 191 -22.69 -104.60 28.76
CA PRO K 191 -22.38 -105.52 29.87
C PRO K 191 -22.19 -104.96 31.28
N MET K 192 -21.18 -104.11 31.48
CA MET K 192 -20.86 -103.53 32.81
C MET K 192 -21.95 -102.68 33.44
N VAL K 193 -22.73 -101.98 32.61
CA VAL K 193 -23.83 -101.11 33.09
C VAL K 193 -25.05 -101.93 33.47
N VAL K 194 -25.38 -102.94 32.67
CA VAL K 194 -26.55 -103.82 32.96
C VAL K 194 -26.25 -104.67 34.20
N GLU K 195 -24.97 -105.02 34.39
CA GLU K 195 -24.53 -105.81 35.55
C GLU K 195 -24.68 -104.96 36.81
N LEU K 196 -24.50 -103.64 36.66
CA LEU K 196 -24.64 -102.69 37.76
C LEU K 196 -26.08 -102.56 38.24
N SER K 197 -27.06 -102.62 37.31
CA SER K 197 -28.49 -102.51 37.66
C SER K 197 -28.98 -103.70 38.46
N LYS K 198 -28.48 -104.88 38.07
CA LYS K 198 -28.79 -106.16 38.71
C LYS K 198 -28.18 -106.18 40.10
N MET K 199 -27.03 -105.53 40.24
CA MET K 199 -26.32 -105.48 41.51
C MET K 199 -26.90 -104.46 42.49
N TYR K 200 -27.23 -103.27 42.00
CA TYR K 200 -27.83 -102.19 42.81
C TYR K 200 -29.20 -102.57 43.34
N ALA K 201 -29.96 -103.32 42.55
CA ALA K 201 -31.32 -103.79 42.92
C ALA K 201 -31.26 -104.71 44.12
N LEU K 202 -30.38 -105.70 44.04
CA LEU K 202 -30.19 -106.72 45.08
C LEU K 202 -29.08 -106.25 46.06
N MET K 203 -29.21 -104.99 46.48
CA MET K 203 -28.30 -104.31 47.42
C MET K 203 -29.16 -103.35 48.27
N GLY K 204 -30.46 -103.33 47.99
CA GLY K 204 -31.39 -102.49 48.72
C GLY K 204 -32.04 -101.34 47.96
N TYR K 205 -31.61 -101.12 46.72
CA TYR K 205 -32.16 -100.02 45.89
C TYR K 205 -33.27 -100.44 44.95
N GLN K 206 -33.95 -99.44 44.39
CA GLN K 206 -35.04 -99.63 43.42
C GLN K 206 -34.44 -99.14 42.11
N ILE K 207 -34.74 -99.80 40.99
CA ILE K 207 -34.20 -99.38 39.69
C ILE K 207 -35.28 -98.66 38.89
N VAL K 208 -35.05 -97.37 38.63
CA VAL K 208 -35.98 -96.54 37.86
C VAL K 208 -35.32 -96.32 36.51
N VAL K 209 -35.97 -96.78 35.45
CA VAL K 209 -35.44 -96.63 34.09
C VAL K 209 -36.12 -95.46 33.39
N VAL K 210 -35.32 -94.65 32.69
CA VAL K 210 -35.83 -93.48 31.95
C VAL K 210 -35.30 -93.47 30.51
N SER K 211 -36.05 -92.87 29.59
CA SER K 211 -35.65 -92.79 28.16
C SER K 211 -36.13 -91.48 27.53
N GLY K 212 -35.43 -91.04 26.49
CA GLY K 212 -35.79 -89.81 25.81
C GLY K 212 -36.34 -90.04 24.43
N ARG K 213 -37.01 -91.17 24.22
CA ARG K 213 -37.60 -91.49 22.91
C ARG K 213 -39.11 -91.59 22.95
N GLU K 214 -39.73 -91.23 21.83
CA GLU K 214 -41.20 -91.24 21.61
C GLU K 214 -41.93 -92.51 21.99
N SER K 215 -43.15 -92.37 22.50
CA SER K 215 -43.99 -93.52 22.89
C SER K 215 -44.95 -93.90 21.75
N PRO K 221 -49.85 -94.54 17.89
CA PRO K 221 -49.42 -93.41 18.70
C PRO K 221 -48.70 -93.72 20.03
N THR K 222 -49.10 -94.80 20.71
CA THR K 222 -48.49 -95.21 22.03
C THR K 222 -47.87 -96.62 22.12
N LYS K 223 -47.49 -97.19 20.97
CA LYS K 223 -46.90 -98.56 20.88
C LYS K 223 -45.38 -98.73 21.09
N TYR K 224 -44.59 -97.67 20.88
CA TYR K 224 -43.11 -97.72 21.06
C TYR K 224 -42.66 -97.88 22.51
N TYR K 225 -43.56 -97.62 23.46
CA TYR K 225 -43.28 -97.73 24.90
C TYR K 225 -42.93 -99.16 25.31
N ARG K 226 -43.79 -100.12 24.96
CA ARG K 226 -43.59 -101.55 25.29
C ARG K 226 -42.52 -102.25 24.45
N MET K 227 -42.02 -101.58 23.42
CA MET K 227 -40.94 -102.13 22.54
C MET K 227 -39.62 -101.93 23.28
N THR K 228 -39.58 -100.90 24.13
CA THR K 228 -38.39 -100.56 24.94
C THR K 228 -38.43 -101.32 26.26
N ARG K 229 -39.61 -101.43 26.88
CA ARG K 229 -39.75 -102.15 28.17
C ARG K 229 -39.55 -103.66 28.03
N LYS K 230 -39.92 -104.22 26.88
CA LYS K 230 -39.76 -105.66 26.60
C LYS K 230 -38.28 -106.00 26.41
N TRP K 231 -37.47 -104.97 26.15
CA TRP K 231 -36.03 -105.14 25.98
C TRP K 231 -35.36 -105.04 27.35
N VAL K 232 -35.67 -103.96 28.08
CA VAL K 232 -35.10 -103.67 29.42
C VAL K 232 -35.42 -104.77 30.44
N GLU K 233 -36.67 -105.25 30.44
CA GLU K 233 -37.12 -106.29 31.38
C GLU K 233 -36.76 -107.73 30.99
N ASP K 234 -37.04 -108.11 29.74
CA ASP K 234 -36.79 -109.49 29.26
C ASP K 234 -35.42 -109.80 28.65
N ILE K 235 -35.00 -109.04 27.65
CA ILE K 235 -33.70 -109.26 26.95
C ILE K 235 -32.47 -108.80 27.75
N ALA K 236 -32.58 -107.67 28.46
CA ALA K 236 -31.46 -107.13 29.27
C ALA K 236 -31.41 -107.75 30.66
N GLY K 237 -32.59 -107.94 31.26
CA GLY K 237 -32.68 -108.53 32.59
C GLY K 237 -32.57 -107.55 33.74
N VAL K 238 -32.91 -106.28 33.48
CA VAL K 238 -32.88 -105.20 34.50
C VAL K 238 -34.13 -105.32 35.40
N PRO K 239 -33.93 -105.44 36.74
CA PRO K 239 -35.06 -105.54 37.68
C PRO K 239 -35.69 -104.20 38.00
N LEU K 240 -36.38 -103.61 37.02
CA LEU K 240 -37.03 -102.29 37.18
C LEU K 240 -38.33 -102.32 37.95
N VAL K 241 -38.62 -101.21 38.62
CA VAL K 241 -39.85 -101.05 39.40
C VAL K 241 -40.74 -100.04 38.67
N MET K 242 -40.13 -99.24 37.80
CA MET K 242 -40.84 -98.19 37.05
C MET K 242 -40.05 -97.74 35.83
N GLN K 243 -40.78 -97.41 34.76
CA GLN K 243 -40.18 -96.90 33.51
C GLN K 243 -41.05 -95.80 32.93
N CYS K 244 -40.58 -94.55 33.06
CA CYS K 244 -41.29 -93.39 32.49
C CYS K 244 -40.41 -92.78 31.42
N GLN K 245 -40.99 -92.52 30.25
CA GLN K 245 -40.26 -91.90 29.12
C GLN K 245 -41.05 -90.79 28.42
N ARG K 246 -40.52 -90.25 27.31
CA ARG K 246 -41.15 -89.15 26.51
C ARG K 246 -42.57 -89.43 25.96
N GLU K 247 -43.42 -88.40 25.94
CA GLU K 247 -44.82 -88.46 25.48
C GLU K 247 -45.06 -88.48 23.96
N GLN K 248 -46.32 -88.30 23.55
CA GLN K 248 -46.76 -88.32 22.12
C GLN K 248 -46.31 -87.12 21.27
N GLY K 249 -46.86 -85.94 21.55
CA GLY K 249 -46.52 -84.73 20.80
C GLY K 249 -45.57 -83.79 21.52
N ASP K 250 -44.55 -84.37 22.15
CA ASP K 250 -43.52 -83.61 22.88
C ASP K 250 -42.26 -83.55 22.00
N THR K 251 -41.98 -82.37 21.46
CA THR K 251 -40.81 -82.17 20.58
C THR K 251 -39.71 -81.31 21.19
N ARG K 252 -39.58 -81.36 22.52
CA ARG K 252 -38.55 -80.59 23.27
C ARG K 252 -37.17 -81.26 23.29
N LYS K 253 -36.26 -80.74 24.11
CA LYS K 253 -34.90 -81.28 24.24
C LYS K 253 -34.85 -82.36 25.33
N ASP K 254 -33.88 -83.29 25.23
CA ASP K 254 -33.66 -84.40 26.22
C ASP K 254 -33.38 -83.84 27.62
N ASP K 255 -32.85 -82.63 27.61
CA ASP K 255 -32.46 -81.82 28.77
C ASP K 255 -33.65 -81.54 29.71
N VAL K 256 -34.67 -80.84 29.19
CA VAL K 256 -35.88 -80.46 29.95
C VAL K 256 -36.93 -81.56 30.17
N VAL K 257 -37.02 -82.51 29.25
CA VAL K 257 -37.99 -83.63 29.35
C VAL K 257 -37.64 -84.51 30.54
N LYS K 258 -36.38 -84.89 30.68
CA LYS K 258 -35.92 -85.73 31.79
C LYS K 258 -35.95 -85.04 33.15
N GLU K 259 -35.88 -83.70 33.17
CA GLU K 259 -35.96 -82.95 34.44
C GLU K 259 -37.42 -82.94 34.90
N GLU K 260 -38.34 -82.83 33.95
CA GLU K 260 -39.78 -82.82 34.23
C GLU K 260 -40.22 -84.20 34.70
N ILE K 261 -39.67 -85.24 34.08
CA ILE K 261 -39.97 -86.66 34.43
C ILE K 261 -39.47 -86.93 35.85
N PHE K 262 -38.40 -86.24 36.23
CA PHE K 262 -37.83 -86.39 37.57
C PHE K 262 -38.72 -85.78 38.64
N TRP K 263 -39.06 -84.50 38.49
CA TRP K 263 -39.89 -83.78 39.47
C TRP K 263 -41.33 -84.24 39.61
N LYS K 264 -41.92 -84.72 38.52
CA LYS K 264 -43.32 -85.19 38.53
C LYS K 264 -43.56 -86.64 38.92
N HIS K 265 -42.78 -87.55 38.34
CA HIS K 265 -42.95 -89.00 38.60
C HIS K 265 -41.93 -89.68 39.51
N ILE K 266 -40.66 -89.26 39.46
CA ILE K 266 -39.61 -89.91 40.26
C ILE K 266 -39.36 -89.33 41.66
N ALA K 267 -39.06 -88.03 41.74
CA ALA K 267 -38.77 -87.35 43.02
C ALA K 267 -39.78 -87.47 44.17
N PRO K 268 -41.11 -87.35 43.92
CA PRO K 268 -42.02 -87.51 45.06
C PRO K 268 -42.25 -88.94 45.57
N HIS K 269 -41.88 -89.94 44.76
CA HIS K 269 -42.06 -91.38 45.11
C HIS K 269 -40.80 -92.12 45.56
N PHE K 270 -39.62 -91.64 45.15
CA PHE K 270 -38.32 -92.29 45.51
C PHE K 270 -37.27 -91.33 46.07
N ASP K 271 -36.30 -91.88 46.80
CA ASP K 271 -35.18 -91.11 47.38
C ASP K 271 -33.97 -91.42 46.48
N VAL K 272 -33.87 -90.65 45.39
CA VAL K 272 -32.79 -90.83 44.40
C VAL K 272 -31.39 -90.47 44.92
N LYS K 273 -30.54 -91.48 44.99
CA LYS K 273 -29.15 -91.35 45.46
C LYS K 273 -28.17 -91.24 44.31
N LEU K 274 -28.56 -91.74 43.13
CA LEU K 274 -27.67 -91.75 41.94
C LEU K 274 -28.40 -91.83 40.59
N ALA K 275 -27.72 -91.36 39.55
CA ALA K 275 -28.24 -91.40 38.18
C ALA K 275 -27.11 -91.85 37.26
N ILE K 276 -27.37 -92.91 36.50
CA ILE K 276 -26.38 -93.46 35.54
C ILE K 276 -26.84 -93.02 34.15
N ASP K 277 -26.09 -92.10 33.54
CA ASP K 277 -26.44 -91.58 32.20
C ASP K 277 -25.25 -91.54 31.24
N ASP K 278 -25.54 -91.17 30.00
CA ASP K 278 -24.53 -91.10 28.94
C ASP K 278 -24.38 -89.71 28.31
N ARG K 279 -25.48 -89.18 27.76
CA ARG K 279 -25.48 -87.87 27.08
C ARG K 279 -25.07 -86.70 27.98
N THR K 280 -24.00 -86.00 27.58
CA THR K 280 -23.42 -84.85 28.33
C THR K 280 -24.42 -83.84 28.85
N GLN K 281 -25.33 -83.37 28.00
CA GLN K 281 -26.35 -82.38 28.44
C GLN K 281 -27.26 -82.88 29.56
N VAL K 282 -27.56 -84.18 29.55
CA VAL K 282 -28.42 -84.80 30.58
C VAL K 282 -27.60 -85.03 31.85
N VAL K 283 -26.33 -85.40 31.69
CA VAL K 283 -25.40 -85.62 32.83
C VAL K 283 -25.20 -84.31 33.58
N GLU K 284 -25.08 -83.22 32.82
CA GLU K 284 -24.90 -81.85 33.36
C GLU K 284 -26.14 -81.43 34.12
N MET K 285 -27.30 -81.88 33.65
CA MET K 285 -28.60 -81.57 34.25
C MET K 285 -28.79 -82.22 35.60
N TRP K 286 -28.53 -83.52 35.71
CA TRP K 286 -28.69 -84.21 37.00
C TRP K 286 -27.76 -83.62 38.04
N ARG K 287 -26.51 -83.35 37.65
CA ARG K 287 -25.49 -82.81 38.56
C ARG K 287 -25.78 -81.44 39.14
N ARG K 288 -26.36 -80.55 38.34
CA ARG K 288 -26.67 -79.18 38.80
C ARG K 288 -27.94 -79.11 39.67
N ILE K 289 -28.83 -80.09 39.52
CA ILE K 289 -30.06 -80.11 40.33
C ILE K 289 -29.91 -80.94 41.62
N GLY K 290 -28.69 -81.39 41.91
CA GLY K 290 -28.45 -82.14 43.14
C GLY K 290 -28.26 -83.65 43.07
N VAL K 291 -28.66 -84.28 41.96
CA VAL K 291 -28.51 -85.75 41.78
C VAL K 291 -27.09 -86.07 41.28
N GLU K 292 -26.47 -87.08 41.86
CA GLU K 292 -25.11 -87.47 41.48
C GLU K 292 -25.07 -88.34 40.20
N CYS K 293 -24.19 -87.99 39.26
CA CYS K 293 -23.99 -88.78 38.01
C CYS K 293 -22.70 -89.41 37.73
N TRP K 294 -22.85 -90.56 37.09
CA TRP K 294 -21.75 -91.36 36.64
C TRP K 294 -21.99 -91.42 35.14
N GLN K 295 -21.15 -90.73 34.38
CA GLN K 295 -21.26 -90.72 32.92
C GLN K 295 -20.49 -91.92 32.41
N VAL K 296 -21.23 -92.87 31.84
CA VAL K 296 -20.67 -94.14 31.34
C VAL K 296 -19.87 -94.16 30.04
N ALA K 297 -20.03 -93.14 29.21
CA ALA K 297 -19.29 -93.06 27.92
C ALA K 297 -19.22 -91.62 27.45
N SER K 298 -18.51 -91.41 26.34
CA SER K 298 -18.40 -90.06 25.73
C SER K 298 -19.77 -89.79 25.10
N GLY K 299 -20.53 -88.86 25.69
CA GLY K 299 -21.86 -88.56 25.18
C GLY K 299 -22.06 -87.15 24.68
N ASP K 300 -21.22 -86.73 23.73
CA ASP K 300 -21.32 -85.37 23.19
C ASP K 300 -22.15 -85.28 21.91
N PHE K 301 -23.47 -85.25 22.11
CA PHE K 301 -24.49 -85.17 21.03
N MET L 1 9.55 -42.66 45.20
CA MET L 1 8.09 -42.44 45.09
C MET L 1 7.48 -43.15 43.87
N LYS L 2 6.19 -42.91 43.61
CA LYS L 2 5.48 -43.53 42.46
C LYS L 2 5.48 -42.63 41.23
N LYS L 3 5.58 -43.23 40.04
CA LYS L 3 5.64 -42.48 38.76
C LYS L 3 4.35 -42.44 37.94
N ILE L 4 4.22 -41.40 37.09
CA ILE L 4 3.07 -41.19 36.18
C ILE L 4 3.73 -41.02 34.79
N ILE L 5 3.81 -42.12 34.05
CA ILE L 5 4.43 -42.11 32.70
C ILE L 5 3.43 -41.71 31.60
N LEU L 6 3.75 -40.63 30.90
CA LEU L 6 2.91 -40.15 29.80
C LEU L 6 3.58 -40.53 28.48
N THR L 7 2.86 -41.21 27.61
CA THR L 7 3.39 -41.60 26.30
C THR L 7 3.07 -40.47 25.33
N ILE L 8 4.09 -39.97 24.64
CA ILE L 8 3.90 -38.89 23.64
C ILE L 8 4.18 -39.45 22.26
N GLY L 9 3.16 -39.41 21.41
CA GLY L 9 3.29 -39.92 20.05
C GLY L 9 1.98 -40.00 19.29
N CYS L 10 2.07 -39.84 17.98
CA CYS L 10 0.91 -39.88 17.06
C CYS L 10 0.30 -41.30 17.00
N PRO L 11 -0.98 -41.44 16.60
CA PRO L 11 -1.55 -42.79 16.54
C PRO L 11 -0.82 -43.67 15.50
N GLY L 12 -0.27 -44.78 16.00
CA GLY L 12 0.47 -45.70 15.16
C GLY L 12 1.96 -45.64 15.45
N SER L 13 2.36 -44.86 16.46
CA SER L 13 3.77 -44.72 16.83
C SER L 13 4.32 -45.83 17.74
N GLY L 14 3.45 -46.73 18.18
CA GLY L 14 3.85 -47.85 19.02
C GLY L 14 3.63 -47.75 20.51
N LYS L 15 2.78 -46.80 20.93
CA LYS L 15 2.46 -46.55 22.37
C LYS L 15 1.84 -47.72 23.11
N SER L 16 0.77 -48.30 22.55
CA SER L 16 0.06 -49.44 23.18
C SER L 16 0.89 -50.70 23.22
N THR L 17 1.68 -50.94 22.18
CA THR L 17 2.56 -52.15 22.09
C THR L 17 3.63 -52.08 23.17
N TRP L 18 4.13 -50.89 23.47
CA TRP L 18 5.14 -50.70 24.51
C TRP L 18 4.51 -50.86 25.90
N ALA L 19 3.40 -50.15 26.13
CA ALA L 19 2.66 -50.17 27.42
C ALA L 19 2.31 -51.59 27.89
N ARG L 20 1.93 -52.45 26.96
CA ARG L 20 1.57 -53.85 27.23
C ARG L 20 2.83 -54.63 27.65
N GLU L 21 3.91 -54.44 26.89
CA GLU L 21 5.20 -55.13 27.15
C GLU L 21 5.93 -54.61 28.39
N PHE L 22 5.63 -53.37 28.80
CA PHE L 22 6.27 -52.77 29.99
C PHE L 22 5.59 -53.30 31.26
N ILE L 23 4.26 -53.39 31.24
CA ILE L 23 3.48 -53.89 32.39
C ILE L 23 3.74 -55.39 32.63
N ALA L 24 4.07 -56.11 31.56
CA ALA L 24 4.37 -57.56 31.66
C ALA L 24 5.75 -57.81 32.29
N LYS L 25 6.74 -57.00 31.93
CA LYS L 25 8.12 -57.12 32.48
C LYS L 25 8.33 -56.39 33.80
N ASN L 26 7.54 -55.35 34.05
CA ASN L 26 7.65 -54.54 35.29
C ASN L 26 6.34 -54.59 36.10
N PRO L 27 6.23 -55.50 37.09
CA PRO L 27 5.01 -55.61 37.91
C PRO L 27 4.78 -54.37 38.79
N GLY L 28 3.51 -54.06 39.03
CA GLY L 28 3.16 -52.90 39.85
C GLY L 28 2.72 -51.71 39.01
N PHE L 29 2.85 -51.81 37.70
CA PHE L 29 2.44 -50.73 36.78
C PHE L 29 1.08 -51.00 36.18
N TYR L 30 0.25 -49.96 36.10
CA TYR L 30 -1.11 -50.07 35.56
C TYR L 30 -1.35 -49.10 34.41
N ASN L 31 -2.26 -49.45 33.50
CA ASN L 31 -2.57 -48.62 32.32
C ASN L 31 -3.88 -47.86 32.43
N ILE L 32 -3.87 -46.62 31.96
CA ILE L 32 -5.05 -45.74 31.93
C ILE L 32 -5.06 -45.19 30.50
N ASN L 33 -6.08 -45.55 29.74
CA ASN L 33 -6.19 -45.15 28.33
C ASN L 33 -7.52 -44.48 28.00
N ARG L 34 -7.46 -43.43 27.18
CA ARG L 34 -8.66 -42.69 26.76
C ARG L 34 -9.54 -43.43 25.79
N ASP L 35 -8.95 -44.00 24.75
CA ASP L 35 -9.68 -44.75 23.70
C ASP L 35 -10.44 -45.94 24.28
N ASP L 36 -9.86 -46.57 25.31
CA ASP L 36 -10.48 -47.72 26.00
C ASP L 36 -11.74 -47.33 26.76
N TYR L 37 -11.71 -46.16 27.39
CA TYR L 37 -12.86 -45.64 28.15
C TYR L 37 -13.94 -45.10 27.22
N ARG L 38 -13.53 -44.47 26.12
CA ARG L 38 -14.45 -43.90 25.10
C ARG L 38 -15.31 -45.00 24.49
N GLN L 39 -14.67 -46.12 24.16
CA GLN L 39 -15.33 -47.29 23.56
C GLN L 39 -16.14 -48.06 24.61
N SER L 40 -15.72 -47.98 25.88
CA SER L 40 -16.40 -48.66 26.99
C SER L 40 -17.70 -48.01 27.43
N ILE L 41 -17.72 -46.67 27.53
CA ILE L 41 -18.93 -45.94 27.99
C ILE L 41 -20.07 -45.95 26.97
N MET L 42 -19.71 -46.27 25.73
CA MET L 42 -20.68 -46.32 24.63
C MET L 42 -20.99 -47.75 24.20
N ALA L 43 -20.23 -48.70 24.75
CA ALA L 43 -20.35 -50.15 24.48
C ALA L 43 -20.10 -50.54 23.03
N HIS L 44 -19.32 -49.72 22.32
CA HIS L 44 -18.97 -49.94 20.90
C HIS L 44 -18.05 -51.14 20.66
N GLU L 45 -18.05 -51.64 19.43
CA GLU L 45 -17.20 -52.78 19.05
C GLU L 45 -15.91 -52.26 18.41
N GLU L 46 -16.01 -51.07 17.80
CA GLU L 46 -14.89 -50.41 17.10
C GLU L 46 -14.68 -48.95 17.52
N ARG L 47 -13.46 -48.43 17.33
CA ARG L 47 -13.10 -47.03 17.68
C ARG L 47 -13.68 -45.99 16.72
N ASP L 48 -13.88 -46.40 15.47
CA ASP L 48 -14.41 -45.53 14.37
C ASP L 48 -15.87 -45.07 14.54
N GLU L 49 -16.65 -45.85 15.28
CA GLU L 49 -18.08 -45.55 15.51
C GLU L 49 -18.35 -44.44 16.51
N TYR L 50 -17.31 -44.03 17.26
CA TYR L 50 -17.41 -42.98 18.30
C TYR L 50 -17.56 -41.54 17.80
N LYS L 51 -18.71 -40.95 18.12
CA LYS L 51 -19.02 -39.56 17.77
C LYS L 51 -18.70 -38.71 19.01
N TYR L 52 -17.77 -37.77 18.85
CA TYR L 52 -17.31 -36.88 19.95
C TYR L 52 -18.32 -35.82 20.40
N THR L 53 -18.18 -35.42 21.66
CA THR L 53 -19.00 -34.40 22.34
C THR L 53 -18.10 -34.02 23.51
N LYS L 54 -18.21 -32.79 24.05
CA LYS L 54 -17.36 -32.43 25.20
C LYS L 54 -17.98 -32.95 26.51
N LYS L 55 -19.20 -33.47 26.39
CA LYS L 55 -19.90 -34.06 27.54
C LYS L 55 -19.29 -35.44 27.78
N LYS L 56 -19.13 -36.22 26.69
CA LYS L 56 -18.54 -37.58 26.75
C LYS L 56 -17.05 -37.50 27.05
N GLU L 57 -16.40 -36.44 26.56
CA GLU L 57 -14.96 -36.24 26.78
C GLU L 57 -14.68 -35.78 28.20
N GLY L 58 -15.68 -35.18 28.84
CA GLY L 58 -15.56 -34.70 30.21
C GLY L 58 -15.60 -35.86 31.18
N ILE L 59 -16.46 -36.83 30.88
CA ILE L 59 -16.62 -38.06 31.69
C ILE L 59 -15.35 -38.91 31.58
N VAL L 60 -14.77 -38.97 30.38
CA VAL L 60 -13.55 -39.74 30.11
C VAL L 60 -12.35 -39.15 30.86
N THR L 61 -12.29 -37.82 30.94
CA THR L 61 -11.18 -37.13 31.66
C THR L 61 -11.35 -37.44 33.14
N GLY L 62 -12.61 -37.48 33.59
CA GLY L 62 -12.94 -37.78 34.97
C GLY L 62 -12.50 -39.18 35.35
N MET L 63 -12.78 -40.14 34.46
CA MET L 63 -12.40 -41.55 34.66
C MET L 63 -10.89 -41.71 34.72
N GLN L 64 -10.16 -40.91 33.94
CA GLN L 64 -8.69 -40.97 33.90
C GLN L 64 -8.04 -40.58 35.22
N PHE L 65 -8.41 -39.42 35.72
CA PHE L 65 -7.86 -38.88 36.96
C PHE L 65 -8.32 -39.60 38.22
N ASP L 66 -9.59 -40.03 38.25
CA ASP L 66 -10.14 -40.73 39.42
C ASP L 66 -9.49 -42.11 39.58
N THR L 67 -9.22 -42.77 38.46
CA THR L 67 -8.57 -44.09 38.45
C THR L 67 -7.10 -43.95 38.81
N ALA L 68 -6.48 -42.85 38.38
CA ALA L 68 -5.05 -42.57 38.68
C ALA L 68 -4.85 -42.32 40.17
N LYS L 69 -5.78 -41.59 40.79
CA LYS L 69 -5.72 -41.28 42.22
C LYS L 69 -5.90 -42.57 43.02
N SER L 70 -6.90 -43.37 42.64
CA SER L 70 -7.23 -44.65 43.30
C SER L 70 -6.10 -45.68 43.27
N ILE L 71 -5.48 -45.87 42.11
CA ILE L 71 -4.38 -46.85 41.95
C ILE L 71 -3.12 -46.42 42.70
N LEU L 72 -2.74 -45.17 42.55
CA LEU L 72 -1.53 -44.64 43.20
C LEU L 72 -1.62 -44.43 44.72
N TYR L 73 -2.84 -44.53 45.25
CA TYR L 73 -3.12 -44.41 46.69
C TYR L 73 -3.37 -45.84 47.19
N GLY L 74 -2.73 -46.81 46.53
CA GLY L 74 -2.91 -48.20 46.87
C GLY L 74 -1.75 -48.96 47.48
N GLY L 75 -0.97 -48.28 48.32
CA GLY L 75 0.15 -48.91 49.00
C GLY L 75 1.48 -49.00 48.27
N ASP L 76 2.44 -49.63 48.93
CA ASP L 76 3.82 -49.80 48.42
C ASP L 76 4.03 -50.80 47.28
N SER L 77 3.02 -51.63 46.99
CA SER L 77 3.12 -52.64 45.90
C SER L 77 3.02 -52.01 44.51
N VAL L 78 2.40 -50.83 44.46
CA VAL L 78 2.22 -50.04 43.22
C VAL L 78 3.46 -49.18 42.94
N LYS L 79 4.03 -49.37 41.76
CA LYS L 79 5.25 -48.64 41.32
C LYS L 79 4.90 -47.41 40.47
N GLY L 80 3.68 -47.38 39.92
CA GLY L 80 3.22 -46.27 39.09
C GLY L 80 2.12 -46.56 38.06
N VAL L 81 1.77 -45.55 37.26
CA VAL L 81 0.75 -45.71 36.18
C VAL L 81 1.22 -45.17 34.82
N ILE L 82 0.72 -45.77 33.73
CA ILE L 82 1.05 -45.32 32.36
C ILE L 82 -0.22 -44.76 31.71
N ILE L 83 -0.10 -43.56 31.16
CA ILE L 83 -1.22 -42.92 30.45
C ILE L 83 -0.88 -43.07 28.96
N SER L 84 -1.37 -44.15 28.37
CA SER L 84 -1.13 -44.50 26.97
C SER L 84 -1.93 -43.73 25.92
N ASP L 85 -2.08 -42.43 26.15
CA ASP L 85 -2.80 -41.54 25.21
C ASP L 85 -1.76 -40.89 24.28
N THR L 86 -2.22 -40.06 23.35
CA THR L 86 -1.29 -39.39 22.43
C THR L 86 -0.55 -38.28 23.16
N ASN L 87 -1.26 -37.65 24.11
CA ASN L 87 -0.75 -36.54 24.96
C ASN L 87 -0.06 -35.44 24.16
N LEU L 88 -0.65 -35.13 23.02
CA LEU L 88 -0.11 -34.11 22.11
C LEU L 88 -0.61 -32.71 22.38
N ASN L 89 -1.66 -32.60 23.18
CA ASN L 89 -2.24 -31.29 23.58
C ASN L 89 -1.47 -30.82 24.83
N PRO L 90 -0.86 -29.60 24.78
CA PRO L 90 -0.11 -29.05 25.91
C PRO L 90 -0.89 -28.86 27.20
N GLU L 91 -2.20 -28.61 27.08
CA GLU L 91 -3.10 -28.40 28.23
C GLU L 91 -3.33 -29.69 29.01
N ARG L 92 -3.34 -30.83 28.31
CA ARG L 92 -3.51 -32.14 28.95
C ARG L 92 -2.25 -32.60 29.64
N ARG L 93 -1.09 -32.28 29.06
CA ARG L 93 0.23 -32.64 29.65
C ARG L 93 0.46 -31.83 30.92
N LEU L 94 -0.02 -30.59 30.92
CA LEU L 94 0.11 -29.67 32.06
C LEU L 94 -0.80 -30.14 33.20
N ALA L 95 -2.00 -30.62 32.84
CA ALA L 95 -3.01 -31.12 33.82
C ALA L 95 -2.47 -32.31 34.62
N TRP L 96 -1.60 -33.10 34.00
CA TRP L 96 -0.97 -34.28 34.66
C TRP L 96 0.22 -33.89 35.52
N GLU L 97 0.81 -32.73 35.25
CA GLU L 97 1.96 -32.23 36.04
C GLU L 97 1.43 -31.47 37.26
N THR L 98 0.23 -30.89 37.12
CA THR L 98 -0.47 -30.14 38.19
C THR L 98 -0.97 -31.18 39.21
N PHE L 99 -1.46 -32.30 38.69
CA PHE L 99 -1.99 -33.44 39.45
C PHE L 99 -0.88 -34.18 40.19
N ALA L 100 0.21 -34.51 39.50
CA ALA L 100 1.37 -35.25 40.07
C ALA L 100 2.10 -34.54 41.18
N LYS L 101 2.25 -33.22 41.05
CA LYS L 101 2.95 -32.41 42.08
C LYS L 101 2.06 -32.21 43.32
N GLU L 102 0.74 -32.29 43.15
CA GLU L 102 -0.24 -32.12 44.27
C GLU L 102 -0.21 -33.25 45.30
N TYR L 103 0.13 -34.47 44.85
CA TYR L 103 0.19 -35.63 45.76
C TYR L 103 1.62 -36.17 45.91
N GLY L 104 2.57 -35.48 45.28
CA GLY L 104 3.98 -35.85 45.36
C GLY L 104 4.47 -37.03 44.55
N TRP L 105 4.16 -37.04 43.26
CA TRP L 105 4.57 -38.11 42.34
C TRP L 105 5.42 -37.57 41.19
N LYS L 106 6.29 -38.42 40.66
CA LYS L 106 7.21 -38.08 39.54
C LYS L 106 6.56 -38.27 38.16
N VAL L 107 6.65 -37.24 37.32
CA VAL L 107 6.10 -37.29 35.94
C VAL L 107 7.23 -37.61 34.98
N GLU L 108 7.09 -38.72 34.26
CA GLU L 108 8.09 -39.18 33.31
C GLU L 108 7.46 -39.14 31.91
N HIS L 109 8.28 -38.88 30.89
CA HIS L 109 7.79 -38.81 29.50
C HIS L 109 8.44 -39.86 28.60
N LYS L 110 7.61 -40.63 27.90
CA LYS L 110 8.12 -41.66 26.98
C LYS L 110 7.74 -41.21 25.57
N VAL L 111 8.73 -40.68 24.87
CA VAL L 111 8.58 -40.14 23.49
C VAL L 111 8.70 -41.23 22.41
N PHE L 112 7.78 -41.20 21.45
CA PHE L 112 7.75 -42.14 20.31
C PHE L 112 7.85 -41.37 19.01
N ASP L 113 9.08 -41.00 18.63
CA ASP L 113 9.32 -40.24 17.39
C ASP L 113 9.48 -41.17 16.19
N VAL L 114 8.40 -41.32 15.44
CA VAL L 114 8.35 -42.18 14.25
C VAL L 114 8.17 -41.24 13.04
N PRO L 115 8.96 -41.43 11.94
CA PRO L 115 8.87 -40.59 10.73
C PRO L 115 7.49 -40.56 10.07
N TRP L 116 7.17 -39.45 9.41
CA TRP L 116 5.87 -39.24 8.74
C TRP L 116 5.47 -40.37 7.77
N THR L 117 6.34 -40.69 6.83
CA THR L 117 6.11 -41.75 5.81
C THR L 117 5.71 -43.09 6.42
N GLU L 118 6.32 -43.41 7.55
CA GLU L 118 6.06 -44.66 8.28
C GLU L 118 4.71 -44.60 9.02
N LEU L 119 4.36 -43.41 9.52
CA LEU L 119 3.08 -43.22 10.24
C LEU L 119 1.88 -43.35 9.30
N VAL L 120 2.02 -42.86 8.06
CA VAL L 120 0.96 -42.93 7.03
C VAL L 120 0.81 -44.37 6.55
N LYS L 121 1.94 -45.06 6.39
CA LYS L 121 1.99 -46.48 5.94
C LYS L 121 1.28 -47.36 6.97
N ARG L 122 1.47 -47.05 8.26
CA ARG L 122 0.84 -47.81 9.35
C ARG L 122 -0.63 -47.46 9.50
N ASN L 123 -1.00 -46.21 9.25
CA ASN L 123 -2.39 -45.75 9.36
C ASN L 123 -3.32 -46.26 8.25
N SER L 124 -2.75 -46.56 7.10
CA SER L 124 -3.55 -47.07 5.96
C SER L 124 -3.94 -48.53 6.19
N LYS L 125 -3.12 -49.25 6.98
CA LYS L 125 -3.33 -50.68 7.32
C LYS L 125 -3.94 -50.88 8.70
N ARG L 126 -4.22 -49.77 9.40
CA ARG L 126 -4.77 -49.81 10.79
C ARG L 126 -6.22 -50.26 10.92
N GLY L 127 -6.95 -50.27 9.80
CA GLY L 127 -8.34 -50.71 9.82
C GLY L 127 -9.34 -49.80 10.47
N THR L 128 -10.02 -50.36 11.48
CA THR L 128 -11.04 -49.62 12.22
C THR L 128 -10.45 -48.63 13.23
N LYS L 129 -9.16 -48.82 13.57
CA LYS L 129 -8.43 -47.94 14.50
C LYS L 129 -7.69 -46.84 13.72
N ALA L 130 -8.04 -46.71 12.44
CA ALA L 130 -7.44 -45.71 11.54
C ALA L 130 -8.05 -44.34 11.75
N VAL L 131 -7.19 -43.33 11.72
CA VAL L 131 -7.59 -41.94 11.92
C VAL L 131 -7.61 -41.22 10.55
N PRO L 132 -8.47 -40.18 10.35
CA PRO L 132 -8.47 -39.48 9.06
C PRO L 132 -7.11 -38.80 8.84
N ILE L 133 -6.63 -38.81 7.59
CA ILE L 133 -5.30 -38.25 7.25
C ILE L 133 -5.08 -36.79 7.71
N ASP L 134 -6.15 -36.02 7.78
CA ASP L 134 -6.08 -34.61 8.24
C ASP L 134 -5.82 -34.50 9.75
N VAL L 135 -6.27 -35.50 10.52
CA VAL L 135 -6.05 -35.48 11.97
C VAL L 135 -4.67 -36.07 12.28
N LEU L 136 -4.16 -36.92 11.38
CA LEU L 136 -2.82 -37.51 11.57
C LEU L 136 -1.79 -36.42 11.28
N ARG L 137 -2.16 -35.52 10.36
CA ARG L 137 -1.32 -34.37 9.96
C ARG L 137 -1.28 -33.36 11.09
N SER L 138 -2.46 -33.09 11.65
CA SER L 138 -2.65 -32.15 12.76
C SER L 138 -1.88 -32.62 14.00
N MET L 139 -1.75 -33.95 14.14
CA MET L 139 -1.05 -34.54 15.26
C MET L 139 0.46 -34.57 15.09
N TYR L 140 0.92 -34.71 13.84
CA TYR L 140 2.38 -34.72 13.57
C TYR L 140 2.91 -33.30 13.74
N LYS L 141 2.01 -32.32 13.58
CA LYS L 141 2.34 -30.89 13.74
C LYS L 141 2.55 -30.63 15.23
N SER L 142 1.72 -31.26 16.07
CA SER L 142 1.80 -31.15 17.53
C SER L 142 3.01 -31.92 18.09
N MET L 143 3.46 -32.91 17.33
CA MET L 143 4.62 -33.72 17.69
C MET L 143 5.88 -32.91 17.43
N ARG L 144 5.86 -32.12 16.36
CA ARG L 144 7.00 -31.26 15.99
C ARG L 144 7.13 -30.10 16.96
N GLU L 145 6.00 -29.63 17.48
CA GLU L 145 5.96 -28.53 18.47
C GLU L 145 6.59 -29.01 19.78
N TYR L 146 6.25 -30.24 20.17
CA TYR L 146 6.78 -30.87 21.39
C TYR L 146 8.28 -31.12 21.25
N LEU L 147 8.67 -31.71 20.11
CA LEU L 147 10.08 -32.02 19.81
C LEU L 147 10.94 -30.76 19.62
N GLY L 148 10.27 -29.62 19.44
CA GLY L 148 10.95 -28.35 19.26
C GLY L 148 11.51 -28.10 17.87
N LEU L 149 11.07 -28.92 16.91
CA LEU L 149 11.50 -28.84 15.50
C LEU L 149 11.06 -27.52 14.84
N PRO L 150 11.91 -26.90 13.99
CA PRO L 150 11.64 -25.63 13.30
C PRO L 150 10.50 -25.50 12.28
N VAL L 151 9.90 -24.31 12.26
CA VAL L 151 8.82 -23.92 11.33
C VAL L 151 9.27 -22.59 10.70
N TYR L 152 9.27 -22.55 9.36
CA TYR L 152 9.67 -21.36 8.57
C TYR L 152 8.61 -20.28 8.61
N ASN L 153 9.05 -19.03 8.71
CA ASN L 153 8.16 -17.88 8.77
C ASN L 153 8.67 -16.75 7.88
N GLY L 154 9.65 -17.08 7.03
CA GLY L 154 10.23 -16.09 6.14
C GLY L 154 11.67 -15.78 6.50
N THR L 155 12.35 -15.06 5.60
CA THR L 155 13.74 -14.62 5.77
C THR L 155 13.79 -13.20 5.19
N PRO L 156 13.42 -12.17 5.99
CA PRO L 156 13.42 -10.78 5.50
C PRO L 156 14.80 -10.25 5.10
N GLY L 157 14.83 -9.42 4.07
CA GLY L 157 16.08 -8.87 3.57
C GLY L 157 16.72 -9.58 2.36
N LYS L 158 16.58 -10.92 2.23
CA LYS L 158 17.15 -11.80 1.12
C LYS L 158 16.21 -11.85 -0.13
N PRO L 159 16.72 -12.19 -1.35
CA PRO L 159 15.87 -12.25 -2.56
C PRO L 159 14.75 -13.30 -2.56
N LYS L 160 13.59 -12.94 -3.11
CA LYS L 160 12.43 -13.87 -3.18
C LYS L 160 12.70 -15.02 -4.15
N ALA L 161 12.35 -16.24 -3.73
CA ALA L 161 12.60 -17.44 -4.55
C ALA L 161 11.50 -18.49 -4.56
N VAL L 162 11.59 -19.39 -5.55
CA VAL L 162 10.65 -20.50 -5.74
C VAL L 162 11.51 -21.75 -5.92
N ILE L 163 11.20 -22.80 -5.14
CA ILE L 163 11.94 -24.06 -5.21
C ILE L 163 11.29 -25.04 -6.18
N PHE L 164 12.14 -25.65 -7.02
CA PHE L 164 11.71 -26.64 -8.03
C PHE L 164 12.41 -27.99 -7.81
N ASP L 165 11.68 -29.07 -8.07
CA ASP L 165 12.21 -30.42 -7.93
C ASP L 165 12.41 -31.00 -9.32
N VAL L 166 13.35 -31.93 -9.47
CA VAL L 166 13.61 -32.57 -10.77
C VAL L 166 12.75 -33.83 -10.89
N ASP L 167 12.97 -34.79 -9.97
CA ASP L 167 12.25 -36.09 -9.93
C ASP L 167 10.70 -36.05 -9.89
N GLY L 168 10.10 -36.10 -11.08
CA GLY L 168 8.65 -36.09 -11.22
C GLY L 168 7.99 -34.74 -11.42
N THR L 169 8.74 -33.67 -11.16
CA THR L 169 8.22 -32.30 -11.29
C THR L 169 8.64 -31.65 -12.60
N LEU L 170 9.94 -31.39 -12.74
CA LEU L 170 10.51 -30.76 -13.97
C LEU L 170 10.65 -31.80 -15.11
N ALA L 171 10.58 -33.09 -14.74
CA ALA L 171 10.69 -34.20 -15.70
C ALA L 171 9.68 -35.29 -15.40
N LYS L 172 8.96 -35.74 -16.41
CA LYS L 172 7.92 -36.82 -16.29
C LYS L 172 8.51 -38.13 -15.76
N MET L 173 7.65 -39.07 -15.36
CA MET L 173 8.09 -40.39 -14.85
C MET L 173 8.04 -41.45 -15.98
N ASN L 174 9.18 -41.60 -16.68
CA ASN L 174 9.32 -42.57 -17.81
C ASN L 174 9.53 -44.02 -17.37
N GLY L 177 9.83 -45.08 -12.12
CA GLY L 177 10.30 -43.95 -11.34
C GLY L 177 11.28 -43.08 -12.10
N PRO L 178 12.20 -42.36 -11.41
CA PRO L 178 13.19 -41.49 -12.08
C PRO L 178 14.38 -42.22 -12.74
N TYR L 179 14.32 -42.41 -14.07
CA TYR L 179 15.38 -43.12 -14.83
C TYR L 179 16.27 -42.27 -15.74
N ASP L 180 17.58 -42.50 -15.64
CA ASP L 180 18.63 -41.79 -16.43
C ASP L 180 18.82 -42.36 -17.83
N LYS L 183 15.99 -41.96 -21.67
CA LYS L 183 16.56 -40.93 -22.55
C LYS L 183 16.34 -39.53 -21.96
N CYS L 184 17.44 -38.89 -21.58
CA CYS L 184 17.43 -37.52 -21.00
C CYS L 184 17.51 -36.40 -22.03
N ASP L 185 16.38 -36.12 -22.70
CA ASP L 185 16.31 -35.03 -23.71
C ASP L 185 14.92 -34.37 -23.71
N THR L 186 14.68 -33.48 -24.68
CA THR L 186 13.41 -32.71 -24.83
C THR L 186 12.06 -33.46 -24.82
N ASP L 187 12.09 -34.78 -24.76
CA ASP L 187 10.85 -35.58 -24.72
C ASP L 187 10.44 -35.93 -23.30
N VAL L 188 11.39 -35.84 -22.36
CA VAL L 188 11.14 -36.14 -20.94
C VAL L 188 10.82 -34.87 -20.11
N ILE L 189 10.75 -33.70 -20.76
CA ILE L 189 10.41 -32.42 -20.07
C ILE L 189 8.91 -32.35 -19.80
N ASN L 190 8.54 -31.72 -18.68
CA ASN L 190 7.13 -31.53 -18.31
C ASN L 190 6.87 -30.09 -18.78
N PRO L 191 6.19 -29.91 -19.94
CA PRO L 191 5.88 -28.60 -20.52
C PRO L 191 5.38 -27.47 -19.62
N MET L 192 4.23 -27.67 -18.97
CA MET L 192 3.61 -26.65 -18.10
C MET L 192 4.43 -26.23 -16.88
N VAL L 193 5.20 -27.17 -16.32
CA VAL L 193 6.04 -26.91 -15.13
C VAL L 193 7.31 -26.16 -15.51
N VAL L 194 7.94 -26.56 -16.62
CA VAL L 194 9.18 -25.90 -17.11
C VAL L 194 8.83 -24.48 -17.57
N GLU L 195 7.63 -24.30 -18.12
CA GLU L 195 7.15 -22.98 -18.59
C GLU L 195 6.98 -22.08 -17.37
N LEU L 196 6.61 -22.69 -16.24
CA LEU L 196 6.40 -21.96 -14.99
C LEU L 196 7.71 -21.40 -14.41
N SER L 197 8.80 -22.16 -14.54
CA SER L 197 10.13 -21.74 -14.03
C SER L 197 10.66 -20.53 -14.78
N LYS L 198 10.34 -20.49 -16.08
CA LYS L 198 10.74 -19.39 -16.94
C LYS L 198 9.87 -18.17 -16.62
N MET L 199 8.62 -18.41 -16.19
CA MET L 199 7.66 -17.32 -15.82
C MET L 199 8.08 -16.63 -14.52
N TYR L 200 8.46 -17.42 -13.52
CA TYR L 200 8.89 -16.89 -12.22
C TYR L 200 10.26 -16.21 -12.27
N ALA L 201 11.10 -16.62 -13.21
CA ALA L 201 12.46 -16.04 -13.38
C ALA L 201 12.37 -14.60 -13.93
N LEU L 202 11.42 -14.40 -14.84
CA LEU L 202 11.17 -13.10 -15.50
C LEU L 202 10.26 -12.19 -14.67
N MET L 203 9.75 -12.74 -13.57
CA MET L 203 8.88 -12.00 -12.64
C MET L 203 9.77 -11.41 -11.54
N GLY L 204 11.01 -11.90 -11.48
CA GLY L 204 11.96 -11.42 -10.48
C GLY L 204 12.35 -12.44 -9.43
N TYR L 205 11.72 -13.61 -9.44
CA TYR L 205 12.03 -14.68 -8.46
C TYR L 205 13.30 -15.43 -8.89
N GLN L 206 14.01 -15.95 -7.90
CA GLN L 206 15.23 -16.73 -8.12
C GLN L 206 14.77 -18.20 -8.19
N ILE L 207 15.23 -18.96 -9.18
CA ILE L 207 14.83 -20.37 -9.29
C ILE L 207 15.87 -21.26 -8.65
N VAL L 208 15.46 -21.95 -7.58
CA VAL L 208 16.35 -22.88 -6.85
C VAL L 208 15.87 -24.28 -7.18
N VAL L 209 16.74 -25.07 -7.79
CA VAL L 209 16.40 -26.44 -8.18
C VAL L 209 16.98 -27.43 -7.16
N VAL L 210 16.21 -28.48 -6.84
CA VAL L 210 16.64 -29.53 -5.86
C VAL L 210 16.30 -30.96 -6.37
N SER L 211 17.15 -31.95 -6.06
CA SER L 211 16.90 -33.37 -6.51
C SER L 211 17.34 -34.40 -5.46
N GLY L 212 16.93 -35.66 -5.64
CA GLY L 212 17.28 -36.72 -4.71
C GLY L 212 18.11 -37.87 -5.29
N ARG L 213 19.21 -37.55 -5.96
CA ARG L 213 20.12 -38.58 -6.57
C ARG L 213 21.60 -38.14 -6.59
N ASP L 220 33.91 -40.92 -7.57
CA ASP L 220 32.68 -40.51 -8.26
C ASP L 220 31.81 -39.50 -7.46
N PRO L 221 32.37 -38.33 -7.05
CA PRO L 221 31.59 -37.35 -6.28
C PRO L 221 30.50 -36.62 -7.08
N THR L 222 30.92 -35.71 -7.96
CA THR L 222 29.99 -34.92 -8.80
C THR L 222 29.81 -35.47 -10.22
N LYS L 223 29.72 -36.80 -10.35
CA LYS L 223 29.52 -37.46 -11.65
C LYS L 223 28.05 -37.38 -12.07
N TYR L 224 27.14 -37.70 -11.15
CA TYR L 224 25.69 -37.67 -11.43
C TYR L 224 25.01 -36.31 -11.25
N TYR L 225 25.75 -35.34 -10.73
CA TYR L 225 25.25 -33.96 -10.51
C TYR L 225 25.31 -33.20 -11.84
N ARG L 226 26.44 -33.33 -12.54
CA ARG L 226 26.66 -32.65 -13.84
C ARG L 226 25.76 -33.24 -14.92
N MET L 227 25.29 -34.45 -14.68
CA MET L 227 24.39 -35.19 -15.59
C MET L 227 22.97 -34.61 -15.49
N THR L 228 22.66 -34.04 -14.32
CA THR L 228 21.35 -33.46 -14.01
C THR L 228 21.32 -31.97 -14.31
N ARG L 229 22.39 -31.25 -13.97
CA ARG L 229 22.47 -29.79 -14.21
C ARG L 229 22.55 -29.45 -15.70
N LYS L 230 23.18 -30.32 -16.49
CA LYS L 230 23.30 -30.11 -17.95
C LYS L 230 21.96 -30.32 -18.65
N TRP L 231 21.04 -30.96 -17.94
CA TRP L 231 19.68 -31.20 -18.45
C TRP L 231 18.81 -30.00 -18.08
N VAL L 232 18.82 -29.65 -16.79
CA VAL L 232 18.02 -28.53 -16.25
C VAL L 232 18.36 -27.16 -16.89
N GLU L 233 19.65 -26.90 -17.06
CA GLU L 233 20.12 -25.63 -17.64
C GLU L 233 20.09 -25.56 -19.17
N ASP L 234 20.62 -26.58 -19.84
CA ASP L 234 20.68 -26.60 -21.32
C ASP L 234 19.49 -27.19 -22.10
N ILE L 235 19.11 -28.43 -21.78
CA ILE L 235 17.99 -29.12 -22.48
C ILE L 235 16.59 -28.64 -22.06
N ALA L 236 16.39 -28.33 -20.78
CA ALA L 236 15.08 -27.84 -20.27
C ALA L 236 14.94 -26.33 -20.42
N GLY L 237 16.02 -25.60 -20.16
CA GLY L 237 16.01 -24.15 -20.29
C GLY L 237 15.57 -23.39 -19.04
N VAL L 238 15.71 -24.04 -17.89
CA VAL L 238 15.33 -23.44 -16.57
C VAL L 238 16.42 -22.45 -16.14
N PRO L 239 16.06 -21.17 -15.89
CA PRO L 239 17.05 -20.15 -15.46
C PRO L 239 17.37 -20.24 -13.96
N LEU L 240 18.08 -21.30 -13.57
CA LEU L 240 18.45 -21.53 -12.18
C LEU L 240 19.62 -20.68 -11.68
N VAL L 241 19.61 -20.39 -10.38
CA VAL L 241 20.66 -19.61 -9.75
C VAL L 241 21.46 -20.54 -8.85
N MET L 242 20.86 -21.67 -8.49
CA MET L 242 21.47 -22.66 -7.60
C MET L 242 20.81 -24.04 -7.73
N GLN L 243 21.62 -25.08 -7.58
CA GLN L 243 21.15 -26.48 -7.62
C GLN L 243 21.89 -27.31 -6.58
N CYS L 244 21.19 -27.65 -5.50
CA CYS L 244 21.77 -28.48 -4.45
C CYS L 244 20.97 -29.78 -4.39
N GLN L 245 21.68 -30.92 -4.39
CA GLN L 245 21.03 -32.24 -4.32
C GLN L 245 21.75 -33.20 -3.36
N ARG L 246 21.41 -34.50 -3.42
CA ARG L 246 22.00 -35.55 -2.54
C ARG L 246 23.48 -35.87 -2.82
N GLU L 247 24.24 -36.11 -1.75
CA GLU L 247 25.69 -36.45 -1.81
C GLU L 247 25.92 -37.96 -2.03
N GLN L 248 27.06 -38.48 -1.56
CA GLN L 248 27.41 -39.90 -1.73
C GLN L 248 26.83 -40.85 -0.69
N GLY L 249 27.16 -40.61 0.58
CA GLY L 249 26.70 -41.46 1.67
C GLY L 249 25.46 -41.07 2.45
N ASP L 250 24.69 -40.12 1.92
CA ASP L 250 23.45 -39.66 2.58
C ASP L 250 22.30 -40.52 2.04
N THR L 251 22.31 -41.79 2.44
CA THR L 251 21.35 -42.82 2.03
C THR L 251 19.95 -42.80 2.67
N ARG L 252 19.64 -41.75 3.44
CA ARG L 252 18.31 -41.62 4.11
C ARG L 252 17.18 -41.17 3.15
N LYS L 253 15.93 -41.24 3.62
CA LYS L 253 14.71 -40.89 2.82
C LYS L 253 14.72 -39.49 2.18
N ASP L 254 13.95 -39.32 1.10
CA ASP L 254 13.81 -38.03 0.34
C ASP L 254 13.22 -36.93 1.25
N ASP L 255 12.45 -37.38 2.23
CA ASP L 255 11.75 -36.59 3.26
C ASP L 255 12.71 -35.71 4.07
N VAL L 256 13.66 -36.34 4.78
CA VAL L 256 14.64 -35.63 5.63
C VAL L 256 15.81 -34.96 4.90
N VAL L 257 16.21 -35.52 3.74
CA VAL L 257 17.34 -34.97 2.94
C VAL L 257 16.98 -33.58 2.42
N LYS L 258 15.79 -33.44 1.85
CA LYS L 258 15.33 -32.15 1.31
C LYS L 258 15.02 -31.09 2.37
N GLU L 259 14.73 -31.52 3.60
CA GLU L 259 14.47 -30.57 4.71
C GLU L 259 15.82 -30.01 5.17
N GLU L 260 16.84 -30.87 5.17
CA GLU L 260 18.21 -30.49 5.58
C GLU L 260 18.81 -29.55 4.53
N ILE L 261 18.55 -29.84 3.26
CA ILE L 261 19.03 -29.02 2.11
C ILE L 261 18.37 -27.64 2.21
N PHE L 262 17.15 -27.60 2.73
CA PHE L 262 16.42 -26.34 2.88
C PHE L 262 17.02 -25.46 3.97
N TRP L 263 17.15 -25.99 5.18
CA TRP L 263 17.68 -25.23 6.32
C TRP L 263 19.15 -24.83 6.24
N LYS L 264 19.97 -25.64 5.57
CA LYS L 264 21.41 -25.35 5.45
C LYS L 264 21.82 -24.48 4.27
N HIS L 265 21.32 -24.80 3.08
CA HIS L 265 21.71 -24.05 1.86
C HIS L 265 20.70 -23.06 1.29
N ILE L 266 19.40 -23.36 1.39
CA ILE L 266 18.36 -22.47 0.81
C ILE L 266 17.81 -21.38 1.73
N ALA L 267 17.27 -21.77 2.89
CA ALA L 267 16.66 -20.81 3.84
C ALA L 267 17.50 -19.59 4.29
N PRO L 268 18.82 -19.75 4.60
CA PRO L 268 19.55 -18.55 5.01
C PRO L 268 19.95 -17.58 3.88
N HIS L 269 19.88 -18.04 2.63
CA HIS L 269 20.27 -17.22 1.46
C HIS L 269 19.09 -16.67 0.64
N PHE L 270 17.92 -17.31 0.72
CA PHE L 270 16.72 -16.87 -0.06
C PHE L 270 15.44 -16.76 0.78
N ASP L 271 14.49 -15.97 0.29
CA ASP L 271 13.17 -15.78 0.93
C ASP L 271 12.19 -16.64 0.12
N VAL L 272 12.12 -17.93 0.48
CA VAL L 272 11.25 -18.90 -0.22
C VAL L 272 9.76 -18.65 -0.02
N LYS L 273 9.09 -18.34 -1.13
CA LYS L 273 7.65 -18.05 -1.15
C LYS L 273 6.84 -19.25 -1.61
N LEU L 274 7.48 -20.17 -2.34
CA LEU L 274 6.80 -21.35 -2.91
C LEU L 274 7.73 -22.53 -3.24
N ALA L 275 7.15 -23.73 -3.28
CA ALA L 275 7.87 -24.96 -3.63
C ALA L 275 6.99 -25.77 -4.57
N ILE L 276 7.54 -26.12 -5.73
CA ILE L 276 6.82 -26.91 -6.73
C ILE L 276 7.40 -28.32 -6.64
N ASP L 277 6.60 -29.27 -6.15
CA ASP L 277 7.05 -30.66 -6.02
C ASP L 277 6.05 -31.68 -6.52
N ASP L 278 6.44 -32.94 -6.50
CA ASP L 278 5.60 -34.05 -6.98
C ASP L 278 5.33 -35.12 -5.92
N ARG L 279 6.39 -35.71 -5.37
CA ARG L 279 6.27 -36.79 -4.35
C ARG L 279 5.51 -36.35 -3.08
N THR L 280 4.42 -37.06 -2.78
CA THR L 280 3.53 -36.79 -1.62
C THR L 280 4.25 -36.54 -0.30
N GLN L 281 5.20 -37.41 0.08
CA GLN L 281 5.94 -37.24 1.34
C GLN L 281 6.73 -35.94 1.42
N VAL L 282 7.26 -35.50 0.28
CA VAL L 282 8.05 -34.25 0.20
C VAL L 282 7.10 -33.05 0.21
N VAL L 283 5.96 -33.19 -0.45
CA VAL L 283 4.91 -32.13 -0.52
C VAL L 283 4.38 -31.87 0.90
N GLU L 284 4.19 -32.96 1.65
CA GLU L 284 3.70 -32.92 3.04
C GLU L 284 4.73 -32.24 3.94
N MET L 285 6.00 -32.44 3.61
CA MET L 285 7.11 -31.87 4.36
C MET L 285 7.20 -30.36 4.21
N TRP L 286 7.16 -29.85 2.98
CA TRP L 286 7.24 -28.39 2.76
C TRP L 286 6.07 -27.68 3.44
N ARG L 287 4.88 -28.24 3.29
CA ARG L 287 3.64 -27.66 3.86
C ARG L 287 3.60 -27.56 5.38
N ARG L 288 4.13 -28.56 6.08
CA ARG L 288 4.13 -28.53 7.57
C ARG L 288 5.20 -27.63 8.17
N ILE L 289 6.27 -27.38 7.41
CA ILE L 289 7.35 -26.51 7.90
C ILE L 289 7.15 -25.05 7.49
N GLY L 290 5.99 -24.73 6.89
CA GLY L 290 5.70 -23.35 6.51
C GLY L 290 5.78 -22.93 5.06
N VAL L 291 6.45 -23.73 4.22
CA VAL L 291 6.60 -23.42 2.78
C VAL L 291 5.36 -23.90 2.02
N GLU L 292 4.84 -23.06 1.13
CA GLU L 292 3.65 -23.41 0.34
C GLU L 292 3.97 -24.33 -0.85
N CYS L 293 3.20 -25.40 -1.01
CA CYS L 293 3.32 -26.34 -2.16
C CYS L 293 2.21 -26.52 -3.11
N TRP L 294 2.64 -26.72 -4.35
CA TRP L 294 1.78 -26.97 -5.46
C TRP L 294 2.25 -28.34 -5.94
N GLN L 295 1.42 -29.36 -5.70
CA GLN L 295 1.75 -30.72 -6.12
C GLN L 295 1.28 -30.88 -7.54
N VAL L 296 2.26 -31.02 -8.45
CA VAL L 296 1.99 -31.13 -9.90
C VAL L 296 1.43 -32.42 -10.48
N ALA L 297 1.52 -33.53 -9.75
CA ALA L 297 1.01 -34.82 -10.23
C ALA L 297 0.75 -35.74 -9.05
N SER L 298 0.21 -36.93 -9.33
CA SER L 298 -0.05 -37.93 -8.29
C SER L 298 1.33 -38.51 -7.95
N GLY L 299 1.81 -38.19 -6.75
CA GLY L 299 3.13 -38.65 -6.35
C GLY L 299 3.17 -39.58 -5.15
N ASP L 300 2.43 -40.68 -5.23
CA ASP L 300 2.36 -41.65 -4.11
C ASP L 300 3.36 -42.80 -4.24
N PHE L 301 4.61 -42.51 -3.86
CA PHE L 301 5.74 -43.46 -3.90
#